data_2KDU
#
_entry.id   2KDU
#
_cell.length_a   1.000
_cell.length_b   1.000
_cell.length_c   1.000
_cell.angle_alpha   90.00
_cell.angle_beta   90.00
_cell.angle_gamma   90.00
#
_symmetry.space_group_name_H-M   'P 1'
#
loop_
_entity.id
_entity.type
_entity.pdbx_description
1 polymer Calmodulin
2 polymer 'Protein unc-13 homolog A'
3 non-polymer 'CALCIUM ION'
#
loop_
_entity_poly.entity_id
_entity_poly.type
_entity_poly.pdbx_seq_one_letter_code
_entity_poly.pdbx_strand_id
1 'polypeptide(L)'
;ADQLTEEQIAEFKEAFSLFDKDGDGTITTKELGTVMRSLGQNPTEAELQDMINEVDADGNGTIDFPEFLTMMARKMKDTD
SEEEIREAFRVFDKDGNGYISAAELRHVMTNLGEKLTDEEVDEMIREADIDGDGQVNYEEFVQMMTAK
;
A
2 'polypeptide(L)' GSRAKANWLRAFNKVRMQLQEARGEGEMSKSLWFKG B
#
# COMPACT_ATOMS: atom_id res chain seq x y z
N ALA A 1 -13.60 -12.80 -5.34
CA ALA A 1 -12.78 -11.69 -4.75
C ALA A 1 -12.28 -10.75 -5.83
N ASP A 2 -13.11 -9.82 -6.26
CA ASP A 2 -12.69 -8.85 -7.32
C ASP A 2 -12.19 -9.61 -8.56
N GLN A 3 -12.91 -10.60 -9.00
CA GLN A 3 -12.47 -11.38 -10.19
C GLN A 3 -12.94 -10.70 -11.48
N LEU A 4 -12.14 -10.80 -12.52
CA LEU A 4 -12.52 -10.17 -13.81
C LEU A 4 -13.70 -10.90 -14.44
N THR A 5 -14.29 -10.34 -15.47
CA THR A 5 -15.43 -11.00 -16.14
C THR A 5 -14.89 -12.08 -17.09
N GLU A 6 -15.57 -13.18 -17.22
CA GLU A 6 -15.07 -14.27 -18.12
C GLU A 6 -14.81 -13.71 -19.53
N GLU A 7 -15.62 -12.77 -19.95
CA GLU A 7 -15.41 -12.19 -21.32
C GLU A 7 -14.08 -11.42 -21.37
N GLN A 8 -13.80 -10.62 -20.37
CA GLN A 8 -12.51 -9.85 -20.38
C GLN A 8 -11.31 -10.79 -20.38
N ILE A 9 -11.29 -11.75 -19.49
CA ILE A 9 -10.15 -12.70 -19.45
C ILE A 9 -10.14 -13.56 -20.72
N ALA A 10 -11.28 -14.11 -21.07
CA ALA A 10 -11.37 -14.96 -22.29
C ALA A 10 -10.80 -14.24 -23.50
N GLU A 11 -11.16 -12.99 -23.66
CA GLU A 11 -10.63 -12.22 -24.82
C GLU A 11 -9.10 -12.13 -24.73
N PHE A 12 -8.58 -11.97 -23.54
CA PHE A 12 -7.11 -11.91 -23.37
C PHE A 12 -6.50 -13.25 -23.77
N LYS A 13 -7.16 -14.33 -23.42
CA LYS A 13 -6.63 -15.68 -23.78
C LYS A 13 -6.49 -15.81 -25.30
N GLU A 14 -7.48 -15.38 -26.04
CA GLU A 14 -7.38 -15.47 -27.52
C GLU A 14 -6.26 -14.54 -28.00
N ALA A 15 -6.21 -13.35 -27.47
CA ALA A 15 -5.12 -12.41 -27.87
C ALA A 15 -3.79 -13.00 -27.44
N PHE A 16 -3.77 -13.71 -26.35
CA PHE A 16 -2.50 -14.33 -25.87
C PHE A 16 -2.06 -15.39 -26.88
N SER A 17 -2.94 -16.27 -27.27
CA SER A 17 -2.55 -17.33 -28.26
C SER A 17 -2.04 -16.68 -29.55
N LEU A 18 -2.73 -15.67 -30.02
CA LEU A 18 -2.27 -14.99 -31.28
C LEU A 18 -1.02 -14.14 -31.01
N PHE A 19 -1.03 -13.38 -29.94
CA PHE A 19 0.14 -12.51 -29.61
C PHE A 19 1.35 -13.33 -29.14
N ASP A 20 1.10 -14.33 -28.35
CA ASP A 20 2.23 -15.17 -27.82
C ASP A 20 2.68 -16.21 -28.85
N LYS A 21 3.93 -16.15 -29.23
CA LYS A 21 4.45 -17.14 -30.23
C LYS A 21 5.46 -18.08 -29.55
N ASP A 22 5.86 -17.79 -28.33
CA ASP A 22 6.83 -18.68 -27.63
C ASP A 22 6.19 -20.03 -27.32
N GLY A 23 4.89 -20.05 -27.17
CA GLY A 23 4.19 -21.33 -26.84
C GLY A 23 4.10 -21.51 -25.32
N ASP A 24 4.41 -20.48 -24.57
CA ASP A 24 4.34 -20.59 -23.08
C ASP A 24 3.10 -19.89 -22.55
N GLY A 25 2.77 -20.10 -21.29
CA GLY A 25 1.56 -19.44 -20.71
C GLY A 25 1.95 -18.07 -20.14
N THR A 26 3.13 -17.59 -20.41
CA THR A 26 3.56 -16.26 -19.88
C THR A 26 3.96 -15.34 -21.02
N ILE A 27 4.10 -14.06 -20.75
CA ILE A 27 4.51 -13.10 -21.82
C ILE A 27 5.97 -12.70 -21.63
N THR A 28 6.73 -12.64 -22.69
CA THR A 28 8.15 -12.25 -22.56
C THR A 28 8.44 -10.96 -23.34
N THR A 29 9.38 -10.19 -22.87
CA THR A 29 9.72 -8.90 -23.55
C THR A 29 10.16 -9.15 -24.99
N LYS A 30 10.68 -10.32 -25.30
CA LYS A 30 11.09 -10.58 -26.73
C LYS A 30 9.83 -10.40 -27.58
N GLU A 31 8.77 -11.06 -27.19
CA GLU A 31 7.49 -10.92 -27.92
C GLU A 31 7.11 -9.44 -27.99
N LEU A 32 7.41 -8.71 -26.94
CA LEU A 32 7.13 -7.23 -26.95
C LEU A 32 8.02 -6.57 -28.00
N GLY A 33 9.25 -7.02 -28.07
CA GLY A 33 10.20 -6.45 -29.06
C GLY A 33 9.58 -6.58 -30.45
N THR A 34 9.17 -7.76 -30.80
CA THR A 34 8.55 -7.96 -32.14
C THR A 34 7.27 -7.13 -32.31
N VAL A 35 6.39 -7.12 -31.35
CA VAL A 35 5.14 -6.31 -31.53
C VAL A 35 5.47 -4.82 -31.58
N MET A 36 6.10 -4.28 -30.56
CA MET A 36 6.41 -2.83 -30.58
C MET A 36 7.18 -2.47 -31.85
N ARG A 37 8.05 -3.34 -32.28
CA ARG A 37 8.81 -3.07 -33.54
C ARG A 37 7.84 -2.98 -34.71
N SER A 38 6.90 -3.89 -34.77
CA SER A 38 5.89 -3.89 -35.87
C SER A 38 5.07 -2.60 -35.87
N LEU A 39 4.80 -2.04 -34.72
CA LEU A 39 4.01 -0.78 -34.67
C LEU A 39 4.89 0.47 -34.82
N GLY A 40 6.13 0.30 -35.24
CA GLY A 40 7.03 1.47 -35.43
C GLY A 40 7.81 1.82 -34.16
N GLN A 41 7.91 0.91 -33.22
CA GLN A 41 8.66 1.22 -31.97
C GLN A 41 9.76 0.18 -31.73
N ASN A 42 10.99 0.59 -31.74
CA ASN A 42 12.11 -0.38 -31.51
C ASN A 42 12.98 0.07 -30.33
N PRO A 43 12.53 -0.23 -29.14
CA PRO A 43 13.28 0.15 -27.92
C PRO A 43 14.58 -0.67 -27.80
N THR A 44 15.50 -0.22 -26.99
CA THR A 44 16.77 -0.97 -26.82
C THR A 44 16.56 -2.17 -25.90
N GLU A 45 17.47 -3.11 -25.89
CA GLU A 45 17.32 -4.31 -25.01
C GLU A 45 17.18 -3.89 -23.54
N ALA A 46 17.89 -2.86 -23.14
CA ALA A 46 17.81 -2.40 -21.73
C ALA A 46 16.37 -1.98 -21.39
N GLU A 47 15.78 -1.15 -22.22
CA GLU A 47 14.38 -0.71 -21.96
C GLU A 47 13.44 -1.92 -22.01
N LEU A 48 13.71 -2.84 -22.89
CA LEU A 48 12.84 -4.06 -23.00
C LEU A 48 12.84 -4.82 -21.66
N GLN A 49 14.00 -5.15 -21.16
CA GLN A 49 14.06 -5.89 -19.86
C GLN A 49 13.50 -5.02 -18.74
N ASP A 50 13.71 -3.74 -18.82
CA ASP A 50 13.19 -2.82 -17.75
C ASP A 50 11.67 -2.73 -17.79
N MET A 51 11.15 -2.28 -18.90
CA MET A 51 9.67 -2.13 -19.04
C MET A 51 8.96 -3.46 -18.75
N ILE A 52 9.53 -4.56 -19.17
CA ILE A 52 8.87 -5.87 -18.93
C ILE A 52 9.02 -6.34 -17.47
N ASN A 53 10.19 -6.19 -16.89
CA ASN A 53 10.37 -6.65 -15.49
C ASN A 53 9.60 -5.76 -14.52
N GLU A 54 9.24 -4.57 -14.91
CA GLU A 54 8.45 -3.71 -13.98
C GLU A 54 6.94 -3.92 -14.16
N VAL A 55 6.48 -4.29 -15.34
CA VAL A 55 5.02 -4.47 -15.56
C VAL A 55 4.52 -5.79 -14.96
N ASP A 56 5.41 -6.73 -14.75
CA ASP A 56 4.97 -8.05 -14.18
C ASP A 56 5.22 -8.14 -12.67
N ALA A 57 4.26 -8.65 -11.94
CA ALA A 57 4.42 -8.79 -10.46
C ALA A 57 5.68 -9.63 -10.17
N ASP A 58 6.35 -9.36 -9.07
CA ASP A 58 7.62 -10.10 -8.70
C ASP A 58 8.80 -9.50 -9.50
N GLY A 59 8.62 -9.27 -10.77
CA GLY A 59 9.71 -8.66 -11.59
C GLY A 59 10.68 -9.72 -12.11
N ASN A 60 10.20 -10.87 -12.51
CA ASN A 60 11.13 -11.89 -13.07
C ASN A 60 11.56 -11.47 -14.49
N GLY A 61 11.04 -10.37 -14.98
CA GLY A 61 11.41 -9.88 -16.33
C GLY A 61 10.45 -10.45 -17.36
N THR A 62 9.26 -10.82 -16.98
CA THR A 62 8.27 -11.39 -17.94
C THR A 62 6.89 -11.25 -17.31
N ILE A 63 5.87 -11.06 -18.10
CA ILE A 63 4.51 -10.88 -17.49
C ILE A 63 3.62 -12.10 -17.71
N ASP A 64 3.33 -12.83 -16.68
CA ASP A 64 2.46 -14.04 -16.80
C ASP A 64 1.00 -13.62 -17.00
N PHE A 65 0.15 -14.53 -17.39
CA PHE A 65 -1.28 -14.19 -17.59
C PHE A 65 -1.88 -13.55 -16.32
N PRO A 66 -1.69 -14.18 -15.18
CA PRO A 66 -2.23 -13.63 -13.92
C PRO A 66 -1.53 -12.32 -13.55
N GLU A 67 -0.24 -12.23 -13.73
CA GLU A 67 0.49 -10.97 -13.38
C GLU A 67 -0.06 -9.80 -14.18
N PHE A 68 -0.12 -9.93 -15.48
CA PHE A 68 -0.65 -8.81 -16.32
C PHE A 68 -2.12 -8.55 -15.98
N LEU A 69 -2.91 -9.60 -15.90
CA LEU A 69 -4.36 -9.41 -15.56
C LEU A 69 -4.50 -8.76 -14.18
N THR A 70 -3.71 -9.19 -13.23
CA THR A 70 -3.79 -8.57 -11.87
C THR A 70 -3.43 -7.09 -11.95
N MET A 71 -2.42 -6.76 -12.71
CA MET A 71 -2.04 -5.31 -12.85
C MET A 71 -3.21 -4.54 -13.44
N MET A 72 -3.88 -5.10 -14.42
CA MET A 72 -5.05 -4.39 -15.02
C MET A 72 -6.15 -4.24 -13.96
N ALA A 73 -6.34 -5.25 -13.16
CA ALA A 73 -7.38 -5.19 -12.09
C ALA A 73 -6.93 -4.23 -10.98
N ARG A 74 -5.65 -4.02 -10.84
CA ARG A 74 -5.15 -3.11 -9.77
C ARG A 74 -5.83 -1.74 -9.86
N LYS A 75 -6.27 -1.35 -11.03
CA LYS A 75 -6.94 -0.02 -11.17
C LYS A 75 -8.17 0.04 -10.24
N MET A 76 -8.82 -1.07 -10.04
CA MET A 76 -10.00 -1.10 -9.14
C MET A 76 -9.56 -1.56 -7.74
N LYS A 77 -10.17 -1.03 -6.71
CA LYS A 77 -9.78 -1.44 -5.32
C LYS A 77 -9.87 -2.98 -5.16
N ASP A 78 -8.74 -3.62 -4.99
CA ASP A 78 -8.75 -5.11 -4.84
C ASP A 78 -8.76 -5.49 -3.35
N THR A 79 -7.63 -5.35 -2.69
CA THR A 79 -7.57 -5.70 -1.24
C THR A 79 -7.03 -4.51 -0.44
N ASP A 80 -7.37 -4.43 0.82
CA ASP A 80 -6.88 -3.29 1.66
C ASP A 80 -5.35 -3.33 1.79
N SER A 81 -4.79 -4.50 1.92
CA SER A 81 -3.29 -4.61 2.06
C SER A 81 -2.59 -4.12 0.79
N GLU A 82 -3.15 -4.39 -0.36
CA GLU A 82 -2.52 -3.95 -1.65
C GLU A 82 -1.02 -4.30 -1.66
N GLU A 83 -0.66 -5.45 -1.15
CA GLU A 83 0.77 -5.86 -1.12
C GLU A 83 1.62 -4.79 -0.40
N GLU A 84 1.00 -4.00 0.43
CA GLU A 84 1.75 -2.92 1.16
C GLU A 84 2.88 -3.53 2.02
N ILE A 85 2.77 -4.79 2.37
CA ILE A 85 3.85 -5.41 3.19
C ILE A 85 5.16 -5.43 2.39
N ARG A 86 5.05 -5.49 1.09
CA ARG A 86 6.28 -5.48 0.23
C ARG A 86 7.04 -4.17 0.49
N GLU A 87 6.31 -3.09 0.61
CA GLU A 87 6.98 -1.79 0.88
C GLU A 87 7.72 -1.85 2.21
N ALA A 88 7.18 -2.57 3.17
CA ALA A 88 7.87 -2.71 4.47
C ALA A 88 9.20 -3.42 4.23
N PHE A 89 9.16 -4.48 3.48
CA PHE A 89 10.42 -5.21 3.17
C PHE A 89 11.35 -4.31 2.36
N ARG A 90 10.83 -3.59 1.40
CA ARG A 90 11.72 -2.69 0.61
C ARG A 90 12.38 -1.65 1.51
N VAL A 91 11.72 -1.21 2.56
CA VAL A 91 12.36 -0.21 3.46
C VAL A 91 13.29 -0.92 4.44
N PHE A 92 12.94 -2.11 4.89
CA PHE A 92 13.83 -2.84 5.86
C PHE A 92 15.20 -3.06 5.25
N ASP A 93 15.26 -3.30 3.98
CA ASP A 93 16.57 -3.56 3.35
C ASP A 93 16.70 -2.90 1.99
N LYS A 94 17.11 -1.65 2.00
CA LYS A 94 17.27 -0.86 0.73
C LYS A 94 17.84 -1.77 -0.34
N ASP A 95 18.69 -2.69 0.08
CA ASP A 95 19.32 -3.69 -0.84
C ASP A 95 18.49 -3.94 -2.09
N GLY A 96 17.20 -3.99 -1.94
CA GLY A 96 16.31 -4.25 -3.10
C GLY A 96 15.89 -5.72 -3.09
N ASN A 97 15.65 -6.28 -1.92
CA ASN A 97 15.21 -7.69 -1.83
C ASN A 97 14.11 -7.80 -0.77
N GLY A 98 13.62 -8.99 -0.51
CA GLY A 98 12.51 -9.14 0.47
C GLY A 98 12.93 -9.94 1.72
N TYR A 99 14.12 -9.73 2.21
CA TYR A 99 14.56 -10.49 3.42
C TYR A 99 15.05 -9.53 4.51
N ILE A 100 14.58 -9.67 5.73
CA ILE A 100 15.03 -8.76 6.82
C ILE A 100 16.11 -9.45 7.67
N SER A 101 17.22 -8.82 7.84
CA SER A 101 18.32 -9.40 8.66
C SER A 101 18.32 -8.77 10.04
N ALA A 102 19.07 -9.31 10.96
CA ALA A 102 19.12 -8.74 12.34
C ALA A 102 19.55 -7.27 12.27
N ALA A 103 20.52 -6.97 11.43
CA ALA A 103 20.98 -5.57 11.30
C ALA A 103 19.87 -4.71 10.70
N GLU A 104 19.33 -5.12 9.57
CA GLU A 104 18.24 -4.31 8.93
C GLU A 104 17.11 -4.09 9.95
N LEU A 105 16.70 -5.12 10.65
CA LEU A 105 15.63 -4.93 11.67
C LEU A 105 16.08 -3.86 12.67
N ARG A 106 17.30 -3.94 13.12
CA ARG A 106 17.84 -2.89 14.03
C ARG A 106 17.67 -1.53 13.35
N HIS A 107 17.76 -1.52 12.04
CA HIS A 107 17.56 -0.23 11.30
C HIS A 107 16.11 0.23 11.51
N VAL A 108 15.17 -0.68 11.38
CA VAL A 108 13.77 -0.26 11.65
C VAL A 108 13.70 0.13 13.12
N MET A 109 14.40 -0.56 14.01
CA MET A 109 14.39 -0.14 15.45
C MET A 109 14.81 1.32 15.50
N THR A 110 15.84 1.65 14.77
CA THR A 110 16.32 3.06 14.75
C THR A 110 15.13 3.97 14.47
N ASN A 111 14.25 3.56 13.57
CA ASN A 111 13.04 4.42 13.30
C ASN A 111 12.26 4.71 14.60
N LEU A 112 12.16 3.75 15.52
CA LEU A 112 11.43 4.03 16.80
C LEU A 112 12.44 4.30 17.93
N GLY A 113 12.06 4.12 19.17
CA GLY A 113 13.02 4.40 20.30
C GLY A 113 14.00 3.24 20.43
N GLU A 114 14.01 2.59 21.58
CA GLU A 114 14.89 1.40 21.86
C GLU A 114 16.15 1.23 21.00
N LYS A 115 17.26 1.11 21.67
CA LYS A 115 18.55 0.82 20.97
C LYS A 115 18.81 -0.68 21.17
N LEU A 116 19.19 -1.39 20.15
CA LEU A 116 19.38 -2.85 20.30
C LEU A 116 20.76 -3.32 19.83
N THR A 117 21.12 -4.53 20.17
CA THR A 117 22.44 -5.08 19.76
C THR A 117 22.25 -6.39 18.98
N ASP A 118 23.33 -7.08 18.69
CA ASP A 118 23.21 -8.38 17.96
C ASP A 118 22.35 -9.35 18.77
N GLU A 119 22.40 -9.24 20.07
CA GLU A 119 21.57 -10.12 20.93
C GLU A 119 20.08 -9.80 20.72
N GLU A 120 19.73 -8.55 20.85
CA GLU A 120 18.28 -8.17 20.69
C GLU A 120 17.76 -8.49 19.30
N VAL A 121 18.60 -8.42 18.29
CA VAL A 121 18.10 -8.76 16.93
C VAL A 121 18.00 -10.28 16.79
N ASP A 122 19.02 -11.00 17.19
CA ASP A 122 18.96 -12.49 17.11
C ASP A 122 17.71 -12.99 17.84
N GLU A 123 17.37 -12.33 18.92
CA GLU A 123 16.14 -12.73 19.68
C GLU A 123 14.89 -12.39 18.86
N MET A 124 14.82 -11.19 18.33
CA MET A 124 13.64 -10.81 17.51
C MET A 124 13.54 -11.70 16.29
N ILE A 125 14.65 -12.03 15.69
CA ILE A 125 14.63 -12.95 14.53
C ILE A 125 14.33 -14.36 15.03
N ARG A 126 14.77 -14.67 16.22
CA ARG A 126 14.49 -16.03 16.78
C ARG A 126 12.99 -16.26 16.83
N GLU A 127 12.24 -15.23 17.18
CA GLU A 127 10.75 -15.40 17.24
C GLU A 127 10.18 -15.66 15.82
N ALA A 128 10.47 -14.79 14.88
CA ALA A 128 9.93 -14.99 13.49
C ALA A 128 10.65 -16.11 12.74
N ASP A 129 11.90 -16.37 13.06
CA ASP A 129 12.64 -17.42 12.30
C ASP A 129 12.02 -18.80 12.46
N ILE A 130 11.00 -19.08 11.69
CA ILE A 130 10.38 -20.43 11.73
C ILE A 130 11.31 -21.36 10.95
N ASP A 131 12.00 -20.81 9.98
CA ASP A 131 12.95 -21.61 9.14
C ASP A 131 14.23 -21.92 9.93
N GLY A 132 14.49 -21.21 11.00
CA GLY A 132 15.73 -21.47 11.79
C GLY A 132 16.95 -20.94 11.05
N ASP A 133 16.79 -19.93 10.23
CA ASP A 133 17.96 -19.38 9.47
C ASP A 133 18.53 -18.10 10.12
N GLY A 134 18.05 -17.71 11.27
CA GLY A 134 18.59 -16.48 11.93
C GLY A 134 18.21 -15.22 11.14
N GLN A 135 17.25 -15.33 10.25
CA GLN A 135 16.82 -14.16 9.45
C GLN A 135 15.33 -14.26 9.26
N VAL A 136 14.68 -13.19 8.92
CA VAL A 136 13.20 -13.28 8.78
C VAL A 136 12.76 -13.09 7.34
N ASN A 137 12.05 -14.07 6.84
CA ASN A 137 11.55 -14.02 5.45
C ASN A 137 10.23 -13.24 5.39
N TYR A 138 9.65 -13.21 4.23
CA TYR A 138 8.35 -12.50 4.03
C TYR A 138 7.23 -13.15 4.83
N GLU A 139 7.13 -14.45 4.78
CA GLU A 139 6.05 -15.16 5.54
C GLU A 139 6.25 -14.98 7.04
N GLU A 140 7.47 -14.85 7.47
CA GLU A 140 7.73 -14.66 8.92
C GLU A 140 7.25 -13.27 9.36
N PHE A 141 7.57 -12.26 8.58
CA PHE A 141 7.09 -10.89 8.93
C PHE A 141 5.58 -10.90 9.07
N VAL A 142 4.91 -11.38 8.05
CA VAL A 142 3.44 -11.42 8.10
C VAL A 142 3.01 -12.36 9.22
N GLN A 143 3.83 -13.32 9.61
CA GLN A 143 3.44 -14.20 10.74
C GLN A 143 3.41 -13.33 12.01
N MET A 144 4.25 -12.32 12.07
CA MET A 144 4.25 -11.45 13.27
C MET A 144 3.07 -10.46 13.22
N MET A 145 3.07 -9.57 12.25
CA MET A 145 1.98 -8.56 12.15
C MET A 145 0.66 -9.17 11.65
N THR A 146 0.71 -10.19 10.84
CA THR A 146 -0.57 -10.80 10.34
C THR A 146 -0.92 -12.05 11.16
N ALA A 147 0.03 -12.92 11.36
CA ALA A 147 -0.23 -14.17 12.15
C ALA A 147 -1.39 -14.97 11.53
N LYS A 148 -1.49 -14.98 10.23
CA LYS A 148 -2.59 -15.74 9.57
C LYS A 148 -2.51 -17.22 9.95
N GLY B 1 13.41 -9.72 30.30
CA GLY B 1 13.61 -9.96 28.85
C GLY B 1 12.55 -9.21 28.05
N SER B 2 11.79 -9.91 27.23
CA SER B 2 10.72 -9.25 26.42
C SER B 2 11.29 -8.06 25.63
N ARG B 3 12.58 -8.04 25.39
CA ARG B 3 13.18 -6.91 24.63
C ARG B 3 12.67 -6.91 23.18
N ALA B 4 12.54 -8.07 22.59
CA ALA B 4 12.05 -8.16 21.19
C ALA B 4 10.56 -7.84 21.08
N LYS B 5 9.77 -8.25 22.05
CA LYS B 5 8.30 -8.00 21.96
C LYS B 5 7.96 -6.53 21.62
N ALA B 6 8.29 -5.61 22.48
CA ALA B 6 7.94 -4.18 22.20
C ALA B 6 8.75 -3.61 21.03
N ASN B 7 10.03 -3.88 20.99
CA ASN B 7 10.87 -3.33 19.88
C ASN B 7 10.43 -3.93 18.56
N TRP B 8 10.45 -5.23 18.46
CA TRP B 8 10.05 -5.91 17.19
C TRP B 8 8.65 -5.46 16.79
N LEU B 9 7.77 -5.34 17.75
CA LEU B 9 6.39 -4.86 17.45
C LEU B 9 6.49 -3.54 16.70
N ARG B 10 7.16 -2.60 17.32
CA ARG B 10 7.35 -1.28 16.68
C ARG B 10 8.12 -1.44 15.36
N ALA B 11 8.89 -2.49 15.21
CA ALA B 11 9.67 -2.69 13.94
C ALA B 11 8.74 -3.01 12.77
N PHE B 12 8.20 -4.22 12.73
CA PHE B 12 7.30 -4.57 11.59
C PHE B 12 6.16 -3.56 11.56
N ASN B 13 5.76 -3.06 12.70
CA ASN B 13 4.70 -2.01 12.73
C ASN B 13 5.27 -0.69 12.18
N LYS B 14 6.53 -0.40 12.43
CA LYS B 14 7.12 0.87 11.91
C LYS B 14 6.99 0.90 10.41
N VAL B 15 7.30 -0.18 9.74
CA VAL B 15 7.14 -0.17 8.26
C VAL B 15 5.65 -0.25 7.91
N ARG B 16 4.86 -0.96 8.69
CA ARG B 16 3.41 -1.07 8.38
C ARG B 16 2.80 0.31 8.19
N MET B 17 3.09 1.23 9.07
CA MET B 17 2.56 2.61 8.92
C MET B 17 3.24 3.28 7.72
N GLN B 18 4.49 2.96 7.52
CA GLN B 18 5.27 3.55 6.39
C GLN B 18 4.70 3.06 5.04
N LEU B 19 4.11 1.89 5.01
CA LEU B 19 3.57 1.37 3.72
C LEU B 19 2.51 2.34 3.17
N GLN B 20 1.73 2.91 4.04
CA GLN B 20 0.67 3.86 3.59
C GLN B 20 1.29 5.07 2.88
N GLU B 21 2.45 5.51 3.32
CA GLU B 21 3.10 6.69 2.67
C GLU B 21 3.36 6.40 1.18
N ALA B 22 3.77 5.20 0.87
CA ALA B 22 4.04 4.85 -0.56
C ALA B 22 2.73 4.83 -1.35
N ARG B 23 1.64 4.47 -0.71
CA ARG B 23 0.33 4.43 -1.41
C ARG B 23 -0.10 5.84 -1.83
N GLY B 24 -0.80 5.95 -2.92
CA GLY B 24 -1.26 7.29 -3.39
C GLY B 24 -0.18 7.97 -4.23
N GLU B 25 0.77 7.21 -4.74
CA GLU B 25 1.85 7.81 -5.56
C GLU B 25 1.73 7.35 -7.02
N GLY B 26 2.12 8.18 -7.94
CA GLY B 26 2.03 7.79 -9.39
C GLY B 26 3.09 6.73 -9.70
N GLU B 27 2.70 5.65 -10.32
CA GLU B 27 3.68 4.58 -10.66
C GLU B 27 3.72 4.37 -12.18
N MET B 28 4.90 4.37 -12.76
CA MET B 28 5.01 4.17 -14.23
C MET B 28 5.42 2.74 -14.57
N SER B 29 5.45 1.86 -13.60
CA SER B 29 5.85 0.44 -13.86
C SER B 29 4.96 -0.17 -14.95
N LYS B 30 3.70 0.18 -15.00
CA LYS B 30 2.81 -0.39 -16.05
C LYS B 30 3.34 -0.07 -17.44
N SER B 31 3.87 1.11 -17.63
CA SER B 31 4.43 1.49 -18.96
C SER B 31 3.47 1.12 -20.08
N LEU B 32 3.96 1.01 -21.28
CA LEU B 32 3.09 0.63 -22.44
C LEU B 32 2.42 -0.72 -22.17
N TRP B 33 1.81 -1.33 -23.16
CA TRP B 33 1.11 -2.66 -22.97
C TRP B 33 -0.09 -2.50 -22.02
N PHE B 34 0.15 -2.10 -20.79
CA PHE B 34 -0.98 -1.91 -19.83
C PHE B 34 -2.04 -0.98 -20.42
N LYS B 35 -1.62 0.02 -21.15
CA LYS B 35 -2.61 0.97 -21.76
C LYS B 35 -3.65 0.20 -22.59
N GLY B 36 -3.30 -0.97 -23.05
CA GLY B 36 -4.25 -1.77 -23.86
C GLY B 36 -5.02 -2.74 -22.95
N ALA A 1 -10.80 3.31 -29.59
CA ALA A 1 -10.29 2.79 -28.28
C ALA A 1 -11.11 1.58 -27.82
N ASP A 2 -10.47 0.61 -27.22
CA ASP A 2 -11.21 -0.59 -26.74
C ASP A 2 -12.31 -0.19 -25.76
N GLN A 3 -12.05 0.79 -24.93
CA GLN A 3 -13.08 1.25 -23.95
C GLN A 3 -13.57 0.07 -23.10
N LEU A 4 -12.85 -0.27 -22.06
CA LEU A 4 -13.26 -1.41 -21.17
C LEU A 4 -13.35 -2.71 -21.97
N THR A 5 -13.15 -3.82 -21.31
CA THR A 5 -13.23 -5.14 -22.02
C THR A 5 -14.70 -5.53 -22.20
N GLU A 6 -15.04 -6.12 -23.31
CA GLU A 6 -16.46 -6.52 -23.54
C GLU A 6 -16.94 -7.45 -22.43
N GLU A 7 -16.08 -8.30 -21.95
CA GLU A 7 -16.49 -9.24 -20.85
C GLU A 7 -16.87 -8.44 -19.59
N GLN A 8 -16.07 -7.48 -19.22
CA GLN A 8 -16.38 -6.67 -18.01
C GLN A 8 -17.71 -5.94 -18.19
N ILE A 9 -17.94 -5.40 -19.36
CA ILE A 9 -19.23 -4.70 -19.61
C ILE A 9 -20.38 -5.72 -19.58
N ALA A 10 -20.21 -6.81 -20.29
CA ALA A 10 -21.26 -7.87 -20.33
C ALA A 10 -21.68 -8.27 -18.91
N GLU A 11 -20.73 -8.49 -18.05
CA GLU A 11 -21.06 -8.88 -16.65
C GLU A 11 -21.87 -7.75 -15.99
N PHE A 12 -21.52 -6.53 -16.26
CA PHE A 12 -22.26 -5.38 -15.69
C PHE A 12 -23.70 -5.39 -16.21
N LYS A 13 -23.88 -5.74 -17.46
CA LYS A 13 -25.25 -5.78 -18.04
C LYS A 13 -26.11 -6.79 -17.26
N GLU A 14 -25.54 -7.92 -16.90
CA GLU A 14 -26.32 -8.93 -16.13
C GLU A 14 -26.62 -8.41 -14.73
N ALA A 15 -25.61 -7.93 -14.04
CA ALA A 15 -25.83 -7.39 -12.66
C ALA A 15 -26.73 -6.16 -12.75
N PHE A 16 -26.61 -5.42 -13.82
CA PHE A 16 -27.45 -4.20 -14.01
C PHE A 16 -28.93 -4.60 -14.13
N SER A 17 -29.23 -5.50 -15.03
CA SER A 17 -30.66 -5.94 -15.19
C SER A 17 -31.17 -6.52 -13.88
N LEU A 18 -30.37 -7.34 -13.23
CA LEU A 18 -30.82 -7.93 -11.94
C LEU A 18 -30.91 -6.85 -10.85
N PHE A 19 -29.92 -6.00 -10.78
CA PHE A 19 -29.92 -4.91 -9.76
C PHE A 19 -30.97 -3.84 -10.09
N ASP A 20 -31.12 -3.54 -11.34
CA ASP A 20 -32.11 -2.49 -11.75
C ASP A 20 -33.52 -3.07 -11.86
N LYS A 21 -34.36 -2.82 -10.89
CA LYS A 21 -35.75 -3.34 -10.94
C LYS A 21 -36.52 -2.66 -12.08
N ASP A 22 -36.17 -1.44 -12.38
CA ASP A 22 -36.88 -0.70 -13.47
C ASP A 22 -36.63 -1.37 -14.83
N GLY A 23 -35.50 -2.01 -14.99
CA GLY A 23 -35.19 -2.67 -16.29
C GLY A 23 -34.77 -1.62 -17.31
N ASP A 24 -34.41 -0.44 -16.87
CA ASP A 24 -33.98 0.62 -17.82
C ASP A 24 -32.45 0.79 -17.79
N GLY A 25 -31.92 1.56 -18.69
CA GLY A 25 -30.44 1.76 -18.72
C GLY A 25 -30.04 2.95 -17.83
N THR A 26 -30.86 3.32 -16.88
CA THR A 26 -30.51 4.47 -16.00
C THR A 26 -30.50 4.05 -14.53
N ILE A 27 -29.62 4.62 -13.75
CA ILE A 27 -29.55 4.28 -12.30
C ILE A 27 -29.95 5.51 -11.48
N THR A 28 -30.76 5.32 -10.46
CA THR A 28 -31.20 6.49 -9.65
C THR A 28 -30.85 6.32 -8.16
N THR A 29 -30.68 7.42 -7.49
CA THR A 29 -30.34 7.40 -6.03
C THR A 29 -31.37 6.62 -5.22
N LYS A 30 -32.60 6.64 -5.65
CA LYS A 30 -33.66 5.89 -4.91
C LYS A 30 -33.35 4.41 -4.98
N GLU A 31 -33.10 3.90 -6.16
CA GLU A 31 -32.76 2.44 -6.30
C GLU A 31 -31.62 2.10 -5.34
N LEU A 32 -30.69 3.00 -5.16
CA LEU A 32 -29.57 2.74 -4.20
C LEU A 32 -30.14 2.66 -2.78
N GLY A 33 -31.02 3.57 -2.45
CA GLY A 33 -31.64 3.57 -1.09
C GLY A 33 -32.28 2.21 -0.82
N THR A 34 -33.13 1.75 -1.71
CA THR A 34 -33.79 0.43 -1.50
C THR A 34 -32.75 -0.70 -1.51
N VAL A 35 -31.80 -0.66 -2.41
CA VAL A 35 -30.77 -1.76 -2.45
C VAL A 35 -29.96 -1.77 -1.16
N MET A 36 -29.29 -0.70 -0.86
CA MET A 36 -28.45 -0.68 0.36
C MET A 36 -29.32 -0.93 1.61
N ARG A 37 -30.52 -0.44 1.61
CA ARG A 37 -31.41 -0.68 2.80
C ARG A 37 -31.66 -2.17 2.97
N SER A 38 -31.97 -2.86 1.90
CA SER A 38 -32.25 -4.32 1.99
C SER A 38 -30.98 -5.11 2.37
N LEU A 39 -29.82 -4.55 2.15
CA LEU A 39 -28.55 -5.28 2.49
C LEU A 39 -27.92 -4.73 3.77
N GLY A 40 -28.69 -4.06 4.60
CA GLY A 40 -28.12 -3.54 5.88
C GLY A 40 -27.70 -2.06 5.75
N GLN A 41 -26.68 -1.80 4.97
CA GLN A 41 -26.21 -0.38 4.81
C GLN A 41 -27.37 0.55 4.42
N ASN A 42 -27.86 1.33 5.35
CA ASN A 42 -28.98 2.26 5.04
C ASN A 42 -28.62 3.69 5.45
N PRO A 43 -27.89 4.37 4.60
CA PRO A 43 -27.47 5.76 4.90
C PRO A 43 -28.67 6.71 4.87
N THR A 44 -28.48 7.95 5.23
CA THR A 44 -29.60 8.92 5.22
C THR A 44 -29.82 9.45 3.80
N GLU A 45 -30.89 10.17 3.57
CA GLU A 45 -31.14 10.70 2.19
C GLU A 45 -29.99 11.60 1.75
N ALA A 46 -29.44 12.38 2.65
CA ALA A 46 -28.31 13.27 2.28
C ALA A 46 -27.11 12.43 1.82
N GLU A 47 -26.69 11.49 2.63
CA GLU A 47 -25.54 10.63 2.24
C GLU A 47 -25.89 9.85 0.97
N LEU A 48 -27.12 9.46 0.81
CA LEU A 48 -27.53 8.72 -0.41
C LEU A 48 -27.28 9.60 -1.64
N GLN A 49 -27.73 10.83 -1.58
CA GLN A 49 -27.52 11.77 -2.72
C GLN A 49 -26.03 12.03 -2.91
N ASP A 50 -25.28 12.01 -1.84
CA ASP A 50 -23.80 12.27 -1.95
C ASP A 50 -23.10 11.09 -2.63
N MET A 51 -23.21 9.94 -2.03
CA MET A 51 -22.57 8.72 -2.59
C MET A 51 -23.03 8.46 -4.03
N ILE A 52 -24.27 8.78 -4.34
CA ILE A 52 -24.76 8.55 -5.73
C ILE A 52 -24.29 9.67 -6.68
N ASN A 53 -24.35 10.91 -6.26
CA ASN A 53 -23.95 12.02 -7.17
C ASN A 53 -22.44 12.00 -7.41
N GLU A 54 -21.68 11.33 -6.59
CA GLU A 54 -20.21 11.29 -6.85
C GLU A 54 -19.84 10.13 -7.80
N VAL A 55 -20.61 9.05 -7.80
CA VAL A 55 -20.26 7.88 -8.66
C VAL A 55 -20.56 8.15 -10.15
N ASP A 56 -21.32 9.16 -10.47
CA ASP A 56 -21.62 9.42 -11.91
C ASP A 56 -20.78 10.58 -12.46
N ALA A 57 -19.98 10.29 -13.45
CA ALA A 57 -19.07 11.32 -14.06
C ALA A 57 -19.75 12.69 -14.29
N ASP A 58 -20.73 12.75 -15.17
CA ASP A 58 -21.38 14.08 -15.44
C ASP A 58 -21.95 14.69 -14.14
N GLY A 59 -22.44 13.87 -13.27
CA GLY A 59 -23.00 14.40 -11.98
C GLY A 59 -24.53 14.37 -12.02
N ASN A 60 -25.15 15.46 -11.66
CA ASN A 60 -26.65 15.53 -11.66
C ASN A 60 -27.27 14.60 -10.58
N GLY A 61 -26.45 13.85 -9.86
CA GLY A 61 -26.99 12.97 -8.77
C GLY A 61 -27.64 11.69 -9.33
N THR A 62 -27.17 11.16 -10.43
CA THR A 62 -27.79 9.92 -10.99
C THR A 62 -26.71 9.17 -11.77
N ILE A 63 -26.80 7.88 -11.92
CA ILE A 63 -25.70 7.17 -12.68
C ILE A 63 -26.26 6.46 -13.92
N ASP A 64 -25.43 6.26 -14.90
CA ASP A 64 -25.88 5.57 -16.15
C ASP A 64 -24.92 4.41 -16.47
N PHE A 65 -25.33 3.48 -17.30
CA PHE A 65 -24.43 2.34 -17.64
C PHE A 65 -23.09 2.84 -18.22
N PRO A 66 -23.16 3.71 -19.21
CA PRO A 66 -21.90 4.23 -19.82
C PRO A 66 -21.17 5.13 -18.84
N GLU A 67 -21.87 6.01 -18.16
CA GLU A 67 -21.19 6.92 -17.18
C GLU A 67 -20.64 6.12 -16.00
N PHE A 68 -21.41 5.19 -15.48
CA PHE A 68 -20.95 4.38 -14.32
C PHE A 68 -19.75 3.52 -14.70
N LEU A 69 -19.84 2.78 -15.77
CA LEU A 69 -18.71 1.91 -16.16
C LEU A 69 -17.50 2.74 -16.59
N THR A 70 -17.71 3.84 -17.26
CA THR A 70 -16.54 4.70 -17.64
C THR A 70 -15.87 5.20 -16.37
N MET A 71 -16.65 5.62 -15.40
CA MET A 71 -16.07 6.11 -14.11
C MET A 71 -15.27 4.97 -13.46
N MET A 72 -15.82 3.77 -13.47
CA MET A 72 -15.09 2.62 -12.88
C MET A 72 -13.79 2.38 -13.65
N ALA A 73 -13.83 2.55 -14.94
CA ALA A 73 -12.60 2.35 -15.76
C ALA A 73 -11.54 3.37 -15.35
N ARG A 74 -11.94 4.60 -15.13
CA ARG A 74 -10.97 5.65 -14.72
C ARG A 74 -10.27 5.24 -13.42
N LYS A 75 -11.01 4.66 -12.51
CA LYS A 75 -10.40 4.22 -11.22
C LYS A 75 -9.32 3.16 -11.45
N MET A 76 -9.47 2.37 -12.48
CA MET A 76 -8.47 1.30 -12.76
C MET A 76 -7.08 1.90 -12.94
N LYS A 77 -6.12 1.10 -13.34
CA LYS A 77 -4.72 1.60 -13.53
C LYS A 77 -4.19 2.22 -12.23
N ASP A 78 -4.45 1.57 -11.13
CA ASP A 78 -3.97 2.10 -9.81
C ASP A 78 -2.44 2.24 -9.81
N THR A 79 -1.76 1.35 -10.50
CA THR A 79 -0.26 1.41 -10.55
C THR A 79 0.32 1.45 -9.13
N ASP A 80 0.56 0.31 -8.55
CA ASP A 80 1.12 0.26 -7.17
C ASP A 80 1.84 -1.07 -6.95
N SER A 81 2.62 -1.18 -5.89
CA SER A 81 3.35 -2.45 -5.62
C SER A 81 2.35 -3.60 -5.45
N GLU A 82 2.77 -4.81 -5.71
CA GLU A 82 1.84 -5.97 -5.56
C GLU A 82 1.36 -6.09 -4.11
N GLU A 83 2.22 -5.82 -3.16
CA GLU A 83 1.80 -5.91 -1.73
C GLU A 83 2.44 -4.79 -0.93
N GLU A 84 1.66 -4.06 -0.16
CA GLU A 84 2.23 -2.94 0.65
C GLU A 84 3.30 -3.47 1.62
N ILE A 85 3.09 -4.66 2.13
CA ILE A 85 4.11 -5.25 3.05
C ILE A 85 5.43 -5.48 2.31
N ARG A 86 5.35 -5.65 1.01
CA ARG A 86 6.61 -5.81 0.21
C ARG A 86 7.41 -4.53 0.36
N GLU A 87 6.74 -3.40 0.34
CA GLU A 87 7.45 -2.11 0.50
C GLU A 87 8.10 -2.05 1.88
N ALA A 88 7.45 -2.58 2.90
CA ALA A 88 8.08 -2.59 4.24
C ALA A 88 9.39 -3.35 4.12
N PHE A 89 9.36 -4.45 3.42
CA PHE A 89 10.61 -5.23 3.19
C PHE A 89 11.60 -4.38 2.40
N ARG A 90 11.13 -3.64 1.43
CA ARG A 90 12.07 -2.77 0.64
C ARG A 90 12.73 -1.75 1.55
N VAL A 91 12.06 -1.29 2.57
CA VAL A 91 12.71 -0.29 3.47
C VAL A 91 13.66 -1.00 4.44
N PHE A 92 13.32 -2.19 4.87
CA PHE A 92 14.21 -2.94 5.81
C PHE A 92 15.54 -3.22 5.16
N ASP A 93 15.55 -3.46 3.88
CA ASP A 93 16.83 -3.78 3.21
C ASP A 93 16.97 -3.10 1.86
N LYS A 94 17.48 -1.89 1.87
CA LYS A 94 17.68 -1.13 0.60
C LYS A 94 18.15 -2.09 -0.49
N ASP A 95 18.94 -3.07 -0.09
CA ASP A 95 19.46 -4.14 -0.99
C ASP A 95 18.56 -4.38 -2.21
N GLY A 96 17.28 -4.41 -1.99
CA GLY A 96 16.34 -4.66 -3.11
C GLY A 96 15.91 -6.14 -3.06
N ASN A 97 15.75 -6.67 -1.87
CA ASN A 97 15.32 -8.09 -1.75
C ASN A 97 14.17 -8.18 -0.71
N GLY A 98 13.67 -9.35 -0.46
CA GLY A 98 12.52 -9.48 0.49
C GLY A 98 12.93 -10.20 1.78
N TYR A 99 14.12 -9.98 2.28
CA TYR A 99 14.52 -10.68 3.54
C TYR A 99 15.08 -9.66 4.54
N ILE A 100 14.63 -9.70 5.78
CA ILE A 100 15.14 -8.72 6.78
C ILE A 100 16.24 -9.36 7.64
N SER A 101 17.39 -8.73 7.68
CA SER A 101 18.51 -9.29 8.49
C SER A 101 18.52 -8.65 9.87
N ALA A 102 19.32 -9.17 10.77
CA ALA A 102 19.37 -8.59 12.15
C ALA A 102 19.75 -7.10 12.09
N ALA A 103 20.73 -6.76 11.30
CA ALA A 103 21.14 -5.33 11.18
C ALA A 103 19.99 -4.51 10.60
N GLU A 104 19.43 -4.94 9.51
CA GLU A 104 18.29 -4.20 8.88
C GLU A 104 17.19 -3.97 9.93
N LEU A 105 16.79 -5.00 10.64
CA LEU A 105 15.75 -4.81 11.68
C LEU A 105 16.20 -3.73 12.66
N ARG A 106 17.43 -3.78 13.08
CA ARG A 106 17.96 -2.71 13.98
C ARG A 106 17.74 -1.35 13.29
N HIS A 107 17.82 -1.34 11.99
CA HIS A 107 17.59 -0.06 11.24
C HIS A 107 16.15 0.39 11.49
N VAL A 108 15.20 -0.51 11.37
CA VAL A 108 13.80 -0.08 11.66
C VAL A 108 13.74 0.40 13.11
N MET A 109 14.49 -0.20 14.03
CA MET A 109 14.48 0.32 15.43
C MET A 109 14.89 1.77 15.37
N THR A 110 15.87 2.08 14.55
CA THR A 110 16.31 3.49 14.42
C THR A 110 15.06 4.33 14.18
N ASN A 111 14.16 3.86 13.34
CA ASN A 111 12.90 4.64 13.12
C ASN A 111 12.13 4.82 14.45
N LEU A 112 12.12 3.83 15.33
CA LEU A 112 11.40 4.00 16.64
C LEU A 112 12.43 4.16 17.76
N GLY A 113 12.05 3.98 19.01
CA GLY A 113 13.06 4.09 20.12
C GLY A 113 13.72 2.72 20.25
N GLU A 114 13.61 2.07 21.38
CA GLU A 114 14.16 0.69 21.52
C GLU A 114 15.56 0.51 20.95
N LYS A 115 16.56 0.92 21.67
CA LYS A 115 17.96 0.69 21.21
C LYS A 115 18.26 -0.78 21.50
N LEU A 116 18.69 -1.53 20.52
CA LEU A 116 18.93 -2.99 20.79
C LEU A 116 20.39 -3.38 20.64
N THR A 117 20.77 -4.46 21.29
CA THR A 117 22.15 -4.97 21.17
C THR A 117 22.18 -6.11 20.15
N ASP A 118 23.34 -6.62 19.82
CA ASP A 118 23.40 -7.71 18.81
C ASP A 118 22.58 -8.94 19.25
N GLU A 119 22.49 -9.18 20.54
CA GLU A 119 21.69 -10.33 21.03
C GLU A 119 20.19 -10.02 20.93
N GLU A 120 19.82 -8.80 21.19
CA GLU A 120 18.37 -8.43 21.09
C GLU A 120 17.93 -8.54 19.64
N VAL A 121 18.80 -8.19 18.74
CA VAL A 121 18.46 -8.30 17.30
C VAL A 121 18.32 -9.77 16.95
N ASP A 122 19.37 -10.53 17.11
CA ASP A 122 19.31 -12.00 16.80
C ASP A 122 18.10 -12.63 17.51
N GLU A 123 17.81 -12.20 18.70
CA GLU A 123 16.64 -12.75 19.45
C GLU A 123 15.34 -12.45 18.68
N MET A 124 15.21 -11.25 18.16
CA MET A 124 14.00 -10.91 17.38
C MET A 124 13.94 -11.75 16.11
N ILE A 125 15.09 -12.04 15.55
CA ILE A 125 15.11 -12.89 14.33
C ILE A 125 14.77 -14.32 14.74
N ARG A 126 15.10 -14.70 15.95
CA ARG A 126 14.74 -16.07 16.42
C ARG A 126 13.21 -16.15 16.51
N GLU A 127 12.58 -15.09 16.93
CA GLU A 127 11.08 -15.12 17.01
C GLU A 127 10.50 -15.30 15.60
N ALA A 128 11.00 -14.56 14.63
CA ALA A 128 10.50 -14.70 13.23
C ALA A 128 11.05 -15.98 12.62
N ASP A 129 12.22 -16.40 13.07
CA ASP A 129 12.84 -17.62 12.50
C ASP A 129 12.00 -18.87 12.79
N ILE A 130 10.86 -18.98 12.17
CA ILE A 130 10.04 -20.19 12.35
C ILE A 130 10.73 -21.32 11.61
N ASP A 131 11.28 -21.01 10.46
CA ASP A 131 12.05 -22.02 9.68
C ASP A 131 13.48 -22.12 10.24
N GLY A 132 13.84 -21.22 11.13
CA GLY A 132 15.19 -21.25 11.78
C GLY A 132 16.34 -20.98 10.78
N ASP A 133 16.23 -19.97 9.94
CA ASP A 133 17.36 -19.70 8.98
C ASP A 133 18.29 -18.57 9.48
N GLY A 134 17.96 -17.92 10.57
CA GLY A 134 18.84 -16.83 11.10
C GLY A 134 18.44 -15.45 10.55
N GLN A 135 17.34 -15.35 9.86
CA GLN A 135 16.89 -14.04 9.31
C GLN A 135 15.38 -14.09 9.23
N VAL A 136 14.72 -13.03 8.88
CA VAL A 136 13.24 -13.11 8.84
C VAL A 136 12.71 -13.01 7.42
N ASN A 137 11.92 -13.99 7.06
CA ASN A 137 11.33 -14.03 5.70
C ASN A 137 10.04 -13.21 5.66
N TYR A 138 9.42 -13.20 4.52
CA TYR A 138 8.13 -12.46 4.34
C TYR A 138 7.01 -13.13 5.13
N GLU A 139 6.89 -14.42 5.03
CA GLU A 139 5.82 -15.14 5.78
C GLU A 139 6.00 -14.94 7.28
N GLU A 140 7.22 -14.84 7.71
CA GLU A 140 7.48 -14.63 9.17
C GLU A 140 7.11 -13.20 9.54
N PHE A 141 7.55 -12.23 8.77
CA PHE A 141 7.20 -10.82 9.06
C PHE A 141 5.67 -10.67 9.13
N VAL A 142 4.99 -11.06 8.09
CA VAL A 142 3.51 -10.97 8.09
C VAL A 142 2.96 -11.81 9.22
N GLN A 143 3.61 -12.90 9.57
CA GLN A 143 3.11 -13.72 10.72
C GLN A 143 3.24 -12.91 12.01
N MET A 144 4.21 -12.01 12.08
CA MET A 144 4.38 -11.21 13.32
C MET A 144 3.32 -10.09 13.37
N MET A 145 3.08 -9.42 12.27
CA MET A 145 2.09 -8.30 12.28
C MET A 145 0.67 -8.74 11.89
N THR A 146 0.51 -9.79 11.13
CA THR A 146 -0.86 -10.23 10.75
C THR A 146 -1.56 -10.80 11.98
N ALA A 147 -0.83 -11.49 12.82
CA ALA A 147 -1.44 -12.09 14.04
C ALA A 147 -1.97 -10.98 14.96
N LYS A 148 -1.34 -9.83 14.95
CA LYS A 148 -1.82 -8.72 15.82
C LYS A 148 -2.85 -7.86 15.06
N GLY B 1 12.15 -14.58 23.38
CA GLY B 1 12.71 -13.44 24.17
C GLY B 1 11.69 -12.30 24.22
N SER B 2 11.19 -11.99 25.39
CA SER B 2 10.19 -10.89 25.50
C SER B 2 10.81 -9.55 25.07
N ARG B 3 12.12 -9.44 25.16
CA ARG B 3 12.80 -8.17 24.75
C ARG B 3 12.45 -7.82 23.30
N ALA B 4 12.37 -8.81 22.46
CA ALA B 4 12.01 -8.57 21.02
C ALA B 4 10.55 -8.14 20.90
N LYS B 5 9.72 -8.55 21.81
CA LYS B 5 8.25 -8.23 21.72
C LYS B 5 7.97 -6.76 21.40
N ALA B 6 8.30 -5.86 22.28
CA ALA B 6 7.98 -4.41 22.03
C ALA B 6 8.81 -3.81 20.90
N ASN B 7 10.10 -4.06 20.89
CA ASN B 7 10.97 -3.49 19.82
C ASN B 7 10.54 -4.06 18.46
N TRP B 8 10.46 -5.36 18.34
CA TRP B 8 10.07 -5.98 17.05
C TRP B 8 8.68 -5.51 16.65
N LEU B 9 7.79 -5.42 17.62
CA LEU B 9 6.41 -4.93 17.33
C LEU B 9 6.50 -3.60 16.61
N ARG B 10 7.14 -2.65 17.24
CA ARG B 10 7.31 -1.31 16.61
C ARG B 10 8.10 -1.44 15.31
N ALA B 11 8.93 -2.44 15.19
CA ALA B 11 9.75 -2.61 13.95
C ALA B 11 8.86 -2.95 12.74
N PHE B 12 8.36 -4.17 12.68
CA PHE B 12 7.49 -4.55 11.52
C PHE B 12 6.32 -3.56 11.45
N ASN B 13 5.84 -3.11 12.59
CA ASN B 13 4.75 -2.11 12.60
C ASN B 13 5.27 -0.78 12.04
N LYS B 14 6.52 -0.45 12.32
CA LYS B 14 7.07 0.84 11.79
C LYS B 14 7.00 0.84 10.28
N VAL B 15 7.34 -0.23 9.63
CA VAL B 15 7.23 -0.20 8.14
C VAL B 15 5.77 -0.23 7.72
N ARG B 16 4.93 -1.05 8.33
CA ARG B 16 3.48 -1.07 7.92
C ARG B 16 2.92 0.36 7.92
N MET B 17 3.28 1.15 8.90
CA MET B 17 2.80 2.56 8.91
C MET B 17 3.45 3.30 7.74
N GLN B 18 4.67 2.95 7.43
CA GLN B 18 5.39 3.61 6.30
C GLN B 18 4.76 3.19 4.96
N LEU B 19 4.21 2.02 4.89
CA LEU B 19 3.59 1.55 3.60
C LEU B 19 2.34 2.38 3.29
N GLN B 20 1.61 2.75 4.31
CA GLN B 20 0.36 3.57 4.09
C GLN B 20 0.70 4.88 3.37
N GLU B 21 1.84 5.44 3.64
CA GLU B 21 2.22 6.72 2.97
C GLU B 21 2.27 6.54 1.45
N ALA B 22 2.65 5.38 0.99
CA ALA B 22 2.71 5.13 -0.47
C ALA B 22 1.32 5.23 -1.10
N ARG B 23 0.30 4.94 -0.33
CA ARG B 23 -1.09 5.00 -0.89
C ARG B 23 -1.41 6.42 -1.39
N GLY B 24 -2.15 6.51 -2.46
CA GLY B 24 -2.52 7.85 -3.02
C GLY B 24 -3.84 8.32 -2.41
N GLU B 25 -4.36 9.41 -2.89
CA GLU B 25 -5.65 9.92 -2.35
C GLU B 25 -6.80 9.61 -3.31
N GLY B 26 -7.94 9.25 -2.78
CA GLY B 26 -9.11 8.92 -3.66
C GLY B 26 -10.14 8.10 -2.88
N GLU B 27 -10.38 8.46 -1.65
CA GLU B 27 -11.38 7.70 -0.84
C GLU B 27 -12.78 7.85 -1.44
N MET B 28 -13.05 8.97 -2.06
CA MET B 28 -14.41 9.18 -2.68
C MET B 28 -14.71 8.09 -3.70
N SER B 29 -13.71 7.62 -4.40
CA SER B 29 -13.94 6.55 -5.42
C SER B 29 -14.33 5.25 -4.74
N LYS B 30 -14.93 4.33 -5.46
CA LYS B 30 -15.34 3.02 -4.86
C LYS B 30 -16.25 3.26 -3.65
N SER B 31 -17.25 4.10 -3.79
CA SER B 31 -18.15 4.38 -2.64
C SER B 31 -18.80 3.08 -2.14
N LEU B 32 -19.38 2.31 -3.03
CA LEU B 32 -20.03 1.02 -2.62
C LEU B 32 -20.59 0.26 -3.83
N TRP B 33 -20.97 0.95 -4.87
CA TRP B 33 -21.52 0.28 -6.08
C TRP B 33 -20.38 -0.16 -7.02
N PHE B 34 -19.19 0.36 -6.82
CA PHE B 34 -18.04 -0.04 -7.69
C PHE B 34 -17.83 -1.55 -7.64
N LYS B 35 -17.98 -2.13 -6.48
CA LYS B 35 -17.78 -3.61 -6.34
C LYS B 35 -18.67 -4.36 -7.33
N GLY B 36 -19.76 -3.75 -7.75
CA GLY B 36 -20.68 -4.42 -8.71
C GLY B 36 -19.96 -4.61 -10.05
N ALA A 1 -5.39 -16.75 -9.67
CA ALA A 1 -4.53 -15.74 -10.34
C ALA A 1 -4.27 -14.56 -9.39
N ASP A 2 -3.10 -14.49 -8.81
CA ASP A 2 -2.79 -13.37 -7.87
C ASP A 2 -2.95 -12.02 -8.58
N GLN A 3 -2.56 -11.95 -9.83
CA GLN A 3 -2.69 -10.66 -10.58
C GLN A 3 -3.08 -10.94 -12.04
N LEU A 4 -3.67 -9.96 -12.69
CA LEU A 4 -4.09 -10.14 -14.13
C LEU A 4 -4.97 -11.38 -14.31
N THR A 5 -5.63 -11.48 -15.43
CA THR A 5 -6.50 -12.66 -15.69
C THR A 5 -5.76 -13.66 -16.59
N GLU A 6 -6.29 -14.84 -16.74
CA GLU A 6 -5.61 -15.86 -17.59
C GLU A 6 -5.43 -15.36 -19.03
N GLU A 7 -6.38 -14.62 -19.54
CA GLU A 7 -6.26 -14.12 -20.95
C GLU A 7 -5.15 -13.07 -21.07
N GLN A 8 -5.18 -12.05 -20.25
CA GLN A 8 -4.13 -10.99 -20.32
C GLN A 8 -2.74 -11.58 -20.08
N ILE A 9 -2.61 -12.41 -19.08
CA ILE A 9 -1.27 -13.03 -18.80
C ILE A 9 -0.88 -13.93 -19.97
N ALA A 10 -1.78 -14.80 -20.38
CA ALA A 10 -1.47 -15.73 -21.51
C ALA A 10 -1.00 -14.95 -22.74
N GLU A 11 -1.64 -13.86 -23.03
CA GLU A 11 -1.23 -13.05 -24.21
C GLU A 11 0.22 -12.57 -24.03
N PHE A 12 0.56 -12.15 -22.84
CA PHE A 12 1.95 -11.71 -22.59
C PHE A 12 2.89 -12.89 -22.72
N LYS A 13 2.47 -14.05 -22.28
CA LYS A 13 3.33 -15.27 -22.39
C LYS A 13 3.62 -15.56 -23.86
N GLU A 14 2.63 -15.46 -24.70
CA GLU A 14 2.86 -15.73 -26.16
C GLU A 14 3.81 -14.68 -26.73
N ALA A 15 3.53 -13.42 -26.45
CA ALA A 15 4.43 -12.34 -26.96
C ALA A 15 5.81 -12.50 -26.32
N PHE A 16 5.83 -12.95 -25.09
CA PHE A 16 7.14 -13.14 -24.39
C PHE A 16 7.97 -14.19 -25.13
N SER A 17 7.39 -15.32 -25.41
CA SER A 17 8.16 -16.39 -26.14
C SER A 17 8.59 -15.88 -27.51
N LEU A 18 7.70 -15.25 -28.23
CA LEU A 18 8.06 -14.72 -29.58
C LEU A 18 9.06 -13.57 -29.44
N PHE A 19 8.88 -12.74 -28.44
CA PHE A 19 9.79 -11.58 -28.24
C PHE A 19 11.10 -12.01 -27.57
N ASP A 20 11.05 -13.04 -26.76
CA ASP A 20 12.28 -13.50 -26.06
C ASP A 20 13.03 -14.54 -26.91
N LYS A 21 14.05 -14.13 -27.61
CA LYS A 21 14.84 -15.09 -28.44
C LYS A 21 15.58 -16.08 -27.53
N ASP A 22 15.99 -15.63 -26.37
CA ASP A 22 16.74 -16.53 -25.44
C ASP A 22 15.84 -17.65 -24.92
N GLY A 23 14.55 -17.41 -24.85
CA GLY A 23 13.62 -18.47 -24.35
C GLY A 23 13.67 -18.54 -22.82
N ASP A 24 14.17 -17.51 -22.18
CA ASP A 24 14.24 -17.52 -20.69
C ASP A 24 13.15 -16.62 -20.09
N GLY A 25 13.01 -16.63 -18.79
CA GLY A 25 11.95 -15.79 -18.14
C GLY A 25 12.49 -14.38 -17.84
N THR A 26 13.63 -14.02 -18.39
CA THR A 26 14.19 -12.66 -18.12
C THR A 26 14.40 -11.88 -19.42
N ILE A 27 14.09 -10.60 -19.42
CA ILE A 27 14.28 -9.78 -20.65
C ILE A 27 15.35 -8.72 -20.41
N THR A 28 16.49 -8.86 -21.06
CA THR A 28 17.61 -7.89 -20.85
C THR A 28 17.50 -6.70 -21.81
N THR A 29 18.25 -5.66 -21.53
CA THR A 29 18.23 -4.43 -22.41
C THR A 29 18.75 -4.77 -23.80
N LYS A 30 19.55 -5.80 -23.88
CA LYS A 30 20.11 -6.20 -25.20
C LYS A 30 18.95 -6.58 -26.12
N GLU A 31 18.13 -7.49 -25.68
CA GLU A 31 16.94 -7.89 -26.50
C GLU A 31 16.15 -6.64 -26.89
N LEU A 32 16.08 -5.67 -25.99
CA LEU A 32 15.36 -4.41 -26.31
C LEU A 32 16.13 -3.69 -27.42
N GLY A 33 17.42 -3.70 -27.33
CA GLY A 33 18.24 -3.02 -28.37
C GLY A 33 17.87 -3.60 -29.74
N THR A 34 17.86 -4.91 -29.85
CA THR A 34 17.50 -5.54 -31.16
C THR A 34 16.05 -5.21 -31.57
N VAL A 35 15.10 -5.36 -30.67
CA VAL A 35 13.68 -5.08 -31.07
C VAL A 35 13.51 -3.61 -31.44
N MET A 36 13.85 -2.69 -30.58
CA MET A 36 13.65 -1.25 -30.93
C MET A 36 14.47 -0.89 -32.17
N ARG A 37 15.63 -1.49 -32.33
CA ARG A 37 16.45 -1.19 -33.53
C ARG A 37 15.70 -1.63 -34.80
N SER A 38 15.09 -2.79 -34.77
CA SER A 38 14.34 -3.29 -35.96
C SER A 38 13.13 -2.40 -36.27
N LEU A 39 12.74 -1.55 -35.34
CA LEU A 39 11.57 -0.65 -35.59
C LEU A 39 12.02 0.81 -35.66
N GLY A 40 13.24 1.03 -36.07
CA GLY A 40 13.76 2.43 -36.19
C GLY A 40 13.86 3.07 -34.80
N GLN A 41 15.05 3.33 -34.35
CA GLN A 41 15.24 3.96 -33.01
C GLN A 41 16.69 4.38 -32.82
N ASN A 42 17.61 3.46 -33.02
CA ASN A 42 19.06 3.79 -32.85
C ASN A 42 19.32 4.47 -31.50
N PRO A 43 18.89 3.83 -30.44
CA PRO A 43 19.09 4.40 -29.08
C PRO A 43 20.54 4.21 -28.62
N THR A 44 20.93 4.91 -27.60
CA THR A 44 22.33 4.76 -27.08
C THR A 44 22.32 3.74 -25.93
N GLU A 45 23.42 3.07 -25.69
CA GLU A 45 23.44 2.06 -24.58
C GLU A 45 22.93 2.69 -23.28
N ALA A 46 23.30 3.92 -23.02
CA ALA A 46 22.82 4.59 -21.77
C ALA A 46 21.30 4.76 -21.85
N GLU A 47 20.80 5.08 -23.01
CA GLU A 47 19.32 5.25 -23.16
C GLU A 47 18.61 3.92 -22.95
N LEU A 48 19.19 2.85 -23.45
CA LEU A 48 18.56 1.51 -23.27
C LEU A 48 18.59 1.12 -21.79
N GLN A 49 19.70 1.35 -21.14
CA GLN A 49 19.80 1.00 -19.69
C GLN A 49 18.83 1.84 -18.88
N ASP A 50 18.63 3.07 -19.27
CA ASP A 50 17.69 3.96 -18.51
C ASP A 50 16.23 3.52 -18.72
N MET A 51 15.81 3.46 -19.95
CA MET A 51 14.41 3.04 -20.26
C MET A 51 14.13 1.66 -19.63
N ILE A 52 15.04 0.73 -19.77
CA ILE A 52 14.81 -0.61 -19.17
C ILE A 52 14.88 -0.50 -17.64
N ASN A 53 15.81 0.27 -17.13
CA ASN A 53 15.92 0.45 -15.64
C ASN A 53 14.62 1.03 -15.09
N GLU A 54 13.86 1.71 -15.91
CA GLU A 54 12.58 2.31 -15.42
C GLU A 54 11.49 1.22 -15.28
N VAL A 55 11.47 0.25 -16.16
CA VAL A 55 10.42 -0.79 -16.09
C VAL A 55 10.90 -1.98 -15.23
N ASP A 56 12.05 -1.86 -14.64
CA ASP A 56 12.58 -2.93 -13.75
C ASP A 56 12.22 -2.59 -12.30
N ALA A 57 11.99 -3.58 -11.47
CA ALA A 57 11.62 -3.29 -10.05
C ALA A 57 12.85 -3.34 -9.14
N ASP A 58 13.41 -4.50 -8.93
CA ASP A 58 14.61 -4.61 -8.05
C ASP A 58 15.84 -3.94 -8.68
N GLY A 59 15.79 -3.67 -9.96
CA GLY A 59 16.94 -3.02 -10.64
C GLY A 59 17.66 -4.07 -11.49
N ASN A 60 18.90 -3.85 -11.81
CA ASN A 60 19.67 -4.79 -12.68
C ASN A 60 19.24 -4.57 -14.15
N GLY A 61 18.68 -3.41 -14.43
CA GLY A 61 18.24 -3.05 -15.82
C GLY A 61 17.70 -4.24 -16.59
N THR A 62 16.80 -4.99 -16.03
CA THR A 62 16.24 -6.17 -16.75
C THR A 62 14.82 -6.39 -16.25
N ILE A 63 13.93 -6.87 -17.07
CA ILE A 63 12.53 -7.06 -16.60
C ILE A 63 12.16 -8.55 -16.63
N ASP A 64 11.20 -8.94 -15.82
CA ASP A 64 10.77 -10.37 -15.81
C ASP A 64 9.25 -10.44 -15.92
N PHE A 65 8.72 -11.58 -16.32
CA PHE A 65 7.24 -11.72 -16.44
C PHE A 65 6.55 -11.33 -15.12
N PRO A 66 6.99 -11.90 -14.02
CA PRO A 66 6.37 -11.56 -12.72
C PRO A 66 6.73 -10.14 -12.29
N GLU A 67 7.98 -9.79 -12.39
CA GLU A 67 8.40 -8.41 -11.99
C GLU A 67 7.71 -7.35 -12.87
N PHE A 68 7.68 -7.58 -14.16
CA PHE A 68 7.02 -6.60 -15.08
C PHE A 68 5.50 -6.56 -14.86
N LEU A 69 4.86 -7.69 -14.92
CA LEU A 69 3.38 -7.72 -14.73
C LEU A 69 2.99 -7.36 -13.29
N THR A 70 3.69 -7.88 -12.31
CA THR A 70 3.32 -7.55 -10.90
C THR A 70 3.60 -6.06 -10.62
N MET A 71 4.71 -5.56 -11.09
CA MET A 71 5.02 -4.12 -10.85
C MET A 71 3.97 -3.24 -11.50
N MET A 72 3.65 -3.48 -12.75
CA MET A 72 2.62 -2.65 -13.43
C MET A 72 1.23 -2.98 -12.86
N ALA A 73 0.99 -4.22 -12.52
CA ALA A 73 -0.34 -4.59 -11.95
C ALA A 73 -0.55 -3.89 -10.62
N ARG A 74 0.50 -3.66 -9.88
CA ARG A 74 0.37 -2.96 -8.56
C ARG A 74 -0.33 -1.62 -8.74
N LYS A 75 -0.09 -0.95 -9.83
CA LYS A 75 -0.74 0.37 -10.08
C LYS A 75 -2.26 0.22 -10.08
N MET A 76 -2.76 -0.93 -10.46
CA MET A 76 -4.24 -1.14 -10.49
C MET A 76 -4.86 -0.85 -9.11
N LYS A 77 -6.15 -1.02 -8.99
CA LYS A 77 -6.83 -0.75 -7.69
C LYS A 77 -6.71 -1.97 -6.76
N ASP A 78 -7.37 -1.91 -5.62
CA ASP A 78 -7.32 -3.05 -4.65
C ASP A 78 -5.87 -3.35 -4.25
N THR A 79 -5.11 -2.33 -3.95
CA THR A 79 -3.69 -2.55 -3.55
C THR A 79 -3.49 -2.20 -2.07
N ASP A 80 -4.55 -2.22 -1.30
CA ASP A 80 -4.43 -1.88 0.15
C ASP A 80 -4.06 -3.12 0.98
N SER A 81 -3.71 -4.21 0.35
CA SER A 81 -3.36 -5.44 1.12
C SER A 81 -2.29 -6.25 0.36
N GLU A 82 -1.63 -7.15 1.03
CA GLU A 82 -0.58 -8.01 0.38
C GLU A 82 0.57 -7.16 -0.18
N GLU A 83 0.32 -6.40 -1.21
CA GLU A 83 1.40 -5.56 -1.80
C GLU A 83 2.01 -4.61 -0.76
N GLU A 84 1.22 -4.17 0.19
CA GLU A 84 1.77 -3.23 1.22
C GLU A 84 2.96 -3.86 1.95
N ILE A 85 2.91 -5.14 2.19
CA ILE A 85 4.06 -5.80 2.89
C ILE A 85 5.29 -5.82 1.96
N ARG A 86 5.06 -5.83 0.67
CA ARG A 86 6.21 -5.82 -0.28
C ARG A 86 6.97 -4.51 -0.08
N GLU A 87 6.25 -3.42 0.03
CA GLU A 87 6.91 -2.10 0.26
C GLU A 87 7.69 -2.17 1.57
N ALA A 88 7.16 -2.85 2.56
CA ALA A 88 7.88 -2.99 3.84
C ALA A 88 9.24 -3.63 3.56
N PHE A 89 9.24 -4.67 2.79
CA PHE A 89 10.52 -5.33 2.44
C PHE A 89 11.43 -4.37 1.67
N ARG A 90 10.88 -3.60 0.77
CA ARG A 90 11.72 -2.63 0.02
C ARG A 90 12.33 -1.62 0.98
N VAL A 91 11.63 -1.27 2.03
CA VAL A 91 12.18 -0.27 3.00
C VAL A 91 13.07 -0.97 4.04
N PHE A 92 12.76 -2.18 4.45
CA PHE A 92 13.64 -2.87 5.46
C PHE A 92 15.07 -2.89 4.96
N ASP A 93 15.24 -2.99 3.67
CA ASP A 93 16.62 -2.98 3.10
C ASP A 93 16.63 -2.33 1.73
N LYS A 94 16.86 -1.05 1.70
CA LYS A 94 16.87 -0.28 0.40
C LYS A 94 17.51 -1.11 -0.70
N ASP A 95 18.46 -1.95 -0.34
CA ASP A 95 19.16 -2.85 -1.32
C ASP A 95 18.24 -3.28 -2.47
N GLY A 96 17.00 -3.60 -2.19
CA GLY A 96 16.08 -4.00 -3.29
C GLY A 96 15.82 -5.51 -3.19
N ASN A 97 15.38 -5.97 -2.06
CA ASN A 97 15.11 -7.43 -1.90
C ASN A 97 13.91 -7.67 -0.97
N GLY A 98 13.55 -8.90 -0.78
CA GLY A 98 12.40 -9.22 0.11
C GLY A 98 12.86 -9.95 1.37
N TYR A 99 14.04 -9.64 1.87
CA TYR A 99 14.51 -10.35 3.10
C TYR A 99 14.96 -9.35 4.17
N ILE A 100 14.48 -9.49 5.39
CA ILE A 100 14.92 -8.55 6.46
C ILE A 100 16.04 -9.18 7.28
N SER A 101 17.14 -8.50 7.39
CA SER A 101 18.27 -9.03 8.18
C SER A 101 18.21 -8.48 9.60
N ALA A 102 18.86 -9.11 10.53
CA ALA A 102 18.82 -8.61 11.94
C ALA A 102 19.29 -7.16 11.98
N ALA A 103 20.32 -6.83 11.23
CA ALA A 103 20.81 -5.42 11.19
C ALA A 103 19.72 -4.54 10.59
N GLU A 104 19.20 -4.92 9.44
CA GLU A 104 18.14 -4.09 8.79
C GLU A 104 16.99 -3.86 9.78
N LEU A 105 16.56 -4.88 10.46
CA LEU A 105 15.47 -4.69 11.45
C LEU A 105 15.93 -3.65 12.48
N ARG A 106 17.18 -3.72 12.90
CA ARG A 106 17.69 -2.69 13.86
C ARG A 106 17.46 -1.32 13.21
N HIS A 107 17.61 -1.25 11.90
CA HIS A 107 17.36 0.04 11.19
C HIS A 107 15.91 0.45 11.50
N VAL A 108 15.00 -0.51 11.47
CA VAL A 108 13.60 -0.17 11.83
C VAL A 108 13.61 0.36 13.26
N MET A 109 14.37 -0.25 14.16
CA MET A 109 14.41 0.28 15.56
C MET A 109 14.79 1.75 15.53
N THR A 110 15.78 2.12 14.76
CA THR A 110 16.16 3.56 14.69
C THR A 110 14.88 4.34 14.43
N ASN A 111 14.02 3.83 13.56
CA ASN A 111 12.72 4.54 13.31
C ASN A 111 11.97 4.75 14.65
N LEU A 112 11.99 3.79 15.55
CA LEU A 112 11.31 3.99 16.88
C LEU A 112 12.39 4.15 17.96
N GLY A 113 12.06 4.01 19.22
CA GLY A 113 13.12 4.12 20.27
C GLY A 113 13.83 2.79 20.30
N GLU A 114 13.78 2.06 21.39
CA GLU A 114 14.37 0.70 21.44
C GLU A 114 15.69 0.52 20.72
N LYS A 115 16.77 0.56 21.45
CA LYS A 115 18.09 0.32 20.85
C LYS A 115 18.42 -1.15 21.12
N LEU A 116 18.81 -1.91 20.13
CA LEU A 116 19.07 -3.36 20.38
C LEU A 116 20.51 -3.75 20.10
N THR A 117 20.88 -4.91 20.57
CA THR A 117 22.25 -5.44 20.35
C THR A 117 22.13 -6.80 19.66
N ASP A 118 23.21 -7.50 19.46
CA ASP A 118 23.11 -8.84 18.81
C ASP A 118 22.19 -9.74 19.64
N GLU A 119 22.16 -9.52 20.93
CA GLU A 119 21.29 -10.35 21.82
C GLU A 119 19.81 -10.04 21.55
N GLU A 120 19.41 -8.80 21.67
CA GLU A 120 17.98 -8.44 21.43
C GLU A 120 17.61 -8.70 19.97
N VAL A 121 18.53 -8.45 19.08
CA VAL A 121 18.25 -8.70 17.63
C VAL A 121 18.06 -10.21 17.43
N ASP A 122 19.10 -10.97 17.67
CA ASP A 122 18.98 -12.46 17.51
C ASP A 122 17.72 -12.97 18.23
N GLU A 123 17.36 -12.31 19.30
CA GLU A 123 16.13 -12.73 20.04
C GLU A 123 14.87 -12.51 19.18
N MET A 124 14.68 -11.34 18.63
CA MET A 124 13.47 -11.10 17.79
C MET A 124 13.55 -11.94 16.50
N ILE A 125 14.72 -12.11 15.95
CA ILE A 125 14.84 -12.94 14.73
C ILE A 125 14.58 -14.39 15.11
N ARG A 126 14.93 -14.75 16.32
CA ARG A 126 14.66 -16.14 16.80
C ARG A 126 13.14 -16.35 16.85
N GLU A 127 12.42 -15.34 17.29
CA GLU A 127 10.93 -15.46 17.36
C GLU A 127 10.37 -15.66 15.94
N ALA A 128 10.76 -14.81 15.01
CA ALA A 128 10.26 -14.97 13.62
C ALA A 128 10.95 -16.16 12.95
N ASP A 129 12.08 -16.57 13.45
CA ASP A 129 12.84 -17.69 12.83
C ASP A 129 12.06 -19.00 12.88
N ILE A 130 10.97 -19.07 12.16
CA ILE A 130 10.20 -20.33 12.12
C ILE A 130 10.99 -21.31 11.25
N ASP A 131 11.55 -20.83 10.16
CA ASP A 131 12.39 -21.71 9.29
C ASP A 131 13.80 -21.82 9.90
N GLY A 132 14.13 -20.97 10.85
CA GLY A 132 15.46 -21.03 11.52
C GLY A 132 16.62 -20.61 10.61
N ASP A 133 16.45 -19.58 9.80
CA ASP A 133 17.59 -19.18 8.90
C ASP A 133 18.42 -18.03 9.52
N GLY A 134 18.03 -17.52 10.67
CA GLY A 134 18.82 -16.41 11.31
C GLY A 134 18.42 -15.04 10.77
N GLN A 135 17.38 -14.97 9.98
CA GLN A 135 16.92 -13.68 9.41
C GLN A 135 15.41 -13.79 9.29
N VAL A 136 14.72 -12.73 9.00
CA VAL A 136 13.24 -12.87 8.92
C VAL A 136 12.72 -12.66 7.51
N ASN A 137 11.97 -13.63 7.05
CA ASN A 137 11.39 -13.56 5.69
C ASN A 137 10.00 -12.93 5.72
N TYR A 138 9.31 -13.03 4.63
CA TYR A 138 7.94 -12.46 4.51
C TYR A 138 6.93 -13.23 5.37
N GLU A 139 6.91 -14.52 5.26
CA GLU A 139 5.94 -15.32 6.07
C GLU A 139 6.15 -15.05 7.56
N GLU A 140 7.37 -14.84 7.96
CA GLU A 140 7.64 -14.57 9.40
C GLU A 140 7.15 -13.15 9.77
N PHE A 141 7.51 -12.16 8.98
CA PHE A 141 7.03 -10.77 9.27
C PHE A 141 5.50 -10.75 9.30
N VAL A 142 4.87 -11.18 8.23
CA VAL A 142 3.39 -11.19 8.19
C VAL A 142 2.86 -12.08 9.31
N GLN A 143 3.59 -13.11 9.67
CA GLN A 143 3.12 -13.98 10.79
C GLN A 143 3.21 -13.21 12.11
N MET A 144 4.11 -12.25 12.23
CA MET A 144 4.19 -11.50 13.50
C MET A 144 3.12 -10.41 13.55
N MET A 145 3.19 -9.47 12.65
CA MET A 145 2.19 -8.36 12.64
C MET A 145 0.78 -8.84 12.27
N THR A 146 0.67 -9.90 11.51
CA THR A 146 -0.68 -10.40 11.14
C THR A 146 -0.84 -11.86 11.55
N ALA A 147 -1.93 -12.19 12.19
CA ALA A 147 -2.15 -13.60 12.62
C ALA A 147 -3.57 -13.77 13.17
N LYS A 148 -4.20 -14.87 12.88
CA LYS A 148 -5.59 -15.10 13.39
C LYS A 148 -5.81 -16.59 13.67
N GLY B 1 8.97 -4.63 28.50
CA GLY B 1 9.34 -5.26 27.20
C GLY B 1 10.82 -5.01 26.91
N SER B 2 11.68 -5.26 27.87
CA SER B 2 13.14 -5.04 27.66
C SER B 2 13.66 -5.94 26.54
N ARG B 3 13.02 -7.06 26.32
CA ARG B 3 13.48 -7.98 25.24
C ARG B 3 13.03 -7.48 23.87
N ALA B 4 13.60 -8.03 22.84
CA ALA B 4 13.25 -7.63 21.45
C ALA B 4 11.74 -7.74 21.20
N LYS B 5 11.01 -8.49 22.00
CA LYS B 5 9.54 -8.64 21.76
C LYS B 5 8.85 -7.30 21.45
N ALA B 6 8.86 -6.38 22.38
CA ALA B 6 8.17 -5.06 22.15
C ALA B 6 8.88 -4.25 21.07
N ASN B 7 10.18 -4.21 21.09
CA ASN B 7 10.95 -3.41 20.06
C ASN B 7 10.61 -3.98 18.68
N TRP B 8 10.59 -5.27 18.59
CA TRP B 8 10.27 -5.96 17.31
C TRP B 8 8.85 -5.60 16.87
N LEU B 9 7.94 -5.62 17.82
CA LEU B 9 6.52 -5.25 17.51
C LEU B 9 6.52 -3.89 16.82
N ARG B 10 7.09 -2.93 17.48
CA ARG B 10 7.19 -1.57 16.90
C ARG B 10 7.99 -1.64 15.60
N ALA B 11 8.87 -2.60 15.48
CA ALA B 11 9.69 -2.70 14.24
C ALA B 11 8.82 -3.02 13.01
N PHE B 12 8.40 -4.26 12.86
CA PHE B 12 7.55 -4.59 11.66
C PHE B 12 6.37 -3.61 11.63
N ASN B 13 5.89 -3.20 12.78
CA ASN B 13 4.79 -2.21 12.83
C ASN B 13 5.27 -0.86 12.27
N LYS B 14 6.50 -0.47 12.56
CA LYS B 14 7.01 0.84 12.03
C LYS B 14 6.97 0.80 10.52
N VAL B 15 7.43 -0.27 9.93
CA VAL B 15 7.39 -0.35 8.45
C VAL B 15 5.93 -0.38 7.97
N ARG B 16 5.07 -1.08 8.68
CA ARG B 16 3.64 -1.15 8.24
C ARG B 16 3.06 0.25 8.01
N MET B 17 3.32 1.16 8.92
CA MET B 17 2.80 2.56 8.73
C MET B 17 3.48 3.19 7.51
N GLN B 18 4.73 2.86 7.31
CA GLN B 18 5.50 3.42 6.15
C GLN B 18 4.90 2.93 4.83
N LEU B 19 4.30 1.77 4.83
CA LEU B 19 3.72 1.22 3.56
C LEU B 19 2.70 2.20 2.98
N GLN B 20 1.94 2.84 3.83
CA GLN B 20 0.91 3.82 3.34
C GLN B 20 1.61 4.97 2.59
N GLU B 21 2.76 5.38 3.04
CA GLU B 21 3.48 6.49 2.37
C GLU B 21 3.79 6.13 0.92
N ALA B 22 4.02 4.87 0.65
CA ALA B 22 4.32 4.43 -0.75
C ALA B 22 3.17 4.79 -1.69
N ARG B 23 1.97 4.84 -1.18
CA ARG B 23 0.80 5.19 -2.05
C ARG B 23 1.02 6.55 -2.73
N GLY B 24 0.51 6.70 -3.93
CA GLY B 24 0.68 7.99 -4.66
C GLY B 24 0.73 7.73 -6.16
N GLU B 25 1.08 6.53 -6.56
CA GLU B 25 1.15 6.19 -8.02
C GLU B 25 2.00 7.22 -8.77
N GLY B 26 1.96 7.19 -10.07
CA GLY B 26 2.76 8.16 -10.88
C GLY B 26 4.16 7.59 -11.13
N GLU B 27 4.36 6.32 -10.90
CA GLU B 27 5.70 5.70 -11.13
C GLU B 27 6.08 5.80 -12.61
N MET B 28 5.10 5.72 -13.48
CA MET B 28 5.39 5.79 -14.96
C MET B 28 6.46 4.77 -15.35
N SER B 29 6.52 3.67 -14.65
CA SER B 29 7.54 2.61 -14.97
C SER B 29 7.40 2.16 -16.43
N LYS B 30 6.21 2.23 -16.97
CA LYS B 30 6.00 1.80 -18.38
C LYS B 30 6.66 2.77 -19.38
N SER B 31 7.97 2.91 -19.31
CA SER B 31 8.67 3.84 -20.26
C SER B 31 8.34 3.45 -21.71
N LEU B 32 8.25 2.17 -21.96
CA LEU B 32 7.92 1.68 -23.33
C LEU B 32 7.66 0.18 -23.26
N TRP B 33 7.64 -0.51 -24.39
CA TRP B 33 7.39 -1.98 -24.39
C TRP B 33 5.95 -2.29 -23.97
N PHE B 34 5.52 -1.88 -22.80
CA PHE B 34 4.11 -2.16 -22.39
C PHE B 34 3.12 -1.62 -23.43
N LYS B 35 3.36 -0.44 -23.94
CA LYS B 35 2.45 0.14 -24.96
C LYS B 35 2.37 -0.77 -26.19
N GLY B 36 3.35 -1.62 -26.37
CA GLY B 36 3.34 -2.55 -27.54
C GLY B 36 3.37 -4.00 -27.05
N ALA A 1 -4.37 -10.43 -2.17
CA ALA A 1 -4.54 -9.56 -0.97
C ALA A 1 -6.01 -9.18 -0.80
N ASP A 2 -6.28 -8.11 -0.10
CA ASP A 2 -7.69 -7.69 0.10
C ASP A 2 -8.19 -6.88 -1.10
N GLN A 3 -9.18 -7.38 -1.79
CA GLN A 3 -9.71 -6.64 -2.97
C GLN A 3 -11.24 -6.78 -3.05
N LEU A 4 -11.89 -6.04 -3.89
CA LEU A 4 -13.36 -6.15 -4.00
C LEU A 4 -13.75 -6.82 -5.33
N THR A 5 -14.12 -8.07 -5.28
CA THR A 5 -14.50 -8.78 -6.54
C THR A 5 -16.02 -8.89 -6.65
N GLU A 6 -16.51 -9.30 -7.78
CA GLU A 6 -17.99 -9.43 -7.97
C GLU A 6 -18.58 -10.45 -6.98
N GLU A 7 -17.86 -11.50 -6.68
CA GLU A 7 -18.40 -12.52 -5.74
C GLU A 7 -18.60 -11.91 -4.35
N GLN A 8 -17.64 -11.19 -3.84
CA GLN A 8 -17.80 -10.56 -2.49
C GLN A 8 -18.98 -9.58 -2.50
N ILE A 9 -19.10 -8.82 -3.55
CA ILE A 9 -20.25 -7.86 -3.64
C ILE A 9 -21.56 -8.66 -3.76
N ALA A 10 -21.59 -9.63 -4.64
CA ALA A 10 -22.82 -10.45 -4.82
C ALA A 10 -23.27 -11.04 -3.48
N GLU A 11 -22.35 -11.57 -2.73
CA GLU A 11 -22.70 -12.16 -1.41
C GLU A 11 -23.30 -11.07 -0.50
N PHE A 12 -22.80 -9.86 -0.62
CA PHE A 12 -23.34 -8.74 0.19
C PHE A 12 -24.76 -8.42 -0.27
N LYS A 13 -25.01 -8.54 -1.54
CA LYS A 13 -26.39 -8.25 -2.06
C LYS A 13 -27.40 -9.16 -1.35
N GLU A 14 -27.10 -10.42 -1.24
CA GLU A 14 -28.04 -11.36 -0.56
C GLU A 14 -28.05 -11.12 0.95
N ALA A 15 -26.89 -10.89 1.53
CA ALA A 15 -26.83 -10.65 3.00
C ALA A 15 -27.51 -9.33 3.36
N PHE A 16 -27.13 -8.27 2.69
CA PHE A 16 -27.76 -6.94 2.99
C PHE A 16 -29.24 -6.95 2.62
N SER A 17 -29.59 -7.50 1.50
CA SER A 17 -31.03 -7.56 1.10
C SER A 17 -31.81 -8.41 2.12
N LEU A 18 -31.25 -9.52 2.50
CA LEU A 18 -31.94 -10.41 3.49
C LEU A 18 -32.19 -9.66 4.80
N PHE A 19 -31.25 -8.86 5.23
CA PHE A 19 -31.44 -8.10 6.50
C PHE A 19 -32.10 -6.74 6.24
N ASP A 20 -31.99 -6.23 5.04
CA ASP A 20 -32.58 -4.89 4.73
C ASP A 20 -34.11 -5.00 4.60
N LYS A 21 -34.83 -4.45 5.55
CA LYS A 21 -36.32 -4.51 5.50
C LYS A 21 -36.85 -3.74 4.28
N ASP A 22 -36.18 -2.70 3.89
CA ASP A 22 -36.67 -1.90 2.72
C ASP A 22 -36.57 -2.73 1.43
N GLY A 23 -35.65 -3.64 1.38
CA GLY A 23 -35.50 -4.48 0.16
C GLY A 23 -34.84 -3.65 -0.95
N ASP A 24 -34.16 -2.59 -0.59
CA ASP A 24 -33.49 -1.74 -1.61
C ASP A 24 -31.97 -1.85 -1.51
N GLY A 25 -31.27 -1.49 -2.56
CA GLY A 25 -29.78 -1.57 -2.54
C GLY A 25 -29.21 -0.55 -1.55
N THR A 26 -30.01 0.42 -1.14
CA THR A 26 -29.51 1.45 -0.19
C THR A 26 -29.63 0.95 1.25
N ILE A 27 -28.77 1.41 2.13
CA ILE A 27 -28.85 0.96 3.55
C ILE A 27 -29.31 2.12 4.43
N THR A 28 -30.25 1.86 5.30
CA THR A 28 -30.76 2.93 6.20
C THR A 28 -30.37 2.66 7.65
N THR A 29 -30.15 3.71 8.39
CA THR A 29 -29.74 3.55 9.82
C THR A 29 -30.80 2.78 10.61
N LYS A 30 -32.01 2.69 10.12
CA LYS A 30 -33.06 1.94 10.88
C LYS A 30 -32.78 0.43 10.74
N GLU A 31 -32.54 -0.05 9.55
CA GLU A 31 -32.26 -1.51 9.36
C GLU A 31 -31.05 -1.88 10.23
N LEU A 32 -29.96 -1.18 10.07
CA LEU A 32 -28.79 -1.44 10.93
C LEU A 32 -29.17 -1.12 12.35
N GLY A 33 -30.03 -0.15 12.53
CA GLY A 33 -30.50 0.20 13.92
C GLY A 33 -30.98 -1.09 14.57
N THR A 34 -31.82 -1.82 13.88
CA THR A 34 -32.29 -3.13 14.42
C THR A 34 -31.07 -4.03 14.67
N VAL A 35 -30.11 -4.01 13.77
CA VAL A 35 -28.89 -4.86 14.00
C VAL A 35 -28.20 -4.37 15.29
N MET A 36 -27.83 -3.12 15.33
CA MET A 36 -27.12 -2.58 16.52
C MET A 36 -27.95 -2.83 17.79
N ARG A 37 -29.26 -2.70 17.72
CA ARG A 37 -30.08 -2.96 18.95
C ARG A 37 -29.90 -4.42 19.38
N SER A 38 -29.93 -5.33 18.44
CA SER A 38 -29.75 -6.78 18.80
C SER A 38 -28.40 -6.98 19.49
N LEU A 39 -27.42 -6.21 19.11
CA LEU A 39 -26.07 -6.34 19.75
C LEU A 39 -25.85 -5.26 20.81
N GLY A 40 -26.80 -4.37 21.00
CA GLY A 40 -26.61 -3.28 22.00
C GLY A 40 -27.88 -3.15 22.86
N GLN A 41 -27.89 -2.23 23.78
CA GLN A 41 -29.09 -2.05 24.66
C GLN A 41 -30.14 -1.17 23.98
N ASN A 42 -29.85 0.09 23.79
CA ASN A 42 -30.83 1.00 23.12
C ASN A 42 -30.14 2.26 22.58
N PRO A 43 -29.84 2.25 21.30
CA PRO A 43 -29.16 3.41 20.67
C PRO A 43 -30.13 4.59 20.54
N THR A 44 -29.62 5.79 20.60
CA THR A 44 -30.50 6.99 20.46
C THR A 44 -30.70 7.34 18.98
N GLU A 45 -31.86 7.82 18.61
CA GLU A 45 -32.11 8.16 17.17
C GLU A 45 -31.09 9.20 16.70
N ALA A 46 -30.71 10.11 17.56
CA ALA A 46 -29.72 11.15 17.16
C ALA A 46 -28.42 10.46 16.71
N GLU A 47 -27.96 9.51 17.47
CA GLU A 47 -26.71 8.78 17.08
C GLU A 47 -26.94 8.03 15.77
N LEU A 48 -28.13 7.50 15.58
CA LEU A 48 -28.42 6.76 14.32
C LEU A 48 -28.24 7.69 13.12
N GLN A 49 -28.85 8.85 13.15
CA GLN A 49 -28.71 9.82 12.02
C GLN A 49 -27.26 10.29 11.93
N ASP A 50 -26.59 10.40 13.04
CA ASP A 50 -25.17 10.86 13.03
C ASP A 50 -24.25 9.80 12.43
N MET A 51 -24.24 8.66 13.05
CA MET A 51 -23.37 7.53 12.56
C MET A 51 -23.69 7.20 11.10
N ILE A 52 -24.92 7.28 10.71
CA ILE A 52 -25.28 6.96 9.29
C ILE A 52 -24.88 8.11 8.34
N ASN A 53 -25.12 9.33 8.74
CA ASN A 53 -24.76 10.46 7.83
C ASN A 53 -23.24 10.64 7.78
N GLU A 54 -22.52 10.07 8.71
CA GLU A 54 -21.02 10.22 8.68
C GLU A 54 -20.34 9.00 8.01
N VAL A 55 -20.87 7.80 8.16
CA VAL A 55 -20.21 6.62 7.54
C VAL A 55 -20.21 6.73 6.02
N ASP A 56 -21.18 7.40 5.48
CA ASP A 56 -21.27 7.55 4.00
C ASP A 56 -20.53 8.80 3.53
N ALA A 57 -19.67 8.67 2.55
CA ALA A 57 -18.92 9.86 2.03
C ALA A 57 -19.89 11.03 1.80
N ASP A 58 -20.74 10.92 0.82
CA ASP A 58 -21.74 12.01 0.58
C ASP A 58 -22.59 12.18 1.83
N GLY A 59 -22.90 11.09 2.48
CA GLY A 59 -23.71 11.16 3.73
C GLY A 59 -25.18 10.87 3.48
N ASN A 60 -25.94 11.88 3.16
CA ASN A 60 -27.41 11.70 2.92
C ASN A 60 -28.07 10.97 4.09
N GLY A 61 -27.42 10.91 5.24
CA GLY A 61 -28.04 10.18 6.40
C GLY A 61 -28.38 8.74 6.00
N THR A 62 -27.72 8.21 5.00
CA THR A 62 -28.02 6.81 4.56
C THR A 62 -26.81 6.31 3.75
N ILE A 63 -26.46 5.06 3.88
CA ILE A 63 -25.26 4.57 3.11
C ILE A 63 -25.70 3.64 1.97
N ASP A 64 -25.59 4.10 0.75
CA ASP A 64 -26.00 3.27 -0.42
C ASP A 64 -25.06 2.07 -0.58
N PHE A 65 -25.48 1.06 -1.31
CA PHE A 65 -24.62 -0.14 -1.51
C PHE A 65 -23.22 0.26 -2.01
N PRO A 66 -23.16 1.07 -3.05
CA PRO A 66 -21.85 1.49 -3.60
C PRO A 66 -21.10 2.38 -2.60
N GLU A 67 -21.80 3.24 -1.92
CA GLU A 67 -21.10 4.13 -0.92
C GLU A 67 -20.41 3.29 0.15
N PHE A 68 -21.14 2.38 0.76
CA PHE A 68 -20.55 1.51 1.82
C PHE A 68 -19.50 0.58 1.21
N LEU A 69 -19.83 -0.12 0.15
CA LEU A 69 -18.84 -1.06 -0.48
C LEU A 69 -17.61 -0.30 -0.99
N THR A 70 -17.83 0.77 -1.72
CA THR A 70 -16.67 1.55 -2.26
C THR A 70 -15.79 2.04 -1.11
N MET A 71 -16.37 2.59 -0.08
CA MET A 71 -15.54 3.07 1.06
C MET A 71 -14.76 1.91 1.67
N MET A 72 -15.40 0.77 1.82
CA MET A 72 -14.68 -0.42 2.38
C MET A 72 -13.50 -0.80 1.47
N ALA A 73 -13.70 -0.70 0.18
CA ALA A 73 -12.60 -1.05 -0.78
C ALA A 73 -11.52 0.05 -0.79
N ARG A 74 -11.89 1.27 -0.51
CA ARG A 74 -10.88 2.38 -0.51
C ARG A 74 -9.72 2.06 0.45
N LYS A 75 -10.02 1.50 1.59
CA LYS A 75 -8.94 1.17 2.56
C LYS A 75 -7.94 0.18 1.94
N MET A 76 -8.44 -0.80 1.24
CA MET A 76 -7.53 -1.79 0.58
C MET A 76 -8.03 -2.10 -0.82
N LYS A 77 -7.17 -2.02 -1.80
CA LYS A 77 -7.60 -2.31 -3.20
C LYS A 77 -6.48 -3.04 -3.97
N ASP A 78 -6.84 -3.75 -5.00
CA ASP A 78 -5.82 -4.49 -5.81
C ASP A 78 -5.20 -3.55 -6.85
N THR A 79 -3.91 -3.35 -6.80
CA THR A 79 -3.25 -2.45 -7.79
C THR A 79 -2.00 -3.11 -8.39
N ASP A 80 -1.58 -2.65 -9.54
CA ASP A 80 -0.37 -3.24 -10.19
C ASP A 80 0.84 -3.15 -9.26
N SER A 81 0.90 -2.12 -8.46
CA SER A 81 2.06 -1.96 -7.53
C SER A 81 2.14 -3.16 -6.56
N GLU A 82 3.32 -3.52 -6.15
CA GLU A 82 3.49 -4.67 -5.22
C GLU A 82 2.70 -4.45 -3.94
N GLU A 83 2.31 -5.51 -3.27
CA GLU A 83 1.52 -5.36 -2.00
C GLU A 83 2.25 -4.45 -1.01
N GLU A 84 1.53 -3.84 -0.11
CA GLU A 84 2.15 -2.91 0.87
C GLU A 84 3.25 -3.60 1.70
N ILE A 85 3.08 -4.86 2.00
CA ILE A 85 4.12 -5.58 2.80
C ILE A 85 5.44 -5.63 2.01
N ARG A 86 5.35 -5.62 0.71
CA ARG A 86 6.59 -5.63 -0.12
C ARG A 86 7.33 -4.32 0.13
N GLU A 87 6.62 -3.22 0.15
CA GLU A 87 7.28 -1.91 0.41
C GLU A 87 7.99 -1.97 1.77
N ALA A 88 7.39 -2.65 2.72
CA ALA A 88 8.04 -2.78 4.05
C ALA A 88 9.37 -3.50 3.82
N PHE A 89 9.33 -4.54 3.04
CA PHE A 89 10.58 -5.29 2.73
C PHE A 89 11.59 -4.39 2.02
N ARG A 90 11.14 -3.58 1.09
CA ARG A 90 12.08 -2.69 0.37
C ARG A 90 12.70 -1.66 1.33
N VAL A 91 11.97 -1.24 2.34
CA VAL A 91 12.56 -0.25 3.29
C VAL A 91 13.48 -0.95 4.29
N PHE A 92 13.19 -2.18 4.66
CA PHE A 92 14.08 -2.91 5.62
C PHE A 92 15.49 -2.97 5.04
N ASP A 93 15.59 -3.04 3.74
CA ASP A 93 16.92 -3.07 3.09
C ASP A 93 16.82 -2.54 1.66
N LYS A 94 16.93 -1.25 1.53
CA LYS A 94 16.80 -0.57 0.19
C LYS A 94 17.50 -1.37 -0.89
N ASP A 95 18.49 -2.13 -0.52
CA ASP A 95 19.24 -2.98 -1.49
C ASP A 95 18.33 -3.51 -2.62
N GLY A 96 17.08 -3.77 -2.32
CA GLY A 96 16.17 -4.28 -3.39
C GLY A 96 15.45 -5.55 -2.92
N ASN A 97 16.19 -6.61 -2.70
CA ASN A 97 15.59 -7.91 -2.27
C ASN A 97 14.52 -7.69 -1.17
N GLY A 98 13.74 -8.69 -0.90
CA GLY A 98 12.67 -8.55 0.13
C GLY A 98 12.93 -9.44 1.35
N TYR A 99 14.10 -9.38 1.91
CA TYR A 99 14.40 -10.23 3.11
C TYR A 99 14.95 -9.36 4.25
N ILE A 100 14.41 -9.50 5.45
CA ILE A 100 14.92 -8.67 6.59
C ILE A 100 16.00 -9.42 7.36
N SER A 101 17.18 -8.87 7.40
CA SER A 101 18.29 -9.51 8.15
C SER A 101 18.32 -8.93 9.56
N ALA A 102 19.02 -9.57 10.48
CA ALA A 102 19.07 -9.03 11.88
C ALA A 102 19.57 -7.58 11.83
N ALA A 103 20.53 -7.30 11.00
CA ALA A 103 21.04 -5.90 10.88
C ALA A 103 19.94 -5.02 10.29
N GLU A 104 19.40 -5.40 9.16
CA GLU A 104 18.31 -4.57 8.53
C GLU A 104 17.19 -4.36 9.53
N LEU A 105 16.78 -5.41 10.19
CA LEU A 105 15.70 -5.28 11.19
C LEU A 105 16.10 -4.23 12.23
N ARG A 106 17.32 -4.32 12.72
CA ARG A 106 17.79 -3.30 13.70
C ARG A 106 17.61 -1.91 13.10
N HIS A 107 17.81 -1.81 11.81
CA HIS A 107 17.63 -0.50 11.11
C HIS A 107 16.17 -0.05 11.24
N VAL A 108 15.24 -0.94 10.98
CA VAL A 108 13.82 -0.54 11.13
C VAL A 108 13.59 -0.13 12.58
N MET A 109 14.25 -0.79 13.52
CA MET A 109 14.10 -0.40 14.94
C MET A 109 14.62 1.01 15.11
N THR A 110 15.74 1.29 14.48
CA THR A 110 16.31 2.66 14.58
C THR A 110 15.24 3.68 14.22
N ASN A 111 14.42 3.37 13.24
CA ASN A 111 13.34 4.33 12.85
C ASN A 111 12.47 4.73 14.06
N LEU A 112 12.11 3.82 14.93
CA LEU A 112 11.28 4.22 16.11
C LEU A 112 12.18 4.71 17.26
N GLY A 113 12.04 4.20 18.47
CA GLY A 113 12.91 4.70 19.58
C GLY A 113 13.27 3.57 20.54
N GLU A 114 13.92 2.54 20.05
CA GLU A 114 14.31 1.41 20.95
C GLU A 114 15.69 0.88 20.55
N LYS A 115 16.64 0.91 21.45
CA LYS A 115 18.00 0.39 21.12
C LYS A 115 18.13 -1.06 21.62
N LEU A 116 18.42 -1.97 20.74
CA LEU A 116 18.56 -3.41 21.16
C LEU A 116 20.02 -3.85 21.13
N THR A 117 20.34 -4.92 21.80
CA THR A 117 21.74 -5.43 21.79
C THR A 117 21.89 -6.54 20.76
N ASP A 118 23.09 -6.99 20.55
CA ASP A 118 23.33 -8.08 19.56
C ASP A 118 22.50 -9.33 19.92
N GLU A 119 22.37 -9.61 21.19
CA GLU A 119 21.56 -10.78 21.62
C GLU A 119 20.08 -10.49 21.43
N GLU A 120 19.68 -9.26 21.66
CA GLU A 120 18.24 -8.91 21.47
C GLU A 120 17.90 -9.02 20.00
N VAL A 121 18.84 -8.73 19.14
CA VAL A 121 18.58 -8.88 17.68
C VAL A 121 18.44 -10.36 17.37
N ASP A 122 19.47 -11.13 17.63
CA ASP A 122 19.41 -12.60 17.37
C ASP A 122 18.17 -13.20 18.05
N GLU A 123 17.87 -12.71 19.24
CA GLU A 123 16.67 -13.20 19.96
C GLU A 123 15.40 -12.72 19.23
N MET A 124 15.42 -11.50 18.77
CA MET A 124 14.24 -10.95 18.04
C MET A 124 13.97 -11.81 16.79
N ILE A 125 14.99 -12.24 16.10
CA ILE A 125 14.77 -13.11 14.90
C ILE A 125 14.31 -14.48 15.41
N ARG A 126 14.90 -14.91 16.50
CA ARG A 126 14.52 -16.24 17.07
C ARG A 126 13.01 -16.29 17.30
N GLU A 127 12.42 -15.21 17.75
CA GLU A 127 10.94 -15.19 17.96
C GLU A 127 10.20 -15.67 16.71
N ALA A 128 10.23 -14.91 15.64
CA ALA A 128 9.52 -15.34 14.40
C ALA A 128 10.28 -16.51 13.76
N ASP A 129 11.38 -16.22 13.13
CA ASP A 129 12.20 -17.29 12.47
C ASP A 129 11.32 -18.26 11.65
N ILE A 130 11.19 -19.52 12.07
CA ILE A 130 10.42 -20.56 11.29
C ILE A 130 11.35 -21.13 10.21
N ASP A 131 11.98 -20.26 9.46
CA ASP A 131 12.95 -20.75 8.43
C ASP A 131 14.17 -21.34 9.14
N GLY A 132 14.54 -20.75 10.25
CA GLY A 132 15.72 -21.24 11.02
C GLY A 132 17.01 -20.76 10.35
N ASP A 133 16.96 -19.67 9.62
CA ASP A 133 18.18 -19.16 8.92
C ASP A 133 18.83 -17.98 9.65
N GLY A 134 18.37 -17.63 10.83
CA GLY A 134 19.00 -16.48 11.56
C GLY A 134 18.65 -15.15 10.87
N GLN A 135 17.64 -15.15 10.04
CA GLN A 135 17.23 -13.93 9.32
C GLN A 135 15.73 -13.97 9.22
N VAL A 136 15.09 -12.88 8.90
CA VAL A 136 13.61 -12.93 8.84
C VAL A 136 13.07 -12.75 7.43
N ASN A 137 12.26 -13.70 7.04
CA ASN A 137 11.65 -13.67 5.70
C ASN A 137 10.24 -13.06 5.78
N TYR A 138 9.51 -13.20 4.73
CA TYR A 138 8.12 -12.66 4.65
C TYR A 138 7.19 -13.34 5.66
N GLU A 139 7.27 -14.64 5.77
CA GLU A 139 6.37 -15.37 6.71
C GLU A 139 6.51 -14.90 8.16
N GLU A 140 7.70 -14.53 8.57
CA GLU A 140 7.88 -14.07 9.98
C GLU A 140 7.20 -12.72 10.21
N PHE A 141 7.53 -11.73 9.41
CA PHE A 141 6.88 -10.39 9.57
C PHE A 141 5.36 -10.53 9.52
N VAL A 142 4.85 -11.12 8.47
CA VAL A 142 3.38 -11.28 8.35
C VAL A 142 2.85 -12.16 9.48
N GLN A 143 3.62 -13.12 9.97
CA GLN A 143 3.11 -13.97 11.09
C GLN A 143 2.94 -13.12 12.34
N MET A 144 3.75 -12.09 12.51
CA MET A 144 3.58 -11.24 13.72
C MET A 144 2.41 -10.28 13.52
N MET A 145 2.47 -9.45 12.51
CA MET A 145 1.38 -8.48 12.28
C MET A 145 0.09 -9.19 11.86
N THR A 146 0.19 -10.33 11.23
CA THR A 146 -1.03 -11.07 10.82
C THR A 146 -0.97 -12.52 11.29
N ALA A 147 -2.00 -13.00 11.94
CA ALA A 147 -2.00 -14.41 12.42
C ALA A 147 -3.38 -14.78 12.98
N LYS A 148 -3.80 -16.00 12.78
CA LYS A 148 -5.14 -16.45 13.29
C LYS A 148 -6.24 -15.47 12.88
N GLY B 1 7.67 -12.01 23.96
CA GLY B 1 8.18 -12.35 25.32
C GLY B 1 9.11 -11.24 25.81
N SER B 2 8.58 -10.06 25.99
CA SER B 2 9.41 -8.90 26.47
C SER B 2 10.70 -8.78 25.64
N ARG B 3 11.66 -8.05 26.15
CA ARG B 3 12.96 -7.89 25.41
C ARG B 3 12.72 -7.34 24.00
N ALA B 4 12.70 -8.19 22.99
CA ALA B 4 12.49 -7.71 21.60
C ALA B 4 11.00 -7.43 21.32
N LYS B 5 10.11 -7.96 22.11
CA LYS B 5 8.64 -7.77 21.86
C LYS B 5 8.25 -6.33 21.46
N ALA B 6 8.47 -5.37 22.32
CA ALA B 6 8.06 -3.98 22.00
C ALA B 6 8.83 -3.39 20.81
N ASN B 7 10.12 -3.55 20.77
CA ASN B 7 10.92 -2.99 19.63
C ASN B 7 10.50 -3.69 18.34
N TRP B 8 10.35 -4.99 18.41
CA TRP B 8 9.94 -5.79 17.20
C TRP B 8 8.59 -5.32 16.71
N LEU B 9 7.69 -5.13 17.64
CA LEU B 9 6.34 -4.63 17.27
C LEU B 9 6.53 -3.36 16.46
N ARG B 10 7.24 -2.45 17.03
CA ARG B 10 7.52 -1.17 16.33
C ARG B 10 8.33 -1.45 15.06
N ALA B 11 9.08 -2.53 14.99
CA ALA B 11 9.88 -2.80 13.75
C ALA B 11 8.97 -3.18 12.56
N PHE B 12 8.40 -4.38 12.58
CA PHE B 12 7.51 -4.76 11.44
C PHE B 12 6.41 -3.70 11.32
N ASN B 13 5.93 -3.20 12.43
CA ASN B 13 4.90 -2.13 12.37
C ASN B 13 5.53 -0.85 11.82
N LYS B 14 6.80 -0.62 12.08
CA LYS B 14 7.46 0.63 11.55
C LYS B 14 7.27 0.66 10.05
N VAL B 15 7.55 -0.43 9.38
CA VAL B 15 7.33 -0.39 7.91
C VAL B 15 5.84 -0.38 7.62
N ARG B 16 5.04 -1.10 8.38
CA ARG B 16 3.56 -1.11 8.14
C ARG B 16 3.03 0.33 8.07
N MET B 17 3.42 1.16 8.99
CA MET B 17 2.97 2.59 8.95
C MET B 17 3.58 3.26 7.72
N GLN B 18 4.78 2.86 7.37
CA GLN B 18 5.48 3.45 6.19
C GLN B 18 4.80 2.98 4.89
N LEU B 19 4.23 1.80 4.86
CA LEU B 19 3.59 1.31 3.60
C LEU B 19 2.40 2.22 3.26
N GLN B 20 1.66 2.64 4.25
CA GLN B 20 0.48 3.51 3.99
C GLN B 20 0.91 4.86 3.38
N GLU B 21 2.07 5.34 3.76
CA GLU B 21 2.55 6.65 3.22
C GLU B 21 2.55 6.64 1.69
N ALA B 22 2.79 5.50 1.09
CA ALA B 22 2.81 5.44 -0.41
C ALA B 22 1.45 5.87 -0.98
N ARG B 23 0.38 5.43 -0.40
CA ARG B 23 -0.97 5.81 -0.93
C ARG B 23 -1.17 7.33 -0.82
N GLY B 24 -0.73 7.92 0.26
CA GLY B 24 -0.89 9.39 0.42
C GLY B 24 -2.36 9.73 0.62
N GLU B 25 -3.14 8.82 1.15
CA GLU B 25 -4.60 9.10 1.36
C GLU B 25 -4.94 9.06 2.85
N GLY B 26 -5.93 9.82 3.27
CA GLY B 26 -6.32 9.81 4.70
C GLY B 26 -7.40 8.75 4.94
N GLU B 27 -7.80 8.57 6.18
CA GLU B 27 -8.84 7.54 6.47
C GLU B 27 -9.78 8.05 7.58
N MET B 28 -11.03 7.65 7.54
CA MET B 28 -11.99 8.10 8.59
C MET B 28 -11.99 7.10 9.75
N SER B 29 -12.41 7.53 10.91
CA SER B 29 -12.44 6.58 12.07
C SER B 29 -13.43 5.45 11.79
N LYS B 30 -13.27 4.33 12.43
CA LYS B 30 -14.21 3.19 12.20
C LYS B 30 -15.38 3.28 13.16
N SER B 31 -16.48 3.81 12.70
CA SER B 31 -17.67 3.91 13.58
C SER B 31 -18.11 2.51 13.99
N LEU B 32 -18.51 1.70 13.03
CA LEU B 32 -18.94 0.30 13.32
C LEU B 32 -19.38 -0.40 12.02
N TRP B 33 -20.14 0.23 11.17
CA TRP B 33 -20.54 -0.43 9.88
C TRP B 33 -19.29 -0.62 9.02
N PHE B 34 -18.33 0.25 9.17
CA PHE B 34 -17.07 0.13 8.37
C PHE B 34 -16.01 -0.63 9.18
N LYS B 35 -15.48 -1.69 8.64
CA LYS B 35 -14.43 -2.46 9.36
C LYS B 35 -13.26 -2.76 8.43
N GLY B 36 -12.06 -2.46 8.86
CA GLY B 36 -10.87 -2.72 8.02
C GLY B 36 -9.90 -3.66 8.76
N ALA A 1 1.36 -3.07 -16.56
CA ALA A 1 1.80 -2.24 -17.72
C ALA A 1 1.06 -0.90 -17.71
N ASP A 2 1.09 -0.17 -18.79
CA ASP A 2 0.39 1.15 -18.85
C ASP A 2 -1.12 0.93 -18.84
N GLN A 3 -1.83 1.68 -18.03
CA GLN A 3 -3.32 1.54 -17.95
C GLN A 3 -3.72 0.10 -17.58
N LEU A 4 -4.88 -0.08 -17.02
CA LEU A 4 -5.32 -1.46 -16.64
C LEU A 4 -5.40 -2.34 -17.89
N THR A 5 -5.47 -3.63 -17.71
CA THR A 5 -5.56 -4.56 -18.88
C THR A 5 -7.02 -4.82 -19.24
N GLU A 6 -7.27 -5.24 -20.45
CA GLU A 6 -8.67 -5.53 -20.87
C GLU A 6 -9.25 -6.65 -20.01
N GLU A 7 -8.45 -7.60 -19.64
CA GLU A 7 -8.95 -8.74 -18.80
C GLU A 7 -9.65 -8.19 -17.55
N GLN A 8 -9.06 -7.21 -16.91
CA GLN A 8 -9.71 -6.62 -15.69
C GLN A 8 -11.06 -6.03 -16.06
N ILE A 9 -11.15 -5.39 -17.21
CA ILE A 9 -12.44 -4.80 -17.65
C ILE A 9 -13.46 -5.93 -17.87
N ALA A 10 -13.08 -6.93 -18.64
CA ALA A 10 -14.00 -8.07 -18.93
C ALA A 10 -14.53 -8.66 -17.62
N GLU A 11 -13.67 -8.84 -16.66
CA GLU A 11 -14.12 -9.40 -15.35
C GLU A 11 -15.16 -8.45 -14.73
N PHE A 12 -14.97 -7.18 -14.89
CA PHE A 12 -15.94 -6.19 -14.34
C PHE A 12 -17.26 -6.33 -15.08
N LYS A 13 -17.22 -6.59 -16.36
CA LYS A 13 -18.48 -6.75 -17.15
C LYS A 13 -19.32 -7.91 -16.59
N GLU A 14 -18.70 -9.03 -16.32
CA GLU A 14 -19.47 -10.18 -15.76
C GLU A 14 -19.95 -9.84 -14.35
N ALA A 15 -19.08 -9.29 -13.54
CA ALA A 15 -19.50 -8.92 -12.16
C ALA A 15 -20.58 -7.84 -12.23
N PHE A 16 -20.46 -6.95 -13.18
CA PHE A 16 -21.48 -5.87 -13.33
C PHE A 16 -22.84 -6.49 -13.65
N SER A 17 -22.87 -7.41 -14.58
CA SER A 17 -24.16 -8.06 -14.94
C SER A 17 -24.75 -8.78 -13.73
N LEU A 18 -23.94 -9.57 -13.04
CA LEU A 18 -24.47 -10.29 -11.84
C LEU A 18 -24.76 -9.30 -10.71
N PHE A 19 -23.88 -8.37 -10.50
CA PHE A 19 -24.08 -7.35 -9.41
C PHE A 19 -25.24 -6.42 -9.77
N ASP A 20 -25.45 -6.19 -11.04
CA ASP A 20 -26.57 -5.30 -11.49
C ASP A 20 -27.82 -6.13 -11.81
N LYS A 21 -28.91 -5.85 -11.16
CA LYS A 21 -30.17 -6.62 -11.43
C LYS A 21 -30.61 -6.44 -12.89
N ASP A 22 -30.60 -5.24 -13.39
CA ASP A 22 -31.02 -4.99 -14.80
C ASP A 22 -29.97 -5.55 -15.79
N GLY A 23 -28.73 -5.60 -15.38
CA GLY A 23 -27.67 -6.14 -16.27
C GLY A 23 -27.36 -5.15 -17.41
N ASP A 24 -27.43 -3.87 -17.14
CA ASP A 24 -27.12 -2.87 -18.21
C ASP A 24 -25.68 -2.39 -18.09
N GLY A 25 -25.36 -1.25 -18.66
CA GLY A 25 -23.96 -0.74 -18.58
C GLY A 25 -23.95 0.61 -17.85
N THR A 26 -24.93 0.86 -17.01
CA THR A 26 -24.97 2.15 -16.27
C THR A 26 -25.11 1.92 -14.76
N ILE A 27 -24.48 2.75 -13.96
CA ILE A 27 -24.59 2.58 -12.48
C ILE A 27 -25.29 3.80 -11.88
N THR A 28 -26.24 3.57 -11.00
CA THR A 28 -26.96 4.73 -10.39
C THR A 28 -26.85 4.70 -8.86
N THR A 29 -26.97 5.84 -8.25
CA THR A 29 -26.87 5.92 -6.75
C THR A 29 -27.96 5.06 -6.10
N LYS A 30 -29.13 5.06 -6.67
CA LYS A 30 -30.23 4.22 -6.10
C LYS A 30 -29.89 2.74 -6.30
N GLU A 31 -29.53 2.37 -7.50
CA GLU A 31 -29.14 0.96 -7.79
C GLU A 31 -28.08 0.51 -6.79
N LEU A 32 -27.02 1.27 -6.68
CA LEU A 32 -25.96 0.93 -5.70
C LEU A 32 -26.53 1.03 -4.29
N GLY A 33 -27.42 1.95 -4.07
CA GLY A 33 -28.03 2.10 -2.71
C GLY A 33 -28.60 0.74 -2.29
N THR A 34 -29.41 0.16 -3.13
CA THR A 34 -29.98 -1.18 -2.79
C THR A 34 -28.85 -2.21 -2.66
N VAL A 35 -27.87 -2.17 -3.54
CA VAL A 35 -26.77 -3.17 -3.43
C VAL A 35 -26.03 -2.98 -2.09
N MET A 36 -25.51 -1.81 -1.81
CA MET A 36 -24.78 -1.61 -0.52
C MET A 36 -25.71 -1.92 0.66
N ARG A 37 -26.98 -1.63 0.55
CA ARG A 37 -27.90 -1.96 1.69
C ARG A 37 -27.88 -3.47 1.92
N SER A 38 -27.90 -4.24 0.86
CA SER A 38 -27.86 -5.72 1.01
C SER A 38 -26.65 -6.17 1.86
N LEU A 39 -25.62 -5.35 1.94
CA LEU A 39 -24.43 -5.72 2.76
C LEU A 39 -24.84 -5.75 4.24
N GLY A 40 -25.58 -4.77 4.67
CA GLY A 40 -26.02 -4.70 6.08
C GLY A 40 -25.77 -3.28 6.61
N GLN A 41 -25.42 -3.15 7.87
CA GLN A 41 -25.15 -1.79 8.45
C GLN A 41 -26.29 -0.83 8.14
N ASN A 42 -26.05 0.45 8.22
CA ASN A 42 -27.13 1.44 7.92
C ASN A 42 -26.55 2.63 7.15
N PRO A 43 -26.36 2.45 5.86
CA PRO A 43 -25.80 3.54 5.03
C PRO A 43 -26.80 4.69 4.89
N THR A 44 -26.33 5.91 4.96
CA THR A 44 -27.25 7.09 4.85
C THR A 44 -27.20 7.69 3.44
N GLU A 45 -28.25 8.36 3.05
CA GLU A 45 -28.29 8.97 1.70
C GLU A 45 -27.14 9.96 1.50
N ALA A 46 -26.71 10.62 2.54
CA ALA A 46 -25.58 11.59 2.41
C ALA A 46 -24.32 10.89 1.92
N GLU A 47 -23.97 9.78 2.54
CA GLU A 47 -22.76 9.04 2.10
C GLU A 47 -22.95 8.51 0.68
N LEU A 48 -24.14 8.09 0.35
CA LEU A 48 -24.39 7.57 -1.03
C LEU A 48 -24.11 8.66 -2.06
N GLN A 49 -24.65 9.83 -1.86
CA GLN A 49 -24.40 10.95 -2.81
C GLN A 49 -22.93 11.38 -2.79
N ASP A 50 -22.31 11.32 -1.65
CA ASP A 50 -20.87 11.73 -1.56
C ASP A 50 -19.97 10.72 -2.26
N MET A 51 -20.02 9.50 -1.81
CA MET A 51 -19.18 8.43 -2.43
C MET A 51 -19.46 8.33 -3.93
N ILE A 52 -20.70 8.37 -4.34
CA ILE A 52 -21.00 8.30 -5.80
C ILE A 52 -20.47 9.55 -6.50
N ASN A 53 -20.65 10.70 -5.90
CA ASN A 53 -20.14 11.95 -6.52
C ASN A 53 -18.62 11.88 -6.67
N GLU A 54 -17.96 11.09 -5.86
CA GLU A 54 -16.47 10.96 -5.96
C GLU A 54 -16.05 10.10 -7.17
N VAL A 55 -16.82 9.09 -7.52
CA VAL A 55 -16.41 8.20 -8.65
C VAL A 55 -17.13 8.61 -9.94
N ASP A 56 -17.86 9.69 -9.93
CA ASP A 56 -18.57 10.13 -11.16
C ASP A 56 -17.76 11.20 -11.90
N ALA A 57 -17.06 10.82 -12.95
CA ALA A 57 -16.24 11.80 -13.72
C ALA A 57 -16.98 13.12 -13.96
N ASP A 58 -18.05 13.10 -14.72
CA ASP A 58 -18.82 14.37 -14.95
C ASP A 58 -19.35 14.87 -13.61
N GLY A 59 -19.65 13.95 -12.72
CA GLY A 59 -20.14 14.34 -11.36
C GLY A 59 -21.64 14.59 -11.37
N ASN A 60 -22.39 13.89 -12.20
CA ASN A 60 -23.86 14.10 -12.20
C ASN A 60 -24.51 13.23 -11.09
N GLY A 61 -23.70 12.65 -10.22
CA GLY A 61 -24.25 11.82 -9.12
C GLY A 61 -24.49 10.38 -9.57
N THR A 62 -23.74 9.87 -10.53
CA THR A 62 -23.96 8.47 -10.98
C THR A 62 -22.69 7.97 -11.66
N ILE A 63 -22.58 6.68 -11.86
CA ILE A 63 -21.34 6.13 -12.49
C ILE A 63 -21.67 5.31 -13.74
N ASP A 64 -20.71 5.15 -14.62
CA ASP A 64 -20.93 4.35 -15.86
C ASP A 64 -19.77 3.37 -16.06
N PHE A 65 -19.89 2.45 -16.98
CA PHE A 65 -18.77 1.47 -17.19
C PHE A 65 -17.53 2.18 -17.76
N PRO A 66 -17.69 2.92 -18.83
CA PRO A 66 -16.54 3.62 -19.43
C PRO A 66 -16.06 4.74 -18.49
N GLU A 67 -16.96 5.58 -18.05
CA GLU A 67 -16.57 6.69 -17.14
C GLU A 67 -15.81 6.16 -15.92
N PHE A 68 -16.36 5.19 -15.25
CA PHE A 68 -15.67 4.62 -14.04
C PHE A 68 -14.33 4.00 -14.43
N LEU A 69 -14.33 3.08 -15.36
CA LEU A 69 -13.05 2.43 -15.77
C LEU A 69 -12.05 3.46 -16.30
N THR A 70 -12.52 4.44 -17.04
CA THR A 70 -11.58 5.47 -17.56
C THR A 70 -10.92 6.23 -16.40
N MET A 71 -11.70 6.64 -15.43
CA MET A 71 -11.11 7.38 -14.27
C MET A 71 -10.13 6.47 -13.52
N MET A 72 -10.47 5.23 -13.35
CA MET A 72 -9.58 4.29 -12.63
C MET A 72 -8.27 4.08 -13.40
N ALA A 73 -8.34 3.99 -14.70
CA ALA A 73 -7.10 3.79 -15.51
C ALA A 73 -6.25 5.06 -15.52
N ARG A 74 -6.85 6.18 -15.85
CA ARG A 74 -6.07 7.46 -15.89
C ARG A 74 -5.53 7.80 -14.50
N LYS A 75 -6.24 7.46 -13.46
CA LYS A 75 -5.76 7.79 -12.09
C LYS A 75 -4.41 7.10 -11.82
N MET A 76 -4.25 5.88 -12.24
CA MET A 76 -2.96 5.17 -12.02
C MET A 76 -2.65 4.22 -13.18
N LYS A 77 -1.64 4.53 -13.95
CA LYS A 77 -1.28 3.64 -15.10
C LYS A 77 -0.29 2.56 -14.64
N ASP A 78 0.16 2.62 -13.41
CA ASP A 78 1.13 1.60 -12.90
C ASP A 78 0.40 0.30 -12.54
N THR A 79 1.13 -0.77 -12.41
CA THR A 79 0.51 -2.09 -12.06
C THR A 79 -0.31 -1.96 -10.77
N ASP A 80 0.03 -1.00 -9.94
CA ASP A 80 -0.71 -0.80 -8.63
C ASP A 80 -1.01 -2.13 -7.94
N SER A 81 -0.02 -2.96 -7.79
CA SER A 81 -0.22 -4.27 -7.10
C SER A 81 -0.72 -4.06 -5.67
N GLU A 82 -0.40 -2.94 -5.07
CA GLU A 82 -0.84 -2.66 -3.66
C GLU A 82 -0.37 -3.79 -2.73
N GLU A 83 0.84 -4.24 -2.90
CA GLU A 83 1.37 -5.33 -2.02
C GLU A 83 1.46 -4.84 -0.57
N GLU A 84 1.61 -3.55 -0.37
CA GLU A 84 1.69 -2.97 1.02
C GLU A 84 2.83 -3.57 1.85
N ILE A 85 2.79 -4.83 2.14
CA ILE A 85 3.87 -5.46 2.96
C ILE A 85 5.17 -5.49 2.15
N ARG A 86 5.07 -5.54 0.84
CA ARG A 86 6.31 -5.53 0.00
C ARG A 86 7.06 -4.23 0.26
N GLU A 87 6.37 -3.12 0.31
CA GLU A 87 7.03 -1.82 0.58
C GLU A 87 7.73 -1.89 1.93
N ALA A 88 7.14 -2.58 2.88
CA ALA A 88 7.78 -2.72 4.21
C ALA A 88 9.13 -3.41 4.00
N PHE A 89 9.11 -4.45 3.22
CA PHE A 89 10.38 -5.19 2.93
C PHE A 89 11.36 -4.28 2.18
N ARG A 90 10.88 -3.52 1.22
CA ARG A 90 11.81 -2.62 0.48
C ARG A 90 12.45 -1.59 1.42
N VAL A 91 11.73 -1.14 2.41
CA VAL A 91 12.32 -0.14 3.35
C VAL A 91 13.24 -0.84 4.36
N PHE A 92 12.90 -2.05 4.76
CA PHE A 92 13.75 -2.78 5.75
C PHE A 92 15.17 -2.92 5.20
N ASP A 93 15.29 -3.13 3.92
CA ASP A 93 16.64 -3.33 3.35
C ASP A 93 16.84 -2.59 2.03
N LYS A 94 17.22 -1.34 2.12
CA LYS A 94 17.45 -0.50 0.89
C LYS A 94 18.08 -1.36 -0.20
N ASP A 95 18.93 -2.28 0.22
CA ASP A 95 19.59 -3.26 -0.70
C ASP A 95 18.82 -3.43 -2.01
N GLY A 96 17.56 -3.76 -1.90
CA GLY A 96 16.72 -3.98 -3.10
C GLY A 96 16.23 -5.44 -3.14
N ASN A 97 15.84 -5.98 -1.99
CA ASN A 97 15.32 -7.38 -1.96
C ASN A 97 14.17 -7.46 -0.94
N GLY A 98 13.66 -8.64 -0.70
CA GLY A 98 12.52 -8.76 0.27
C GLY A 98 12.93 -9.57 1.49
N TYR A 99 14.10 -9.35 2.02
CA TYR A 99 14.52 -10.14 3.23
C TYR A 99 14.97 -9.20 4.36
N ILE A 100 14.41 -9.35 5.54
CA ILE A 100 14.84 -8.48 6.68
C ILE A 100 15.95 -9.17 7.46
N SER A 101 17.11 -8.57 7.50
CA SER A 101 18.24 -9.19 8.26
C SER A 101 18.22 -8.61 9.68
N ALA A 102 18.81 -9.29 10.63
CA ALA A 102 18.81 -8.77 12.03
C ALA A 102 19.31 -7.31 12.04
N ALA A 103 20.34 -7.03 11.29
CA ALA A 103 20.85 -5.62 11.24
C ALA A 103 19.79 -4.71 10.63
N GLU A 104 19.22 -5.10 9.51
CA GLU A 104 18.18 -4.26 8.86
C GLU A 104 17.01 -4.08 9.83
N LEU A 105 16.64 -5.12 10.51
CA LEU A 105 15.53 -5.01 11.50
C LEU A 105 15.91 -3.93 12.53
N ARG A 106 17.12 -3.99 13.02
CA ARG A 106 17.58 -2.94 13.98
C ARG A 106 17.40 -1.58 13.30
N HIS A 107 17.58 -1.53 12.01
CA HIS A 107 17.40 -0.23 11.28
C HIS A 107 15.94 0.22 11.41
N VAL A 108 15.01 -0.69 11.23
CA VAL A 108 13.59 -0.28 11.40
C VAL A 108 13.43 0.21 12.84
N MET A 109 14.12 -0.38 13.78
CA MET A 109 14.01 0.12 15.18
C MET A 109 14.51 1.55 15.22
N THR A 110 15.58 1.83 14.50
CA THR A 110 16.12 3.22 14.47
C THR A 110 14.95 4.15 14.16
N ASN A 111 14.09 3.76 13.26
CA ASN A 111 12.91 4.64 12.93
C ASN A 111 11.99 4.87 14.16
N LEU A 112 11.80 3.88 15.03
CA LEU A 112 10.88 4.08 16.21
C LEU A 112 11.64 4.32 17.52
N GLY A 113 12.85 3.85 17.61
CA GLY A 113 13.66 4.04 18.86
C GLY A 113 14.59 2.84 19.01
N GLU A 114 14.68 2.25 20.17
CA GLU A 114 15.50 1.02 20.38
C GLU A 114 16.85 0.99 19.64
N LYS A 115 17.69 0.08 20.08
CA LYS A 115 19.05 -0.08 19.49
C LYS A 115 19.39 -1.58 19.40
N LEU A 116 19.03 -2.34 20.41
CA LEU A 116 19.29 -3.82 20.42
C LEU A 116 20.77 -4.16 20.25
N THR A 117 21.14 -5.30 20.76
CA THR A 117 22.53 -5.81 20.63
C THR A 117 22.46 -7.14 19.90
N ASP A 118 23.55 -7.83 19.75
CA ASP A 118 23.49 -9.16 19.08
C ASP A 118 22.52 -10.07 19.85
N GLU A 119 22.45 -9.88 21.13
CA GLU A 119 21.55 -10.71 21.98
C GLU A 119 20.07 -10.37 21.73
N GLU A 120 19.68 -9.12 21.89
CA GLU A 120 18.24 -8.76 21.69
C GLU A 120 17.84 -9.01 20.22
N VAL A 121 18.77 -8.87 19.32
CA VAL A 121 18.44 -9.13 17.89
C VAL A 121 18.20 -10.63 17.70
N ASP A 122 19.18 -11.44 18.05
CA ASP A 122 19.03 -12.92 17.90
C ASP A 122 17.73 -13.39 18.57
N GLU A 123 17.37 -12.78 19.68
CA GLU A 123 16.10 -13.15 20.35
C GLU A 123 14.91 -12.67 19.51
N MET A 124 15.02 -11.48 18.98
CA MET A 124 13.94 -10.91 18.13
C MET A 124 13.67 -11.80 16.90
N ILE A 125 14.70 -12.24 16.22
CA ILE A 125 14.49 -13.15 15.04
C ILE A 125 14.02 -14.50 15.56
N ARG A 126 14.59 -14.93 16.65
CA ARG A 126 14.21 -16.25 17.24
C ARG A 126 12.68 -16.34 17.41
N GLU A 127 12.05 -15.30 17.90
CA GLU A 127 10.56 -15.33 18.09
C GLU A 127 9.81 -15.47 16.76
N ALA A 128 10.44 -15.18 15.65
CA ALA A 128 9.72 -15.32 14.33
C ALA A 128 10.48 -16.21 13.36
N ASP A 129 11.48 -16.93 13.78
CA ASP A 129 12.26 -17.77 12.80
C ASP A 129 11.32 -18.60 11.88
N ILE A 130 11.03 -19.84 12.24
CA ILE A 130 10.20 -20.76 11.38
C ILE A 130 11.12 -21.31 10.30
N ASP A 131 11.65 -20.45 9.47
CA ASP A 131 12.61 -20.92 8.42
C ASP A 131 13.94 -21.28 9.10
N GLY A 132 14.30 -20.53 10.13
CA GLY A 132 15.55 -20.82 10.90
C GLY A 132 16.81 -20.35 10.16
N ASP A 133 16.75 -19.27 9.40
CA ASP A 133 17.97 -18.80 8.68
C ASP A 133 18.74 -17.73 9.48
N GLY A 134 18.32 -17.44 10.69
CA GLY A 134 19.05 -16.40 11.49
C GLY A 134 18.71 -14.99 10.98
N GLN A 135 17.71 -14.88 10.14
CA GLN A 135 17.30 -13.58 9.58
C GLN A 135 15.80 -13.67 9.41
N VAL A 136 15.12 -12.61 9.10
CA VAL A 136 13.64 -12.75 8.97
C VAL A 136 13.17 -12.64 7.54
N ASN A 137 12.44 -13.63 7.12
CA ASN A 137 11.89 -13.66 5.75
C ASN A 137 10.48 -13.07 5.75
N TYR A 138 9.80 -13.23 4.66
CA TYR A 138 8.40 -12.71 4.55
C TYR A 138 7.45 -13.47 5.48
N GLU A 139 7.54 -14.78 5.50
CA GLU A 139 6.62 -15.57 6.38
C GLU A 139 6.77 -15.18 7.85
N GLU A 140 7.97 -14.89 8.29
CA GLU A 140 8.16 -14.51 9.73
C GLU A 140 7.47 -13.18 10.04
N PHE A 141 7.80 -12.14 9.31
CA PHE A 141 7.16 -10.80 9.56
C PHE A 141 5.64 -10.90 9.39
N VAL A 142 5.19 -11.40 8.26
CA VAL A 142 3.72 -11.49 8.03
C VAL A 142 3.09 -12.37 9.11
N GLN A 143 3.77 -13.40 9.56
CA GLN A 143 3.20 -14.25 10.64
C GLN A 143 3.11 -13.45 11.94
N MET A 144 3.98 -12.47 12.14
CA MET A 144 3.88 -11.69 13.38
C MET A 144 2.69 -10.74 13.29
N MET A 145 2.74 -9.81 12.38
CA MET A 145 1.62 -8.83 12.23
C MET A 145 0.35 -9.49 11.69
N THR A 146 0.47 -10.57 10.97
CA THR A 146 -0.74 -11.26 10.43
C THR A 146 -0.69 -12.76 10.76
N ALA A 147 -1.78 -13.31 11.21
CA ALA A 147 -1.79 -14.77 11.55
C ALA A 147 -3.22 -15.26 11.77
N LYS A 148 -3.45 -16.53 11.58
CA LYS A 148 -4.82 -17.10 11.77
C LYS A 148 -5.86 -16.31 10.96
N GLY B 1 9.58 -4.21 26.58
CA GLY B 1 10.74 -3.28 26.54
C GLY B 1 12.00 -4.01 26.97
N SER B 2 11.91 -4.85 27.96
CA SER B 2 13.11 -5.61 28.43
C SER B 2 13.63 -6.51 27.31
N ARG B 3 12.78 -6.94 26.42
CA ARG B 3 13.22 -7.82 25.31
C ARG B 3 12.74 -7.27 23.97
N ALA B 4 13.28 -7.81 22.91
CA ALA B 4 12.90 -7.37 21.53
C ALA B 4 11.38 -7.21 21.33
N LYS B 5 10.58 -7.85 22.14
CA LYS B 5 9.08 -7.79 21.96
C LYS B 5 8.55 -6.38 21.60
N ALA B 6 8.72 -5.40 22.44
CA ALA B 6 8.18 -4.03 22.11
C ALA B 6 8.85 -3.43 20.87
N ASN B 7 10.15 -3.53 20.80
CA ASN B 7 10.87 -2.97 19.61
C ASN B 7 10.39 -3.68 18.34
N TRP B 8 10.24 -4.96 18.44
CA TRP B 8 9.76 -5.78 17.28
C TRP B 8 8.39 -5.29 16.84
N LEU B 9 7.52 -5.09 17.79
CA LEU B 9 6.16 -4.57 17.48
C LEU B 9 6.33 -3.31 16.64
N ARG B 10 7.04 -2.37 17.19
CA ARG B 10 7.29 -1.11 16.45
C ARG B 10 8.07 -1.38 15.17
N ALA B 11 8.83 -2.46 15.11
CA ALA B 11 9.62 -2.74 13.86
C ALA B 11 8.71 -3.14 12.68
N PHE B 12 8.16 -4.35 12.71
CA PHE B 12 7.26 -4.76 11.59
C PHE B 12 6.15 -3.71 11.45
N ASN B 13 5.68 -3.19 12.56
CA ASN B 13 4.63 -2.13 12.49
C ASN B 13 5.23 -0.84 11.94
N LYS B 14 6.50 -0.56 12.20
CA LYS B 14 7.11 0.70 11.67
C LYS B 14 6.94 0.72 10.17
N VAL B 15 7.24 -0.37 9.51
CA VAL B 15 7.03 -0.36 8.03
C VAL B 15 5.54 -0.45 7.71
N ARG B 16 4.79 -1.20 8.47
CA ARG B 16 3.33 -1.33 8.15
C ARG B 16 2.68 0.06 8.04
N MET B 17 3.01 0.95 8.94
CA MET B 17 2.45 2.33 8.86
C MET B 17 3.08 3.04 7.67
N GLN B 18 4.33 2.76 7.41
CA GLN B 18 5.06 3.40 6.28
C GLN B 18 4.48 2.95 4.92
N LEU B 19 3.92 1.77 4.85
CA LEU B 19 3.37 1.27 3.55
C LEU B 19 2.31 2.25 3.03
N GLN B 20 1.48 2.76 3.92
CA GLN B 20 0.40 3.70 3.49
C GLN B 20 1.00 4.99 2.90
N GLU B 21 2.16 5.39 3.36
CA GLU B 21 2.79 6.64 2.85
C GLU B 21 2.96 6.57 1.31
N ALA B 22 3.17 5.40 0.78
CA ALA B 22 3.34 5.27 -0.69
C ALA B 22 2.11 5.78 -1.43
N ARG B 23 0.94 5.61 -0.85
CA ARG B 23 -0.31 6.08 -1.53
C ARG B 23 -0.29 7.59 -1.72
N GLY B 24 -0.83 8.08 -2.80
CA GLY B 24 -0.87 9.54 -3.05
C GLY B 24 -2.18 10.13 -2.52
N GLU B 25 -2.39 11.41 -2.70
CA GLU B 25 -3.64 12.04 -2.20
C GLU B 25 -4.40 12.71 -3.36
N GLY B 26 -5.68 12.88 -3.22
CA GLY B 26 -6.48 13.52 -4.30
C GLY B 26 -7.08 12.44 -5.21
N GLU B 27 -7.89 12.83 -6.17
CA GLU B 27 -8.53 11.86 -7.10
C GLU B 27 -9.35 10.82 -6.34
N MET B 28 -8.73 9.77 -5.84
CA MET B 28 -9.49 8.72 -5.09
C MET B 28 -10.69 8.23 -5.90
N SER B 29 -10.55 8.13 -7.19
CA SER B 29 -11.70 7.67 -8.04
C SER B 29 -12.15 6.27 -7.61
N LYS B 30 -11.21 5.44 -7.19
CA LYS B 30 -11.59 4.06 -6.74
C LYS B 30 -12.24 4.11 -5.37
N SER B 31 -13.28 3.35 -5.18
CA SER B 31 -13.96 3.34 -3.85
C SER B 31 -14.48 1.94 -3.54
N LEU B 32 -15.40 1.42 -4.32
CA LEU B 32 -15.91 0.05 -4.04
C LEU B 32 -16.76 -0.50 -5.21
N TRP B 33 -17.48 0.34 -5.91
CA TRP B 33 -18.32 -0.16 -7.04
C TRP B 33 -17.45 -0.67 -8.19
N PHE B 34 -16.20 -0.27 -8.24
CA PHE B 34 -15.29 -0.74 -9.32
C PHE B 34 -15.24 -2.27 -9.35
N LYS B 35 -15.19 -2.89 -8.20
CA LYS B 35 -15.14 -4.38 -8.14
C LYS B 35 -16.34 -4.98 -8.90
N GLY B 36 -17.40 -4.24 -9.02
CA GLY B 36 -18.59 -4.75 -9.74
C GLY B 36 -18.67 -4.11 -11.13
N ALA A 1 2.23 18.88 6.88
CA ALA A 1 0.86 19.39 7.10
C ALA A 1 -0.08 18.90 5.99
N ASP A 2 -0.82 17.86 6.24
CA ASP A 2 -1.75 17.32 5.20
C ASP A 2 -2.75 18.40 4.77
N GLN A 3 -3.18 19.22 5.70
CA GLN A 3 -4.15 20.31 5.35
C GLN A 3 -3.40 21.61 5.07
N LEU A 4 -3.91 22.43 4.18
CA LEU A 4 -3.24 23.71 3.85
C LEU A 4 -3.64 24.79 4.86
N THR A 5 -2.71 25.63 5.24
CA THR A 5 -3.03 26.72 6.21
C THR A 5 -3.38 28.00 5.44
N GLU A 6 -3.99 28.95 6.11
CA GLU A 6 -4.38 30.22 5.42
C GLU A 6 -3.13 30.94 4.91
N GLU A 7 -2.07 30.96 5.67
CA GLU A 7 -0.82 31.66 5.23
C GLU A 7 -0.25 30.98 3.98
N GLN A 8 -0.21 29.68 3.97
CA GLN A 8 0.34 28.96 2.78
C GLN A 8 -0.49 29.30 1.53
N ILE A 9 -1.75 28.91 1.53
CA ILE A 9 -2.62 29.20 0.34
C ILE A 9 -2.52 30.69 -0.02
N ALA A 10 -2.55 31.56 0.97
CA ALA A 10 -2.44 33.03 0.68
C ALA A 10 -1.18 33.31 -0.14
N GLU A 11 -0.10 32.70 0.26
CA GLU A 11 1.19 32.89 -0.48
C GLU A 11 0.97 32.51 -1.96
N PHE A 12 0.22 31.46 -2.19
CA PHE A 12 -0.07 31.04 -3.59
C PHE A 12 -0.96 32.07 -4.26
N LYS A 13 -1.84 32.69 -3.51
CA LYS A 13 -2.73 33.73 -4.11
C LYS A 13 -1.89 34.87 -4.67
N GLU A 14 -0.89 35.30 -3.93
CA GLU A 14 -0.01 36.40 -4.42
C GLU A 14 0.82 35.91 -5.61
N ALA A 15 1.42 34.75 -5.48
CA ALA A 15 2.24 34.21 -6.61
C ALA A 15 1.33 33.97 -7.82
N PHE A 16 0.13 33.51 -7.59
CA PHE A 16 -0.82 33.25 -8.71
C PHE A 16 -1.17 34.57 -9.40
N SER A 17 -1.43 35.60 -8.63
CA SER A 17 -1.78 36.91 -9.24
C SER A 17 -0.59 37.44 -10.07
N LEU A 18 0.59 37.37 -9.52
CA LEU A 18 1.79 37.85 -10.26
C LEU A 18 2.09 36.91 -11.44
N PHE A 19 1.76 35.66 -11.30
CA PHE A 19 2.03 34.67 -12.40
C PHE A 19 1.31 35.07 -13.70
N ASP A 20 0.33 35.94 -13.64
CA ASP A 20 -0.38 36.34 -14.89
C ASP A 20 -0.70 37.84 -14.90
N LYS A 21 -0.65 38.45 -16.05
CA LYS A 21 -0.92 39.90 -16.16
C LYS A 21 -2.37 40.22 -15.76
N ASP A 22 -3.29 39.35 -16.08
CA ASP A 22 -4.72 39.61 -15.73
C ASP A 22 -4.92 39.59 -14.21
N GLY A 23 -4.09 38.89 -13.48
CA GLY A 23 -4.23 38.85 -12.00
C GLY A 23 -5.48 38.05 -11.60
N ASP A 24 -6.03 37.29 -12.51
CA ASP A 24 -7.24 36.48 -12.16
C ASP A 24 -6.84 35.23 -11.37
N GLY A 25 -7.79 34.41 -11.03
CA GLY A 25 -7.46 33.17 -10.25
C GLY A 25 -7.45 31.96 -11.19
N THR A 26 -7.22 32.18 -12.46
CA THR A 26 -7.20 31.02 -13.41
C THR A 26 -5.88 30.98 -14.19
N ILE A 27 -5.34 29.80 -14.36
CA ILE A 27 -4.05 29.66 -15.13
C ILE A 27 -4.25 28.72 -16.32
N THR A 28 -4.15 29.26 -17.52
CA THR A 28 -4.35 28.43 -18.74
C THR A 28 -3.03 27.84 -19.24
N THR A 29 -3.11 27.03 -20.27
CA THR A 29 -1.88 26.40 -20.84
C THR A 29 -1.02 27.45 -21.56
N LYS A 30 -1.66 28.40 -22.16
CA LYS A 30 -0.93 29.47 -22.89
C LYS A 30 -0.06 30.24 -21.90
N GLU A 31 -0.66 30.76 -20.85
CA GLU A 31 0.14 31.50 -19.82
C GLU A 31 1.29 30.59 -19.37
N LEU A 32 1.05 29.31 -19.31
CA LEU A 32 2.13 28.36 -18.93
C LEU A 32 3.20 28.41 -20.01
N GLY A 33 2.78 28.48 -21.25
CA GLY A 33 3.75 28.53 -22.37
C GLY A 33 4.68 29.72 -22.17
N THR A 34 4.15 30.88 -21.86
CA THR A 34 5.03 32.07 -21.62
C THR A 34 5.95 31.78 -20.43
N VAL A 35 5.40 31.28 -19.36
CA VAL A 35 6.23 30.98 -18.16
C VAL A 35 7.31 29.98 -18.54
N MET A 36 6.92 28.84 -19.04
CA MET A 36 7.93 27.81 -19.40
C MET A 36 8.88 28.38 -20.47
N ARG A 37 8.39 29.23 -21.34
CA ARG A 37 9.29 29.85 -22.36
C ARG A 37 10.44 30.53 -21.61
N SER A 38 10.14 31.16 -20.51
CA SER A 38 11.20 31.81 -19.68
C SER A 38 12.28 30.78 -19.28
N LEU A 39 11.97 29.50 -19.35
CA LEU A 39 13.00 28.47 -19.01
C LEU A 39 12.88 27.25 -19.94
N GLY A 40 12.46 27.47 -21.16
CA GLY A 40 12.33 26.34 -22.13
C GLY A 40 12.88 26.77 -23.49
N GLN A 41 13.99 26.23 -23.88
CA GLN A 41 14.59 26.62 -25.20
C GLN A 41 13.67 26.21 -26.35
N ASN A 42 13.09 25.03 -26.27
CA ASN A 42 12.18 24.57 -27.36
C ASN A 42 10.89 23.97 -26.78
N PRO A 43 10.02 24.83 -26.32
CA PRO A 43 8.74 24.35 -25.73
C PRO A 43 7.80 23.85 -26.82
N THR A 44 7.27 22.66 -26.66
CA THR A 44 6.34 22.10 -27.69
C THR A 44 4.89 22.27 -27.22
N GLU A 45 3.99 22.59 -28.11
CA GLU A 45 2.56 22.77 -27.71
C GLU A 45 1.99 21.45 -27.21
N ALA A 46 2.38 20.35 -27.82
CA ALA A 46 1.84 19.02 -27.37
C ALA A 46 2.20 18.78 -25.91
N GLU A 47 3.46 18.88 -25.58
CA GLU A 47 3.88 18.68 -24.16
C GLU A 47 3.21 19.72 -23.26
N LEU A 48 3.08 20.93 -23.76
CA LEU A 48 2.42 22.00 -22.94
C LEU A 48 1.03 21.55 -22.54
N GLN A 49 0.25 21.09 -23.49
CA GLN A 49 -1.12 20.62 -23.17
C GLN A 49 -1.06 19.39 -22.27
N ASP A 50 -0.11 18.53 -22.47
CA ASP A 50 0.00 17.33 -21.61
C ASP A 50 0.28 17.72 -20.15
N MET A 51 1.32 18.48 -19.94
CA MET A 51 1.68 18.90 -18.55
C MET A 51 0.53 19.66 -17.90
N ILE A 52 -0.10 20.53 -18.63
CA ILE A 52 -1.23 21.31 -18.04
C ILE A 52 -2.48 20.43 -17.89
N ASN A 53 -2.77 19.63 -18.89
CA ASN A 53 -3.98 18.76 -18.81
C ASN A 53 -3.92 17.84 -17.59
N GLU A 54 -2.76 17.33 -17.24
CA GLU A 54 -2.67 16.40 -16.07
C GLU A 54 -2.68 17.14 -14.71
N VAL A 55 -2.27 18.38 -14.64
CA VAL A 55 -2.23 19.08 -13.32
C VAL A 55 -3.64 19.54 -12.90
N ASP A 56 -4.64 19.28 -13.70
CA ASP A 56 -6.01 19.72 -13.31
C ASP A 56 -6.85 18.55 -12.80
N ALA A 57 -7.75 18.82 -11.89
CA ALA A 57 -8.62 17.75 -11.32
C ALA A 57 -9.85 17.50 -12.20
N ASP A 58 -10.58 18.53 -12.57
CA ASP A 58 -11.80 18.31 -13.41
C ASP A 58 -11.45 18.30 -14.91
N GLY A 59 -10.21 18.56 -15.25
CA GLY A 59 -9.81 18.55 -16.70
C GLY A 59 -9.80 19.97 -17.27
N ASN A 60 -10.58 20.20 -18.29
CA ASN A 60 -10.62 21.55 -18.95
C ASN A 60 -9.25 21.93 -19.53
N GLY A 61 -8.30 21.02 -19.52
CA GLY A 61 -6.92 21.35 -20.06
C GLY A 61 -6.47 22.70 -19.50
N THR A 62 -6.86 23.02 -18.30
CA THR A 62 -6.50 24.32 -17.69
C THR A 62 -6.56 24.15 -16.18
N ILE A 63 -5.86 24.94 -15.42
CA ILE A 63 -5.91 24.75 -13.94
C ILE A 63 -6.44 26.01 -13.24
N ASP A 64 -7.08 25.83 -12.12
CA ASP A 64 -7.61 26.99 -11.35
C ASP A 64 -7.16 26.88 -9.89
N PHE A 65 -7.18 27.96 -9.18
CA PHE A 65 -6.73 27.94 -7.74
C PHE A 65 -7.43 26.82 -6.92
N PRO A 66 -8.73 26.74 -7.01
CA PRO A 66 -9.47 25.71 -6.22
C PRO A 66 -9.17 24.28 -6.67
N GLU A 67 -9.30 23.98 -7.93
CA GLU A 67 -9.02 22.59 -8.39
C GLU A 67 -7.50 22.29 -8.33
N PHE A 68 -6.68 23.25 -8.64
CA PHE A 68 -5.20 23.01 -8.58
C PHE A 68 -4.80 22.71 -7.12
N LEU A 69 -5.24 23.53 -6.20
CA LEU A 69 -4.90 23.29 -4.77
C LEU A 69 -5.48 21.94 -4.33
N THR A 70 -6.67 21.63 -4.75
CA THR A 70 -7.28 20.31 -4.37
C THR A 70 -6.38 19.18 -4.86
N MET A 71 -5.90 19.28 -6.08
CA MET A 71 -5.00 18.21 -6.61
C MET A 71 -3.72 18.14 -5.78
N MET A 72 -3.18 19.28 -5.40
CA MET A 72 -1.93 19.26 -4.58
C MET A 72 -2.20 18.57 -3.24
N ALA A 73 -3.33 18.82 -2.64
CA ALA A 73 -3.65 18.18 -1.34
C ALA A 73 -4.21 16.76 -1.54
N ARG A 74 -4.66 16.46 -2.74
CA ARG A 74 -5.22 15.09 -3.01
C ARG A 74 -4.10 14.07 -3.23
N LYS A 75 -2.85 14.48 -3.13
CA LYS A 75 -1.73 13.50 -3.33
C LYS A 75 -1.83 12.34 -2.33
N MET A 76 -2.31 12.62 -1.15
CA MET A 76 -2.42 11.54 -0.12
C MET A 76 -3.71 10.72 -0.34
N LYS A 77 -3.62 9.42 -0.26
CA LYS A 77 -4.83 8.56 -0.46
C LYS A 77 -5.29 7.97 0.87
N ASP A 78 -6.58 7.80 1.03
CA ASP A 78 -7.11 7.23 2.31
C ASP A 78 -6.59 5.80 2.53
N THR A 79 -6.39 5.06 1.46
CA THR A 79 -5.90 3.66 1.62
C THR A 79 -4.49 3.50 1.05
N ASP A 80 -3.81 2.45 1.41
CA ASP A 80 -2.42 2.20 0.89
C ASP A 80 -2.44 1.17 -0.23
N SER A 81 -1.31 0.90 -0.82
CA SER A 81 -1.25 -0.11 -1.93
C SER A 81 -1.74 -1.47 -1.41
N GLU A 82 -2.24 -2.30 -2.29
CA GLU A 82 -2.75 -3.64 -1.84
C GLU A 82 -1.61 -4.53 -1.34
N GLU A 83 -0.45 -4.42 -1.91
CA GLU A 83 0.69 -5.28 -1.46
C GLU A 83 1.08 -4.97 -0.02
N GLU A 84 1.37 -3.72 0.27
CA GLU A 84 1.73 -3.27 1.68
C GLU A 84 3.01 -3.96 2.21
N ILE A 85 3.02 -5.26 2.30
CA ILE A 85 4.23 -5.97 2.84
C ILE A 85 5.44 -5.80 1.90
N ARG A 86 5.21 -5.67 0.62
CA ARG A 86 6.35 -5.49 -0.32
C ARG A 86 7.03 -4.14 -0.04
N GLU A 87 6.25 -3.09 0.08
CA GLU A 87 6.84 -1.76 0.38
C GLU A 87 7.59 -1.84 1.70
N ALA A 88 7.07 -2.60 2.63
CA ALA A 88 7.75 -2.77 3.93
C ALA A 88 9.14 -3.33 3.66
N PHE A 89 9.22 -4.34 2.84
CA PHE A 89 10.56 -4.90 2.49
C PHE A 89 11.41 -3.82 1.83
N ARG A 90 10.81 -2.98 1.03
CA ARG A 90 11.60 -1.90 0.38
C ARG A 90 12.16 -0.97 1.47
N VAL A 91 11.43 -0.74 2.54
CA VAL A 91 11.98 0.16 3.60
C VAL A 91 13.04 -0.60 4.40
N PHE A 92 12.84 -1.88 4.66
CA PHE A 92 13.88 -2.67 5.39
C PHE A 92 15.13 -2.71 4.52
N ASP A 93 14.92 -2.79 3.23
CA ASP A 93 16.05 -2.87 2.25
C ASP A 93 15.45 -2.94 0.85
N LYS A 94 15.87 -2.12 -0.08
CA LYS A 94 15.31 -2.22 -1.46
C LYS A 94 16.21 -3.13 -2.29
N ASP A 95 17.40 -3.40 -1.78
CA ASP A 95 18.40 -4.26 -2.48
C ASP A 95 17.77 -5.27 -3.43
N GLY A 96 16.70 -5.91 -3.03
CA GLY A 96 16.09 -6.95 -3.93
C GLY A 96 16.14 -8.29 -3.20
N ASN A 97 17.07 -8.43 -2.28
CA ASN A 97 17.24 -9.71 -1.51
C ASN A 97 15.89 -10.30 -1.07
N GLY A 98 14.88 -9.48 -0.83
CA GLY A 98 13.55 -10.04 -0.45
C GLY A 98 13.49 -10.41 1.04
N TYR A 99 14.28 -9.81 1.90
CA TYR A 99 14.17 -10.18 3.34
C TYR A 99 14.70 -9.10 4.29
N ILE A 100 14.39 -9.26 5.55
CA ILE A 100 14.85 -8.29 6.60
C ILE A 100 16.01 -8.89 7.39
N SER A 101 17.09 -8.18 7.48
CA SER A 101 18.26 -8.69 8.24
C SER A 101 18.21 -8.16 9.67
N ALA A 102 18.86 -8.82 10.59
CA ALA A 102 18.85 -8.34 12.00
C ALA A 102 19.31 -6.87 12.04
N ALA A 103 20.28 -6.53 11.23
CA ALA A 103 20.76 -5.12 11.19
C ALA A 103 19.64 -4.23 10.64
N GLU A 104 19.10 -4.58 9.49
CA GLU A 104 18.01 -3.73 8.90
C GLU A 104 16.87 -3.58 9.90
N LEU A 105 16.49 -4.66 10.55
CA LEU A 105 15.41 -4.55 11.55
C LEU A 105 15.82 -3.55 12.62
N ARG A 106 17.05 -3.60 13.06
CA ARG A 106 17.54 -2.60 14.06
C ARG A 106 17.31 -1.19 13.50
N HIS A 107 17.49 -1.05 12.21
CA HIS A 107 17.26 0.28 11.56
C HIS A 107 15.78 0.65 11.76
N VAL A 108 14.90 -0.30 11.58
CA VAL A 108 13.47 0.00 11.82
C VAL A 108 13.33 0.45 13.28
N MET A 109 14.06 -0.17 14.20
CA MET A 109 13.98 0.26 15.62
C MET A 109 14.41 1.72 15.69
N THR A 110 15.41 2.08 14.93
CA THR A 110 15.87 3.49 14.93
C THR A 110 14.65 4.37 14.66
N ASN A 111 13.80 3.97 13.75
CA ASN A 111 12.58 4.79 13.46
C ASN A 111 11.76 5.01 14.75
N LEU A 112 11.65 4.01 15.62
CA LEU A 112 10.88 4.24 16.89
C LEU A 112 11.85 4.42 18.07
N GLY A 113 11.46 4.08 19.27
CA GLY A 113 12.38 4.28 20.43
C GLY A 113 12.87 2.94 20.98
N GLU A 114 14.15 2.68 20.86
CA GLU A 114 14.74 1.40 21.38
C GLU A 114 16.21 1.30 20.95
N LYS A 115 16.78 0.12 20.99
CA LYS A 115 18.21 -0.02 20.57
C LYS A 115 18.59 -1.50 20.41
N LEU A 116 18.24 -2.35 21.35
CA LEU A 116 18.58 -3.81 21.27
C LEU A 116 20.08 -4.05 21.08
N THR A 117 20.53 -5.19 21.51
CA THR A 117 21.96 -5.57 21.35
C THR A 117 22.02 -6.78 20.42
N ASP A 118 23.18 -7.29 20.13
CA ASP A 118 23.26 -8.49 19.23
C ASP A 118 22.43 -9.62 19.85
N GLU A 119 22.36 -9.64 21.15
CA GLU A 119 21.55 -10.69 21.86
C GLU A 119 20.06 -10.48 21.61
N GLU A 120 19.57 -9.27 21.84
CA GLU A 120 18.11 -9.01 21.63
C GLU A 120 17.76 -9.17 20.15
N VAL A 121 18.68 -8.84 19.27
CA VAL A 121 18.40 -9.00 17.82
C VAL A 121 18.27 -10.50 17.51
N ASP A 122 19.31 -11.25 17.76
CA ASP A 122 19.26 -12.72 17.51
C ASP A 122 18.01 -13.32 18.18
N GLU A 123 17.64 -12.78 19.30
CA GLU A 123 16.41 -13.27 20.00
C GLU A 123 15.17 -12.79 19.21
N MET A 124 15.20 -11.56 18.76
CA MET A 124 14.06 -11.01 17.96
C MET A 124 13.82 -11.87 16.71
N ILE A 125 14.88 -12.23 16.02
CA ILE A 125 14.71 -13.08 14.82
C ILE A 125 14.34 -14.49 15.28
N ARG A 126 14.90 -14.91 16.39
CA ARG A 126 14.60 -16.28 16.92
C ARG A 126 13.09 -16.47 17.04
N GLU A 127 12.39 -15.50 17.56
CA GLU A 127 10.90 -15.64 17.70
C GLU A 127 10.20 -15.73 16.33
N ALA A 128 10.78 -15.13 15.31
CA ALA A 128 10.15 -15.22 13.95
C ALA A 128 10.89 -16.21 13.06
N ASP A 129 12.01 -16.74 13.50
CA ASP A 129 12.78 -17.68 12.65
C ASP A 129 12.03 -18.99 12.41
N ILE A 130 11.00 -18.95 11.62
CA ILE A 130 10.22 -20.20 11.32
C ILE A 130 11.03 -21.03 10.33
N ASP A 131 11.52 -20.39 9.29
CA ASP A 131 12.34 -21.10 8.27
C ASP A 131 13.70 -21.50 8.86
N GLY A 132 14.18 -20.78 9.84
CA GLY A 132 15.49 -21.15 10.48
C GLY A 132 16.70 -20.54 9.76
N ASP A 133 16.57 -19.40 9.11
CA ASP A 133 17.76 -18.83 8.40
C ASP A 133 18.46 -17.73 9.24
N GLY A 134 18.01 -17.47 10.45
CA GLY A 134 18.68 -16.45 11.31
C GLY A 134 18.34 -15.02 10.83
N GLN A 135 17.37 -14.87 9.97
CA GLN A 135 16.98 -13.53 9.47
C GLN A 135 15.49 -13.57 9.27
N VAL A 136 14.85 -12.46 9.10
CA VAL A 136 13.37 -12.52 8.95
C VAL A 136 12.92 -12.24 7.53
N ASN A 137 12.26 -13.20 6.95
CA ASN A 137 11.77 -13.06 5.57
C ASN A 137 10.31 -12.58 5.54
N TYR A 138 9.71 -12.70 4.40
CA TYR A 138 8.28 -12.27 4.21
C TYR A 138 7.32 -13.06 5.09
N GLU A 139 7.42 -14.35 5.09
CA GLU A 139 6.49 -15.18 5.92
C GLU A 139 6.67 -14.86 7.42
N GLU A 140 7.87 -14.56 7.82
CA GLU A 140 8.12 -14.25 9.26
C GLU A 140 7.47 -12.92 9.67
N PHE A 141 7.72 -11.87 8.92
CA PHE A 141 7.11 -10.54 9.25
C PHE A 141 5.58 -10.66 9.23
N VAL A 142 5.04 -11.10 8.12
CA VAL A 142 3.56 -11.22 8.03
C VAL A 142 3.05 -12.19 9.10
N GLN A 143 3.82 -13.19 9.46
CA GLN A 143 3.37 -14.13 10.52
C GLN A 143 3.39 -13.44 11.88
N MET A 144 4.25 -12.48 12.08
CA MET A 144 4.27 -11.81 13.41
C MET A 144 3.17 -10.73 13.49
N MET A 145 3.23 -9.75 12.64
CA MET A 145 2.20 -8.67 12.69
C MET A 145 0.82 -9.17 12.26
N THR A 146 0.75 -10.19 11.44
CA THR A 146 -0.58 -10.71 11.01
C THR A 146 -0.69 -12.19 11.33
N ALA A 147 -1.75 -12.60 11.97
CA ALA A 147 -1.92 -14.04 12.32
C ALA A 147 -3.34 -14.31 12.82
N LYS A 148 -3.78 -15.54 12.77
CA LYS A 148 -5.16 -15.88 13.24
C LYS A 148 -6.19 -14.98 12.57
N GLY B 1 10.58 -2.43 27.12
CA GLY B 1 10.72 -3.92 26.99
C GLY B 1 12.19 -4.29 26.98
N SER B 2 12.66 -4.94 28.01
CA SER B 2 14.10 -5.34 28.07
C SER B 2 14.46 -6.23 26.87
N ARG B 3 13.53 -7.04 26.42
CA ARG B 3 13.81 -7.94 25.27
C ARG B 3 13.29 -7.32 23.97
N ALA B 4 13.72 -7.88 22.87
CA ALA B 4 13.28 -7.39 21.53
C ALA B 4 11.76 -7.33 21.40
N LYS B 5 11.03 -8.04 22.23
CA LYS B 5 9.53 -8.06 22.12
C LYS B 5 8.90 -6.70 21.80
N ALA B 6 9.05 -5.73 22.66
CA ALA B 6 8.41 -4.40 22.40
C ALA B 6 9.00 -3.71 21.17
N ASN B 7 10.31 -3.70 21.05
CA ASN B 7 10.93 -3.05 19.85
C ASN B 7 10.45 -3.74 18.59
N TRP B 8 10.37 -5.05 18.64
CA TRP B 8 9.91 -5.84 17.46
C TRP B 8 8.51 -5.44 17.07
N LEU B 9 7.64 -5.37 18.04
CA LEU B 9 6.24 -4.95 17.77
C LEU B 9 6.27 -3.66 16.99
N ARG B 10 6.90 -2.68 17.57
CA ARG B 10 7.04 -1.37 16.88
C ARG B 10 7.90 -1.55 15.62
N ALA B 11 8.71 -2.57 15.55
CA ALA B 11 9.57 -2.76 14.34
C ALA B 11 8.73 -3.08 13.11
N PHE B 12 8.23 -4.29 13.00
CA PHE B 12 7.39 -4.63 11.80
C PHE B 12 6.22 -3.64 11.74
N ASN B 13 5.69 -3.25 12.88
CA ASN B 13 4.57 -2.26 12.88
C ASN B 13 5.05 -0.91 12.33
N LYS B 14 6.25 -0.48 12.69
CA LYS B 14 6.76 0.83 12.17
C LYS B 14 6.76 0.78 10.66
N VAL B 15 7.20 -0.32 10.10
CA VAL B 15 7.21 -0.40 8.62
C VAL B 15 5.77 -0.40 8.08
N ARG B 16 4.87 -1.14 8.70
CA ARG B 16 3.46 -1.17 8.19
C ARG B 16 2.91 0.25 8.05
N MET B 17 3.12 1.09 9.03
CA MET B 17 2.64 2.50 8.91
C MET B 17 3.44 3.18 7.80
N GLN B 18 4.68 2.83 7.69
CA GLN B 18 5.57 3.42 6.64
C GLN B 18 5.04 3.05 5.24
N LEU B 19 4.38 1.93 5.11
CA LEU B 19 3.85 1.52 3.77
C LEU B 19 2.94 2.63 3.22
N GLN B 20 2.26 3.32 4.09
CA GLN B 20 1.34 4.42 3.66
C GLN B 20 2.09 5.46 2.81
N GLU B 21 3.38 5.59 3.00
CA GLU B 21 4.16 6.58 2.20
C GLU B 21 4.03 6.28 0.70
N ALA B 22 3.85 5.03 0.35
CA ALA B 22 3.71 4.67 -1.09
C ALA B 22 2.48 5.34 -1.71
N ARG B 23 1.54 5.76 -0.91
CA ARG B 23 0.31 6.41 -1.46
C ARG B 23 0.68 7.53 -2.45
N GLY B 24 1.78 8.19 -2.23
CA GLY B 24 2.17 9.29 -3.17
C GLY B 24 2.35 8.71 -4.58
N GLU B 25 1.53 9.15 -5.50
CA GLU B 25 1.63 8.62 -6.91
C GLU B 25 3.01 8.96 -7.50
N GLY B 26 3.56 10.10 -7.14
CA GLY B 26 4.89 10.47 -7.69
C GLY B 26 4.84 11.89 -8.28
N GLU B 27 5.76 12.21 -9.14
CA GLU B 27 5.78 13.57 -9.76
C GLU B 27 4.52 13.82 -10.58
N MET B 28 3.89 12.77 -11.07
CA MET B 28 2.66 12.95 -11.90
C MET B 28 1.62 13.79 -11.16
N SER B 29 1.52 13.63 -9.85
CA SER B 29 0.53 14.43 -9.08
C SER B 29 0.83 15.93 -9.24
N LYS B 30 2.08 16.28 -9.33
CA LYS B 30 2.46 17.72 -9.48
C LYS B 30 3.57 17.88 -10.52
N SER B 31 3.21 17.83 -11.77
CA SER B 31 4.22 18.00 -12.85
C SER B 31 4.83 19.40 -12.77
N LEU B 32 5.26 19.95 -13.86
CA LEU B 32 5.87 21.33 -13.85
C LEU B 32 4.94 22.32 -13.13
N TRP B 33 5.32 23.58 -13.08
CA TRP B 33 4.48 24.63 -12.39
C TRP B 33 4.47 24.44 -10.86
N PHE B 34 4.51 23.23 -10.36
CA PHE B 34 4.51 23.04 -8.87
C PHE B 34 5.65 23.85 -8.23
N LYS B 35 6.80 23.82 -8.83
CA LYS B 35 7.95 24.60 -8.26
C LYS B 35 7.62 26.10 -8.26
N GLY B 36 6.66 26.51 -9.03
CA GLY B 36 6.29 27.95 -9.08
C GLY B 36 4.78 28.10 -8.81
N ALA A 1 -5.78 0.20 -22.33
CA ALA A 1 -6.60 -0.55 -23.31
C ALA A 1 -7.08 -1.87 -22.69
N ASP A 2 -8.25 -1.89 -22.12
CA ASP A 2 -8.78 -3.14 -21.51
C ASP A 2 -7.78 -3.70 -20.48
N GLN A 3 -7.26 -2.87 -19.64
CA GLN A 3 -6.26 -3.35 -18.62
C GLN A 3 -6.87 -4.44 -17.75
N LEU A 4 -8.15 -4.37 -17.48
CA LEU A 4 -8.80 -5.41 -16.63
C LEU A 4 -9.16 -6.64 -17.47
N THR A 5 -9.05 -7.80 -16.90
CA THR A 5 -9.39 -9.05 -17.63
C THR A 5 -10.88 -9.35 -17.45
N GLU A 6 -11.50 -9.98 -18.41
CA GLU A 6 -12.95 -10.30 -18.28
C GLU A 6 -13.22 -11.07 -17.00
N GLU A 7 -12.27 -11.88 -16.58
CA GLU A 7 -12.47 -12.65 -15.31
C GLU A 7 -12.52 -11.70 -14.11
N GLN A 8 -11.63 -10.74 -14.06
CA GLN A 8 -11.65 -9.77 -12.91
C GLN A 8 -12.97 -9.01 -12.87
N ILE A 9 -13.37 -8.47 -13.99
CA ILE A 9 -14.65 -7.72 -14.05
C ILE A 9 -15.83 -8.67 -13.81
N ALA A 10 -15.85 -9.77 -14.51
CA ALA A 10 -16.97 -10.77 -14.35
C ALA A 10 -17.14 -11.15 -12.88
N GLU A 11 -16.07 -11.43 -12.21
CA GLU A 11 -16.16 -11.82 -10.77
C GLU A 11 -16.77 -10.66 -9.96
N PHE A 12 -16.41 -9.45 -10.28
CA PHE A 12 -16.97 -8.28 -9.55
C PHE A 12 -18.48 -8.20 -9.83
N LYS A 13 -18.88 -8.52 -11.03
CA LYS A 13 -20.33 -8.47 -11.37
C LYS A 13 -21.10 -9.47 -10.50
N GLU A 14 -20.57 -10.66 -10.31
CA GLU A 14 -21.28 -11.66 -9.47
C GLU A 14 -21.29 -11.19 -8.01
N ALA A 15 -20.17 -10.71 -7.53
CA ALA A 15 -20.12 -10.22 -6.13
C ALA A 15 -21.03 -8.99 -5.99
N PHE A 16 -21.07 -8.17 -7.01
CA PHE A 16 -21.95 -6.98 -6.96
C PHE A 16 -23.41 -7.40 -6.86
N SER A 17 -23.82 -8.32 -7.70
CA SER A 17 -25.23 -8.80 -7.68
C SER A 17 -25.56 -9.41 -6.31
N LEU A 18 -24.67 -10.21 -5.78
CA LEU A 18 -24.93 -10.83 -4.45
C LEU A 18 -25.02 -9.74 -3.37
N PHE A 19 -24.19 -8.73 -3.49
CA PHE A 19 -24.22 -7.62 -2.48
C PHE A 19 -25.39 -6.68 -2.74
N ASP A 20 -25.67 -6.42 -4.00
CA ASP A 20 -26.80 -5.51 -4.33
C ASP A 20 -28.09 -6.32 -4.55
N LYS A 21 -29.08 -6.10 -3.71
CA LYS A 21 -30.35 -6.86 -3.86
C LYS A 21 -31.01 -6.59 -5.21
N ASP A 22 -31.05 -5.34 -5.63
CA ASP A 22 -31.69 -5.02 -6.95
C ASP A 22 -30.82 -5.53 -8.10
N GLY A 23 -29.53 -5.62 -7.91
CA GLY A 23 -28.63 -6.13 -8.98
C GLY A 23 -28.51 -5.11 -10.12
N ASP A 24 -28.76 -3.85 -9.84
CA ASP A 24 -28.64 -2.82 -10.91
C ASP A 24 -27.18 -2.42 -11.12
N GLY A 25 -26.92 -1.48 -11.98
CA GLY A 25 -25.52 -1.04 -12.23
C GLY A 25 -25.18 0.20 -11.40
N THR A 26 -25.99 0.50 -10.40
CA THR A 26 -25.70 1.71 -9.57
C THR A 26 -25.62 1.34 -8.08
N ILE A 27 -24.74 1.99 -7.36
CA ILE A 27 -24.58 1.70 -5.91
C ILE A 27 -25.06 2.89 -5.08
N THR A 28 -25.96 2.66 -4.16
CA THR A 28 -26.48 3.77 -3.30
C THR A 28 -25.94 3.64 -1.88
N THR A 29 -25.66 4.75 -1.25
CA THR A 29 -25.12 4.73 0.15
C THR A 29 -26.10 4.01 1.10
N LYS A 30 -27.37 4.13 0.84
CA LYS A 30 -28.37 3.46 1.73
C LYS A 30 -28.21 1.94 1.61
N GLU A 31 -28.24 1.42 0.40
CA GLU A 31 -28.09 -0.07 0.21
C GLU A 31 -26.87 -0.57 0.99
N LEU A 32 -25.79 0.14 0.86
CA LEU A 32 -24.55 -0.25 1.60
C LEU A 32 -24.75 0.03 3.08
N GLY A 33 -25.53 1.03 3.41
CA GLY A 33 -25.79 1.31 4.85
C GLY A 33 -26.31 0.02 5.47
N THR A 34 -27.32 -0.56 4.85
CA THR A 34 -27.87 -1.85 5.35
C THR A 34 -26.78 -2.93 5.29
N VAL A 35 -25.96 -2.93 4.25
CA VAL A 35 -24.89 -3.97 4.16
C VAL A 35 -23.94 -3.82 5.37
N MET A 36 -23.35 -2.66 5.53
CA MET A 36 -22.40 -2.46 6.65
C MET A 36 -23.07 -2.75 8.00
N ARG A 37 -24.33 -2.42 8.15
CA ARG A 37 -25.02 -2.72 9.43
C ARG A 37 -25.10 -4.24 9.63
N SER A 38 -25.42 -4.96 8.58
CA SER A 38 -25.51 -6.45 8.69
C SER A 38 -24.16 -7.06 9.08
N LEU A 39 -23.08 -6.41 8.73
CA LEU A 39 -21.72 -6.97 9.09
C LEU A 39 -21.17 -6.30 10.36
N GLY A 40 -22.03 -5.71 11.15
CA GLY A 40 -21.55 -5.05 12.40
C GLY A 40 -21.16 -3.60 12.11
N GLN A 41 -20.55 -2.93 13.08
CA GLN A 41 -20.14 -1.51 12.87
C GLN A 41 -21.35 -0.63 12.51
N ASN A 42 -21.66 0.33 13.34
CA ASN A 42 -22.82 1.22 13.05
C ASN A 42 -22.33 2.64 12.70
N PRO A 43 -21.98 2.83 11.45
CA PRO A 43 -21.49 4.16 11.00
C PRO A 43 -22.64 5.17 10.99
N THR A 44 -22.32 6.44 11.14
CA THR A 44 -23.38 7.48 11.15
C THR A 44 -23.70 7.90 9.70
N GLU A 45 -24.86 8.48 9.50
CA GLU A 45 -25.24 8.92 8.11
C GLU A 45 -24.14 9.79 7.50
N ALA A 46 -23.55 10.65 8.29
CA ALA A 46 -22.46 11.52 7.76
C ALA A 46 -21.27 10.65 7.36
N GLU A 47 -20.97 9.66 8.16
CA GLU A 47 -19.83 8.76 7.82
C GLU A 47 -20.14 8.00 6.53
N LEU A 48 -21.35 7.54 6.38
CA LEU A 48 -21.73 6.80 5.13
C LEU A 48 -21.55 7.73 3.93
N GLN A 49 -22.01 8.94 4.04
CA GLN A 49 -21.86 9.90 2.92
C GLN A 49 -20.39 10.17 2.65
N ASP A 50 -19.59 10.20 3.67
CA ASP A 50 -18.12 10.45 3.46
C ASP A 50 -17.49 9.29 2.69
N MET A 51 -17.62 8.09 3.20
CA MET A 51 -17.01 6.91 2.49
C MET A 51 -17.52 6.82 1.06
N ILE A 52 -18.79 7.00 0.85
CA ILE A 52 -19.32 6.94 -0.54
C ILE A 52 -18.76 8.14 -1.33
N ASN A 53 -18.65 9.26 -0.69
CA ASN A 53 -18.06 10.46 -1.37
C ASN A 53 -16.59 10.21 -1.67
N GLU A 54 -16.00 9.25 -0.98
CA GLU A 54 -14.55 8.93 -1.23
C GLU A 54 -14.41 7.95 -2.41
N VAL A 55 -15.25 6.94 -2.49
CA VAL A 55 -15.14 5.95 -3.60
C VAL A 55 -15.84 6.47 -4.87
N ASP A 56 -16.34 7.68 -4.83
CA ASP A 56 -17.01 8.26 -6.04
C ASP A 56 -15.99 9.00 -6.91
N ALA A 57 -16.32 9.25 -8.15
CA ALA A 57 -15.40 10.01 -9.04
C ALA A 57 -15.96 11.42 -9.20
N ASP A 58 -17.12 11.53 -9.79
CA ASP A 58 -17.76 12.87 -9.95
C ASP A 58 -18.07 13.42 -8.55
N GLY A 59 -18.35 12.53 -7.62
CA GLY A 59 -18.62 12.96 -6.22
C GLY A 59 -20.10 13.25 -6.00
N ASN A 60 -20.98 12.56 -6.68
CA ASN A 60 -22.43 12.80 -6.44
C ASN A 60 -22.87 11.99 -5.20
N GLY A 61 -21.94 11.37 -4.52
CA GLY A 61 -22.29 10.58 -3.30
C GLY A 61 -22.84 9.22 -3.71
N THR A 62 -22.40 8.69 -4.83
CA THR A 62 -22.94 7.37 -5.28
C THR A 62 -21.84 6.61 -6.02
N ILE A 63 -21.89 5.31 -6.04
CA ILE A 63 -20.80 4.56 -6.73
C ILE A 63 -21.37 3.69 -7.87
N ASP A 64 -20.56 3.43 -8.87
CA ASP A 64 -21.03 2.61 -10.02
C ASP A 64 -19.97 1.59 -10.41
N PHE A 65 -20.29 0.69 -11.30
CA PHE A 65 -19.29 -0.33 -11.73
C PHE A 65 -18.13 0.32 -12.50
N PRO A 66 -18.45 1.05 -13.55
CA PRO A 66 -17.39 1.69 -14.36
C PRO A 66 -16.68 2.79 -13.57
N GLU A 67 -17.42 3.69 -12.99
CA GLU A 67 -16.78 4.79 -12.20
C GLU A 67 -15.89 4.25 -11.08
N PHE A 68 -16.44 3.46 -10.22
CA PHE A 68 -15.65 2.91 -9.07
C PHE A 68 -14.50 2.02 -9.53
N LEU A 69 -14.76 1.08 -10.39
CA LEU A 69 -13.67 0.17 -10.84
C LEU A 69 -12.60 0.94 -11.63
N THR A 70 -12.98 1.93 -12.41
CA THR A 70 -11.95 2.71 -13.15
C THR A 70 -11.10 3.49 -12.15
N MET A 71 -11.72 4.07 -11.14
CA MET A 71 -10.92 4.83 -10.13
C MET A 71 -9.93 3.89 -9.44
N MET A 72 -10.37 2.71 -9.06
CA MET A 72 -9.43 1.76 -8.39
C MET A 72 -8.33 1.33 -9.36
N ALA A 73 -8.66 1.15 -10.60
CA ALA A 73 -7.62 0.72 -11.60
C ALA A 73 -6.56 1.81 -11.77
N ARG A 74 -6.96 3.06 -11.86
CA ARG A 74 -5.97 4.16 -12.03
C ARG A 74 -5.00 4.20 -10.84
N LYS A 75 -5.48 3.94 -9.65
CA LYS A 75 -4.60 3.97 -8.45
C LYS A 75 -3.46 2.96 -8.59
N MET A 76 -3.69 1.89 -9.31
CA MET A 76 -2.62 0.85 -9.47
C MET A 76 -1.48 1.40 -10.33
N LYS A 77 -0.26 1.20 -9.91
CA LYS A 77 0.91 1.69 -10.70
C LYS A 77 1.40 0.60 -11.65
N ASP A 78 2.11 0.98 -12.68
CA ASP A 78 2.63 -0.03 -13.65
C ASP A 78 3.48 -1.08 -12.93
N THR A 79 4.19 -0.68 -11.90
CA THR A 79 5.04 -1.65 -11.16
C THR A 79 4.19 -2.82 -10.64
N ASP A 80 2.97 -2.54 -10.22
CA ASP A 80 2.09 -3.63 -9.68
C ASP A 80 2.79 -4.41 -8.57
N SER A 81 3.43 -3.72 -7.67
CA SER A 81 4.13 -4.43 -6.55
C SER A 81 3.13 -5.26 -5.74
N GLU A 82 1.93 -4.77 -5.58
CA GLU A 82 0.87 -5.50 -4.81
C GLU A 82 1.36 -5.80 -3.38
N GLU A 83 0.46 -6.12 -2.49
CA GLU A 83 0.86 -6.42 -1.07
C GLU A 83 1.67 -5.27 -0.47
N GLU A 84 1.06 -4.46 0.34
CA GLU A 84 1.79 -3.31 0.97
C GLU A 84 2.98 -3.83 1.79
N ILE A 85 2.89 -5.03 2.29
CA ILE A 85 4.02 -5.60 3.08
C ILE A 85 5.23 -5.79 2.15
N ARG A 86 4.98 -5.95 0.87
CA ARG A 86 6.12 -6.08 -0.08
C ARG A 86 6.89 -4.77 -0.03
N GLU A 87 6.18 -3.67 0.02
CA GLU A 87 6.85 -2.35 0.10
C GLU A 87 7.61 -2.27 1.42
N ALA A 88 7.08 -2.86 2.47
CA ALA A 88 7.78 -2.86 3.76
C ALA A 88 9.14 -3.50 3.54
N PHE A 89 9.16 -4.56 2.79
CA PHE A 89 10.46 -5.22 2.47
C PHE A 89 11.33 -4.25 1.67
N ARG A 90 10.74 -3.54 0.74
CA ARG A 90 11.53 -2.57 -0.06
C ARG A 90 12.16 -1.52 0.86
N VAL A 91 11.52 -1.24 1.96
CA VAL A 91 12.09 -0.23 2.91
C VAL A 91 12.81 -0.94 4.07
N PHE A 92 12.60 -2.23 4.19
CA PHE A 92 13.28 -3.02 5.28
C PHE A 92 14.73 -3.23 4.90
N ASP A 93 15.03 -3.22 3.63
CA ASP A 93 16.43 -3.45 3.20
C ASP A 93 16.77 -2.66 1.95
N LYS A 94 17.55 -1.62 2.11
CA LYS A 94 17.95 -0.78 0.94
C LYS A 94 18.90 -1.62 0.09
N ASP A 95 18.37 -2.64 -0.54
CA ASP A 95 19.20 -3.54 -1.37
C ASP A 95 18.32 -4.24 -2.42
N GLY A 96 17.09 -4.54 -2.10
CA GLY A 96 16.21 -5.25 -3.07
C GLY A 96 16.34 -6.76 -2.83
N ASN A 97 16.27 -7.16 -1.58
CA ASN A 97 16.43 -8.60 -1.24
C ASN A 97 15.06 -9.24 -0.90
N GLY A 98 14.20 -8.53 -0.22
CA GLY A 98 12.86 -9.11 0.14
C GLY A 98 12.90 -9.78 1.53
N TYR A 99 14.03 -9.70 2.19
CA TYR A 99 14.15 -10.35 3.54
C TYR A 99 14.75 -9.36 4.54
N ILE A 100 14.35 -9.42 5.79
CA ILE A 100 14.90 -8.46 6.79
C ILE A 100 16.06 -9.11 7.54
N SER A 101 17.21 -8.49 7.55
CA SER A 101 18.37 -9.06 8.27
C SER A 101 18.44 -8.48 9.68
N ALA A 102 19.27 -9.04 10.53
CA ALA A 102 19.37 -8.49 11.92
C ALA A 102 19.79 -7.02 11.86
N ALA A 103 20.72 -6.70 11.00
CA ALA A 103 21.15 -5.28 10.88
C ALA A 103 19.98 -4.45 10.35
N GLU A 104 19.40 -4.83 9.25
CA GLU A 104 18.25 -4.07 8.67
C GLU A 104 17.17 -3.89 9.75
N LEU A 105 16.78 -4.94 10.41
CA LEU A 105 15.75 -4.81 11.47
C LEU A 105 16.20 -3.76 12.50
N ARG A 106 17.45 -3.80 12.89
CA ARG A 106 17.97 -2.79 13.85
C ARG A 106 17.68 -1.39 13.28
N HIS A 107 17.80 -1.28 11.97
CA HIS A 107 17.51 0.04 11.32
C HIS A 107 16.03 0.37 11.56
N VAL A 108 15.16 -0.59 11.32
CA VAL A 108 13.72 -0.34 11.59
C VAL A 108 13.56 0.01 13.06
N MET A 109 14.26 -0.68 13.94
CA MET A 109 14.16 -0.35 15.40
C MET A 109 14.56 1.10 15.59
N THR A 110 15.64 1.50 14.98
CA THR A 110 16.09 2.92 15.10
C THR A 110 14.90 3.84 14.80
N ASN A 111 14.11 3.48 13.82
CA ASN A 111 12.91 4.32 13.48
C ASN A 111 12.01 4.55 14.72
N LEU A 112 11.71 3.52 15.49
CA LEU A 112 10.84 3.73 16.70
C LEU A 112 11.72 4.09 17.91
N GLY A 113 12.94 3.67 17.90
CA GLY A 113 13.88 4.03 19.01
C GLY A 113 13.88 2.96 20.10
N GLU A 114 14.98 2.27 20.26
CA GLU A 114 15.03 1.22 21.32
C GLU A 114 16.45 0.95 21.85
N LYS A 115 17.46 0.92 21.02
CA LYS A 115 18.85 0.62 21.53
C LYS A 115 18.88 -0.77 22.16
N LEU A 116 18.80 -1.80 21.35
CA LEU A 116 18.81 -3.19 21.87
C LEU A 116 20.22 -3.78 21.84
N THR A 117 20.46 -4.80 22.62
CA THR A 117 21.79 -5.46 22.61
C THR A 117 21.83 -6.44 21.44
N ASP A 118 23.01 -6.77 20.95
CA ASP A 118 23.10 -7.72 19.79
C ASP A 118 22.28 -8.98 20.05
N GLU A 119 22.18 -9.39 21.29
CA GLU A 119 21.38 -10.61 21.63
C GLU A 119 19.89 -10.35 21.39
N GLU A 120 19.46 -9.11 21.50
CA GLU A 120 18.01 -8.80 21.27
C GLU A 120 17.69 -8.89 19.77
N VAL A 121 18.55 -8.34 18.96
CA VAL A 121 18.31 -8.39 17.49
C VAL A 121 18.38 -9.84 17.02
N ASP A 122 19.38 -10.55 17.46
CA ASP A 122 19.53 -11.98 17.06
C ASP A 122 18.31 -12.77 17.54
N GLU A 123 17.88 -12.58 18.76
CA GLU A 123 16.70 -13.33 19.26
C GLU A 123 15.42 -12.83 18.60
N MET A 124 15.37 -11.61 18.14
CA MET A 124 14.14 -11.13 17.46
C MET A 124 14.03 -11.84 16.11
N ILE A 125 15.14 -11.97 15.43
CA ILE A 125 15.11 -12.73 14.14
C ILE A 125 14.80 -14.19 14.47
N ARG A 126 15.24 -14.64 15.63
CA ARG A 126 14.94 -16.04 16.04
C ARG A 126 13.43 -16.20 16.21
N GLU A 127 12.78 -15.18 16.72
CA GLU A 127 11.29 -15.26 16.90
C GLU A 127 10.62 -15.42 15.53
N ALA A 128 11.06 -14.67 14.55
CA ALA A 128 10.46 -14.80 13.19
C ALA A 128 11.04 -16.02 12.49
N ASP A 129 12.27 -16.37 12.81
CA ASP A 129 12.93 -17.52 12.13
C ASP A 129 12.16 -18.82 12.32
N ILE A 130 11.02 -18.92 11.71
CA ILE A 130 10.22 -20.18 11.79
C ILE A 130 10.99 -21.23 10.97
N ASP A 131 11.56 -20.81 9.88
CA ASP A 131 12.38 -21.74 9.04
C ASP A 131 13.83 -21.78 9.56
N GLY A 132 14.15 -20.91 10.49
CA GLY A 132 15.52 -20.90 11.09
C GLY A 132 16.61 -20.50 10.09
N ASP A 133 16.43 -19.45 9.32
CA ASP A 133 17.50 -19.06 8.35
C ASP A 133 18.36 -17.88 8.89
N GLY A 134 18.10 -17.42 10.08
CA GLY A 134 18.92 -16.29 10.65
C GLY A 134 18.46 -14.94 10.09
N GLN A 135 17.31 -14.90 9.46
CA GLN A 135 16.78 -13.63 8.89
C GLN A 135 15.27 -13.74 8.93
N VAL A 136 14.56 -12.72 8.59
CA VAL A 136 13.08 -12.84 8.65
C VAL A 136 12.44 -12.74 7.28
N ASN A 137 11.66 -13.73 6.95
CA ASN A 137 10.99 -13.76 5.62
C ASN A 137 9.67 -13.00 5.68
N TYR A 138 8.96 -13.02 4.60
CA TYR A 138 7.63 -12.33 4.51
C TYR A 138 6.61 -13.02 5.38
N GLU A 139 6.50 -14.32 5.28
CA GLU A 139 5.51 -15.06 6.12
C GLU A 139 5.82 -14.84 7.60
N GLU A 140 7.06 -14.66 7.92
CA GLU A 140 7.43 -14.42 9.35
C GLU A 140 7.05 -12.99 9.74
N PHE A 141 7.39 -12.01 8.94
CA PHE A 141 6.99 -10.60 9.25
C PHE A 141 5.48 -10.52 9.41
N VAL A 142 4.76 -10.95 8.40
CA VAL A 142 3.27 -10.90 8.48
C VAL A 142 2.81 -11.77 9.65
N GLN A 143 3.50 -12.84 9.94
CA GLN A 143 3.11 -13.69 11.09
C GLN A 143 3.31 -12.90 12.40
N MET A 144 4.23 -11.96 12.41
CA MET A 144 4.43 -11.16 13.64
C MET A 144 3.35 -10.07 13.75
N MET A 145 3.29 -9.19 12.79
CA MET A 145 2.30 -8.09 12.82
C MET A 145 0.86 -8.59 12.63
N THR A 146 0.68 -9.69 11.94
CA THR A 146 -0.71 -10.21 11.73
C THR A 146 -1.01 -11.36 12.70
N ALA A 147 -0.14 -11.63 13.63
CA ALA A 147 -0.38 -12.74 14.60
C ALA A 147 -1.68 -12.50 15.37
N LYS A 148 -2.02 -11.27 15.61
CA LYS A 148 -3.28 -10.96 16.36
C LYS A 148 -4.46 -10.86 15.38
N GLY B 1 10.12 -1.88 26.03
CA GLY B 1 9.97 -3.31 25.64
C GLY B 1 11.07 -4.14 26.29
N SER B 2 10.73 -5.29 26.82
CA SER B 2 11.76 -6.15 27.48
C SER B 2 12.87 -6.51 26.48
N ARG B 3 12.52 -6.76 25.25
CA ARG B 3 13.55 -7.11 24.23
C ARG B 3 12.92 -7.18 22.83
N ALA B 4 12.25 -8.26 22.52
CA ALA B 4 11.65 -8.40 21.17
C ALA B 4 10.17 -8.01 21.14
N LYS B 5 9.41 -8.37 22.15
CA LYS B 5 7.95 -8.06 22.12
C LYS B 5 7.63 -6.61 21.73
N ALA B 6 7.90 -5.66 22.57
CA ALA B 6 7.56 -4.25 22.23
C ALA B 6 8.46 -3.68 21.14
N ASN B 7 9.73 -3.96 21.20
CA ASN B 7 10.67 -3.41 20.18
C ASN B 7 10.38 -4.01 18.81
N TRP B 8 10.36 -5.32 18.70
CA TRP B 8 10.08 -5.95 17.38
C TRP B 8 8.72 -5.50 16.89
N LEU B 9 7.76 -5.44 17.79
CA LEU B 9 6.39 -4.97 17.38
C LEU B 9 6.52 -3.62 16.69
N ARG B 10 7.09 -2.68 17.37
CA ARG B 10 7.27 -1.33 16.77
C ARG B 10 8.10 -1.45 15.49
N ALA B 11 8.97 -2.41 15.42
CA ALA B 11 9.83 -2.55 14.20
C ALA B 11 8.98 -2.92 12.96
N PHE B 12 8.51 -4.14 12.90
CA PHE B 12 7.68 -4.54 11.71
C PHE B 12 6.53 -3.54 11.57
N ASN B 13 6.02 -3.06 12.69
CA ASN B 13 4.93 -2.04 12.63
C ASN B 13 5.47 -0.72 12.07
N LYS B 14 6.71 -0.37 12.37
CA LYS B 14 7.26 0.92 11.85
C LYS B 14 7.21 0.88 10.34
N VAL B 15 7.66 -0.20 9.77
CA VAL B 15 7.61 -0.30 8.29
C VAL B 15 6.18 -0.55 7.81
N ARG B 16 5.44 -1.40 8.49
CA ARG B 16 4.04 -1.69 8.04
C ARG B 16 3.25 -0.38 7.92
N MET B 17 3.47 0.55 8.83
CA MET B 17 2.75 1.86 8.75
C MET B 17 3.28 2.70 7.59
N GLN B 18 4.58 2.65 7.36
CA GLN B 18 5.18 3.44 6.24
C GLN B 18 4.55 3.04 4.90
N LEU B 19 4.06 1.84 4.81
CA LEU B 19 3.47 1.36 3.52
C LEU B 19 2.33 2.30 3.09
N GLN B 20 1.56 2.80 4.03
CA GLN B 20 0.46 3.72 3.68
C GLN B 20 1.02 4.97 3.00
N GLU B 21 2.15 5.44 3.44
CA GLU B 21 2.76 6.66 2.83
C GLU B 21 3.16 6.38 1.38
N ALA B 22 3.62 5.18 1.10
CA ALA B 22 4.02 4.85 -0.30
C ALA B 22 2.81 4.92 -1.23
N ARG B 23 1.67 4.47 -0.76
CA ARG B 23 0.44 4.52 -1.61
C ARG B 23 -0.14 5.93 -1.63
N GLY B 24 -0.78 6.30 -2.70
CA GLY B 24 -1.36 7.68 -2.80
C GLY B 24 -2.31 7.92 -1.61
N GLU B 25 -2.99 6.90 -1.17
CA GLU B 25 -3.93 7.05 -0.02
C GLU B 25 -3.66 5.97 1.03
N GLY B 26 -4.22 6.12 2.20
CA GLY B 26 -4.01 5.10 3.27
C GLY B 26 -5.04 3.98 3.09
N GLU B 27 -5.16 3.11 4.07
CA GLU B 27 -6.14 1.99 3.96
C GLU B 27 -5.94 1.20 2.67
N MET B 28 -6.91 0.43 2.27
CA MET B 28 -6.78 -0.37 1.01
C MET B 28 -7.50 0.33 -0.15
N SER B 29 -7.12 0.04 -1.36
CA SER B 29 -7.79 0.67 -2.54
C SER B 29 -9.29 0.37 -2.51
N LYS B 30 -9.66 -0.79 -2.06
CA LYS B 30 -11.11 -1.14 -1.99
C LYS B 30 -11.63 -1.00 -0.55
N SER B 31 -12.20 0.12 -0.22
CA SER B 31 -12.72 0.35 1.16
C SER B 31 -13.79 -0.69 1.49
N LEU B 32 -14.73 -0.89 0.61
CA LEU B 32 -15.82 -1.90 0.84
C LEU B 32 -16.75 -1.91 -0.38
N TRP B 33 -17.90 -2.51 -0.24
CA TRP B 33 -18.87 -2.56 -1.39
C TRP B 33 -18.19 -3.19 -2.61
N PHE B 34 -17.26 -4.07 -2.37
CA PHE B 34 -16.53 -4.74 -3.49
C PHE B 34 -15.75 -5.94 -2.96
N LYS B 35 -16.44 -6.87 -2.34
CA LYS B 35 -15.74 -8.07 -1.80
C LYS B 35 -15.03 -8.83 -2.92
N GLY B 36 -15.60 -8.85 -4.10
CA GLY B 36 -14.97 -9.57 -5.24
C GLY B 36 -15.26 -11.07 -5.11
N ALA A 1 -21.70 -19.81 -1.60
CA ALA A 1 -22.98 -20.30 -2.17
C ALA A 1 -23.73 -19.17 -2.90
N ASP A 2 -23.63 -17.97 -2.39
CA ASP A 2 -24.32 -16.82 -3.05
C ASP A 2 -23.41 -16.16 -4.10
N GLN A 3 -22.31 -16.77 -4.43
CA GLN A 3 -21.39 -16.17 -5.45
C GLN A 3 -20.84 -17.25 -6.38
N LEU A 4 -20.28 -16.86 -7.50
CA LEU A 4 -19.73 -17.85 -8.47
C LEU A 4 -20.76 -18.94 -8.79
N THR A 5 -21.50 -18.79 -9.86
CA THR A 5 -22.52 -19.80 -10.23
C THR A 5 -21.87 -20.90 -11.09
N GLU A 6 -22.38 -22.10 -11.00
CA GLU A 6 -21.78 -23.22 -11.81
C GLU A 6 -21.87 -22.88 -13.30
N GLU A 7 -22.92 -22.22 -13.71
CA GLU A 7 -23.05 -21.85 -15.15
C GLU A 7 -21.86 -20.99 -15.58
N GLN A 8 -21.48 -20.04 -14.76
CA GLN A 8 -20.31 -19.18 -15.11
C GLN A 8 -19.06 -20.04 -15.25
N ILE A 9 -18.90 -21.00 -14.37
CA ILE A 9 -17.72 -21.92 -14.48
C ILE A 9 -17.84 -22.71 -15.77
N ALA A 10 -19.01 -23.26 -16.02
CA ALA A 10 -19.24 -24.05 -17.27
C ALA A 10 -18.80 -23.24 -18.49
N GLU A 11 -19.14 -21.98 -18.52
CA GLU A 11 -18.73 -21.13 -19.67
C GLU A 11 -17.20 -21.11 -19.77
N PHE A 12 -16.52 -21.04 -18.65
CA PHE A 12 -15.03 -21.05 -18.68
C PHE A 12 -14.57 -22.40 -19.21
N LYS A 13 -15.22 -23.45 -18.82
CA LYS A 13 -14.82 -24.81 -19.30
C LYS A 13 -14.92 -24.87 -20.83
N GLU A 14 -15.96 -24.30 -21.38
CA GLU A 14 -16.11 -24.31 -22.88
C GLU A 14 -15.00 -23.45 -23.49
N ALA A 15 -14.74 -22.30 -22.92
CA ALA A 15 -13.66 -21.43 -23.45
C ALA A 15 -12.32 -22.14 -23.25
N PHE A 16 -12.19 -22.88 -22.18
CA PHE A 16 -10.93 -23.62 -21.92
C PHE A 16 -10.71 -24.65 -23.01
N SER A 17 -11.69 -25.48 -23.26
CA SER A 17 -11.54 -26.53 -24.32
C SER A 17 -11.26 -25.87 -25.67
N LEU A 18 -11.97 -24.81 -25.99
CA LEU A 18 -11.72 -24.12 -27.29
C LEU A 18 -10.32 -23.51 -27.31
N PHE A 19 -9.86 -23.02 -26.19
CA PHE A 19 -8.50 -22.40 -26.13
C PHE A 19 -7.54 -23.29 -25.35
N ASP A 20 -6.97 -24.28 -25.99
CA ASP A 20 -6.01 -25.18 -25.29
C ASP A 20 -5.22 -25.99 -26.31
N LYS A 21 -4.22 -25.38 -26.92
CA LYS A 21 -3.41 -26.12 -27.93
C LYS A 21 -2.74 -27.34 -27.31
N ASP A 22 -2.28 -27.23 -26.09
CA ASP A 22 -1.63 -28.40 -25.43
C ASP A 22 -2.65 -29.50 -25.14
N GLY A 23 -3.89 -29.15 -24.98
CA GLY A 23 -4.95 -30.18 -24.71
C GLY A 23 -4.82 -30.71 -23.28
N ASP A 24 -4.56 -29.85 -22.34
CA ASP A 24 -4.42 -30.31 -20.92
C ASP A 24 -5.39 -29.53 -20.01
N GLY A 25 -5.46 -29.90 -18.76
CA GLY A 25 -6.37 -29.20 -17.82
C GLY A 25 -5.63 -28.04 -17.14
N THR A 26 -4.53 -27.62 -17.69
CA THR A 26 -3.77 -26.49 -17.09
C THR A 26 -3.63 -25.34 -18.10
N ILE A 27 -3.39 -24.14 -17.63
CA ILE A 27 -3.23 -22.98 -18.55
C ILE A 27 -1.78 -22.53 -18.53
N THR A 28 -1.19 -22.29 -19.68
CA THR A 28 0.23 -21.84 -19.69
C THR A 28 0.39 -20.50 -20.39
N THR A 29 1.37 -19.74 -19.99
CA THR A 29 1.62 -18.39 -20.61
C THR A 29 1.91 -18.54 -22.09
N LYS A 30 2.40 -19.67 -22.52
CA LYS A 30 2.67 -19.84 -23.98
C LYS A 30 1.35 -19.64 -24.73
N GLU A 31 0.33 -20.37 -24.33
CA GLU A 31 -1.01 -20.23 -24.97
C GLU A 31 -1.42 -18.75 -24.93
N LEU A 32 -1.11 -18.08 -23.85
CA LEU A 32 -1.45 -16.62 -23.77
C LEU A 32 -0.61 -15.86 -24.78
N GLY A 33 0.63 -16.25 -24.92
CA GLY A 33 1.52 -15.57 -25.89
C GLY A 33 0.85 -15.62 -27.27
N THR A 34 0.46 -16.79 -27.69
CA THR A 34 -0.22 -16.91 -29.01
C THR A 34 -1.53 -16.11 -29.05
N VAL A 35 -2.33 -16.17 -28.01
CA VAL A 35 -3.61 -15.41 -28.03
C VAL A 35 -3.32 -13.91 -28.09
N MET A 36 -2.59 -13.37 -27.14
CA MET A 36 -2.33 -11.92 -27.16
C MET A 36 -1.63 -11.51 -28.47
N ARG A 37 -0.74 -12.33 -28.98
CA ARG A 37 -0.06 -11.98 -30.26
C ARG A 37 -1.09 -11.86 -31.39
N SER A 38 -2.01 -12.80 -31.47
CA SER A 38 -3.04 -12.76 -32.55
C SER A 38 -3.92 -11.51 -32.40
N LEU A 39 -4.09 -11.01 -31.20
CA LEU A 39 -4.96 -9.81 -31.00
C LEU A 39 -4.12 -8.52 -30.91
N GLY A 40 -2.87 -8.56 -31.33
CA GLY A 40 -2.02 -7.33 -31.27
C GLY A 40 -1.13 -7.33 -30.02
N GLN A 41 -0.33 -6.31 -29.86
CA GLN A 41 0.58 -6.23 -28.66
C GLN A 41 1.55 -7.42 -28.63
N ASN A 42 2.83 -7.15 -28.59
CA ASN A 42 3.83 -8.26 -28.56
C ASN A 42 4.74 -8.13 -27.32
N PRO A 43 4.24 -8.63 -26.21
CA PRO A 43 5.03 -8.56 -24.95
C PRO A 43 6.24 -9.50 -25.02
N THR A 44 7.30 -9.18 -24.33
CA THR A 44 8.51 -10.05 -24.36
C THR A 44 8.31 -11.27 -23.47
N GLU A 45 9.11 -12.29 -23.64
CA GLU A 45 8.95 -13.53 -22.81
C GLU A 45 8.96 -13.18 -21.32
N ALA A 46 9.77 -12.23 -20.93
CA ALA A 46 9.82 -11.84 -19.48
C ALA A 46 8.45 -11.33 -19.04
N GLU A 47 7.89 -10.40 -19.76
CA GLU A 47 6.54 -9.86 -19.37
C GLU A 47 5.52 -11.00 -19.37
N LEU A 48 5.60 -11.89 -20.33
CA LEU A 48 4.63 -13.04 -20.36
C LEU A 48 4.75 -13.85 -19.08
N GLN A 49 5.95 -14.16 -18.66
CA GLN A 49 6.13 -14.93 -17.40
C GLN A 49 5.60 -14.11 -16.24
N ASP A 50 5.70 -12.82 -16.32
CA ASP A 50 5.21 -11.94 -15.21
C ASP A 50 3.66 -11.92 -15.16
N MET A 51 3.02 -11.52 -16.23
CA MET A 51 1.52 -11.47 -16.23
C MET A 51 0.96 -12.85 -15.88
N ILE A 52 1.52 -13.91 -16.41
CA ILE A 52 1.00 -15.26 -16.05
C ILE A 52 1.35 -15.55 -14.57
N ASN A 53 2.53 -15.14 -14.16
CA ASN A 53 2.98 -15.39 -12.75
C ASN A 53 1.97 -14.82 -11.74
N GLU A 54 1.40 -13.68 -12.02
CA GLU A 54 0.45 -13.08 -11.03
C GLU A 54 -1.01 -13.54 -11.20
N VAL A 55 -1.44 -13.96 -12.38
CA VAL A 55 -2.86 -14.36 -12.56
C VAL A 55 -3.16 -15.71 -11.90
N ASP A 56 -2.17 -16.54 -11.68
CA ASP A 56 -2.44 -17.86 -11.02
C ASP A 56 -2.42 -17.69 -9.50
N ALA A 57 -2.32 -18.77 -8.75
CA ALA A 57 -2.31 -18.67 -7.27
C ALA A 57 -0.90 -18.83 -6.70
N ASP A 58 -0.30 -19.99 -6.85
CA ASP A 58 1.07 -20.20 -6.31
C ASP A 58 2.09 -19.29 -7.00
N GLY A 59 1.76 -18.76 -8.15
CA GLY A 59 2.71 -17.86 -8.86
C GLY A 59 3.82 -18.68 -9.52
N ASN A 60 3.50 -19.83 -10.01
CA ASN A 60 4.54 -20.67 -10.69
C ASN A 60 4.70 -20.22 -12.15
N GLY A 61 4.06 -19.13 -12.53
CA GLY A 61 4.17 -18.65 -13.93
C GLY A 61 3.21 -19.44 -14.81
N THR A 62 2.18 -19.99 -14.24
CA THR A 62 1.21 -20.79 -15.03
C THR A 62 -0.12 -20.76 -14.28
N ILE A 63 -1.24 -20.86 -14.96
CA ILE A 63 -2.54 -20.78 -14.23
C ILE A 63 -3.29 -22.11 -14.26
N ASP A 64 -4.13 -22.30 -13.29
CA ASP A 64 -4.95 -23.55 -13.22
C ASP A 64 -6.43 -23.16 -13.16
N PHE A 65 -7.32 -24.08 -13.48
CA PHE A 65 -8.77 -23.74 -13.42
C PHE A 65 -9.17 -23.19 -12.05
N PRO A 66 -8.81 -23.89 -10.99
CA PRO A 66 -9.16 -23.44 -9.63
C PRO A 66 -8.44 -22.13 -9.27
N GLU A 67 -7.17 -22.01 -9.60
CA GLU A 67 -6.43 -20.74 -9.26
C GLU A 67 -7.11 -19.53 -9.88
N PHE A 68 -7.32 -19.56 -11.17
CA PHE A 68 -7.97 -18.40 -11.86
C PHE A 68 -9.39 -18.20 -11.35
N LEU A 69 -10.17 -19.25 -11.26
CA LEU A 69 -11.57 -19.11 -10.76
C LEU A 69 -11.59 -18.65 -9.29
N THR A 70 -10.69 -19.15 -8.47
CA THR A 70 -10.68 -18.73 -7.04
C THR A 70 -10.35 -17.24 -6.95
N MET A 71 -9.37 -16.78 -7.69
CA MET A 71 -9.04 -15.33 -7.63
C MET A 71 -10.21 -14.50 -8.14
N MET A 72 -10.88 -14.98 -9.17
CA MET A 72 -12.05 -14.22 -9.71
C MET A 72 -13.21 -14.20 -8.70
N ALA A 73 -13.41 -15.26 -7.97
CA ALA A 73 -14.54 -15.30 -6.99
C ALA A 73 -14.06 -15.12 -5.54
N ARG A 74 -12.79 -14.88 -5.33
CA ARG A 74 -12.28 -14.73 -3.93
C ARG A 74 -13.10 -13.69 -3.16
N LYS A 75 -13.19 -12.50 -3.67
CA LYS A 75 -14.00 -11.44 -2.98
C LYS A 75 -14.67 -10.52 -4.00
N MET A 76 -13.90 -9.66 -4.62
CA MET A 76 -14.47 -8.72 -5.62
C MET A 76 -13.40 -8.37 -6.67
N LYS A 77 -13.69 -7.44 -7.55
CA LYS A 77 -12.69 -7.06 -8.59
C LYS A 77 -11.39 -6.61 -7.92
N ASP A 78 -11.47 -6.06 -6.74
CA ASP A 78 -10.25 -5.60 -6.02
C ASP A 78 -9.50 -6.80 -5.42
N THR A 79 -8.24 -6.93 -5.72
CA THR A 79 -7.45 -8.08 -5.17
C THR A 79 -7.53 -8.10 -3.64
N ASP A 80 -7.51 -6.95 -3.01
CA ASP A 80 -7.58 -6.90 -1.52
C ASP A 80 -6.47 -7.76 -0.90
N SER A 81 -5.25 -7.59 -1.36
CA SER A 81 -4.12 -8.39 -0.80
C SER A 81 -3.15 -7.48 -0.06
N GLU A 82 -2.49 -7.98 0.95
CA GLU A 82 -1.53 -7.14 1.73
C GLU A 82 -0.26 -6.84 0.91
N GLU A 83 -0.42 -6.24 -0.24
CA GLU A 83 0.78 -5.91 -1.09
C GLU A 83 1.61 -4.80 -0.43
N GLU A 84 1.01 -4.03 0.44
CA GLU A 84 1.76 -2.93 1.12
C GLU A 84 2.91 -3.50 1.96
N ILE A 85 2.74 -4.68 2.49
CA ILE A 85 3.82 -5.30 3.31
C ILE A 85 5.07 -5.53 2.43
N ARG A 86 4.87 -5.74 1.16
CA ARG A 86 6.03 -5.92 0.23
C ARG A 86 6.86 -4.65 0.25
N GLU A 87 6.20 -3.53 0.30
CA GLU A 87 6.94 -2.24 0.33
C GLU A 87 7.72 -2.12 1.64
N ALA A 88 7.18 -2.60 2.75
CA ALA A 88 7.93 -2.53 4.01
C ALA A 88 9.22 -3.32 3.78
N PHE A 89 9.10 -4.45 3.14
CA PHE A 89 10.32 -5.25 2.82
C PHE A 89 11.27 -4.41 1.97
N ARG A 90 10.73 -3.70 1.02
CA ARG A 90 11.59 -2.83 0.16
C ARG A 90 12.32 -1.79 1.02
N VAL A 91 11.75 -1.38 2.14
CA VAL A 91 12.45 -0.36 2.98
C VAL A 91 13.47 -1.00 3.94
N PHE A 92 13.22 -2.20 4.43
CA PHE A 92 14.19 -2.86 5.37
C PHE A 92 15.56 -2.99 4.72
N ASP A 93 15.59 -3.09 3.42
CA ASP A 93 16.89 -3.21 2.72
C ASP A 93 16.81 -2.57 1.35
N LYS A 94 17.19 -1.33 1.27
CA LYS A 94 17.13 -0.56 -0.01
C LYS A 94 17.53 -1.48 -1.18
N ASP A 95 18.44 -2.40 -0.92
CA ASP A 95 18.91 -3.37 -1.96
C ASP A 95 17.81 -3.70 -2.99
N GLY A 96 16.60 -3.95 -2.55
CA GLY A 96 15.50 -4.24 -3.51
C GLY A 96 15.11 -5.71 -3.43
N ASN A 97 15.00 -6.25 -2.24
CA ASN A 97 14.59 -7.68 -2.11
C ASN A 97 13.51 -7.80 -1.03
N GLY A 98 12.96 -8.96 -0.85
CA GLY A 98 11.88 -9.13 0.16
C GLY A 98 12.38 -9.91 1.38
N TYR A 99 13.59 -9.69 1.81
CA TYR A 99 14.09 -10.45 3.00
C TYR A 99 14.68 -9.51 4.05
N ILE A 100 14.29 -9.64 5.29
CA ILE A 100 14.86 -8.76 6.34
C ILE A 100 15.96 -9.52 7.09
N SER A 101 17.09 -8.92 7.25
CA SER A 101 18.21 -9.59 7.96
C SER A 101 18.35 -9.05 9.38
N ALA A 102 18.94 -9.81 10.26
CA ALA A 102 19.11 -9.34 11.68
C ALA A 102 19.70 -7.93 11.67
N ALA A 103 20.60 -7.66 10.76
CA ALA A 103 21.18 -6.30 10.66
C ALA A 103 20.09 -5.32 10.22
N GLU A 104 19.43 -5.62 9.13
CA GLU A 104 18.36 -4.70 8.64
C GLU A 104 17.33 -4.45 9.76
N LEU A 105 16.88 -5.47 10.45
CA LEU A 105 15.91 -5.24 11.55
C LEU A 105 16.55 -4.31 12.59
N ARG A 106 17.79 -4.52 12.90
CA ARG A 106 18.49 -3.61 13.86
C ARG A 106 18.35 -2.17 13.31
N HIS A 107 18.37 -2.06 12.01
CA HIS A 107 18.19 -0.71 11.39
C HIS A 107 16.77 -0.23 11.75
N VAL A 108 15.82 -1.12 11.66
CA VAL A 108 14.43 -0.75 12.05
C VAL A 108 14.45 -0.36 13.53
N MET A 109 15.21 -1.08 14.34
CA MET A 109 15.29 -0.72 15.79
C MET A 109 15.81 0.71 15.88
N THR A 110 16.77 1.04 15.04
CA THR A 110 17.30 2.44 15.05
C THR A 110 16.12 3.39 14.87
N ASN A 111 15.23 3.09 13.95
CA ASN A 111 14.02 3.94 13.78
C ASN A 111 13.19 3.91 15.07
N LEU A 112 13.24 2.80 15.78
CA LEU A 112 12.49 2.68 17.06
C LEU A 112 13.13 3.57 18.13
N GLY A 113 12.83 3.32 19.36
CA GLY A 113 13.43 4.10 20.48
C GLY A 113 13.44 3.18 21.70
N GLU A 114 14.08 2.05 21.55
CA GLU A 114 14.10 1.06 22.67
C GLU A 114 15.49 0.90 23.29
N LYS A 115 16.54 1.11 22.55
CA LYS A 115 17.93 0.95 23.11
C LYS A 115 18.11 -0.50 23.57
N LEU A 116 18.20 -1.41 22.63
CA LEU A 116 18.39 -2.85 22.97
C LEU A 116 19.78 -3.32 22.50
N THR A 117 20.19 -4.50 22.89
CA THR A 117 21.52 -5.00 22.45
C THR A 117 21.40 -5.89 21.22
N ASP A 118 22.51 -6.19 20.59
CA ASP A 118 22.49 -7.06 19.39
C ASP A 118 21.81 -8.39 19.69
N GLU A 119 21.87 -8.84 20.93
CA GLU A 119 21.21 -10.12 21.30
C GLU A 119 19.69 -9.96 21.21
N GLU A 120 19.19 -8.78 21.47
CA GLU A 120 17.71 -8.57 21.39
C GLU A 120 17.28 -8.65 19.91
N VAL A 121 18.10 -8.13 19.05
CA VAL A 121 17.77 -8.19 17.60
C VAL A 121 17.84 -9.64 17.14
N ASP A 122 18.85 -10.34 17.59
CA ASP A 122 18.99 -11.78 17.21
C ASP A 122 17.76 -12.56 17.67
N GLU A 123 17.33 -12.36 18.89
CA GLU A 123 16.12 -13.09 19.37
C GLU A 123 14.86 -12.61 18.65
N MET A 124 14.84 -11.37 18.19
CA MET A 124 13.63 -10.91 17.45
C MET A 124 13.56 -11.67 16.14
N ILE A 125 14.69 -11.87 15.50
CA ILE A 125 14.70 -12.67 14.25
C ILE A 125 14.35 -14.11 14.61
N ARG A 126 14.74 -14.55 15.78
CA ARG A 126 14.41 -15.94 16.20
C ARG A 126 12.89 -16.09 16.29
N GLU A 127 12.21 -15.05 16.73
CA GLU A 127 10.72 -15.13 16.84
C GLU A 127 10.08 -15.27 15.44
N ALA A 128 10.57 -14.53 14.47
CA ALA A 128 9.99 -14.64 13.09
C ALA A 128 10.61 -15.82 12.35
N ASP A 129 11.90 -15.97 12.49
CA ASP A 129 12.64 -17.06 11.79
C ASP A 129 12.12 -18.43 12.22
N ILE A 130 10.99 -18.83 11.70
CA ILE A 130 10.44 -20.17 12.05
C ILE A 130 11.42 -21.22 11.56
N ASP A 131 11.94 -21.00 10.38
CA ASP A 131 12.94 -21.96 9.81
C ASP A 131 14.08 -22.10 10.81
N GLY A 132 14.73 -21.00 11.08
CA GLY A 132 15.89 -21.02 12.03
C GLY A 132 17.17 -20.53 11.34
N ASP A 133 17.03 -19.74 10.29
CA ASP A 133 18.24 -19.25 9.55
C ASP A 133 18.68 -17.85 10.02
N GLY A 134 18.14 -17.35 11.11
CA GLY A 134 18.56 -16.01 11.62
C GLY A 134 18.11 -14.89 10.67
N GLN A 135 17.12 -15.14 9.85
CA GLN A 135 16.65 -14.09 8.90
C GLN A 135 15.14 -14.17 8.83
N VAL A 136 14.51 -13.07 8.58
CA VAL A 136 13.03 -13.09 8.53
C VAL A 136 12.52 -12.91 7.12
N ASN A 137 11.83 -13.90 6.63
CA ASN A 137 11.30 -13.84 5.25
C ASN A 137 9.93 -13.14 5.24
N TYR A 138 9.34 -13.08 4.08
CA TYR A 138 8.00 -12.44 3.91
C TYR A 138 6.96 -13.16 4.77
N GLU A 139 6.93 -14.47 4.70
CA GLU A 139 5.94 -15.23 5.53
C GLU A 139 6.30 -15.05 7.00
N GLU A 140 7.56 -14.89 7.28
CA GLU A 140 7.99 -14.70 8.69
C GLU A 140 7.61 -13.29 9.17
N PHE A 141 7.85 -12.28 8.34
CA PHE A 141 7.46 -10.90 8.75
C PHE A 141 5.96 -10.87 9.03
N VAL A 142 5.18 -11.26 8.05
CA VAL A 142 3.71 -11.27 8.24
C VAL A 142 3.35 -12.22 9.37
N GLN A 143 4.15 -13.23 9.64
CA GLN A 143 3.85 -14.12 10.79
C GLN A 143 4.04 -13.33 12.08
N MET A 144 4.91 -12.34 12.08
CA MET A 144 5.09 -11.53 13.31
C MET A 144 3.96 -10.50 13.42
N MET A 145 3.81 -9.66 12.44
CA MET A 145 2.73 -8.63 12.48
C MET A 145 1.34 -9.29 12.42
N THR A 146 1.24 -10.43 11.80
CA THR A 146 -0.07 -11.12 11.72
C THR A 146 0.08 -12.59 12.14
N ALA A 147 -0.77 -13.06 13.01
CA ALA A 147 -0.68 -14.48 13.46
C ALA A 147 -1.96 -14.88 14.21
N LYS A 148 -2.23 -16.15 14.28
CA LYS A 148 -3.46 -16.62 14.99
C LYS A 148 -3.11 -17.64 16.07
N GLY B 1 7.93 -9.64 26.47
CA GLY B 1 9.25 -9.07 26.88
C GLY B 1 9.52 -7.78 26.09
N SER B 2 9.87 -6.73 26.78
CA SER B 2 10.15 -5.44 26.07
C SER B 2 11.23 -5.62 25.01
N ARG B 3 12.11 -6.59 25.21
CA ARG B 3 13.21 -6.83 24.22
C ARG B 3 12.67 -6.91 22.79
N ALA B 4 11.99 -7.98 22.47
CA ALA B 4 11.45 -8.13 21.09
C ALA B 4 9.99 -7.70 20.99
N LYS B 5 9.18 -8.01 21.96
CA LYS B 5 7.73 -7.66 21.87
C LYS B 5 7.50 -6.20 21.44
N ALA B 6 7.90 -5.26 22.25
CA ALA B 6 7.66 -3.82 21.90
C ALA B 6 8.61 -3.32 20.80
N ASN B 7 9.88 -3.64 20.89
CA ASN B 7 10.84 -3.15 19.86
C ASN B 7 10.51 -3.76 18.50
N TRP B 8 10.38 -5.06 18.46
CA TRP B 8 10.06 -5.73 17.16
C TRP B 8 8.68 -5.29 16.67
N LEU B 9 7.70 -5.24 17.54
CA LEU B 9 6.33 -4.79 17.12
C LEU B 9 6.44 -3.46 16.41
N ARG B 10 6.97 -2.49 17.10
CA ARG B 10 7.15 -1.15 16.51
C ARG B 10 8.05 -1.23 15.28
N ALA B 11 8.96 -2.20 15.24
CA ALA B 11 9.89 -2.31 14.06
C ALA B 11 9.12 -2.67 12.78
N PHE B 12 8.58 -3.86 12.71
CA PHE B 12 7.78 -4.22 11.50
C PHE B 12 6.72 -3.12 11.32
N ASN B 13 6.30 -2.53 12.41
CA ASN B 13 5.34 -1.40 12.31
C ASN B 13 6.06 -0.19 11.69
N LYS B 14 7.34 -0.01 11.99
CA LYS B 14 8.10 1.14 11.40
C LYS B 14 7.97 1.08 9.90
N VAL B 15 8.12 -0.09 9.32
CA VAL B 15 7.96 -0.13 7.84
C VAL B 15 6.48 0.01 7.48
N ARG B 16 5.61 -0.57 8.26
CA ARG B 16 4.15 -0.47 7.96
C ARG B 16 3.75 1.01 7.80
N MET B 17 4.32 1.86 8.61
CA MET B 17 4.01 3.33 8.48
C MET B 17 4.46 3.80 7.09
N GLN B 18 5.54 3.25 6.60
CA GLN B 18 6.03 3.66 5.24
C GLN B 18 5.00 3.25 4.21
N LEU B 19 4.39 2.13 4.44
CA LEU B 19 3.39 1.57 3.49
C LEU B 19 2.09 2.39 3.51
N GLN B 20 1.72 2.94 4.63
CA GLN B 20 0.46 3.75 4.70
C GLN B 20 0.49 4.88 3.67
N GLU B 21 1.61 5.54 3.53
CA GLU B 21 1.70 6.65 2.53
C GLU B 21 1.64 6.08 1.11
N ALA B 22 2.19 4.91 0.91
CA ALA B 22 2.18 4.28 -0.44
C ALA B 22 0.76 3.91 -0.88
N ARG B 23 -0.14 3.71 0.06
CA ARG B 23 -1.54 3.33 -0.30
C ARG B 23 -2.12 4.30 -1.36
N GLY B 24 -2.89 3.78 -2.27
CA GLY B 24 -3.49 4.64 -3.34
C GLY B 24 -3.87 3.78 -4.53
N GLU B 25 -2.97 3.65 -5.49
CA GLU B 25 -3.28 2.83 -6.69
C GLU B 25 -2.51 1.50 -6.63
N GLY B 26 -3.14 0.42 -7.04
CA GLY B 26 -2.44 -0.90 -7.00
C GLY B 26 -3.25 -1.92 -7.81
N GLU B 27 -3.62 -3.02 -7.20
CA GLU B 27 -4.41 -4.06 -7.92
C GLU B 27 -3.76 -4.44 -9.25
N MET B 28 -2.64 -5.13 -9.21
CA MET B 28 -1.94 -5.52 -10.47
C MET B 28 -2.35 -6.94 -10.90
N SER B 29 -3.14 -7.63 -10.11
CA SER B 29 -3.57 -9.01 -10.49
C SER B 29 -4.26 -9.01 -11.85
N LYS B 30 -5.01 -7.98 -12.14
CA LYS B 30 -5.72 -7.90 -13.46
C LYS B 30 -4.74 -7.56 -14.59
N SER B 31 -3.76 -8.40 -14.80
CA SER B 31 -2.76 -8.13 -15.88
C SER B 31 -3.47 -7.97 -17.23
N LEU B 32 -4.24 -8.95 -17.63
CA LEU B 32 -4.98 -8.86 -18.93
C LEU B 32 -5.91 -10.07 -19.11
N TRP B 33 -5.59 -11.18 -18.50
CA TRP B 33 -6.43 -12.39 -18.64
C TRP B 33 -7.50 -12.42 -17.55
N PHE B 34 -7.14 -12.07 -16.33
CA PHE B 34 -8.13 -12.05 -15.22
C PHE B 34 -9.31 -11.15 -15.56
N LYS B 35 -9.05 -10.03 -16.21
CA LYS B 35 -10.16 -9.10 -16.57
C LYS B 35 -11.25 -9.84 -17.36
N GLY B 36 -10.88 -10.92 -18.01
CA GLY B 36 -11.88 -11.69 -18.79
C GLY B 36 -12.84 -12.40 -17.84
N ALA A 1 -16.03 12.94 -1.41
CA ALA A 1 -16.18 11.81 -0.44
C ALA A 1 -14.80 11.37 0.06
N ASP A 2 -14.04 10.72 -0.78
CA ASP A 2 -12.68 10.26 -0.35
C ASP A 2 -11.82 11.44 0.09
N GLN A 3 -11.95 12.56 -0.58
CA GLN A 3 -11.15 13.77 -0.21
C GLN A 3 -9.66 13.43 -0.09
N LEU A 4 -8.92 13.62 -1.15
CA LEU A 4 -7.46 13.30 -1.11
C LEU A 4 -6.76 14.14 -0.04
N THR A 5 -5.45 14.23 -0.09
CA THR A 5 -4.71 15.03 0.94
C THR A 5 -4.74 16.52 0.58
N GLU A 6 -4.85 17.37 1.59
CA GLU A 6 -4.89 18.84 1.31
C GLU A 6 -3.59 19.27 0.60
N GLU A 7 -2.47 18.74 1.02
CA GLU A 7 -1.18 19.13 0.36
C GLU A 7 -1.27 18.88 -1.16
N GLN A 8 -1.83 17.76 -1.54
CA GLN A 8 -1.99 17.46 -3.00
C GLN A 8 -2.88 18.54 -3.63
N ILE A 9 -3.89 18.96 -2.92
CA ILE A 9 -4.78 20.02 -3.46
C ILE A 9 -3.99 21.33 -3.64
N ALA A 10 -3.29 21.75 -2.61
CA ALA A 10 -2.49 23.01 -2.70
C ALA A 10 -1.55 22.95 -3.90
N GLU A 11 -0.91 21.84 -4.11
CA GLU A 11 0.01 21.72 -5.27
C GLU A 11 -0.79 21.89 -6.57
N PHE A 12 -2.01 21.41 -6.59
CA PHE A 12 -2.85 21.56 -7.80
C PHE A 12 -3.21 23.03 -7.99
N LYS A 13 -3.41 23.75 -6.91
CA LYS A 13 -3.75 25.20 -7.05
C LYS A 13 -2.63 25.93 -7.79
N GLU A 14 -1.40 25.65 -7.45
CA GLU A 14 -0.27 26.31 -8.15
C GLU A 14 -0.19 25.83 -9.60
N ALA A 15 -0.27 24.53 -9.79
CA ALA A 15 -0.23 23.99 -11.19
C ALA A 15 -1.43 24.52 -11.98
N PHE A 16 -2.53 24.69 -11.30
CA PHE A 16 -3.76 25.21 -11.97
C PHE A 16 -3.52 26.64 -12.43
N SER A 17 -3.01 27.47 -11.56
CA SER A 17 -2.74 28.89 -11.93
C SER A 17 -1.75 28.94 -13.10
N LEU A 18 -0.72 28.15 -13.06
CA LEU A 18 0.27 28.16 -14.18
C LEU A 18 -0.37 27.61 -15.46
N PHE A 19 -1.15 26.57 -15.35
CA PHE A 19 -1.82 25.99 -16.55
C PHE A 19 -2.97 26.88 -17.01
N ASP A 20 -3.68 27.46 -16.09
CA ASP A 20 -4.85 28.32 -16.46
C ASP A 20 -4.38 29.56 -17.22
N LYS A 21 -4.84 29.72 -18.42
CA LYS A 21 -4.44 30.90 -19.24
C LYS A 21 -5.47 32.02 -19.12
N ASP A 22 -6.67 31.78 -19.56
CA ASP A 22 -7.74 32.84 -19.48
C ASP A 22 -8.11 33.13 -18.03
N GLY A 23 -7.97 32.18 -17.15
CA GLY A 23 -8.33 32.42 -15.72
C GLY A 23 -9.85 32.44 -15.57
N ASP A 24 -10.54 31.56 -16.26
CA ASP A 24 -12.04 31.55 -16.16
C ASP A 24 -12.50 30.66 -14.99
N GLY A 25 -11.60 30.10 -14.22
CA GLY A 25 -12.02 29.24 -13.07
C GLY A 25 -12.00 27.77 -13.48
N THR A 26 -12.23 27.49 -14.74
CA THR A 26 -12.21 26.06 -15.20
C THR A 26 -11.18 25.88 -16.30
N ILE A 27 -10.78 24.66 -16.56
CA ILE A 27 -9.77 24.43 -17.64
C ILE A 27 -10.43 23.73 -18.84
N THR A 28 -10.57 24.43 -19.93
CA THR A 28 -11.23 23.84 -21.13
C THR A 28 -10.26 22.98 -21.93
N THR A 29 -10.77 22.15 -22.80
CA THR A 29 -9.88 21.28 -23.62
C THR A 29 -9.01 22.14 -24.54
N LYS A 30 -9.36 23.39 -24.72
CA LYS A 30 -8.51 24.29 -25.57
C LYS A 30 -7.16 24.45 -24.88
N GLU A 31 -7.20 24.82 -23.62
CA GLU A 31 -5.93 24.98 -22.84
C GLU A 31 -5.20 23.64 -22.85
N LEU A 32 -5.95 22.56 -22.78
CA LEU A 32 -5.34 21.20 -22.85
C LEU A 32 -4.62 21.07 -24.19
N GLY A 33 -5.36 21.26 -25.25
CA GLY A 33 -4.78 21.14 -26.62
C GLY A 33 -3.45 21.88 -26.65
N THR A 34 -3.40 23.06 -26.08
CA THR A 34 -2.12 23.81 -26.04
C THR A 34 -1.07 23.00 -25.26
N VAL A 35 -1.43 22.45 -24.12
CA VAL A 35 -0.43 21.65 -23.35
C VAL A 35 -0.02 20.40 -24.12
N MET A 36 -0.93 19.51 -24.44
CA MET A 36 -0.51 18.29 -25.17
C MET A 36 0.10 18.65 -26.52
N ARG A 37 -0.34 19.73 -27.15
CA ARG A 37 0.30 20.11 -28.45
C ARG A 37 1.78 20.36 -28.17
N SER A 38 2.08 21.01 -27.07
CA SER A 38 3.51 21.25 -26.71
C SER A 38 4.29 19.92 -26.74
N LEU A 39 3.61 18.81 -26.53
CA LEU A 39 4.31 17.49 -26.59
C LEU A 39 4.90 17.33 -27.99
N GLY A 40 4.14 17.71 -28.97
CA GLY A 40 4.61 17.60 -30.40
C GLY A 40 3.56 16.89 -31.25
N GLN A 41 2.32 16.85 -30.81
CA GLN A 41 1.26 16.17 -31.62
C GLN A 41 0.08 17.13 -31.84
N ASN A 42 -0.65 16.95 -32.92
CA ASN A 42 -1.81 17.85 -33.20
C ASN A 42 -3.13 17.06 -33.21
N PRO A 43 -3.75 16.97 -32.05
CA PRO A 43 -5.04 16.23 -31.94
C PRO A 43 -6.15 16.99 -32.65
N THR A 44 -7.25 16.33 -32.94
CA THR A 44 -8.38 17.00 -33.64
C THR A 44 -9.39 17.53 -32.61
N GLU A 45 -10.17 18.52 -33.00
CA GLU A 45 -11.17 19.10 -32.04
C GLU A 45 -12.13 18.01 -31.52
N ALA A 46 -12.46 17.05 -32.33
CA ALA A 46 -13.38 15.97 -31.86
C ALA A 46 -12.78 15.24 -30.66
N GLU A 47 -11.57 14.75 -30.80
CA GLU A 47 -10.91 14.03 -29.68
C GLU A 47 -10.73 14.99 -28.49
N LEU A 48 -10.44 16.24 -28.77
CA LEU A 48 -10.27 17.23 -27.66
C LEU A 48 -11.54 17.29 -26.81
N GLN A 49 -12.67 17.49 -27.42
CA GLN A 49 -13.96 17.57 -26.65
C GLN A 49 -14.30 16.21 -26.01
N ASP A 50 -13.97 15.13 -26.67
CA ASP A 50 -14.29 13.78 -26.09
C ASP A 50 -13.37 13.48 -24.90
N MET A 51 -12.09 13.52 -25.13
CA MET A 51 -11.12 13.23 -24.04
C MET A 51 -11.38 14.17 -22.86
N ILE A 52 -11.56 15.45 -23.10
CA ILE A 52 -11.86 16.37 -21.96
C ILE A 52 -13.21 15.99 -21.35
N ASN A 53 -14.16 15.64 -22.19
CA ASN A 53 -15.50 15.24 -21.69
C ASN A 53 -15.37 14.07 -20.72
N GLU A 54 -14.32 13.30 -20.84
CA GLU A 54 -14.14 12.12 -19.94
C GLU A 54 -13.46 12.47 -18.58
N VAL A 55 -12.56 13.41 -18.55
CA VAL A 55 -11.83 13.68 -17.27
C VAL A 55 -12.56 14.67 -16.35
N ASP A 56 -13.62 15.29 -16.81
CA ASP A 56 -14.34 16.25 -15.91
C ASP A 56 -15.57 15.61 -15.25
N ALA A 57 -15.71 14.31 -15.31
CA ALA A 57 -16.88 13.62 -14.66
C ALA A 57 -18.22 14.03 -15.29
N ASP A 58 -18.68 15.23 -15.02
CA ASP A 58 -20.00 15.67 -15.60
C ASP A 58 -19.97 15.60 -17.12
N GLY A 59 -18.81 15.79 -17.71
CA GLY A 59 -18.68 15.68 -19.18
C GLY A 59 -19.16 16.95 -19.90
N ASN A 60 -18.96 18.11 -19.33
CA ASN A 60 -19.37 19.35 -20.05
C ASN A 60 -18.30 19.68 -21.11
N GLY A 61 -17.24 18.89 -21.14
CA GLY A 61 -16.16 19.10 -22.13
C GLY A 61 -15.11 20.05 -21.53
N THR A 62 -14.99 20.07 -20.22
CA THR A 62 -14.02 20.98 -19.56
C THR A 62 -13.83 20.47 -18.14
N ILE A 63 -12.67 20.59 -17.56
CA ILE A 63 -12.50 20.04 -16.18
C ILE A 63 -12.49 21.14 -15.12
N ASP A 64 -12.91 20.79 -13.93
CA ASP A 64 -12.93 21.77 -12.81
C ASP A 64 -12.08 21.22 -11.65
N PHE A 65 -11.63 22.07 -10.77
CA PHE A 65 -10.80 21.59 -9.62
C PHE A 65 -11.47 20.41 -8.89
N PRO A 66 -12.72 20.57 -8.52
CA PRO A 66 -13.43 19.48 -7.80
C PRO A 66 -13.62 18.26 -8.71
N GLU A 67 -13.97 18.46 -9.95
CA GLU A 67 -14.17 17.29 -10.86
C GLU A 67 -12.87 16.51 -11.03
N PHE A 68 -11.82 17.20 -11.39
CA PHE A 68 -10.50 16.52 -11.61
C PHE A 68 -9.98 15.88 -10.33
N LEU A 69 -9.91 16.63 -9.26
CA LEU A 69 -9.38 16.05 -7.99
C LEU A 69 -10.31 14.97 -7.43
N THR A 70 -11.60 15.16 -7.52
CA THR A 70 -12.53 14.12 -6.98
C THR A 70 -12.37 12.82 -7.79
N MET A 71 -12.29 12.93 -9.10
CA MET A 71 -12.11 11.70 -9.93
C MET A 71 -10.76 11.04 -9.63
N MET A 72 -9.71 11.82 -9.50
CA MET A 72 -8.38 11.22 -9.19
C MET A 72 -8.40 10.54 -7.82
N ALA A 73 -9.03 11.15 -6.86
CA ALA A 73 -9.10 10.54 -5.49
C ALA A 73 -9.98 9.29 -5.53
N ARG A 74 -11.02 9.32 -6.33
CA ARG A 74 -11.94 8.15 -6.43
C ARG A 74 -11.17 6.89 -6.85
N LYS A 75 -10.20 7.05 -7.72
CA LYS A 75 -9.40 5.87 -8.19
C LYS A 75 -8.69 5.21 -7.00
N MET A 76 -8.32 5.97 -6.00
CA MET A 76 -7.63 5.37 -4.83
C MET A 76 -8.64 4.66 -3.92
N LYS A 77 -8.52 3.37 -3.81
CA LYS A 77 -9.45 2.59 -2.94
C LYS A 77 -8.67 1.69 -2.00
N ASP A 78 -9.20 1.43 -0.82
CA ASP A 78 -8.48 0.56 0.15
C ASP A 78 -8.63 -0.91 -0.25
N THR A 79 -7.88 -1.35 -1.23
CA THR A 79 -7.96 -2.77 -1.68
C THR A 79 -6.57 -3.41 -1.67
N ASP A 80 -6.50 -4.72 -1.62
CA ASP A 80 -5.17 -5.42 -1.61
C ASP A 80 -4.29 -4.85 -0.49
N SER A 81 -4.84 -4.71 0.68
CA SER A 81 -4.04 -4.15 1.82
C SER A 81 -2.83 -5.05 2.12
N GLU A 82 -2.91 -6.32 1.80
CA GLU A 82 -1.77 -7.24 2.08
C GLU A 82 -0.51 -6.79 1.33
N GLU A 83 -0.68 -6.19 0.17
CA GLU A 83 0.50 -5.74 -0.62
C GLU A 83 1.31 -4.68 0.14
N GLU A 84 0.71 -4.03 1.09
CA GLU A 84 1.45 -2.97 1.85
C GLU A 84 2.68 -3.56 2.55
N ILE A 85 2.62 -4.81 2.94
CA ILE A 85 3.79 -5.44 3.62
C ILE A 85 4.98 -5.48 2.67
N ARG A 86 4.72 -5.55 1.39
CA ARG A 86 5.84 -5.54 0.41
C ARG A 86 6.59 -4.23 0.55
N GLU A 87 5.88 -3.16 0.75
CA GLU A 87 6.54 -1.84 0.92
C GLU A 87 7.44 -1.87 2.15
N ALA A 88 7.02 -2.57 3.19
CA ALA A 88 7.87 -2.66 4.41
C ALA A 88 9.17 -3.35 4.02
N PHE A 89 9.06 -4.41 3.28
CA PHE A 89 10.29 -5.11 2.82
C PHE A 89 11.09 -4.19 1.90
N ARG A 90 10.42 -3.45 1.05
CA ARG A 90 11.15 -2.52 0.15
C ARG A 90 11.93 -1.49 0.99
N VAL A 91 11.39 -1.11 2.13
CA VAL A 91 12.14 -0.13 2.96
C VAL A 91 13.18 -0.89 3.80
N PHE A 92 12.84 -2.04 4.32
CA PHE A 92 13.83 -2.83 5.13
C PHE A 92 14.98 -3.29 4.25
N ASP A 93 14.66 -3.72 3.07
CA ASP A 93 15.69 -4.32 2.17
C ASP A 93 16.63 -3.33 1.51
N LYS A 94 17.77 -3.13 2.12
CA LYS A 94 18.81 -2.24 1.54
C LYS A 94 19.77 -3.11 0.71
N ASP A 95 19.26 -4.20 0.18
CA ASP A 95 20.09 -5.12 -0.65
C ASP A 95 19.39 -5.33 -1.99
N GLY A 96 18.09 -5.42 -1.96
CA GLY A 96 17.32 -5.62 -3.23
C GLY A 96 16.64 -7.00 -3.20
N ASN A 97 16.23 -7.45 -2.03
CA ASN A 97 15.56 -8.79 -1.95
C ASN A 97 14.33 -8.72 -1.02
N GLY A 98 13.54 -9.75 -0.97
CA GLY A 98 12.32 -9.73 -0.10
C GLY A 98 12.62 -10.37 1.27
N TYR A 99 13.75 -10.04 1.84
CA TYR A 99 14.10 -10.63 3.18
C TYR A 99 14.62 -9.54 4.14
N ILE A 100 14.13 -9.53 5.37
CA ILE A 100 14.63 -8.50 6.33
C ILE A 100 15.83 -9.06 7.10
N SER A 101 16.89 -8.32 7.14
CA SER A 101 18.11 -8.79 7.86
C SER A 101 18.12 -8.27 9.29
N ALA A 102 18.98 -8.81 10.11
CA ALA A 102 19.07 -8.32 11.51
C ALA A 102 19.54 -6.87 11.49
N ALA A 103 20.39 -6.54 10.54
CA ALA A 103 20.88 -5.14 10.42
C ALA A 103 19.73 -4.22 9.97
N GLU A 104 19.10 -4.51 8.86
CA GLU A 104 17.98 -3.64 8.37
C GLU A 104 16.94 -3.52 9.48
N LEU A 105 16.59 -4.62 10.08
CA LEU A 105 15.59 -4.58 11.18
C LEU A 105 16.08 -3.63 12.27
N ARG A 106 17.33 -3.70 12.62
CA ARG A 106 17.87 -2.75 13.65
C ARG A 106 17.65 -1.32 13.15
N HIS A 107 17.76 -1.14 11.86
CA HIS A 107 17.55 0.22 11.28
C HIS A 107 16.10 0.66 11.54
N VAL A 108 15.15 -0.23 11.30
CA VAL A 108 13.74 0.16 11.58
C VAL A 108 13.64 0.48 13.06
N MET A 109 14.40 -0.20 13.90
CA MET A 109 14.37 0.14 15.35
C MET A 109 14.87 1.57 15.49
N THR A 110 15.88 1.92 14.71
CA THR A 110 16.41 3.30 14.77
C THR A 110 15.23 4.26 14.62
N ASN A 111 14.30 3.95 13.73
CA ASN A 111 13.12 4.86 13.57
C ASN A 111 12.43 5.11 14.93
N LEU A 112 12.29 4.10 15.77
CA LEU A 112 11.66 4.34 17.11
C LEU A 112 12.78 4.54 18.15
N GLY A 113 12.60 4.11 19.37
CA GLY A 113 13.70 4.31 20.38
C GLY A 113 13.59 3.24 21.48
N GLU A 114 14.37 2.20 21.37
CA GLU A 114 14.29 1.12 22.40
C GLU A 114 15.68 0.66 22.88
N LYS A 115 16.68 0.64 22.03
CA LYS A 115 18.10 0.20 22.39
C LYS A 115 18.34 -1.31 22.16
N LEU A 116 18.08 -2.15 23.13
CA LEU A 116 18.30 -3.64 22.96
C LEU A 116 19.74 -3.96 22.56
N THR A 117 20.22 -5.10 22.99
CA THR A 117 21.61 -5.52 22.64
C THR A 117 21.60 -6.42 21.40
N ASP A 118 22.75 -6.67 20.83
CA ASP A 118 22.82 -7.54 19.62
C ASP A 118 22.12 -8.89 19.87
N GLU A 119 22.15 -9.36 21.09
CA GLU A 119 21.48 -10.66 21.40
C GLU A 119 19.95 -10.51 21.30
N GLU A 120 19.44 -9.33 21.57
CA GLU A 120 17.96 -9.14 21.48
C GLU A 120 17.53 -9.11 20.00
N VAL A 121 18.31 -8.50 19.15
CA VAL A 121 17.94 -8.47 17.70
C VAL A 121 18.15 -9.86 17.10
N ASP A 122 19.19 -10.54 17.49
CA ASP A 122 19.42 -11.91 16.97
C ASP A 122 18.26 -12.81 17.39
N GLU A 123 17.89 -12.76 18.64
CA GLU A 123 16.74 -13.58 19.12
C GLU A 123 15.44 -13.02 18.54
N MET A 124 15.42 -11.76 18.15
CA MET A 124 14.19 -11.21 17.55
C MET A 124 13.98 -11.90 16.20
N ILE A 125 15.03 -12.05 15.43
CA ILE A 125 14.90 -12.77 14.14
C ILE A 125 14.54 -14.21 14.44
N ARG A 126 15.08 -14.74 15.52
CA ARG A 126 14.74 -16.15 15.91
C ARG A 126 13.23 -16.27 16.15
N GLU A 127 12.62 -15.26 16.71
CA GLU A 127 11.14 -15.32 16.98
C GLU A 127 10.36 -15.44 15.67
N ALA A 128 10.82 -14.80 14.61
CA ALA A 128 10.07 -14.88 13.31
C ALA A 128 10.61 -16.00 12.43
N ASP A 129 11.85 -16.39 12.62
CA ASP A 129 12.45 -17.44 11.74
C ASP A 129 11.82 -18.81 11.96
N ILE A 130 10.68 -19.07 11.37
CA ILE A 130 10.07 -20.42 11.51
C ILE A 130 11.01 -21.42 10.85
N ASP A 131 11.58 -21.02 9.74
CA ASP A 131 12.54 -21.90 9.00
C ASP A 131 13.98 -21.73 9.53
N GLY A 132 14.17 -20.89 10.51
CA GLY A 132 15.54 -20.71 11.11
C GLY A 132 16.59 -20.35 10.03
N ASP A 133 16.38 -19.31 9.26
CA ASP A 133 17.41 -18.96 8.23
C ASP A 133 18.30 -17.78 8.72
N GLY A 134 18.08 -17.29 9.93
CA GLY A 134 18.92 -16.17 10.46
C GLY A 134 18.45 -14.81 9.94
N GLN A 135 17.32 -14.75 9.29
CA GLN A 135 16.79 -13.48 8.74
C GLN A 135 15.29 -13.60 8.76
N VAL A 136 14.57 -12.54 8.55
CA VAL A 136 13.09 -12.68 8.58
C VAL A 136 12.50 -12.53 7.19
N ASN A 137 11.82 -13.55 6.75
CA ASN A 137 11.22 -13.53 5.41
C ASN A 137 9.85 -12.84 5.44
N TYR A 138 9.24 -12.75 4.31
CA TYR A 138 7.89 -12.10 4.20
C TYR A 138 6.88 -12.89 5.04
N GLU A 139 6.87 -14.19 4.91
CA GLU A 139 5.92 -15.01 5.71
C GLU A 139 6.28 -14.90 7.19
N GLU A 140 7.55 -14.75 7.48
CA GLU A 140 7.98 -14.60 8.89
C GLU A 140 7.59 -13.22 9.41
N PHE A 141 7.79 -12.19 8.62
CA PHE A 141 7.37 -10.83 9.05
C PHE A 141 5.87 -10.83 9.32
N VAL A 142 5.09 -11.23 8.36
CA VAL A 142 3.62 -11.26 8.55
C VAL A 142 3.28 -12.26 9.66
N GLN A 143 4.12 -13.26 9.87
CA GLN A 143 3.85 -14.22 10.99
C GLN A 143 4.04 -13.48 12.32
N MET A 144 4.91 -12.48 12.35
CA MET A 144 5.11 -11.72 13.60
C MET A 144 3.95 -10.74 13.79
N MET A 145 3.74 -9.88 12.82
CA MET A 145 2.62 -8.89 12.93
C MET A 145 1.26 -9.60 12.89
N THR A 146 1.20 -10.74 12.25
CA THR A 146 -0.10 -11.48 12.17
C THR A 146 0.13 -12.96 12.46
N ALA A 147 -0.70 -13.56 13.26
CA ALA A 147 -0.52 -15.01 13.58
C ALA A 147 -1.79 -15.57 14.22
N LYS A 148 -2.19 -16.75 13.81
CA LYS A 148 -3.43 -17.37 14.40
C LYS A 148 -3.29 -18.88 14.45
N GLY B 1 8.38 -5.01 27.85
CA GLY B 1 9.36 -5.30 26.77
C GLY B 1 10.43 -6.27 27.28
N SER B 2 10.10 -7.52 27.37
CA SER B 2 11.10 -8.53 27.86
C SER B 2 12.35 -8.52 26.98
N ARG B 3 12.18 -8.31 25.70
CA ARG B 3 13.35 -8.28 24.78
C ARG B 3 12.95 -7.70 23.41
N ALA B 4 12.38 -8.50 22.55
CA ALA B 4 11.97 -8.00 21.22
C ALA B 4 10.50 -7.55 21.20
N LYS B 5 9.72 -7.92 22.18
CA LYS B 5 8.28 -7.54 22.18
C LYS B 5 8.05 -6.07 21.78
N ALA B 6 8.51 -5.14 22.57
CA ALA B 6 8.28 -3.70 22.24
C ALA B 6 9.11 -3.24 21.03
N ASN B 7 10.36 -3.60 20.97
CA ASN B 7 11.22 -3.18 19.82
C ASN B 7 10.70 -3.77 18.52
N TRP B 8 10.49 -5.05 18.49
CA TRP B 8 10.00 -5.72 17.24
C TRP B 8 8.64 -5.17 16.87
N LEU B 9 7.78 -5.00 17.84
CA LEU B 9 6.44 -4.42 17.55
C LEU B 9 6.63 -3.11 16.81
N ARG B 10 7.38 -2.23 17.41
CA ARG B 10 7.66 -0.93 16.77
C ARG B 10 8.41 -1.13 15.45
N ALA B 11 9.18 -2.18 15.29
CA ALA B 11 9.93 -2.39 14.01
C ALA B 11 8.97 -2.73 12.84
N PHE B 12 8.42 -3.93 12.85
CA PHE B 12 7.49 -4.30 11.74
C PHE B 12 6.37 -3.24 11.68
N ASN B 13 5.92 -2.77 12.82
CA ASN B 13 4.89 -1.69 12.81
C ASN B 13 5.49 -0.40 12.27
N LYS B 14 6.77 -0.16 12.51
CA LYS B 14 7.41 1.10 12.00
C LYS B 14 7.19 1.15 10.49
N VAL B 15 7.42 0.06 9.80
CA VAL B 15 7.15 0.12 8.33
C VAL B 15 5.65 0.09 8.06
N ARG B 16 4.87 -0.60 8.87
CA ARG B 16 3.39 -0.63 8.62
C ARG B 16 2.83 0.77 8.40
N MET B 17 3.29 1.73 9.15
CA MET B 17 2.81 3.13 8.95
C MET B 17 3.32 3.65 7.60
N GLN B 18 4.50 3.26 7.22
CA GLN B 18 5.10 3.74 5.94
C GLN B 18 4.49 3.01 4.72
N LEU B 19 4.00 1.80 4.89
CA LEU B 19 3.43 1.06 3.72
C LEU B 19 2.36 1.91 3.01
N GLN B 20 1.53 2.57 3.78
CA GLN B 20 0.46 3.41 3.17
C GLN B 20 1.07 4.53 2.33
N GLU B 21 2.21 5.03 2.73
CA GLU B 21 2.86 6.14 1.97
C GLU B 21 3.06 5.77 0.50
N ALA B 22 3.27 4.51 0.22
CA ALA B 22 3.48 4.07 -1.20
C ALA B 22 2.26 4.44 -2.05
N ARG B 23 1.09 4.42 -1.47
CA ARG B 23 -0.15 4.77 -2.24
C ARG B 23 -0.03 6.17 -2.85
N GLY B 24 0.67 7.06 -2.20
CA GLY B 24 0.82 8.45 -2.73
C GLY B 24 1.35 8.42 -4.17
N GLU B 25 2.12 7.42 -4.51
CA GLU B 25 2.65 7.35 -5.90
C GLU B 25 1.74 6.51 -6.80
N GLY B 26 1.53 6.94 -8.01
CA GLY B 26 0.64 6.18 -8.94
C GLY B 26 0.64 6.85 -10.31
N GLU B 27 0.90 6.10 -11.35
CA GLU B 27 0.92 6.69 -12.73
C GLU B 27 -0.47 7.21 -13.11
N MET B 28 -1.50 6.58 -12.62
CA MET B 28 -2.89 7.03 -12.95
C MET B 28 -3.11 8.48 -12.51
N SER B 29 -2.43 8.90 -11.47
CA SER B 29 -2.59 10.30 -10.99
C SER B 29 -2.18 11.32 -12.07
N LYS B 30 -1.46 10.88 -13.08
CA LYS B 30 -1.02 11.83 -14.15
C LYS B 30 -2.12 12.07 -15.17
N SER B 31 -3.32 11.62 -14.92
CA SER B 31 -4.40 11.88 -15.90
C SER B 31 -4.67 13.36 -16.00
N LEU B 32 -5.53 13.73 -16.89
CA LEU B 32 -5.88 15.16 -17.07
C LEU B 32 -6.81 15.34 -18.25
N TRP B 33 -6.81 14.43 -19.19
CA TRP B 33 -7.71 14.56 -20.37
C TRP B 33 -8.21 13.17 -20.76
N PHE B 34 -7.32 12.26 -21.07
CA PHE B 34 -7.74 10.89 -21.45
C PHE B 34 -7.39 9.90 -20.33
N LYS B 35 -8.34 9.10 -19.92
CA LYS B 35 -8.07 8.12 -18.83
C LYS B 35 -7.69 6.75 -19.41
N GLY B 36 -7.52 6.65 -20.70
CA GLY B 36 -7.15 5.34 -21.32
C GLY B 36 -7.94 5.14 -22.61
N ALA A 1 2.79 21.59 -6.57
CA ALA A 1 1.87 22.64 -7.09
C ALA A 1 1.60 23.69 -6.02
N ASP A 2 0.74 24.64 -6.31
CA ASP A 2 0.44 25.71 -5.30
C ASP A 2 -0.10 25.09 -4.01
N GLN A 3 -0.90 24.05 -4.11
CA GLN A 3 -1.47 23.39 -2.91
C GLN A 3 -2.00 24.44 -1.90
N LEU A 4 -1.42 24.56 -0.72
CA LEU A 4 -1.93 25.57 0.25
C LEU A 4 -1.14 26.88 0.11
N THR A 5 -1.79 27.99 0.37
CA THR A 5 -1.10 29.31 0.28
C THR A 5 -0.39 29.59 1.61
N GLU A 6 0.62 30.42 1.59
CA GLU A 6 1.34 30.73 2.86
C GLU A 6 0.38 31.36 3.87
N GLU A 7 -0.55 32.16 3.40
CA GLU A 7 -1.54 32.79 4.33
C GLU A 7 -2.40 31.69 4.96
N GLN A 8 -2.81 30.73 4.16
CA GLN A 8 -3.65 29.61 4.71
C GLN A 8 -2.92 28.99 5.89
N ILE A 9 -1.91 28.18 5.65
CA ILE A 9 -1.16 27.54 6.78
C ILE A 9 -0.82 28.57 7.87
N ALA A 10 -0.47 29.77 7.49
CA ALA A 10 -0.13 30.81 8.51
C ALA A 10 -1.27 30.94 9.53
N GLU A 11 -2.49 31.02 9.08
CA GLU A 11 -3.65 31.14 10.01
C GLU A 11 -3.84 29.83 10.80
N PHE A 12 -3.77 28.71 10.13
CA PHE A 12 -3.93 27.40 10.82
C PHE A 12 -2.82 27.23 11.85
N LYS A 13 -1.66 27.74 11.56
CA LYS A 13 -0.52 27.61 12.50
C LYS A 13 -0.87 28.27 13.84
N GLU A 14 -1.46 29.44 13.80
CA GLU A 14 -1.85 30.13 15.07
C GLU A 14 -3.01 29.39 15.72
N ALA A 15 -4.03 29.06 14.95
CA ALA A 15 -5.20 28.33 15.54
C ALA A 15 -4.74 26.96 16.06
N PHE A 16 -3.83 26.35 15.36
CA PHE A 16 -3.31 25.01 15.79
C PHE A 16 -2.54 25.16 17.10
N SER A 17 -1.68 26.15 17.20
CA SER A 17 -0.92 26.34 18.46
C SER A 17 -1.88 26.64 19.60
N LEU A 18 -2.96 27.34 19.31
CA LEU A 18 -3.96 27.66 20.37
C LEU A 18 -4.47 26.36 21.01
N PHE A 19 -4.75 25.37 20.20
CA PHE A 19 -5.23 24.06 20.73
C PHE A 19 -4.10 23.35 21.48
N ASP A 20 -2.89 23.50 21.03
CA ASP A 20 -1.74 22.83 21.69
C ASP A 20 -1.34 23.56 22.98
N LYS A 21 -2.03 23.30 24.06
CA LYS A 21 -1.69 23.95 25.36
C LYS A 21 -0.27 23.55 25.78
N ASP A 22 0.14 22.36 25.41
CA ASP A 22 1.50 21.89 25.78
C ASP A 22 2.59 22.71 25.07
N GLY A 23 2.27 23.30 23.95
CA GLY A 23 3.28 24.13 23.23
C GLY A 23 3.90 23.35 22.06
N ASP A 24 3.68 22.07 21.96
CA ASP A 24 4.27 21.29 20.83
C ASP A 24 3.39 21.44 19.58
N GLY A 25 3.85 20.95 18.46
CA GLY A 25 3.05 21.07 17.20
C GLY A 25 2.38 19.73 16.87
N THR A 26 1.95 19.01 17.88
CA THR A 26 1.29 17.69 17.61
C THR A 26 -0.08 17.62 18.29
N ILE A 27 -1.01 16.91 17.71
CA ILE A 27 -2.37 16.77 18.32
C ILE A 27 -2.57 15.33 18.79
N THR A 28 -3.08 15.15 19.98
CA THR A 28 -3.29 13.75 20.48
C THR A 28 -4.73 13.55 20.98
N THR A 29 -5.14 12.31 21.04
CA THR A 29 -6.55 11.98 21.48
C THR A 29 -6.85 12.60 22.84
N LYS A 30 -5.85 12.70 23.66
CA LYS A 30 -6.06 13.26 25.03
C LYS A 30 -6.46 14.73 24.95
N GLU A 31 -5.64 15.55 24.33
CA GLU A 31 -5.99 17.00 24.20
C GLU A 31 -7.37 17.10 23.53
N LEU A 32 -7.61 16.24 22.59
CA LEU A 32 -8.92 16.23 21.90
C LEU A 32 -10.03 15.89 22.89
N GLY A 33 -9.87 14.78 23.57
CA GLY A 33 -10.88 14.35 24.58
C GLY A 33 -11.26 15.57 25.41
N THR A 34 -10.28 16.30 25.85
CA THR A 34 -10.58 17.53 26.64
C THR A 34 -11.37 18.53 25.80
N VAL A 35 -11.03 18.74 24.54
CA VAL A 35 -11.81 19.73 23.73
C VAL A 35 -13.26 19.23 23.52
N MET A 36 -13.45 18.09 22.90
CA MET A 36 -14.84 17.60 22.65
C MET A 36 -15.62 17.55 23.97
N ARG A 37 -14.98 17.17 25.04
CA ARG A 37 -15.69 17.14 26.35
C ARG A 37 -16.09 18.57 26.76
N SER A 38 -15.18 19.50 26.59
CA SER A 38 -15.47 20.92 26.95
C SER A 38 -16.65 21.47 26.13
N LEU A 39 -16.80 21.01 24.91
CA LEU A 39 -17.93 21.51 24.07
C LEU A 39 -19.19 20.66 24.23
N GLY A 40 -19.27 19.89 25.29
CA GLY A 40 -20.50 19.07 25.54
C GLY A 40 -20.44 17.72 24.82
N GLN A 41 -19.30 17.33 24.31
CA GLN A 41 -19.22 16.01 23.61
C GLN A 41 -18.26 15.08 24.35
N ASN A 42 -18.77 14.04 24.96
CA ASN A 42 -17.88 13.09 25.70
C ASN A 42 -18.07 11.66 25.20
N PRO A 43 -17.47 11.36 24.08
CA PRO A 43 -17.59 10.00 23.49
C PRO A 43 -16.72 9.01 24.28
N THR A 44 -16.78 7.75 23.95
CA THR A 44 -15.96 6.74 24.69
C THR A 44 -14.52 6.78 24.19
N GLU A 45 -13.60 6.28 24.98
CA GLU A 45 -12.16 6.29 24.56
C GLU A 45 -11.97 5.56 23.23
N ALA A 46 -12.75 4.54 22.98
CA ALA A 46 -12.62 3.80 21.69
C ALA A 46 -12.98 4.73 20.52
N GLU A 47 -14.04 5.48 20.65
CA GLU A 47 -14.42 6.41 19.55
C GLU A 47 -13.34 7.48 19.39
N LEU A 48 -12.76 7.92 20.48
CA LEU A 48 -11.69 8.95 20.38
C LEU A 48 -10.50 8.40 19.57
N GLN A 49 -10.09 7.19 19.88
CA GLN A 49 -8.95 6.58 19.13
C GLN A 49 -9.32 6.36 17.67
N ASP A 50 -10.55 5.99 17.42
CA ASP A 50 -10.97 5.75 16.00
C ASP A 50 -11.07 7.08 15.24
N MET A 51 -11.86 7.99 15.75
CA MET A 51 -12.03 9.31 15.09
C MET A 51 -10.66 9.99 14.89
N ILE A 52 -9.79 9.95 15.88
CA ILE A 52 -8.45 10.58 15.69
C ILE A 52 -7.63 9.74 14.70
N ASN A 53 -7.76 8.44 14.77
CA ASN A 53 -7.01 7.55 13.83
C ASN A 53 -7.42 7.83 12.39
N GLU A 54 -8.62 8.32 12.18
CA GLU A 54 -9.09 8.62 10.79
C GLU A 54 -8.28 9.74 10.12
N VAL A 55 -7.85 10.72 10.85
CA VAL A 55 -7.12 11.86 10.21
C VAL A 55 -5.60 11.76 10.44
N ASP A 56 -5.13 10.63 10.89
CA ASP A 56 -3.66 10.46 11.09
C ASP A 56 -3.06 9.69 9.90
N ALA A 57 -2.34 10.38 9.05
CA ALA A 57 -1.72 9.72 7.85
C ALA A 57 -0.99 8.41 8.22
N ASP A 58 0.22 8.51 8.71
CA ASP A 58 0.99 7.26 9.05
C ASP A 58 0.22 6.42 10.09
N GLY A 59 -0.42 7.08 11.02
CA GLY A 59 -1.18 6.35 12.06
C GLY A 59 -0.66 6.75 13.44
N ASN A 60 -0.96 5.97 14.45
CA ASN A 60 -0.55 6.29 15.86
C ASN A 60 -1.58 7.29 16.44
N GLY A 61 -2.78 7.26 15.89
CA GLY A 61 -3.89 8.15 16.36
C GLY A 61 -3.39 9.50 16.87
N THR A 62 -2.65 10.24 16.07
CA THR A 62 -2.15 11.57 16.53
C THR A 62 -1.93 12.40 15.26
N ILE A 63 -2.34 13.64 15.26
CA ILE A 63 -2.17 14.44 14.00
C ILE A 63 -1.18 15.60 14.20
N ASP A 64 -0.06 15.54 13.52
CA ASP A 64 0.95 16.64 13.62
C ASP A 64 0.55 17.80 12.71
N PHE A 65 1.32 18.86 12.71
CA PHE A 65 0.99 20.01 11.81
C PHE A 65 1.26 19.67 10.34
N PRO A 66 2.44 19.16 10.05
CA PRO A 66 2.77 18.81 8.65
C PRO A 66 1.94 17.61 8.22
N GLU A 67 2.01 16.53 8.96
CA GLU A 67 1.22 15.31 8.58
C GLU A 67 -0.26 15.66 8.37
N PHE A 68 -0.82 16.49 9.21
CA PHE A 68 -2.26 16.85 9.06
C PHE A 68 -2.50 17.70 7.81
N LEU A 69 -1.82 18.80 7.69
CA LEU A 69 -2.04 19.67 6.49
C LEU A 69 -1.53 18.97 5.22
N THR A 70 -0.40 18.33 5.30
CA THR A 70 0.13 17.61 4.11
C THR A 70 -0.82 16.48 3.71
N MET A 71 -1.33 15.75 4.67
CA MET A 71 -2.27 14.65 4.34
C MET A 71 -3.54 15.21 3.70
N MET A 72 -4.06 16.28 4.24
CA MET A 72 -5.30 16.88 3.64
C MET A 72 -5.03 17.34 2.21
N ALA A 73 -3.89 17.93 1.97
CA ALA A 73 -3.56 18.40 0.60
C ALA A 73 -3.15 17.22 -0.29
N ARG A 74 -2.53 16.22 0.28
CA ARG A 74 -2.08 15.04 -0.53
C ARG A 74 -3.09 13.89 -0.43
N LYS A 75 -4.24 14.11 0.18
CA LYS A 75 -5.24 13.01 0.30
C LYS A 75 -5.68 12.51 -1.08
N MET A 76 -5.50 13.31 -2.10
CA MET A 76 -5.93 12.88 -3.47
C MET A 76 -4.80 12.13 -4.18
N LYS A 77 -5.08 11.57 -5.33
CA LYS A 77 -4.05 10.81 -6.10
C LYS A 77 -3.51 9.62 -5.28
N ASP A 78 -4.39 8.79 -4.80
CA ASP A 78 -3.94 7.61 -4.00
C ASP A 78 -3.64 6.43 -4.93
N THR A 79 -2.42 5.94 -4.91
CA THR A 79 -2.06 4.80 -5.80
C THR A 79 -1.51 3.62 -4.97
N ASP A 80 -1.90 2.42 -5.31
CA ASP A 80 -1.40 1.23 -4.56
C ASP A 80 -1.34 0.00 -5.49
N SER A 81 -0.78 0.17 -6.66
CA SER A 81 -0.70 -0.97 -7.63
C SER A 81 0.17 -2.11 -7.06
N GLU A 82 1.08 -1.80 -6.17
CA GLU A 82 1.96 -2.87 -5.60
C GLU A 82 1.48 -3.28 -4.21
N GLU A 83 1.83 -4.47 -3.78
CA GLU A 83 1.40 -4.95 -2.43
C GLU A 83 2.07 -4.11 -1.34
N GLU A 84 1.34 -3.76 -0.31
CA GLU A 84 1.94 -2.93 0.77
C GLU A 84 3.09 -3.67 1.47
N ILE A 85 2.91 -4.92 1.80
CA ILE A 85 4.01 -5.68 2.47
C ILE A 85 5.22 -5.79 1.54
N ARG A 86 4.98 -5.86 0.26
CA ARG A 86 6.13 -5.93 -0.69
C ARG A 86 6.93 -4.63 -0.56
N GLU A 87 6.24 -3.52 -0.51
CA GLU A 87 6.93 -2.22 -0.35
C GLU A 87 7.68 -2.21 0.98
N ALA A 88 7.12 -2.83 2.00
CA ALA A 88 7.81 -2.88 3.31
C ALA A 88 9.16 -3.56 3.12
N PHE A 89 9.17 -4.65 2.40
CA PHE A 89 10.46 -5.35 2.16
C PHE A 89 11.38 -4.45 1.34
N ARG A 90 10.85 -3.74 0.39
CA ARG A 90 11.71 -2.81 -0.40
C ARG A 90 12.32 -1.76 0.52
N VAL A 91 11.66 -1.43 1.61
CA VAL A 91 12.22 -0.41 2.54
C VAL A 91 12.86 -1.10 3.77
N PHE A 92 12.64 -2.38 3.93
CA PHE A 92 13.24 -3.11 5.08
C PHE A 92 14.71 -3.35 4.86
N ASP A 93 15.14 -3.33 3.64
CA ASP A 93 16.57 -3.59 3.34
C ASP A 93 17.07 -2.74 2.18
N LYS A 94 17.84 -1.73 2.47
CA LYS A 94 18.37 -0.84 1.40
C LYS A 94 19.42 -1.61 0.61
N ASP A 95 18.98 -2.61 -0.09
CA ASP A 95 19.91 -3.46 -0.89
C ASP A 95 19.21 -3.98 -2.15
N GLY A 96 17.91 -4.14 -2.12
CA GLY A 96 17.17 -4.66 -3.30
C GLY A 96 16.82 -6.11 -3.05
N ASN A 97 16.49 -6.45 -1.83
CA ASN A 97 16.13 -7.87 -1.51
C ASN A 97 14.77 -7.91 -0.78
N GLY A 98 14.16 -9.06 -0.73
CA GLY A 98 12.82 -9.17 -0.07
C GLY A 98 12.92 -9.85 1.30
N TYR A 99 14.06 -9.79 1.95
CA TYR A 99 14.19 -10.45 3.29
C TYR A 99 14.79 -9.49 4.32
N ILE A 100 14.36 -9.55 5.55
CA ILE A 100 14.92 -8.63 6.60
C ILE A 100 16.01 -9.33 7.40
N SER A 101 17.16 -8.75 7.45
CA SER A 101 18.29 -9.34 8.21
C SER A 101 18.32 -8.72 9.62
N ALA A 102 19.05 -9.30 10.53
CA ALA A 102 19.11 -8.71 11.91
C ALA A 102 19.63 -7.26 11.82
N ALA A 103 20.59 -7.03 10.95
CA ALA A 103 21.12 -5.65 10.80
C ALA A 103 20.03 -4.75 10.19
N GLU A 104 19.48 -5.14 9.07
CA GLU A 104 18.40 -4.32 8.43
C GLU A 104 17.27 -4.11 9.44
N LEU A 105 16.88 -5.16 10.10
CA LEU A 105 15.78 -5.02 11.11
C LEU A 105 16.18 -3.96 12.13
N ARG A 106 17.40 -4.01 12.61
CA ARG A 106 17.88 -2.96 13.56
C ARG A 106 17.69 -1.60 12.90
N HIS A 107 17.88 -1.55 11.60
CA HIS A 107 17.68 -0.25 10.87
C HIS A 107 16.23 0.19 11.10
N VAL A 108 15.31 -0.74 10.98
CA VAL A 108 13.89 -0.38 11.26
C VAL A 108 13.83 0.16 12.68
N MET A 109 14.53 -0.46 13.61
CA MET A 109 14.51 0.04 15.01
C MET A 109 15.05 1.46 15.08
N THR A 110 16.16 1.74 14.41
CA THR A 110 16.70 3.12 14.46
C THR A 110 15.57 4.09 14.13
N ASN A 111 14.72 3.72 13.21
CA ASN A 111 13.57 4.63 12.86
C ASN A 111 12.66 4.88 14.08
N LEU A 112 12.38 3.89 14.92
CA LEU A 112 11.49 4.15 16.12
C LEU A 112 12.31 4.45 17.38
N GLY A 113 13.51 3.94 17.44
CA GLY A 113 14.41 4.26 18.61
C GLY A 113 14.23 3.25 19.76
N GLU A 114 15.25 2.46 20.00
CA GLU A 114 15.15 1.47 21.11
C GLU A 114 16.51 1.19 21.79
N LYS A 115 17.59 1.09 21.06
CA LYS A 115 18.93 0.81 21.69
C LYS A 115 18.93 -0.55 22.41
N LEU A 116 18.93 -1.63 21.66
CA LEU A 116 18.92 -2.99 22.28
C LEU A 116 20.29 -3.65 22.17
N THR A 117 20.48 -4.77 22.81
CA THR A 117 21.78 -5.49 22.72
C THR A 117 21.72 -6.58 21.66
N ASP A 118 22.86 -7.04 21.22
CA ASP A 118 22.91 -8.10 20.17
C ASP A 118 22.00 -9.28 20.52
N GLU A 119 21.84 -9.57 21.79
CA GLU A 119 20.95 -10.71 22.18
C GLU A 119 19.49 -10.36 21.90
N GLU A 120 19.15 -9.11 21.94
CA GLU A 120 17.72 -8.70 21.67
C GLU A 120 17.39 -8.87 20.19
N VAL A 121 18.29 -8.46 19.32
CA VAL A 121 18.02 -8.61 17.86
C VAL A 121 18.14 -10.09 17.47
N ASP A 122 19.08 -10.79 18.04
CA ASP A 122 19.22 -12.24 17.71
C ASP A 122 17.96 -13.00 18.18
N GLU A 123 17.52 -12.75 19.39
CA GLU A 123 16.29 -13.44 19.88
C GLU A 123 15.07 -12.88 19.14
N MET A 124 15.15 -11.67 18.66
CA MET A 124 14.02 -11.10 17.89
C MET A 124 13.84 -11.90 16.59
N ILE A 125 14.91 -12.16 15.89
CA ILE A 125 14.79 -12.99 14.66
C ILE A 125 14.41 -14.40 15.07
N ARG A 126 14.81 -14.82 16.25
CA ARG A 126 14.42 -16.19 16.71
C ARG A 126 12.90 -16.26 16.83
N GLU A 127 12.27 -15.19 17.28
CA GLU A 127 10.79 -15.19 17.42
C GLU A 127 10.11 -15.38 16.06
N ALA A 128 10.67 -14.82 15.02
CA ALA A 128 10.04 -14.98 13.67
C ALA A 128 10.68 -16.13 12.90
N ASP A 129 11.90 -16.48 13.22
CA ASP A 129 12.60 -17.56 12.47
C ASP A 129 11.87 -18.90 12.56
N ILE A 130 10.84 -19.08 11.78
CA ILE A 130 10.15 -20.41 11.77
C ILE A 130 11.00 -21.34 10.90
N ASP A 131 11.70 -20.77 9.94
CA ASP A 131 12.56 -21.57 9.02
C ASP A 131 13.57 -22.38 9.83
N GLY A 132 14.20 -21.79 10.81
CA GLY A 132 15.19 -22.56 11.62
C GLY A 132 16.57 -21.89 11.56
N ASP A 133 16.73 -20.91 10.70
CA ASP A 133 18.04 -20.21 10.59
C ASP A 133 18.09 -19.02 11.59
N GLY A 134 18.36 -17.82 11.13
CA GLY A 134 18.45 -16.65 12.06
C GLY A 134 18.22 -15.35 11.29
N GLN A 135 17.25 -15.34 10.43
CA GLN A 135 16.94 -14.13 9.64
C GLN A 135 15.43 -14.13 9.43
N VAL A 136 14.85 -13.04 9.00
CA VAL A 136 13.39 -13.05 8.84
C VAL A 136 12.98 -12.91 7.39
N ASN A 137 12.26 -13.87 6.91
CA ASN A 137 11.81 -13.86 5.50
C ASN A 137 10.42 -13.21 5.40
N TYR A 138 9.84 -13.34 4.24
CA TYR A 138 8.48 -12.77 3.99
C TYR A 138 7.43 -13.49 4.83
N GLU A 139 7.44 -14.79 4.84
CA GLU A 139 6.44 -15.55 5.64
C GLU A 139 6.61 -15.22 7.13
N GLU A 140 7.82 -14.97 7.54
CA GLU A 140 8.08 -14.64 8.97
C GLU A 140 7.54 -13.25 9.30
N PHE A 141 7.86 -12.26 8.49
CA PHE A 141 7.34 -10.89 8.73
C PHE A 141 5.80 -10.90 8.75
N VAL A 142 5.22 -11.41 7.71
CA VAL A 142 3.73 -11.48 7.66
C VAL A 142 3.21 -12.36 8.78
N GLN A 143 3.98 -13.35 9.20
CA GLN A 143 3.52 -14.21 10.32
C GLN A 143 3.53 -13.41 11.62
N MET A 144 4.41 -12.43 11.74
CA MET A 144 4.41 -11.65 13.00
C MET A 144 3.31 -10.58 12.98
N MET A 145 3.38 -9.69 12.05
CA MET A 145 2.33 -8.61 11.97
C MET A 145 0.96 -9.20 11.64
N THR A 146 0.90 -10.32 10.97
CA THR A 146 -0.43 -10.92 10.64
C THR A 146 -0.44 -12.39 11.08
N ALA A 147 -1.51 -12.81 11.72
CA ALA A 147 -1.60 -14.22 12.19
C ALA A 147 -2.99 -14.50 12.75
N LYS A 148 -4.00 -13.89 12.21
CA LYS A 148 -5.39 -14.12 12.71
C LYS A 148 -6.38 -14.15 11.55
N GLY B 1 12.11 -13.47 22.96
CA GLY B 1 11.93 -13.03 24.36
C GLY B 1 11.12 -11.73 24.39
N SER B 2 10.58 -11.38 25.53
CA SER B 2 9.78 -10.11 25.63
C SER B 2 10.65 -8.90 25.29
N ARG B 3 11.95 -9.03 25.41
CA ARG B 3 12.85 -7.88 25.10
C ARG B 3 12.59 -7.33 23.69
N ALA B 4 12.33 -8.20 22.76
CA ALA B 4 12.07 -7.76 21.36
C ALA B 4 10.60 -7.33 21.18
N LYS B 5 9.73 -7.73 22.07
CA LYS B 5 8.27 -7.40 21.92
C LYS B 5 8.02 -5.94 21.50
N ALA B 6 8.39 -4.99 22.30
CA ALA B 6 8.12 -3.56 21.95
C ALA B 6 8.93 -3.09 20.75
N ASN B 7 10.21 -3.37 20.70
CA ASN B 7 11.03 -2.92 19.54
C ASN B 7 10.58 -3.61 18.26
N TRP B 8 10.44 -4.90 18.30
CA TRP B 8 10.00 -5.66 17.09
C TRP B 8 8.65 -5.16 16.62
N LEU B 9 7.77 -4.92 17.57
CA LEU B 9 6.43 -4.35 17.23
C LEU B 9 6.67 -3.10 16.40
N ARG B 10 7.35 -2.15 16.99
CA ARG B 10 7.66 -0.90 16.29
C ARG B 10 8.48 -1.22 15.03
N ALA B 11 9.15 -2.34 14.98
CA ALA B 11 9.97 -2.66 13.79
C ALA B 11 9.10 -2.97 12.56
N PHE B 12 8.54 -4.16 12.48
CA PHE B 12 7.70 -4.49 11.28
C PHE B 12 6.62 -3.39 11.16
N ASN B 13 6.15 -2.89 12.28
CA ASN B 13 5.15 -1.79 12.24
C ASN B 13 5.81 -0.51 11.72
N LYS B 14 7.09 -0.30 12.00
CA LYS B 14 7.76 0.94 11.50
C LYS B 14 7.62 0.99 10.01
N VAL B 15 7.91 -0.10 9.37
CA VAL B 15 7.75 -0.13 7.89
C VAL B 15 6.26 -0.09 7.52
N ARG B 16 5.42 -0.82 8.20
CA ARG B 16 3.97 -0.81 7.86
C ARG B 16 3.42 0.63 7.80
N MET B 17 3.86 1.49 8.68
CA MET B 17 3.38 2.89 8.65
C MET B 17 3.81 3.57 7.34
N GLN B 18 4.98 3.25 6.85
CA GLN B 18 5.46 3.87 5.59
C GLN B 18 4.63 3.39 4.38
N LEU B 19 4.10 2.19 4.46
CA LEU B 19 3.30 1.65 3.32
C LEU B 19 1.93 2.33 3.27
N GLN B 20 1.30 2.50 4.40
CA GLN B 20 -0.05 3.14 4.43
C GLN B 20 0.05 4.67 4.34
N GLU B 21 1.24 5.21 4.42
CA GLU B 21 1.40 6.70 4.35
C GLU B 21 0.68 7.28 3.14
N ALA B 22 0.69 6.58 2.03
CA ALA B 22 -0.01 7.08 0.81
C ALA B 22 -1.52 7.10 1.05
N ARG B 23 -2.03 6.10 1.72
CA ARG B 23 -3.50 6.05 1.99
C ARG B 23 -3.91 7.13 2.99
N GLY B 24 -5.13 7.60 2.91
CA GLY B 24 -5.59 8.65 3.86
C GLY B 24 -6.37 9.72 3.09
N GLU B 25 -7.35 9.33 2.32
CA GLU B 25 -8.15 10.32 1.55
C GLU B 25 -8.93 11.24 2.51
N GLY B 26 -9.38 10.70 3.62
CA GLY B 26 -10.14 11.53 4.60
C GLY B 26 -11.31 12.24 3.91
N GLU B 27 -12.37 11.53 3.63
CA GLU B 27 -13.54 12.17 2.96
C GLU B 27 -14.10 13.30 3.83
N MET B 28 -14.12 13.11 5.12
CA MET B 28 -14.65 14.17 6.03
C MET B 28 -13.79 15.43 5.92
N SER B 29 -12.50 15.26 5.70
CA SER B 29 -11.58 16.43 5.57
C SER B 29 -11.65 17.34 6.80
N LYS B 30 -12.61 18.23 6.86
CA LYS B 30 -12.72 19.14 8.03
C LYS B 30 -13.51 18.50 9.18
N SER B 31 -13.16 17.29 9.55
CA SER B 31 -13.89 16.62 10.67
C SER B 31 -13.83 17.48 11.94
N LEU B 32 -12.65 17.91 12.31
CA LEU B 32 -12.47 18.78 13.52
C LEU B 32 -10.98 19.06 13.70
N TRP B 33 -10.63 19.97 14.58
CA TRP B 33 -9.19 20.30 14.84
C TRP B 33 -8.56 21.02 13.63
N PHE B 34 -9.31 21.27 12.60
CA PHE B 34 -8.74 21.99 11.41
C PHE B 34 -8.83 23.50 11.63
N LYS B 35 -9.93 23.94 12.18
CA LYS B 35 -10.11 25.40 12.45
C LYS B 35 -9.03 25.91 13.40
N GLY B 36 -8.59 25.07 14.31
CA GLY B 36 -7.54 25.50 15.28
C GLY B 36 -7.32 24.40 16.31
N ALA A 1 -8.12 4.97 -29.00
CA ALA A 1 -7.00 5.41 -28.12
C ALA A 1 -7.54 5.88 -26.77
N ASP A 2 -8.65 5.35 -26.35
CA ASP A 2 -9.24 5.77 -25.04
C ASP A 2 -8.37 5.26 -23.89
N GLN A 3 -8.20 6.05 -22.87
CA GLN A 3 -7.36 5.61 -21.70
C GLN A 3 -7.92 4.33 -21.08
N LEU A 4 -9.22 4.20 -21.05
CA LEU A 4 -9.83 2.98 -20.47
C LEU A 4 -10.03 1.90 -21.52
N THR A 5 -9.91 0.66 -21.13
CA THR A 5 -10.11 -0.46 -22.08
C THR A 5 -11.58 -0.87 -22.07
N GLU A 6 -12.07 -1.48 -23.12
CA GLU A 6 -13.51 -1.89 -23.15
C GLU A 6 -13.84 -2.72 -21.91
N GLU A 7 -12.92 -3.52 -21.46
CA GLU A 7 -13.17 -4.36 -20.24
C GLU A 7 -13.29 -3.47 -19.00
N GLN A 8 -12.40 -2.53 -18.84
CA GLN A 8 -12.47 -1.63 -17.64
C GLN A 8 -13.78 -0.86 -17.62
N ILE A 9 -14.15 -0.29 -18.76
CA ILE A 9 -15.44 0.46 -18.81
C ILE A 9 -16.60 -0.52 -18.61
N ALA A 10 -16.57 -1.62 -19.32
CA ALA A 10 -17.67 -2.63 -19.19
C ALA A 10 -17.91 -3.01 -17.74
N GLU A 11 -16.86 -3.25 -17.00
CA GLU A 11 -17.02 -3.61 -15.57
C GLU A 11 -17.71 -2.48 -14.81
N PHE A 12 -17.34 -1.26 -15.09
CA PHE A 12 -17.99 -0.11 -14.40
C PHE A 12 -19.47 -0.05 -14.81
N LYS A 13 -19.76 -0.32 -16.05
CA LYS A 13 -21.18 -0.29 -16.52
C LYS A 13 -21.99 -1.35 -15.77
N GLU A 14 -21.44 -2.51 -15.58
CA GLU A 14 -22.18 -3.58 -14.84
C GLU A 14 -22.38 -3.16 -13.39
N ALA A 15 -21.33 -2.71 -12.75
CA ALA A 15 -21.46 -2.25 -11.33
C ALA A 15 -22.37 -1.03 -11.28
N PHE A 16 -22.30 -0.21 -12.29
CA PHE A 16 -23.17 1.01 -12.33
C PHE A 16 -24.64 0.60 -12.38
N SER A 17 -24.99 -0.26 -13.30
CA SER A 17 -26.42 -0.70 -13.42
C SER A 17 -26.86 -1.38 -12.11
N LEU A 18 -26.00 -2.19 -11.54
CA LEU A 18 -26.36 -2.88 -10.27
C LEU A 18 -26.47 -1.87 -9.12
N PHE A 19 -25.58 -0.92 -9.05
CA PHE A 19 -25.64 0.09 -7.95
C PHE A 19 -26.61 1.22 -8.30
N ASP A 20 -26.42 1.86 -9.43
CA ASP A 20 -27.30 3.00 -9.82
C ASP A 20 -28.77 2.58 -9.89
N LYS A 21 -29.03 1.37 -10.34
CA LYS A 21 -30.44 0.86 -10.46
C LYS A 21 -31.25 1.64 -11.51
N ASP A 22 -31.35 2.94 -11.37
CA ASP A 22 -32.13 3.73 -12.37
C ASP A 22 -31.45 3.68 -13.74
N GLY A 23 -30.15 3.54 -13.76
CA GLY A 23 -29.41 3.46 -15.06
C GLY A 23 -29.50 4.79 -15.83
N ASP A 24 -29.38 5.90 -15.16
CA ASP A 24 -29.45 7.21 -15.87
C ASP A 24 -28.06 7.64 -16.36
N GLY A 25 -27.06 6.82 -16.16
CA GLY A 25 -25.68 7.19 -16.62
C GLY A 25 -25.11 8.28 -15.71
N THR A 26 -25.74 8.55 -14.60
CA THR A 26 -25.21 9.61 -13.68
C THR A 26 -25.12 9.08 -12.24
N ILE A 27 -24.16 9.56 -11.49
CA ILE A 27 -24.02 9.11 -10.07
C ILE A 27 -24.49 10.24 -9.15
N THR A 28 -25.43 9.94 -8.29
CA THR A 28 -25.98 10.97 -7.37
C THR A 28 -25.60 10.68 -5.92
N THR A 29 -25.45 11.71 -5.14
CA THR A 29 -25.09 11.55 -3.70
C THR A 29 -26.08 10.65 -2.99
N LYS A 30 -27.31 10.66 -3.40
CA LYS A 30 -28.32 9.78 -2.76
C LYS A 30 -27.94 8.33 -3.00
N GLU A 31 -27.63 8.00 -4.23
CA GLU A 31 -27.20 6.60 -4.54
C GLU A 31 -25.99 6.26 -3.66
N LEU A 32 -25.11 7.22 -3.48
CA LEU A 32 -23.92 7.00 -2.60
C LEU A 32 -24.39 6.75 -1.17
N GLY A 33 -25.23 7.63 -0.67
CA GLY A 33 -25.73 7.48 0.73
C GLY A 33 -26.30 6.07 0.90
N THR A 34 -27.16 5.65 0.01
CA THR A 34 -27.74 4.28 0.11
C THR A 34 -26.63 3.22 0.05
N VAL A 35 -25.65 3.42 -0.79
CA VAL A 35 -24.55 2.41 -0.87
C VAL A 35 -23.80 2.33 0.45
N MET A 36 -23.23 3.42 0.93
CA MET A 36 -22.47 3.36 2.21
C MET A 36 -23.36 2.81 3.35
N ARG A 37 -24.62 3.17 3.35
CA ARG A 37 -25.53 2.65 4.43
C ARG A 37 -25.63 1.12 4.34
N SER A 38 -25.82 0.61 3.14
CA SER A 38 -25.91 -0.88 2.97
C SER A 38 -24.59 -1.55 3.39
N LEU A 39 -23.50 -0.88 3.17
CA LEU A 39 -22.16 -1.46 3.54
C LEU A 39 -21.68 -0.92 4.89
N GLY A 40 -22.57 -0.42 5.71
CA GLY A 40 -22.13 0.11 7.03
C GLY A 40 -22.82 1.46 7.31
N GLN A 41 -22.23 2.26 8.14
CA GLN A 41 -22.84 3.59 8.47
C GLN A 41 -22.02 4.72 7.83
N ASN A 42 -22.64 5.83 7.56
CA ASN A 42 -21.92 6.98 6.93
C ASN A 42 -22.09 8.25 7.77
N PRO A 43 -21.28 9.25 7.49
CA PRO A 43 -21.36 10.52 8.23
C PRO A 43 -22.70 11.20 7.94
N THR A 44 -22.94 12.36 8.50
CA THR A 44 -24.23 13.06 8.27
C THR A 44 -24.41 13.40 6.78
N GLU A 45 -25.62 13.73 6.39
CA GLU A 45 -25.89 14.07 4.96
C GLU A 45 -24.96 15.18 4.46
N ALA A 46 -24.55 16.06 5.34
CA ALA A 46 -23.64 17.17 4.90
C ALA A 46 -22.33 16.57 4.37
N GLU A 47 -21.74 15.65 5.10
CA GLU A 47 -20.48 15.02 4.62
C GLU A 47 -20.77 14.26 3.33
N LEU A 48 -21.92 13.63 3.25
CA LEU A 48 -22.28 12.88 2.01
C LEU A 48 -22.18 13.82 0.81
N GLN A 49 -22.80 14.96 0.91
CA GLN A 49 -22.75 15.95 -0.21
C GLN A 49 -21.31 16.41 -0.43
N ASP A 50 -20.56 16.57 0.61
CA ASP A 50 -19.14 17.02 0.44
C ASP A 50 -18.30 15.95 -0.26
N MET A 51 -18.26 14.75 0.30
CA MET A 51 -17.44 13.66 -0.31
C MET A 51 -17.85 13.42 -1.75
N ILE A 52 -19.14 13.37 -1.99
CA ILE A 52 -19.61 13.14 -3.38
C ILE A 52 -19.33 14.38 -4.25
N ASN A 53 -19.41 15.55 -3.66
CA ASN A 53 -19.15 16.80 -4.44
C ASN A 53 -17.71 16.83 -4.94
N GLU A 54 -16.76 16.34 -4.18
CA GLU A 54 -15.34 16.40 -4.64
C GLU A 54 -14.91 15.17 -5.49
N VAL A 55 -15.54 14.02 -5.34
CA VAL A 55 -15.11 12.84 -6.15
C VAL A 55 -15.32 13.12 -7.64
N ASP A 56 -16.15 14.08 -7.95
CA ASP A 56 -16.40 14.41 -9.38
C ASP A 56 -15.22 15.18 -9.98
N ALA A 57 -15.26 15.41 -11.27
CA ALA A 57 -14.15 16.16 -11.94
C ALA A 57 -14.56 17.63 -12.12
N ASP A 58 -15.53 17.89 -12.95
CA ASP A 58 -15.98 19.29 -13.17
C ASP A 58 -16.70 19.83 -11.92
N GLY A 59 -17.25 18.95 -11.12
CA GLY A 59 -17.95 19.40 -9.87
C GLY A 59 -19.43 19.00 -9.92
N ASN A 60 -20.29 19.94 -10.20
CA ASN A 60 -21.76 19.65 -10.27
C ASN A 60 -22.25 18.93 -9.00
N GLY A 61 -21.48 18.89 -7.94
CA GLY A 61 -21.93 18.19 -6.70
C GLY A 61 -22.46 16.79 -7.03
N THR A 62 -21.98 16.18 -8.10
CA THR A 62 -22.46 14.83 -8.48
C THR A 62 -21.40 14.20 -9.39
N ILE A 63 -21.41 12.91 -9.54
CA ILE A 63 -20.36 12.27 -10.39
C ILE A 63 -20.98 11.62 -11.62
N ASP A 64 -20.23 11.50 -12.69
CA ASP A 64 -20.75 10.87 -13.93
C ASP A 64 -19.79 9.76 -14.40
N PHE A 65 -20.27 8.86 -15.21
CA PHE A 65 -19.40 7.74 -15.70
C PHE A 65 -18.03 8.25 -16.20
N PRO A 66 -18.05 9.25 -17.06
CA PRO A 66 -16.76 9.77 -17.60
C PRO A 66 -15.97 10.51 -16.51
N GLU A 67 -16.64 11.21 -15.63
CA GLU A 67 -15.91 11.93 -14.55
C GLU A 67 -15.33 10.94 -13.54
N PHE A 68 -16.17 10.08 -13.02
CA PHE A 68 -15.71 9.08 -12.02
C PHE A 68 -14.68 8.12 -12.62
N LEU A 69 -14.96 7.57 -13.76
CA LEU A 69 -14.00 6.60 -14.37
C LEU A 69 -12.72 7.30 -14.85
N THR A 70 -12.82 8.46 -15.44
CA THR A 70 -11.57 9.14 -15.90
C THR A 70 -10.70 9.50 -14.68
N MET A 71 -11.28 10.06 -13.65
CA MET A 71 -10.47 10.41 -12.45
C MET A 71 -9.95 9.14 -11.78
N MET A 72 -10.74 8.11 -11.71
CA MET A 72 -10.28 6.84 -11.08
C MET A 72 -9.13 6.24 -11.88
N ALA A 73 -9.20 6.31 -13.19
CA ALA A 73 -8.09 5.76 -14.03
C ALA A 73 -6.82 6.59 -13.83
N ARG A 74 -6.96 7.89 -13.82
CA ARG A 74 -5.77 8.76 -13.62
C ARG A 74 -5.11 8.50 -12.27
N LYS A 75 -5.89 8.19 -11.26
CA LYS A 75 -5.32 7.96 -9.90
C LYS A 75 -4.89 6.51 -9.69
N MET A 76 -4.87 5.69 -10.72
CA MET A 76 -4.45 4.27 -10.53
C MET A 76 -2.96 4.20 -10.18
N LYS A 77 -2.65 3.92 -8.94
CA LYS A 77 -1.22 3.84 -8.53
C LYS A 77 -0.51 2.70 -9.27
N ASP A 78 -1.17 1.59 -9.44
CA ASP A 78 -0.55 0.43 -10.17
C ASP A 78 0.80 0.06 -9.53
N THR A 79 0.82 -0.12 -8.23
CA THR A 79 2.10 -0.48 -7.54
C THR A 79 2.61 -1.83 -8.05
N ASP A 80 3.86 -1.91 -8.38
CA ASP A 80 4.43 -3.19 -8.88
C ASP A 80 4.32 -4.29 -7.81
N SER A 81 4.53 -3.94 -6.56
CA SER A 81 4.44 -4.97 -5.48
C SER A 81 3.00 -5.49 -5.35
N GLU A 82 2.85 -6.77 -5.11
CA GLU A 82 1.48 -7.34 -4.97
C GLU A 82 0.84 -6.88 -3.66
N GLU A 83 1.60 -6.80 -2.60
CA GLU A 83 1.03 -6.37 -1.30
C GLU A 83 1.81 -5.19 -0.71
N GLU A 84 1.14 -4.35 0.05
CA GLU A 84 1.83 -3.17 0.67
C GLU A 84 2.96 -3.62 1.59
N ILE A 85 2.83 -4.77 2.19
CA ILE A 85 3.91 -5.28 3.10
C ILE A 85 5.16 -5.64 2.28
N ARG A 86 4.99 -5.98 1.04
CA ARG A 86 6.16 -6.28 0.18
C ARG A 86 7.02 -5.03 0.08
N GLU A 87 6.39 -3.89 0.00
CA GLU A 87 7.15 -2.62 -0.08
C GLU A 87 7.93 -2.42 1.23
N ALA A 88 7.38 -2.85 2.34
CA ALA A 88 8.10 -2.70 3.63
C ALA A 88 9.38 -3.52 3.56
N PHE A 89 9.27 -4.72 3.08
CA PHE A 89 10.49 -5.55 2.91
C PHE A 89 11.43 -4.83 1.94
N ARG A 90 10.88 -4.18 0.94
CA ARG A 90 11.74 -3.45 -0.04
C ARG A 90 12.46 -2.28 0.64
N VAL A 91 11.84 -1.64 1.62
CA VAL A 91 12.58 -0.52 2.30
C VAL A 91 13.73 -1.12 3.12
N PHE A 92 13.56 -2.35 3.57
CA PHE A 92 14.64 -3.02 4.34
C PHE A 92 15.59 -3.74 3.39
N ASP A 93 15.05 -4.23 2.32
CA ASP A 93 15.89 -4.98 1.34
C ASP A 93 16.66 -4.03 0.43
N LYS A 94 17.66 -3.38 0.97
CA LYS A 94 18.47 -2.46 0.11
C LYS A 94 18.95 -3.31 -1.04
N ASP A 95 19.74 -4.30 -0.75
CA ASP A 95 20.25 -5.21 -1.80
C ASP A 95 19.14 -5.72 -2.72
N GLY A 96 17.96 -6.02 -2.20
CA GLY A 96 16.87 -6.53 -3.07
C GLY A 96 16.82 -8.07 -2.96
N ASN A 97 16.37 -8.59 -1.85
CA ASN A 97 16.33 -10.08 -1.70
C ASN A 97 15.00 -10.59 -1.10
N GLY A 98 14.15 -9.72 -0.60
CA GLY A 98 12.85 -10.20 -0.02
C GLY A 98 13.06 -10.75 1.40
N TYR A 99 14.13 -10.39 2.04
CA TYR A 99 14.42 -10.90 3.41
C TYR A 99 14.95 -9.79 4.32
N ILE A 100 14.53 -9.76 5.56
CA ILE A 100 15.02 -8.71 6.50
C ILE A 100 16.17 -9.26 7.33
N SER A 101 17.27 -8.55 7.36
CA SER A 101 18.45 -9.01 8.15
C SER A 101 18.43 -8.39 9.54
N ALA A 102 19.29 -8.85 10.41
CA ALA A 102 19.32 -8.27 11.78
C ALA A 102 19.69 -6.78 11.69
N ALA A 103 20.57 -6.45 10.78
CA ALA A 103 20.97 -5.02 10.61
C ALA A 103 19.77 -4.23 10.07
N GLU A 104 19.22 -4.63 8.95
CA GLU A 104 18.05 -3.88 8.38
C GLU A 104 16.96 -3.71 9.45
N LEU A 105 16.58 -4.78 10.11
CA LEU A 105 15.54 -4.64 11.16
C LEU A 105 16.02 -3.62 12.20
N ARG A 106 17.29 -3.67 12.58
CA ARG A 106 17.81 -2.65 13.54
C ARG A 106 17.49 -1.26 12.97
N HIS A 107 17.57 -1.13 11.67
CA HIS A 107 17.22 0.17 11.03
C HIS A 107 15.77 0.48 11.40
N VAL A 108 14.93 -0.53 11.33
CA VAL A 108 13.50 -0.31 11.74
C VAL A 108 13.50 0.17 13.18
N MET A 109 14.29 -0.44 14.05
CA MET A 109 14.31 0.03 15.47
C MET A 109 14.65 1.51 15.49
N THR A 110 15.61 1.90 14.69
CA THR A 110 15.99 3.35 14.62
C THR A 110 14.72 4.17 14.39
N ASN A 111 13.85 3.73 13.50
CA ASN A 111 12.58 4.51 13.26
C ASN A 111 11.86 4.78 14.59
N LEU A 112 11.75 3.80 15.47
CA LEU A 112 11.09 4.06 16.78
C LEU A 112 12.18 4.20 17.86
N GLY A 113 11.90 3.90 19.10
CA GLY A 113 12.97 4.05 20.14
C GLY A 113 12.96 2.81 21.04
N GLU A 114 14.05 2.08 21.07
CA GLU A 114 14.09 0.85 21.92
C GLU A 114 15.36 0.78 22.77
N LYS A 115 16.48 1.17 22.21
CA LYS A 115 17.77 1.11 22.99
C LYS A 115 18.02 -0.33 23.44
N LEU A 116 18.25 -1.23 22.51
CA LEU A 116 18.52 -2.65 22.87
C LEU A 116 19.91 -3.06 22.37
N THR A 117 20.41 -4.19 22.81
CA THR A 117 21.76 -4.64 22.37
C THR A 117 21.64 -5.61 21.20
N ASP A 118 22.74 -5.96 20.61
CA ASP A 118 22.71 -6.91 19.44
C ASP A 118 22.06 -8.24 19.83
N GLU A 119 22.06 -8.58 21.10
CA GLU A 119 21.42 -9.87 21.53
C GLU A 119 19.90 -9.79 21.35
N GLU A 120 19.35 -8.61 21.50
CA GLU A 120 17.88 -8.44 21.31
C GLU A 120 17.52 -8.56 19.83
N VAL A 121 18.37 -8.03 18.99
CA VAL A 121 18.13 -8.13 17.53
C VAL A 121 18.28 -9.58 17.09
N ASP A 122 19.29 -10.24 17.59
CA ASP A 122 19.50 -11.67 17.23
C ASP A 122 18.31 -12.51 17.69
N GLU A 123 17.90 -12.34 18.92
CA GLU A 123 16.72 -13.12 19.41
C GLU A 123 15.46 -12.65 18.69
N MET A 124 15.46 -11.43 18.20
CA MET A 124 14.27 -10.93 17.46
C MET A 124 14.15 -11.73 16.16
N ILE A 125 15.25 -11.94 15.48
CA ILE A 125 15.20 -12.76 14.25
C ILE A 125 14.89 -14.20 14.62
N ARG A 126 15.31 -14.62 15.79
CA ARG A 126 15.00 -16.02 16.23
C ARG A 126 13.48 -16.16 16.38
N GLU A 127 12.81 -15.12 16.85
CA GLU A 127 11.32 -15.21 17.00
C GLU A 127 10.67 -15.41 15.64
N ALA A 128 11.05 -14.63 14.65
CA ALA A 128 10.46 -14.80 13.30
C ALA A 128 11.08 -16.00 12.60
N ASP A 129 12.30 -16.35 12.96
CA ASP A 129 12.98 -17.49 12.29
C ASP A 129 12.23 -18.81 12.51
N ILE A 130 11.10 -18.95 11.88
CA ILE A 130 10.34 -20.22 11.98
C ILE A 130 11.14 -21.29 11.21
N ASP A 131 11.70 -20.90 10.10
CA ASP A 131 12.54 -21.84 9.30
C ASP A 131 13.99 -21.83 9.84
N GLY A 132 14.28 -20.94 10.77
CA GLY A 132 15.64 -20.88 11.39
C GLY A 132 16.72 -20.52 10.36
N ASP A 133 16.52 -19.52 9.53
CA ASP A 133 17.59 -19.17 8.54
C ASP A 133 18.47 -18.00 9.04
N GLY A 134 18.19 -17.48 10.21
CA GLY A 134 19.03 -16.35 10.75
C GLY A 134 18.55 -15.00 10.21
N GLN A 135 17.42 -14.97 9.57
CA GLN A 135 16.89 -13.69 9.01
C GLN A 135 15.37 -13.83 9.02
N VAL A 136 14.65 -12.80 8.70
CA VAL A 136 13.17 -12.96 8.76
C VAL A 136 12.56 -12.87 7.37
N ASN A 137 11.81 -13.88 7.03
CA ASN A 137 11.17 -13.93 5.69
C ASN A 137 9.90 -13.08 5.67
N TYR A 138 9.34 -12.95 4.52
CA TYR A 138 8.08 -12.16 4.35
C TYR A 138 6.93 -12.84 5.10
N GLU A 139 6.83 -14.14 5.00
CA GLU A 139 5.74 -14.87 5.71
C GLU A 139 5.93 -14.76 7.22
N GLU A 140 7.16 -14.65 7.66
CA GLU A 140 7.42 -14.52 9.12
C GLU A 140 7.03 -13.11 9.57
N PHE A 141 7.42 -12.11 8.82
CA PHE A 141 7.03 -10.70 9.16
C PHE A 141 5.50 -10.58 9.25
N VAL A 142 4.84 -10.93 8.18
CA VAL A 142 3.34 -10.86 8.18
C VAL A 142 2.81 -11.79 9.26
N GLN A 143 3.49 -12.88 9.53
CA GLN A 143 3.01 -13.79 10.61
C GLN A 143 3.14 -13.09 11.96
N MET A 144 4.09 -12.18 12.10
CA MET A 144 4.22 -11.49 13.39
C MET A 144 3.13 -10.42 13.52
N MET A 145 3.16 -9.46 12.63
CA MET A 145 2.13 -8.37 12.68
C MET A 145 0.73 -8.91 12.38
N THR A 146 0.64 -9.99 11.64
CA THR A 146 -0.71 -10.57 11.33
C THR A 146 -0.69 -12.07 11.61
N ALA A 147 -1.70 -12.57 12.27
CA ALA A 147 -1.73 -14.03 12.58
C ALA A 147 -3.15 -14.47 12.93
N LYS A 148 -3.46 -15.73 12.72
CA LYS A 148 -4.84 -16.22 13.04
C LYS A 148 -4.75 -17.52 13.85
N GLY B 1 12.02 -14.42 23.66
CA GLY B 1 12.82 -13.16 23.59
C GLY B 1 11.92 -11.96 23.89
N SER B 2 11.50 -11.80 25.11
CA SER B 2 10.60 -10.65 25.47
C SER B 2 11.31 -9.33 25.19
N ARG B 3 12.62 -9.32 25.19
CA ARG B 3 13.37 -8.06 24.93
C ARG B 3 13.00 -7.49 23.56
N ALA B 4 12.84 -8.34 22.59
CA ALA B 4 12.46 -7.87 21.21
C ALA B 4 10.95 -7.74 21.07
N LYS B 5 10.19 -8.33 21.96
CA LYS B 5 8.69 -8.27 21.84
C LYS B 5 8.17 -6.86 21.50
N ALA B 6 8.37 -5.91 22.37
CA ALA B 6 7.85 -4.53 22.10
C ALA B 6 8.63 -3.84 20.97
N ASN B 7 9.93 -3.93 20.99
CA ASN B 7 10.74 -3.25 19.92
C ASN B 7 10.39 -3.85 18.55
N TRP B 8 10.46 -5.14 18.45
CA TRP B 8 10.14 -5.83 17.17
C TRP B 8 8.71 -5.53 16.75
N LEU B 9 7.80 -5.57 17.70
CA LEU B 9 6.37 -5.25 17.38
C LEU B 9 6.32 -3.92 16.68
N ARG B 10 6.83 -2.91 17.32
CA ARG B 10 6.87 -1.57 16.71
C ARG B 10 7.69 -1.61 15.42
N ALA B 11 8.65 -2.51 15.32
CA ALA B 11 9.49 -2.57 14.09
C ALA B 11 8.66 -2.96 12.86
N PHE B 12 8.25 -4.21 12.76
CA PHE B 12 7.42 -4.61 11.57
C PHE B 12 6.22 -3.64 11.49
N ASN B 13 5.77 -3.18 12.63
CA ASN B 13 4.67 -2.18 12.62
C ASN B 13 5.19 -0.88 11.98
N LYS B 14 6.45 -0.54 12.21
CA LYS B 14 7.01 0.70 11.60
C LYS B 14 6.93 0.59 10.09
N VAL B 15 7.22 -0.58 9.54
CA VAL B 15 7.11 -0.66 8.04
C VAL B 15 5.65 -0.49 7.66
N ARG B 16 4.74 -1.18 8.32
CA ARG B 16 3.30 -1.03 7.96
C ARG B 16 2.95 0.47 7.96
N MET B 17 3.60 1.24 8.80
CA MET B 17 3.37 2.70 8.81
C MET B 17 4.17 3.35 7.66
N GLN B 18 5.34 2.82 7.39
CA GLN B 18 6.19 3.36 6.29
C GLN B 18 5.48 3.23 4.95
N LEU B 19 4.81 2.12 4.75
CA LEU B 19 4.11 1.87 3.46
C LEU B 19 2.91 2.82 3.33
N GLN B 20 2.24 3.09 4.42
CA GLN B 20 1.05 4.01 4.37
C GLN B 20 1.50 5.45 4.04
N GLU B 21 2.76 5.75 4.18
CA GLU B 21 3.25 7.14 3.89
C GLU B 21 2.75 7.63 2.53
N ALA B 22 2.62 6.75 1.58
CA ALA B 22 2.13 7.17 0.23
C ALA B 22 0.70 7.71 0.35
N ARG B 23 -0.08 7.16 1.24
CA ARG B 23 -1.48 7.63 1.42
C ARG B 23 -1.54 8.79 2.41
N GLY B 24 -2.62 9.52 2.42
CA GLY B 24 -2.74 10.67 3.36
C GLY B 24 -2.50 12.00 2.63
N GLU B 25 -2.12 11.95 1.38
CA GLU B 25 -1.89 13.21 0.62
C GLU B 25 -2.97 13.40 -0.44
N GLY B 26 -3.52 14.58 -0.55
CA GLY B 26 -4.58 14.82 -1.57
C GLY B 26 -5.85 14.06 -1.17
N GLU B 27 -6.19 14.05 0.09
CA GLU B 27 -7.40 13.31 0.53
C GLU B 27 -8.65 13.81 -0.21
N MET B 28 -8.70 15.08 -0.50
CA MET B 28 -9.89 15.63 -1.23
C MET B 28 -10.05 14.96 -2.59
N SER B 29 -8.96 14.66 -3.25
CA SER B 29 -9.06 14.00 -4.60
C SER B 29 -9.65 12.60 -4.45
N LYS B 30 -9.50 11.99 -3.30
CA LYS B 30 -10.06 10.62 -3.11
C LYS B 30 -10.87 10.54 -1.81
N SER B 31 -11.95 11.28 -1.73
CA SER B 31 -12.80 11.25 -0.49
C SER B 31 -13.21 9.80 -0.18
N LEU B 32 -13.70 9.11 -1.17
CA LEU B 32 -14.11 7.69 -0.99
C LEU B 32 -14.48 7.11 -2.36
N TRP B 33 -14.95 5.88 -2.42
CA TRP B 33 -15.29 5.27 -3.73
C TRP B 33 -14.05 5.18 -4.62
N PHE B 34 -12.87 5.28 -4.05
CA PHE B 34 -11.63 5.19 -4.87
C PHE B 34 -10.87 3.89 -4.56
N LYS B 35 -11.15 3.28 -3.43
CA LYS B 35 -10.43 2.02 -3.06
C LYS B 35 -10.68 0.94 -4.12
N GLY B 36 -11.84 0.94 -4.71
CA GLY B 36 -12.15 -0.09 -5.76
C GLY B 36 -12.57 -1.40 -5.09
N ALA A 1 -10.83 18.28 12.38
CA ALA A 1 -10.27 16.98 12.86
C ALA A 1 -10.66 15.86 11.89
N ASP A 2 -10.63 16.13 10.61
CA ASP A 2 -11.00 15.08 9.62
C ASP A 2 -10.26 15.33 8.29
N GLN A 3 -10.48 14.48 7.32
CA GLN A 3 -9.79 14.65 6.00
C GLN A 3 -10.09 16.04 5.42
N LEU A 4 -9.24 16.52 4.55
CA LEU A 4 -9.46 17.88 3.94
C LEU A 4 -9.59 18.94 5.03
N THR A 5 -8.51 19.59 5.37
CA THR A 5 -8.56 20.65 6.43
C THR A 5 -8.84 22.01 5.79
N GLU A 6 -9.32 22.95 6.56
CA GLU A 6 -9.61 24.31 5.99
C GLU A 6 -8.32 24.92 5.42
N GLU A 7 -7.22 24.75 6.11
CA GLU A 7 -5.94 25.33 5.60
C GLU A 7 -5.63 24.78 4.21
N GLN A 8 -5.82 23.50 4.00
CA GLN A 8 -5.56 22.92 2.65
C GLN A 8 -6.47 23.59 1.62
N ILE A 9 -7.70 23.83 1.99
CA ILE A 9 -8.65 24.51 1.06
C ILE A 9 -8.15 25.92 0.77
N ALA A 10 -7.82 26.67 1.79
CA ALA A 10 -7.32 28.06 1.59
C ALA A 10 -6.13 28.08 0.65
N GLU A 11 -5.22 27.16 0.84
CA GLU A 11 -4.03 27.09 -0.07
C GLU A 11 -4.49 26.88 -1.51
N PHE A 12 -5.52 26.10 -1.69
CA PHE A 12 -6.07 25.87 -3.05
C PHE A 12 -6.72 27.16 -3.56
N LYS A 13 -7.32 27.91 -2.67
CA LYS A 13 -7.97 29.19 -3.11
C LYS A 13 -6.90 30.13 -3.67
N GLU A 14 -5.76 30.22 -3.03
CA GLU A 14 -4.68 31.11 -3.54
C GLU A 14 -4.13 30.55 -4.86
N ALA A 15 -3.80 29.29 -4.87
CA ALA A 15 -3.28 28.68 -6.13
C ALA A 15 -4.37 28.76 -7.20
N PHE A 16 -5.60 28.63 -6.80
CA PHE A 16 -6.73 28.71 -7.76
C PHE A 16 -6.78 30.11 -8.38
N SER A 17 -6.68 31.13 -7.58
CA SER A 17 -6.72 32.52 -8.13
C SER A 17 -5.55 32.72 -9.09
N LEU A 18 -4.37 32.29 -8.69
CA LEU A 18 -3.19 32.45 -9.59
C LEU A 18 -3.30 31.49 -10.78
N PHE A 19 -3.81 30.31 -10.54
CA PHE A 19 -3.94 29.29 -11.64
C PHE A 19 -5.16 29.57 -12.52
N ASP A 20 -6.17 30.24 -12.01
CA ASP A 20 -7.38 30.51 -12.83
C ASP A 20 -7.25 31.84 -13.57
N LYS A 21 -6.97 31.79 -14.85
CA LYS A 21 -6.85 33.04 -15.64
C LYS A 21 -8.21 33.71 -15.78
N ASP A 22 -9.26 32.94 -15.85
CA ASP A 22 -10.63 33.51 -16.00
C ASP A 22 -11.03 34.28 -14.74
N GLY A 23 -10.52 33.88 -13.60
CA GLY A 23 -10.89 34.58 -12.33
C GLY A 23 -12.26 34.08 -11.85
N ASP A 24 -12.72 32.97 -12.38
CA ASP A 24 -14.05 32.42 -11.95
C ASP A 24 -13.86 31.34 -10.89
N GLY A 25 -14.93 30.85 -10.32
CA GLY A 25 -14.82 29.79 -9.28
C GLY A 25 -14.79 28.40 -9.92
N THR A 26 -14.60 28.31 -11.22
CA THR A 26 -14.57 26.97 -11.88
C THR A 26 -13.32 26.83 -12.76
N ILE A 27 -12.74 25.65 -12.79
CA ILE A 27 -11.54 25.45 -13.65
C ILE A 27 -11.92 24.62 -14.89
N THR A 28 -11.80 25.23 -16.04
CA THR A 28 -12.18 24.56 -17.31
C THR A 28 -11.01 23.78 -17.93
N THR A 29 -11.33 22.98 -18.90
CA THR A 29 -10.29 22.16 -19.61
C THR A 29 -9.32 23.06 -20.39
N LYS A 30 -9.79 24.19 -20.81
CA LYS A 30 -8.92 25.12 -21.58
C LYS A 30 -7.77 25.60 -20.68
N GLU A 31 -8.09 26.11 -19.52
CA GLU A 31 -7.03 26.58 -18.58
C GLU A 31 -6.03 25.42 -18.36
N LEU A 32 -6.52 24.21 -18.32
CA LEU A 32 -5.60 23.04 -18.15
C LEU A 32 -4.70 22.95 -19.39
N GLY A 33 -5.28 23.13 -20.54
CA GLY A 33 -4.48 23.06 -21.80
C GLY A 33 -3.33 24.05 -21.74
N THR A 34 -3.59 25.29 -21.42
CA THR A 34 -2.50 26.28 -21.33
C THR A 34 -1.52 25.93 -20.20
N VAL A 35 -2.05 25.57 -19.06
CA VAL A 35 -1.17 25.22 -17.91
C VAL A 35 -0.30 24.03 -18.26
N MET A 36 -0.88 22.91 -18.59
CA MET A 36 -0.04 21.73 -18.91
C MET A 36 0.83 22.05 -20.13
N ARG A 37 0.33 22.86 -21.03
CA ARG A 37 1.15 23.23 -22.24
C ARG A 37 2.49 23.79 -21.73
N SER A 38 2.43 24.58 -20.69
CA SER A 38 3.68 25.14 -20.09
C SER A 38 4.65 24.02 -19.65
N LEU A 39 4.17 22.79 -19.54
CA LEU A 39 5.09 21.67 -19.13
C LEU A 39 4.72 20.36 -19.83
N GLY A 40 4.11 20.43 -20.99
CA GLY A 40 3.73 19.18 -21.70
C GLY A 40 4.01 19.34 -23.20
N GLN A 41 3.91 18.26 -23.94
CA GLN A 41 4.15 18.34 -25.41
C GLN A 41 2.92 18.92 -26.10
N ASN A 42 2.79 18.72 -27.39
CA ASN A 42 1.59 19.27 -28.12
C ASN A 42 0.30 18.77 -27.45
N PRO A 43 -0.40 19.67 -26.79
CA PRO A 43 -1.65 19.29 -26.09
C PRO A 43 -2.76 18.97 -27.11
N THR A 44 -3.46 17.88 -26.91
CA THR A 44 -4.55 17.51 -27.84
C THR A 44 -5.91 17.77 -27.18
N GLU A 45 -6.86 18.26 -27.93
CA GLU A 45 -8.21 18.56 -27.34
C GLU A 45 -8.79 17.30 -26.69
N ALA A 46 -8.61 16.16 -27.32
CA ALA A 46 -9.16 14.89 -26.74
C ALA A 46 -8.43 14.55 -25.43
N GLU A 47 -7.14 14.73 -25.40
CA GLU A 47 -6.37 14.43 -24.16
C GLU A 47 -6.79 15.39 -23.03
N LEU A 48 -6.96 16.65 -23.35
CA LEU A 48 -7.38 17.63 -22.31
C LEU A 48 -8.78 17.28 -21.80
N GLN A 49 -9.68 16.99 -22.71
CA GLN A 49 -11.08 16.64 -22.29
C GLN A 49 -11.07 15.33 -21.48
N ASP A 50 -10.19 14.43 -21.80
CA ASP A 50 -10.15 13.13 -21.07
C ASP A 50 -9.60 13.34 -19.65
N MET A 51 -8.39 13.80 -19.57
CA MET A 51 -7.74 14.03 -18.25
C MET A 51 -8.61 14.96 -17.39
N ILE A 52 -9.22 15.96 -17.99
CA ILE A 52 -10.07 16.89 -17.19
C ILE A 52 -11.39 16.19 -16.76
N ASN A 53 -12.02 15.47 -17.66
CA ASN A 53 -13.29 14.77 -17.27
C ASN A 53 -12.96 13.57 -16.37
N GLU A 54 -11.71 13.23 -16.26
CA GLU A 54 -11.31 12.12 -15.35
C GLU A 54 -11.31 12.63 -13.90
N VAL A 55 -10.81 13.82 -13.72
CA VAL A 55 -10.70 14.41 -12.35
C VAL A 55 -12.05 14.99 -11.89
N ASP A 56 -13.11 14.76 -12.63
CA ASP A 56 -14.41 15.32 -12.22
C ASP A 56 -15.38 14.19 -11.83
N ALA A 57 -16.32 14.49 -10.96
CA ALA A 57 -17.32 13.46 -10.52
C ALA A 57 -18.56 13.52 -11.40
N ASP A 58 -19.28 14.62 -11.39
CA ASP A 58 -20.51 14.73 -12.22
C ASP A 58 -20.13 14.79 -13.71
N GLY A 59 -18.87 14.98 -14.01
CA GLY A 59 -18.45 15.03 -15.44
C GLY A 59 -18.26 16.47 -15.93
N ASN A 60 -19.16 16.94 -16.74
CA ASN A 60 -19.06 18.33 -17.30
C ASN A 60 -17.70 18.57 -17.97
N GLY A 61 -16.88 17.54 -18.14
CA GLY A 61 -15.54 17.73 -18.78
C GLY A 61 -14.83 18.96 -18.17
N THR A 62 -15.06 19.24 -16.92
CA THR A 62 -14.44 20.42 -16.26
C THR A 62 -14.51 20.21 -14.75
N ILE A 63 -13.66 20.86 -14.00
CA ILE A 63 -13.69 20.62 -12.52
C ILE A 63 -14.03 21.92 -11.76
N ASP A 64 -14.59 21.79 -10.59
CA ASP A 64 -14.95 23.00 -9.78
C ASP A 64 -14.21 22.96 -8.44
N PHE A 65 -13.95 24.10 -7.84
CA PHE A 65 -13.21 24.12 -6.54
C PHE A 65 -13.82 23.13 -5.53
N PRO A 66 -15.12 23.21 -5.30
CA PRO A 66 -15.77 22.28 -4.33
C PRO A 66 -15.76 20.85 -4.89
N GLU A 67 -16.04 20.71 -6.14
CA GLU A 67 -16.05 19.35 -6.77
C GLU A 67 -14.63 18.76 -6.77
N PHE A 68 -13.67 19.58 -7.09
CA PHE A 68 -12.24 19.11 -7.12
C PHE A 68 -11.77 18.69 -5.73
N LEU A 69 -11.95 19.54 -4.76
CA LEU A 69 -11.49 19.19 -3.38
C LEU A 69 -12.33 18.05 -2.81
N THR A 70 -13.62 18.02 -3.07
CA THR A 70 -14.45 16.90 -2.53
C THR A 70 -13.94 15.57 -3.11
N MET A 71 -13.69 15.53 -4.39
CA MET A 71 -13.17 14.27 -5.01
C MET A 71 -11.81 13.92 -4.40
N MET A 72 -10.97 14.90 -4.21
CA MET A 72 -9.63 14.62 -3.61
C MET A 72 -9.80 14.10 -2.18
N ALA A 73 -10.75 14.64 -1.46
CA ALA A 73 -10.98 14.18 -0.05
C ALA A 73 -11.54 12.76 -0.04
N ARG A 74 -12.36 12.43 -0.99
CA ARG A 74 -12.96 11.05 -1.02
C ARG A 74 -12.00 10.05 -1.71
N LYS A 75 -10.81 10.46 -2.04
CA LYS A 75 -9.86 9.53 -2.70
C LYS A 75 -9.57 8.32 -1.80
N MET A 76 -9.56 8.53 -0.51
CA MET A 76 -9.29 7.40 0.44
C MET A 76 -10.55 6.55 0.61
N LYS A 77 -10.40 5.25 0.57
CA LYS A 77 -11.59 4.36 0.74
C LYS A 77 -11.31 3.28 1.80
N ASP A 78 -12.34 2.59 2.24
CA ASP A 78 -12.14 1.53 3.27
C ASP A 78 -11.48 0.29 2.67
N THR A 79 -11.41 -0.78 3.44
CA THR A 79 -10.78 -2.04 2.94
C THR A 79 -9.31 -1.80 2.53
N ASP A 80 -8.52 -2.83 2.50
CA ASP A 80 -7.09 -2.68 2.11
C ASP A 80 -6.94 -2.73 0.59
N SER A 81 -6.36 -1.72 0.01
CA SER A 81 -6.17 -1.69 -1.47
C SER A 81 -4.69 -1.82 -1.83
N GLU A 82 -4.40 -2.34 -3.00
CA GLU A 82 -2.97 -2.50 -3.43
C GLU A 82 -2.17 -3.30 -2.40
N GLU A 83 -0.89 -3.36 -2.55
CA GLU A 83 -0.04 -4.12 -1.58
C GLU A 83 0.70 -3.16 -0.65
N GLU A 84 0.96 -3.58 0.56
CA GLU A 84 1.66 -2.70 1.54
C GLU A 84 2.82 -3.46 2.21
N ILE A 85 2.60 -4.70 2.54
CA ILE A 85 3.68 -5.50 3.19
C ILE A 85 4.86 -5.65 2.22
N ARG A 86 4.57 -5.69 0.94
CA ARG A 86 5.67 -5.79 -0.06
C ARG A 86 6.54 -4.55 0.07
N GLU A 87 5.92 -3.40 0.17
CA GLU A 87 6.70 -2.13 0.33
C GLU A 87 7.51 -2.20 1.62
N ALA A 88 6.96 -2.79 2.66
CA ALA A 88 7.70 -2.91 3.93
C ALA A 88 9.00 -3.67 3.67
N PHE A 89 8.92 -4.75 2.95
CA PHE A 89 10.15 -5.51 2.61
C PHE A 89 11.04 -4.65 1.71
N ARG A 90 10.47 -3.88 0.82
CA ARG A 90 11.33 -2.99 -0.04
C ARG A 90 12.06 -1.98 0.84
N VAL A 91 11.44 -1.50 1.89
CA VAL A 91 12.16 -0.55 2.78
C VAL A 91 13.11 -1.35 3.68
N PHE A 92 12.70 -2.51 4.16
CA PHE A 92 13.61 -3.34 4.98
C PHE A 92 14.81 -3.73 4.13
N ASP A 93 14.53 -4.02 2.89
CA ASP A 93 15.59 -4.44 1.95
C ASP A 93 15.76 -3.39 0.86
N LYS A 94 16.23 -2.21 1.22
CA LYS A 94 16.40 -1.13 0.21
C LYS A 94 17.12 -1.73 -0.98
N ASP A 95 18.07 -2.57 -0.71
CA ASP A 95 18.85 -3.23 -1.79
C ASP A 95 17.93 -4.01 -2.76
N GLY A 96 16.86 -4.59 -2.28
CA GLY A 96 15.96 -5.36 -3.19
C GLY A 96 16.19 -6.88 -3.02
N ASN A 97 16.14 -7.38 -1.80
CA ASN A 97 16.36 -8.85 -1.57
C ASN A 97 15.03 -9.59 -1.46
N GLY A 98 14.06 -8.99 -0.81
CA GLY A 98 12.76 -9.68 -0.59
C GLY A 98 12.79 -10.34 0.81
N TYR A 99 13.82 -10.08 1.57
CA TYR A 99 13.96 -10.68 2.93
C TYR A 99 14.53 -9.66 3.93
N ILE A 100 14.01 -9.66 5.14
CA ILE A 100 14.52 -8.68 6.16
C ILE A 100 15.68 -9.29 6.95
N SER A 101 16.79 -8.60 7.00
CA SER A 101 17.96 -9.12 7.75
C SER A 101 17.95 -8.56 9.17
N ALA A 102 18.72 -9.14 10.06
CA ALA A 102 18.76 -8.62 11.45
C ALA A 102 19.30 -7.18 11.41
N ALA A 103 20.21 -6.92 10.50
CA ALA A 103 20.76 -5.54 10.37
C ALA A 103 19.67 -4.60 9.86
N GLU A 104 19.06 -4.91 8.74
CA GLU A 104 17.98 -4.03 8.19
C GLU A 104 16.90 -3.86 9.25
N LEU A 105 16.53 -4.93 9.90
CA LEU A 105 15.50 -4.82 10.98
C LEU A 105 15.98 -3.79 11.99
N ARG A 106 17.22 -3.88 12.39
CA ARG A 106 17.78 -2.87 13.34
C ARG A 106 17.59 -1.48 12.73
N HIS A 107 17.67 -1.39 11.42
CA HIS A 107 17.47 -0.07 10.75
C HIS A 107 16.04 0.41 11.04
N VAL A 108 15.07 -0.45 10.90
CA VAL A 108 13.69 -0.01 11.23
C VAL A 108 13.68 0.38 12.70
N MET A 109 14.44 -0.32 13.54
CA MET A 109 14.48 0.06 14.98
C MET A 109 15.04 1.47 15.07
N THR A 110 16.05 1.75 14.29
CA THR A 110 16.66 3.12 14.31
C THR A 110 15.52 4.11 14.17
N ASN A 111 14.54 3.82 13.34
CA ASN A 111 13.38 4.75 13.21
C ASN A 111 12.68 4.93 14.57
N LEU A 112 12.68 3.91 15.42
CA LEU A 112 12.04 4.06 16.78
C LEU A 112 13.13 3.97 17.88
N GLY A 113 12.84 3.43 19.04
CA GLY A 113 13.88 3.34 20.12
C GLY A 113 14.02 1.88 20.60
N GLU A 114 15.18 1.30 20.45
CA GLU A 114 15.40 -0.13 20.85
C GLU A 114 15.53 -0.36 22.35
N LYS A 115 16.33 0.42 23.03
CA LYS A 115 16.52 0.20 24.50
C LYS A 115 16.92 -1.27 24.79
N LEU A 116 17.44 -1.97 23.80
CA LEU A 116 17.83 -3.42 24.02
C LEU A 116 19.25 -3.69 23.51
N THR A 117 19.80 -4.81 23.90
CA THR A 117 21.18 -5.17 23.46
C THR A 117 21.11 -6.03 22.19
N ASP A 118 22.24 -6.31 21.59
CA ASP A 118 22.27 -7.13 20.34
C ASP A 118 21.65 -8.51 20.56
N GLU A 119 21.67 -9.01 21.77
CA GLU A 119 21.08 -10.35 22.04
C GLU A 119 19.55 -10.29 21.84
N GLU A 120 18.96 -9.17 22.11
CA GLU A 120 17.49 -9.02 21.90
C GLU A 120 17.20 -9.00 20.41
N VAL A 121 18.08 -8.40 19.64
CA VAL A 121 17.86 -8.36 18.17
C VAL A 121 17.94 -9.79 17.62
N ASP A 122 19.07 -10.41 17.82
CA ASP A 122 19.25 -11.82 17.32
C ASP A 122 18.10 -12.70 17.79
N GLU A 123 17.70 -12.59 19.03
CA GLU A 123 16.57 -13.42 19.53
C GLU A 123 15.26 -13.04 18.85
N MET A 124 15.10 -11.78 18.47
CA MET A 124 13.84 -11.39 17.78
C MET A 124 13.82 -12.04 16.40
N ILE A 125 14.96 -12.15 15.76
CA ILE A 125 15.00 -12.82 14.44
C ILE A 125 14.73 -14.31 14.64
N ARG A 126 15.19 -14.85 15.74
CA ARG A 126 14.95 -16.29 16.02
C ARG A 126 13.45 -16.52 16.29
N GLU A 127 12.80 -15.55 16.87
CA GLU A 127 11.34 -15.71 17.18
C GLU A 127 10.54 -15.92 15.89
N ALA A 128 10.61 -15.01 14.95
CA ALA A 128 9.82 -15.18 13.69
C ALA A 128 10.54 -16.17 12.76
N ASP A 129 11.78 -16.48 13.01
CA ASP A 129 12.53 -17.42 12.13
C ASP A 129 11.87 -18.81 12.09
N ILE A 130 10.88 -19.00 11.24
CA ILE A 130 10.25 -20.35 11.13
C ILE A 130 11.31 -21.31 10.60
N ASP A 131 12.04 -20.86 9.61
CA ASP A 131 13.12 -21.71 9.01
C ASP A 131 14.45 -21.52 9.76
N GLY A 132 14.49 -20.68 10.76
CA GLY A 132 15.75 -20.48 11.54
C GLY A 132 16.95 -20.22 10.61
N ASP A 133 16.90 -19.18 9.81
CA ASP A 133 18.06 -18.90 8.91
C ASP A 133 18.90 -17.70 9.41
N GLY A 134 18.53 -17.11 10.52
CA GLY A 134 19.32 -15.95 11.06
C GLY A 134 18.82 -14.62 10.48
N GLN A 135 17.72 -14.64 9.77
CA GLN A 135 17.15 -13.41 9.19
C GLN A 135 15.65 -13.62 9.12
N VAL A 136 14.89 -12.63 8.76
CA VAL A 136 13.42 -12.86 8.76
C VAL A 136 12.82 -12.83 7.36
N ASN A 137 12.12 -13.86 7.02
CA ASN A 137 11.50 -13.98 5.69
C ASN A 137 10.13 -13.27 5.68
N TYR A 138 9.51 -13.25 4.54
CA TYR A 138 8.17 -12.62 4.39
C TYR A 138 7.14 -13.33 5.27
N GLU A 139 7.13 -14.63 5.25
CA GLU A 139 6.16 -15.39 6.09
C GLU A 139 6.39 -15.07 7.57
N GLU A 140 7.62 -14.80 7.92
CA GLU A 140 7.94 -14.48 9.34
C GLU A 140 7.44 -13.07 9.71
N PHE A 141 7.75 -12.08 8.90
CA PHE A 141 7.25 -10.70 9.20
C PHE A 141 5.73 -10.75 9.32
N VAL A 142 5.07 -11.24 8.29
CA VAL A 142 3.60 -11.34 8.34
C VAL A 142 3.18 -12.24 9.50
N GLN A 143 3.97 -13.24 9.85
CA GLN A 143 3.59 -14.10 11.01
C GLN A 143 3.55 -13.21 12.25
N MET A 144 4.35 -12.17 12.29
CA MET A 144 4.33 -11.28 13.49
C MET A 144 3.14 -10.30 13.40
N MET A 145 3.12 -9.46 12.39
CA MET A 145 2.02 -8.45 12.28
C MET A 145 0.79 -8.93 11.49
N THR A 146 0.97 -9.75 10.48
CA THR A 146 -0.21 -10.22 9.70
C THR A 146 -0.99 -11.29 10.48
N ALA A 147 -0.31 -12.06 11.28
CA ALA A 147 -0.99 -13.12 12.07
C ALA A 147 -2.05 -12.51 12.99
N LYS A 148 -1.80 -11.31 13.46
CA LYS A 148 -2.79 -10.65 14.38
C LYS A 148 -3.69 -9.70 13.57
N GLY B 1 9.96 -4.75 26.90
CA GLY B 1 11.15 -3.85 26.88
C GLY B 1 12.40 -4.65 27.23
N SER B 2 12.29 -5.60 28.14
CA SER B 2 13.48 -6.41 28.52
C SER B 2 14.00 -7.20 27.31
N ARG B 3 13.13 -7.52 26.39
CA ARG B 3 13.56 -8.28 25.18
C ARG B 3 13.13 -7.55 23.91
N ALA B 4 13.65 -7.97 22.80
CA ALA B 4 13.31 -7.35 21.48
C ALA B 4 11.80 -7.21 21.28
N LYS B 5 10.98 -7.90 22.04
CA LYS B 5 9.49 -7.81 21.83
C LYS B 5 9.02 -6.37 21.55
N ALA B 6 9.35 -5.43 22.40
CA ALA B 6 8.89 -4.03 22.14
C ALA B 6 9.55 -3.45 20.87
N ASN B 7 10.84 -3.65 20.72
CA ASN B 7 11.54 -3.12 19.51
C ASN B 7 10.96 -3.77 18.24
N TRP B 8 10.82 -5.06 18.28
CA TRP B 8 10.28 -5.82 17.12
C TRP B 8 8.89 -5.31 16.76
N LEU B 9 8.06 -5.17 17.75
CA LEU B 9 6.68 -4.65 17.52
C LEU B 9 6.78 -3.35 16.76
N ARG B 10 7.53 -2.44 17.31
CA ARG B 10 7.72 -1.13 16.62
C ARG B 10 8.48 -1.37 15.31
N ALA B 11 9.22 -2.43 15.19
CA ALA B 11 9.96 -2.68 13.92
C ALA B 11 8.99 -2.92 12.76
N PHE B 12 8.38 -4.08 12.71
CA PHE B 12 7.43 -4.35 11.60
C PHE B 12 6.33 -3.27 11.61
N ASN B 13 5.91 -2.85 12.79
CA ASN B 13 4.87 -1.77 12.87
C ASN B 13 5.39 -0.44 12.31
N LYS B 14 6.62 -0.07 12.60
CA LYS B 14 7.15 1.23 12.07
C LYS B 14 7.10 1.19 10.56
N VAL B 15 7.46 0.08 9.97
CA VAL B 15 7.39 0.00 8.49
C VAL B 15 5.93 0.07 8.04
N ARG B 16 5.03 -0.59 8.73
CA ARG B 16 3.59 -0.54 8.32
C ARG B 16 3.13 0.92 8.16
N MET B 17 3.57 1.80 9.02
CA MET B 17 3.18 3.23 8.90
C MET B 17 3.75 3.80 7.59
N GLN B 18 4.92 3.34 7.21
CA GLN B 18 5.55 3.84 5.96
C GLN B 18 4.84 3.29 4.71
N LEU B 19 4.26 2.12 4.80
CA LEU B 19 3.57 1.53 3.60
C LEU B 19 2.45 2.46 3.13
N GLN B 20 1.68 2.98 4.05
CA GLN B 20 0.57 3.90 3.67
C GLN B 20 1.12 5.21 3.11
N GLU B 21 2.27 5.64 3.59
CA GLU B 21 2.85 6.92 3.07
C GLU B 21 3.06 6.83 1.56
N ALA B 22 3.50 5.69 1.08
CA ALA B 22 3.70 5.53 -0.40
C ALA B 22 2.36 5.36 -1.10
N ARG B 23 1.38 4.83 -0.41
CA ARG B 23 0.03 4.61 -1.02
C ARG B 23 0.14 3.73 -2.29
N GLY B 24 0.43 4.32 -3.43
CA GLY B 24 0.55 3.51 -4.67
C GLY B 24 0.69 4.45 -5.87
N GLU B 25 1.57 4.14 -6.78
CA GLU B 25 1.77 5.01 -7.98
C GLU B 25 1.71 4.18 -9.27
N GLY B 26 1.56 4.84 -10.40
CA GLY B 26 1.50 4.10 -11.69
C GLY B 26 0.04 3.81 -12.08
N GLU B 27 -0.90 4.51 -11.49
CA GLU B 27 -2.33 4.26 -11.83
C GLU B 27 -2.94 5.48 -12.55
N MET B 28 -3.78 5.24 -13.52
CA MET B 28 -4.42 6.36 -14.27
C MET B 28 -5.31 7.19 -13.34
N SER B 29 -5.79 6.61 -12.27
CA SER B 29 -6.69 7.36 -11.33
C SER B 29 -6.13 8.74 -11.00
N LYS B 30 -4.83 8.89 -10.95
CA LYS B 30 -4.24 10.22 -10.64
C LYS B 30 -3.71 10.88 -11.91
N SER B 31 -4.62 11.37 -12.74
CA SER B 31 -4.19 12.04 -14.00
C SER B 31 -3.16 13.14 -13.71
N LEU B 32 -3.56 14.13 -12.94
CA LEU B 32 -2.64 15.25 -12.56
C LEU B 32 -3.44 16.31 -11.78
N TRP B 33 -2.94 17.52 -11.69
CA TRP B 33 -3.67 18.59 -10.94
C TRP B 33 -3.91 18.15 -9.48
N PHE B 34 -5.00 17.47 -9.21
CA PHE B 34 -5.27 17.03 -7.81
C PHE B 34 -4.15 16.11 -7.32
N LYS B 35 -3.67 15.24 -8.17
CA LYS B 35 -2.56 14.31 -7.75
C LYS B 35 -2.92 13.55 -6.47
N GLY B 36 -3.89 12.69 -6.54
CA GLY B 36 -4.29 11.91 -5.33
C GLY B 36 -5.81 11.94 -5.18
N ALA A 1 -16.43 7.68 7.53
CA ALA A 1 -16.77 9.01 6.96
C ALA A 1 -16.91 8.91 5.43
N ASP A 2 -16.90 10.02 4.76
CA ASP A 2 -17.03 10.00 3.27
C ASP A 2 -15.82 9.32 2.64
N GLN A 3 -16.01 8.64 1.54
CA GLN A 3 -14.85 7.95 0.88
C GLN A 3 -13.73 8.94 0.57
N LEU A 4 -14.07 10.14 0.17
CA LEU A 4 -13.03 11.16 -0.15
C LEU A 4 -12.92 12.19 0.97
N THR A 5 -11.72 12.62 1.27
CA THR A 5 -11.53 13.64 2.34
C THR A 5 -11.53 15.03 1.70
N GLU A 6 -11.73 16.05 2.48
CA GLU A 6 -11.73 17.44 1.91
C GLU A 6 -10.37 17.73 1.25
N GLU A 7 -9.31 17.24 1.84
CA GLU A 7 -7.96 17.47 1.26
C GLU A 7 -7.85 16.84 -0.13
N GLN A 8 -8.34 15.64 -0.28
CA GLN A 8 -8.28 14.97 -1.63
C GLN A 8 -9.01 15.81 -2.67
N ILE A 9 -10.31 15.91 -2.56
CA ILE A 9 -11.09 16.70 -3.56
C ILE A 9 -10.49 18.09 -3.73
N ALA A 10 -10.12 18.75 -2.66
CA ALA A 10 -9.52 20.12 -2.77
C ALA A 10 -8.30 20.07 -3.71
N GLU A 11 -7.49 19.07 -3.55
CA GLU A 11 -6.30 18.93 -4.43
C GLU A 11 -6.73 18.83 -5.89
N PHE A 12 -7.81 18.12 -6.15
CA PHE A 12 -8.32 17.99 -7.54
C PHE A 12 -8.87 19.33 -8.01
N LYS A 13 -9.41 20.11 -7.10
CA LYS A 13 -9.94 21.44 -7.52
C LYS A 13 -8.81 22.30 -8.08
N GLU A 14 -7.66 22.27 -7.44
CA GLU A 14 -6.50 23.06 -7.94
C GLU A 14 -5.99 22.45 -9.26
N ALA A 15 -5.85 21.15 -9.29
CA ALA A 15 -5.39 20.49 -10.55
C ALA A 15 -6.43 20.72 -11.65
N PHE A 16 -7.68 20.72 -11.28
CA PHE A 16 -8.76 20.95 -12.28
C PHE A 16 -8.65 22.37 -12.83
N SER A 17 -8.44 23.34 -11.98
CA SER A 17 -8.31 24.75 -12.47
C SER A 17 -7.11 24.85 -13.41
N LEU A 18 -6.00 24.27 -13.03
CA LEU A 18 -4.79 24.33 -13.91
C LEU A 18 -5.07 23.55 -15.20
N PHE A 19 -5.70 22.42 -15.09
CA PHE A 19 -6.01 21.59 -16.30
C PHE A 19 -7.14 22.22 -17.11
N ASP A 20 -8.00 22.98 -16.46
CA ASP A 20 -9.13 23.61 -17.18
C ASP A 20 -8.67 24.90 -17.87
N LYS A 21 -8.47 24.85 -19.16
CA LYS A 21 -8.03 26.07 -19.91
C LYS A 21 -9.09 27.17 -19.84
N ASP A 22 -10.34 26.80 -19.87
CA ASP A 22 -11.43 27.82 -19.84
C ASP A 22 -11.44 28.53 -18.47
N GLY A 23 -11.01 27.86 -17.44
CA GLY A 23 -11.00 28.49 -16.09
C GLY A 23 -12.28 28.10 -15.33
N ASP A 24 -13.26 27.56 -16.02
CA ASP A 24 -14.52 27.15 -15.34
C ASP A 24 -14.34 25.81 -14.63
N GLY A 25 -15.37 25.33 -13.98
CA GLY A 25 -15.27 24.02 -13.26
C GLY A 25 -15.82 22.89 -14.14
N THR A 26 -15.71 23.04 -15.44
CA THR A 26 -16.24 21.98 -16.36
C THR A 26 -15.12 21.44 -17.25
N ILE A 27 -15.19 20.19 -17.63
CA ILE A 27 -14.14 19.59 -18.51
C ILE A 27 -14.74 19.27 -19.89
N THR A 28 -14.00 19.54 -20.94
CA THR A 28 -14.52 19.23 -22.30
C THR A 28 -13.45 18.55 -23.15
N THR A 29 -13.85 17.90 -24.21
CA THR A 29 -12.88 17.19 -25.09
C THR A 29 -11.89 18.18 -25.72
N LYS A 30 -12.28 19.42 -25.93
CA LYS A 30 -11.31 20.39 -26.52
C LYS A 30 -10.13 20.55 -25.55
N GLU A 31 -10.44 20.86 -24.31
CA GLU A 31 -9.35 21.01 -23.29
C GLU A 31 -8.51 19.74 -23.26
N LEU A 32 -9.16 18.60 -23.45
CA LEU A 32 -8.42 17.31 -23.48
C LEU A 32 -7.47 17.32 -24.68
N GLY A 33 -8.00 17.56 -25.85
CA GLY A 33 -7.16 17.55 -27.08
C GLY A 33 -5.92 18.41 -26.85
N THR A 34 -6.10 19.59 -26.34
CA THR A 34 -4.92 20.47 -26.07
C THR A 34 -3.98 19.83 -25.03
N VAL A 35 -4.53 19.28 -23.97
CA VAL A 35 -3.64 18.67 -22.93
C VAL A 35 -2.88 17.46 -23.48
N MET A 36 -3.56 16.45 -23.97
CA MET A 36 -2.82 15.26 -24.48
C MET A 36 -1.91 15.67 -25.65
N ARG A 37 -2.36 16.58 -26.48
CA ARG A 37 -1.48 17.03 -27.61
C ARG A 37 -0.18 17.58 -27.03
N SER A 38 -0.27 18.37 -25.99
CA SER A 38 0.96 18.92 -25.35
C SER A 38 1.87 17.77 -24.88
N LEU A 39 1.34 16.59 -24.71
CA LEU A 39 2.18 15.44 -24.27
C LEU A 39 2.19 14.32 -25.32
N GLY A 40 2.05 14.67 -26.58
CA GLY A 40 2.06 13.63 -27.66
C GLY A 40 0.68 13.01 -27.85
N GLN A 41 0.61 11.86 -28.49
CA GLN A 41 -0.71 11.19 -28.71
C GLN A 41 -1.70 12.13 -29.40
N ASN A 42 -1.88 11.98 -30.70
CA ASN A 42 -2.84 12.87 -31.43
C ASN A 42 -4.03 12.04 -31.96
N PRO A 43 -5.03 11.88 -31.12
CA PRO A 43 -6.23 11.10 -31.51
C PRO A 43 -7.06 11.84 -32.55
N THR A 44 -8.05 11.18 -33.12
CA THR A 44 -8.93 11.84 -34.13
C THR A 44 -10.14 12.45 -33.42
N GLU A 45 -10.88 13.30 -34.09
CA GLU A 45 -12.06 13.93 -33.43
C GLU A 45 -13.06 12.85 -32.97
N ALA A 46 -13.22 11.80 -33.73
CA ALA A 46 -14.16 10.72 -33.31
C ALA A 46 -13.64 10.07 -32.04
N GLU A 47 -12.35 9.83 -31.98
CA GLU A 47 -11.77 9.22 -30.76
C GLU A 47 -11.95 10.19 -29.59
N LEU A 48 -11.83 11.46 -29.86
CA LEU A 48 -12.02 12.47 -28.77
C LEU A 48 -13.45 12.37 -28.24
N GLN A 49 -14.42 12.29 -29.12
CA GLN A 49 -15.84 12.16 -28.65
C GLN A 49 -16.02 10.86 -27.88
N ASP A 50 -15.30 9.85 -28.25
CA ASP A 50 -15.41 8.54 -27.54
C ASP A 50 -14.83 8.63 -26.12
N MET A 51 -13.55 8.87 -26.04
CA MET A 51 -12.90 8.95 -24.70
C MET A 51 -13.55 10.04 -23.83
N ILE A 52 -14.01 11.12 -24.41
CA ILE A 52 -14.67 12.18 -23.57
C ILE A 52 -16.03 11.65 -23.07
N ASN A 53 -16.79 11.00 -23.92
CA ASN A 53 -18.11 10.47 -23.46
C ASN A 53 -17.90 9.20 -22.62
N GLU A 54 -16.70 8.69 -22.59
CA GLU A 54 -16.42 7.48 -21.75
C GLU A 54 -16.35 7.88 -20.26
N VAL A 55 -15.66 8.93 -19.94
CA VAL A 55 -15.51 9.33 -18.52
C VAL A 55 -16.65 10.26 -18.07
N ASP A 56 -17.73 10.28 -18.81
CA ASP A 56 -18.89 11.12 -18.43
C ASP A 56 -20.03 10.20 -17.96
N ALA A 57 -20.95 10.70 -17.18
CA ALA A 57 -22.07 9.84 -16.70
C ALA A 57 -23.39 10.21 -17.37
N ASP A 58 -23.85 11.41 -17.15
CA ASP A 58 -25.13 11.85 -17.78
C ASP A 58 -25.02 11.82 -19.32
N GLY A 59 -23.84 12.07 -19.82
CA GLY A 59 -23.65 12.05 -21.31
C GLY A 59 -23.27 13.45 -21.77
N ASN A 60 -23.43 13.73 -23.05
CA ASN A 60 -23.04 15.04 -23.62
C ASN A 60 -21.51 15.08 -23.79
N GLY A 61 -20.89 13.91 -23.82
CA GLY A 61 -19.41 13.80 -24.02
C GLY A 61 -18.64 14.92 -23.33
N THR A 62 -18.86 15.15 -22.06
CA THR A 62 -18.14 16.26 -21.37
C THR A 62 -18.08 15.87 -19.89
N ILE A 63 -17.03 16.20 -19.19
CA ILE A 63 -16.97 15.76 -17.77
C ILE A 63 -17.12 16.93 -16.80
N ASP A 64 -17.80 16.69 -15.71
CA ASP A 64 -18.00 17.73 -14.67
C ASP A 64 -17.35 17.24 -13.37
N PHE A 65 -17.02 18.14 -12.48
CA PHE A 65 -16.36 17.73 -11.20
C PHE A 65 -17.08 16.52 -10.55
N PRO A 66 -18.38 16.61 -10.41
CA PRO A 66 -19.13 15.49 -9.77
C PRO A 66 -19.11 14.23 -10.63
N GLU A 67 -19.17 14.37 -11.94
CA GLU A 67 -19.14 13.16 -12.82
C GLU A 67 -17.75 12.50 -12.75
N PHE A 68 -16.73 13.29 -12.95
CA PHE A 68 -15.34 12.75 -12.92
C PHE A 68 -15.01 12.20 -11.53
N LEU A 69 -15.38 12.91 -10.48
CA LEU A 69 -15.07 12.40 -9.10
C LEU A 69 -15.83 11.10 -8.83
N THR A 70 -17.08 11.03 -9.22
CA THR A 70 -17.85 9.77 -8.97
C THR A 70 -17.22 8.61 -9.74
N MET A 71 -17.00 8.79 -11.02
CA MET A 71 -16.39 7.69 -11.83
C MET A 71 -14.95 7.43 -11.35
N MET A 72 -14.22 8.48 -11.06
CA MET A 72 -12.82 8.30 -10.57
C MET A 72 -12.83 7.61 -9.21
N ALA A 73 -13.78 7.95 -8.38
CA ALA A 73 -13.85 7.32 -7.02
C ALA A 73 -14.15 5.83 -7.14
N ARG A 74 -15.14 5.47 -7.92
CA ARG A 74 -15.48 4.02 -8.08
C ARG A 74 -14.30 3.28 -8.72
N LYS A 75 -13.66 3.89 -9.68
CA LYS A 75 -12.49 3.23 -10.36
C LYS A 75 -11.36 3.00 -9.35
N MET A 76 -11.21 3.86 -8.40
CA MET A 76 -10.10 3.69 -7.40
C MET A 76 -10.36 2.46 -6.52
N LYS A 77 -9.49 1.49 -6.59
CA LYS A 77 -9.66 0.26 -5.76
C LYS A 77 -8.36 -0.06 -5.02
N ASP A 78 -8.44 -0.62 -3.85
CA ASP A 78 -7.21 -0.95 -3.07
C ASP A 78 -6.34 -1.95 -3.86
N THR A 79 -6.96 -2.89 -4.54
CA THR A 79 -6.19 -3.88 -5.35
C THR A 79 -5.02 -4.50 -4.57
N ASP A 80 -5.19 -5.70 -4.07
CA ASP A 80 -4.08 -6.38 -3.32
C ASP A 80 -3.56 -5.49 -2.18
N SER A 81 -4.42 -5.08 -1.29
CA SER A 81 -3.97 -4.23 -0.14
C SER A 81 -2.82 -4.91 0.61
N GLU A 82 -2.82 -6.21 0.67
CA GLU A 82 -1.73 -6.94 1.39
C GLU A 82 -0.36 -6.62 0.76
N GLU A 83 -0.35 -6.29 -0.50
CA GLU A 83 0.94 -5.96 -1.19
C GLU A 83 1.72 -4.87 -0.44
N GLU A 84 1.05 -4.09 0.38
CA GLU A 84 1.74 -3.01 1.14
C GLU A 84 2.90 -3.59 1.98
N ILE A 85 2.81 -4.83 2.36
CA ILE A 85 3.90 -5.46 3.17
C ILE A 85 5.19 -5.52 2.33
N ARG A 86 5.04 -5.61 1.03
CA ARG A 86 6.25 -5.62 0.15
C ARG A 86 7.01 -4.32 0.34
N GLU A 87 6.30 -3.23 0.41
CA GLU A 87 6.97 -1.92 0.61
C GLU A 87 7.72 -1.93 1.94
N ALA A 88 7.17 -2.57 2.95
CA ALA A 88 7.87 -2.65 4.24
C ALA A 88 9.20 -3.33 4.00
N PHE A 89 9.18 -4.41 3.25
CA PHE A 89 10.45 -5.10 2.92
C PHE A 89 11.38 -4.18 2.17
N ARG A 90 10.85 -3.38 1.27
CA ARG A 90 11.71 -2.43 0.51
C ARG A 90 12.37 -1.44 1.48
N VAL A 91 11.71 -1.10 2.58
CA VAL A 91 12.33 -0.13 3.53
C VAL A 91 13.31 -0.83 4.48
N PHE A 92 13.03 -2.05 4.90
CA PHE A 92 13.97 -2.76 5.83
C PHE A 92 15.36 -2.82 5.21
N ASP A 93 15.42 -2.94 3.92
CA ASP A 93 16.74 -2.99 3.25
C ASP A 93 16.64 -2.48 1.81
N LYS A 94 16.97 -1.23 1.63
CA LYS A 94 16.88 -0.61 0.27
C LYS A 94 17.40 -1.58 -0.79
N ASP A 95 18.30 -2.45 -0.41
CA ASP A 95 18.89 -3.45 -1.34
C ASP A 95 17.84 -4.06 -2.30
N GLY A 96 16.64 -4.31 -1.87
CA GLY A 96 15.61 -4.88 -2.79
C GLY A 96 15.67 -6.42 -2.79
N ASN A 97 15.96 -7.03 -1.66
CA ASN A 97 16.01 -8.52 -1.63
C ASN A 97 14.72 -9.12 -1.03
N GLY A 98 13.95 -8.33 -0.31
CA GLY A 98 12.67 -8.84 0.27
C GLY A 98 12.89 -9.59 1.59
N TYR A 99 14.05 -9.48 2.19
CA TYR A 99 14.29 -10.22 3.48
C TYR A 99 14.87 -9.28 4.54
N ILE A 100 14.39 -9.38 5.77
CA ILE A 100 14.91 -8.47 6.84
C ILE A 100 16.01 -9.16 7.65
N SER A 101 17.17 -8.55 7.69
CA SER A 101 18.30 -9.13 8.46
C SER A 101 18.34 -8.50 9.85
N ALA A 102 19.11 -9.05 10.75
CA ALA A 102 19.17 -8.47 12.13
C ALA A 102 19.56 -6.98 12.06
N ALA A 103 20.54 -6.66 11.27
CA ALA A 103 20.96 -5.23 11.15
C ALA A 103 19.81 -4.41 10.55
N GLU A 104 19.27 -4.85 9.44
CA GLU A 104 18.15 -4.09 8.79
C GLU A 104 17.02 -3.90 9.80
N LEU A 105 16.66 -4.94 10.49
CA LEU A 105 15.59 -4.85 11.51
C LEU A 105 15.95 -3.76 12.53
N ARG A 106 17.16 -3.77 13.01
CA ARG A 106 17.59 -2.71 13.97
C ARG A 106 17.37 -1.34 13.33
N HIS A 107 17.58 -1.26 12.04
CA HIS A 107 17.36 0.04 11.33
C HIS A 107 15.88 0.43 11.51
N VAL A 108 15.01 -0.53 11.32
CA VAL A 108 13.56 -0.23 11.53
C VAL A 108 13.41 0.29 12.97
N MET A 109 14.08 -0.32 13.93
CA MET A 109 13.97 0.18 15.33
C MET A 109 14.42 1.63 15.37
N THR A 110 15.49 1.94 14.67
CA THR A 110 15.98 3.35 14.66
C THR A 110 14.79 4.26 14.37
N ASN A 111 13.92 3.84 13.48
CA ASN A 111 12.72 4.69 13.17
C ASN A 111 11.83 4.90 14.43
N LEU A 112 11.65 3.91 15.29
CA LEU A 112 10.75 4.10 16.50
C LEU A 112 11.56 4.38 17.77
N GLY A 113 12.76 3.86 17.84
CA GLY A 113 13.62 4.04 19.05
C GLY A 113 14.28 2.69 19.28
N GLU A 114 14.19 2.12 20.44
CA GLU A 114 14.73 0.76 20.66
C GLU A 114 16.09 0.45 20.05
N LYS A 115 17.12 0.80 20.75
CA LYS A 115 18.49 0.43 20.28
C LYS A 115 18.68 -1.02 20.75
N LEU A 116 18.90 -1.94 19.85
CA LEU A 116 19.02 -3.36 20.28
C LEU A 116 20.48 -3.80 20.38
N THR A 117 20.74 -4.75 21.23
CA THR A 117 22.11 -5.29 21.37
C THR A 117 22.24 -6.50 20.44
N ASP A 118 23.43 -6.99 20.23
CA ASP A 118 23.60 -8.16 19.31
C ASP A 118 22.68 -9.32 19.73
N GLU A 119 22.47 -9.51 21.00
CA GLU A 119 21.59 -10.61 21.47
C GLU A 119 20.10 -10.23 21.33
N GLU A 120 19.78 -8.97 21.54
CA GLU A 120 18.35 -8.56 21.42
C GLU A 120 17.92 -8.67 19.96
N VAL A 121 18.78 -8.32 19.05
CA VAL A 121 18.45 -8.45 17.60
C VAL A 121 18.41 -9.93 17.27
N ASP A 122 19.49 -10.64 17.52
CA ASP A 122 19.51 -12.10 17.21
C ASP A 122 18.30 -12.80 17.83
N GLU A 123 17.95 -12.45 19.05
CA GLU A 123 16.76 -13.07 19.69
C GLU A 123 15.48 -12.61 18.99
N MET A 124 15.46 -11.38 18.50
CA MET A 124 14.25 -10.90 17.78
C MET A 124 14.08 -11.74 16.51
N ILE A 125 15.16 -12.05 15.85
CA ILE A 125 15.07 -12.91 14.64
C ILE A 125 14.67 -14.33 15.06
N ARG A 126 15.08 -14.75 16.24
CA ARG A 126 14.70 -16.11 16.71
C ARG A 126 13.18 -16.17 16.91
N GLU A 127 12.58 -15.10 17.39
CA GLU A 127 11.09 -15.12 17.59
C GLU A 127 10.39 -15.35 16.25
N ALA A 128 10.98 -14.87 15.17
CA ALA A 128 10.36 -15.07 13.83
C ALA A 128 11.01 -16.22 13.08
N ASP A 129 12.24 -16.56 13.41
CA ASP A 129 12.94 -17.64 12.64
C ASP A 129 12.17 -18.95 12.69
N ILE A 130 11.11 -19.02 11.94
CA ILE A 130 10.33 -20.28 11.84
C ILE A 130 11.04 -21.16 10.83
N ASP A 131 11.60 -20.54 9.83
CA ASP A 131 12.38 -21.29 8.79
C ASP A 131 13.66 -21.81 9.45
N GLY A 132 14.13 -21.12 10.46
CA GLY A 132 15.37 -21.55 11.15
C GLY A 132 16.60 -21.10 10.36
N ASP A 133 16.50 -20.05 9.59
CA ASP A 133 17.68 -19.60 8.78
C ASP A 133 18.45 -18.44 9.43
N GLY A 134 18.10 -18.04 10.63
CA GLY A 134 18.87 -16.93 11.30
C GLY A 134 18.52 -15.55 10.70
N GLN A 135 17.44 -15.44 9.99
CA GLN A 135 17.04 -14.15 9.38
C GLN A 135 15.53 -14.15 9.26
N VAL A 136 14.94 -13.05 8.91
CA VAL A 136 13.45 -13.06 8.83
C VAL A 136 12.96 -12.82 7.41
N ASN A 137 12.14 -13.73 6.95
CA ASN A 137 11.58 -13.64 5.60
C ASN A 137 10.20 -12.96 5.65
N TYR A 138 9.48 -13.08 4.58
CA TYR A 138 8.12 -12.47 4.46
C TYR A 138 7.11 -13.20 5.35
N GLU A 139 7.11 -14.50 5.32
CA GLU A 139 6.12 -15.27 6.14
C GLU A 139 6.28 -14.96 7.63
N GLU A 140 7.47 -14.70 8.08
CA GLU A 140 7.67 -14.41 9.54
C GLU A 140 7.07 -13.04 9.91
N PHE A 141 7.47 -12.00 9.23
CA PHE A 141 6.92 -10.64 9.55
C PHE A 141 5.39 -10.66 9.42
N VAL A 142 4.88 -11.13 8.31
CA VAL A 142 3.40 -11.17 8.14
C VAL A 142 2.80 -12.08 9.20
N GLN A 143 3.51 -13.12 9.58
CA GLN A 143 2.99 -14.01 10.67
C GLN A 143 2.94 -13.22 11.98
N MET A 144 3.80 -12.24 12.13
CA MET A 144 3.75 -11.43 13.39
C MET A 144 2.56 -10.48 13.36
N MET A 145 2.60 -9.52 12.46
CA MET A 145 1.49 -8.52 12.39
C MET A 145 0.18 -9.14 11.86
N THR A 146 0.27 -10.18 11.07
CA THR A 146 -0.98 -10.79 10.53
C THR A 146 -1.05 -12.27 10.92
N ALA A 147 -2.19 -12.71 11.37
CA ALA A 147 -2.33 -14.15 11.78
C ALA A 147 -3.78 -14.46 12.12
N LYS A 148 -4.72 -13.85 11.43
CA LYS A 148 -6.16 -14.12 11.71
C LYS A 148 -6.96 -14.10 10.42
N GLY B 1 11.87 -13.10 29.35
CA GLY B 1 12.61 -12.79 28.10
C GLY B 1 11.78 -11.84 27.23
N SER B 2 11.51 -12.23 26.00
CA SER B 2 10.70 -11.35 25.09
C SER B 2 11.27 -9.93 25.06
N ARG B 3 12.55 -9.79 25.28
CA ARG B 3 13.17 -8.41 25.27
C ARG B 3 12.89 -7.72 23.93
N ALA B 4 12.95 -8.46 22.85
CA ALA B 4 12.71 -7.87 21.51
C ALA B 4 11.20 -7.67 21.26
N LYS B 5 10.36 -8.32 22.01
CA LYS B 5 8.87 -8.24 21.78
C LYS B 5 8.36 -6.82 21.48
N ALA B 6 8.50 -5.90 22.39
CA ALA B 6 7.97 -4.52 22.15
C ALA B 6 8.69 -3.81 20.99
N ASN B 7 9.99 -3.90 20.95
CA ASN B 7 10.74 -3.23 19.85
C ASN B 7 10.33 -3.86 18.52
N TRP B 8 10.18 -5.15 18.53
CA TRP B 8 9.77 -5.88 17.30
C TRP B 8 8.39 -5.42 16.87
N LEU B 9 7.51 -5.28 17.83
CA LEU B 9 6.14 -4.78 17.52
C LEU B 9 6.27 -3.48 16.73
N ARG B 10 6.95 -2.55 17.33
CA ARG B 10 7.17 -1.24 16.66
C ARG B 10 7.97 -1.43 15.37
N ALA B 11 8.76 -2.49 15.27
CA ALA B 11 9.58 -2.69 14.03
C ALA B 11 8.71 -3.10 12.83
N PHE B 12 8.22 -4.33 12.82
CA PHE B 12 7.36 -4.76 11.68
C PHE B 12 6.22 -3.75 11.54
N ASN B 13 5.71 -3.27 12.65
CA ASN B 13 4.64 -2.23 12.59
C ASN B 13 5.22 -0.93 12.03
N LYS B 14 6.47 -0.64 12.32
CA LYS B 14 7.08 0.63 11.80
C LYS B 14 6.94 0.66 10.29
N VAL B 15 7.31 -0.41 9.63
CA VAL B 15 7.16 -0.39 8.15
C VAL B 15 5.68 -0.47 7.79
N ARG B 16 4.89 -1.22 8.53
CA ARG B 16 3.44 -1.33 8.21
C ARG B 16 2.82 0.07 8.09
N MET B 17 3.13 0.94 9.01
CA MET B 17 2.59 2.33 8.91
C MET B 17 3.30 3.05 7.77
N GLN B 18 4.55 2.72 7.55
CA GLN B 18 5.34 3.36 6.46
C GLN B 18 4.82 2.92 5.08
N LEU B 19 4.23 1.75 4.99
CA LEU B 19 3.72 1.27 3.66
C LEU B 19 2.80 2.33 3.06
N GLN B 20 2.04 2.99 3.88
CA GLN B 20 1.10 4.06 3.38
C GLN B 20 1.89 5.15 2.66
N GLU B 21 3.12 5.37 3.06
CA GLU B 21 3.94 6.44 2.40
C GLU B 21 3.95 6.26 0.88
N ALA B 22 3.92 5.04 0.42
CA ALA B 22 3.91 4.80 -1.06
C ALA B 22 2.66 5.43 -1.68
N ARG B 23 1.55 5.37 -0.98
CA ARG B 23 0.29 5.97 -1.51
C ARG B 23 0.42 7.50 -1.57
N GLY B 24 -0.25 8.12 -2.50
CA GLY B 24 -0.16 9.60 -2.61
C GLY B 24 1.12 10.00 -3.36
N GLU B 25 1.49 9.23 -4.35
CA GLU B 25 2.73 9.55 -5.13
C GLU B 25 2.60 10.94 -5.77
N GLY B 26 1.40 11.38 -6.03
CA GLY B 26 1.21 12.72 -6.67
C GLY B 26 0.86 12.55 -8.16
N GLU B 27 0.60 11.34 -8.59
CA GLU B 27 0.25 11.13 -10.04
C GLU B 27 -1.26 11.00 -10.18
N MET B 28 -1.79 11.37 -11.33
CA MET B 28 -3.26 11.28 -11.52
C MET B 28 -3.64 9.90 -12.06
N SER B 29 -4.59 9.25 -11.43
CA SER B 29 -5.01 7.89 -11.89
C SER B 29 -5.74 8.00 -13.23
N LYS B 30 -5.86 6.90 -13.94
CA LYS B 30 -6.56 6.94 -15.27
C LYS B 30 -8.06 7.18 -15.05
N SER B 31 -8.67 7.98 -15.88
CA SER B 31 -10.13 8.27 -15.71
C SER B 31 -10.65 9.05 -16.91
N LEU B 32 -10.16 10.24 -17.04
CA LEU B 32 -10.63 11.13 -18.12
C LEU B 32 -10.49 10.47 -19.49
N TRP B 33 -9.38 9.85 -19.78
CA TRP B 33 -9.24 9.18 -21.11
C TRP B 33 -7.84 8.58 -21.31
N PHE B 34 -7.04 8.50 -20.28
CA PHE B 34 -5.69 7.88 -20.42
C PHE B 34 -5.77 6.41 -19.97
N LYS B 35 -6.96 5.87 -19.90
CA LYS B 35 -7.14 4.45 -19.47
C LYS B 35 -6.37 3.51 -20.39
N GLY B 36 -6.25 3.85 -21.64
CA GLY B 36 -5.49 2.97 -22.59
C GLY B 36 -4.02 2.92 -22.18
N ALA A 1 -6.54 -4.60 -24.69
CA ALA A 1 -6.82 -5.26 -23.38
C ALA A 1 -8.15 -6.02 -23.45
N ASP A 2 -9.05 -5.61 -24.31
CA ASP A 2 -10.37 -6.31 -24.42
C ASP A 2 -11.06 -6.41 -23.06
N GLN A 3 -11.05 -5.34 -22.30
CA GLN A 3 -11.70 -5.36 -20.96
C GLN A 3 -13.22 -5.47 -21.12
N LEU A 4 -13.90 -5.97 -20.11
CA LEU A 4 -15.38 -6.11 -20.20
C LEU A 4 -15.77 -6.94 -21.43
N THR A 5 -16.05 -8.20 -21.24
CA THR A 5 -16.43 -9.07 -22.38
C THR A 5 -17.95 -9.04 -22.58
N GLU A 6 -18.40 -9.29 -23.79
CA GLU A 6 -19.87 -9.28 -24.06
C GLU A 6 -20.56 -10.34 -23.19
N GLU A 7 -19.91 -11.46 -22.99
CA GLU A 7 -20.50 -12.55 -22.17
C GLU A 7 -20.83 -12.02 -20.77
N GLN A 8 -19.93 -11.28 -20.17
CA GLN A 8 -20.21 -10.73 -18.82
C GLN A 8 -21.44 -9.81 -18.88
N ILE A 9 -21.52 -9.01 -19.91
CA ILE A 9 -22.69 -8.09 -20.04
C ILE A 9 -23.97 -8.93 -20.23
N ALA A 10 -23.94 -9.87 -21.14
CA ALA A 10 -25.14 -10.73 -21.38
C ALA A 10 -25.60 -11.37 -20.08
N GLU A 11 -24.67 -11.86 -19.31
CA GLU A 11 -25.03 -12.49 -18.01
C GLU A 11 -25.73 -11.45 -17.12
N PHE A 12 -25.30 -10.22 -17.21
CA PHE A 12 -25.92 -9.14 -16.41
C PHE A 12 -27.32 -8.87 -16.93
N LYS A 13 -27.51 -9.01 -18.22
CA LYS A 13 -28.87 -8.76 -18.80
C LYS A 13 -29.89 -9.71 -18.17
N GLU A 14 -29.54 -10.97 -18.06
CA GLU A 14 -30.48 -11.95 -17.44
C GLU A 14 -30.58 -11.69 -15.94
N ALA A 15 -29.46 -11.46 -15.30
CA ALA A 15 -29.48 -11.18 -13.83
C ALA A 15 -30.26 -9.89 -13.57
N PHE A 16 -30.12 -8.92 -14.43
CA PHE A 16 -30.86 -7.64 -14.26
C PHE A 16 -32.35 -7.87 -14.47
N SER A 17 -32.71 -8.63 -15.48
CA SER A 17 -34.16 -8.90 -15.74
C SER A 17 -34.76 -9.61 -14.52
N LEU A 18 -34.08 -10.58 -13.98
CA LEU A 18 -34.61 -11.30 -12.79
C LEU A 18 -34.73 -10.32 -11.61
N PHE A 19 -33.73 -9.51 -11.42
CA PHE A 19 -33.75 -8.51 -10.31
C PHE A 19 -34.75 -7.39 -10.62
N ASP A 20 -34.83 -7.02 -11.87
CA ASP A 20 -35.75 -5.93 -12.29
C ASP A 20 -37.16 -6.46 -12.52
N LYS A 21 -38.08 -6.11 -11.66
CA LYS A 21 -39.49 -6.56 -11.84
C LYS A 21 -40.06 -5.98 -13.13
N ASP A 22 -39.72 -4.76 -13.43
CA ASP A 22 -40.23 -4.11 -14.68
C ASP A 22 -39.61 -4.77 -15.92
N GLY A 23 -38.45 -5.35 -15.79
CA GLY A 23 -37.82 -6.03 -16.97
C GLY A 23 -36.74 -5.13 -17.62
N ASP A 24 -36.62 -3.89 -17.21
CA ASP A 24 -35.58 -3.01 -17.82
C ASP A 24 -34.22 -3.27 -17.16
N GLY A 25 -33.18 -2.66 -17.66
CA GLY A 25 -31.82 -2.86 -17.07
C GLY A 25 -31.50 -1.74 -16.08
N THR A 26 -32.47 -1.30 -15.33
CA THR A 26 -32.21 -0.21 -14.34
C THR A 26 -32.57 -0.69 -12.92
N ILE A 27 -31.74 -0.40 -11.95
CA ILE A 27 -32.04 -0.82 -10.55
C ILE A 27 -32.36 0.40 -9.68
N THR A 28 -33.63 0.63 -9.41
CA THR A 28 -34.01 1.82 -8.59
C THR A 28 -34.01 1.51 -7.09
N THR A 29 -34.13 2.54 -6.29
CA THR A 29 -34.13 2.36 -4.80
C THR A 29 -35.23 1.41 -4.34
N LYS A 30 -36.38 1.48 -4.97
CA LYS A 30 -37.50 0.57 -4.56
C LYS A 30 -37.12 -0.89 -4.80
N GLU A 31 -36.73 -1.21 -6.01
CA GLU A 31 -36.34 -2.62 -6.31
C GLU A 31 -35.24 -3.07 -5.35
N LEU A 32 -34.33 -2.17 -5.04
CA LEU A 32 -33.25 -2.52 -4.08
C LEU A 32 -33.87 -2.74 -2.69
N GLY A 33 -34.72 -1.84 -2.28
CA GLY A 33 -35.36 -1.97 -0.95
C GLY A 33 -36.02 -3.35 -0.80
N THR A 34 -36.84 -3.73 -1.74
CA THR A 34 -37.50 -5.07 -1.64
C THR A 34 -36.48 -6.21 -1.71
N VAL A 35 -35.52 -6.12 -2.60
CA VAL A 35 -34.52 -7.23 -2.72
C VAL A 35 -33.71 -7.38 -1.41
N MET A 36 -33.03 -6.37 -0.97
CA MET A 36 -32.22 -6.52 0.28
C MET A 36 -33.13 -6.75 1.48
N ARG A 37 -34.31 -6.18 1.51
CA ARG A 37 -35.23 -6.42 2.67
C ARG A 37 -35.56 -7.91 2.77
N SER A 38 -35.89 -8.53 1.65
CA SER A 38 -36.19 -10.00 1.67
C SER A 38 -34.97 -10.78 2.19
N LEU A 39 -33.81 -10.16 2.20
CA LEU A 39 -32.59 -10.83 2.72
C LEU A 39 -31.94 -9.97 3.80
N GLY A 40 -32.70 -9.09 4.41
CA GLY A 40 -32.13 -8.21 5.48
C GLY A 40 -33.09 -8.15 6.67
N GLN A 41 -32.71 -7.43 7.71
CA GLN A 41 -33.60 -7.33 8.91
C GLN A 41 -34.61 -6.19 8.74
N ASN A 42 -34.16 -4.97 8.71
CA ASN A 42 -35.10 -3.82 8.55
C ASN A 42 -34.33 -2.52 8.30
N PRO A 43 -34.07 -2.24 7.05
CA PRO A 43 -33.32 -1.00 6.69
C PRO A 43 -34.21 0.23 6.84
N THR A 44 -33.60 1.38 7.03
CA THR A 44 -34.40 2.64 7.18
C THR A 44 -34.41 3.40 5.85
N GLU A 45 -35.43 4.18 5.60
CA GLU A 45 -35.51 4.93 4.31
C GLU A 45 -34.21 5.73 4.05
N ALA A 46 -33.66 6.34 5.08
CA ALA A 46 -32.40 7.11 4.88
C ALA A 46 -31.29 6.14 4.47
N GLU A 47 -31.27 4.99 5.07
CA GLU A 47 -30.24 3.98 4.71
C GLU A 47 -30.44 3.57 3.26
N LEU A 48 -31.68 3.45 2.84
CA LEU A 48 -31.96 3.07 1.43
C LEU A 48 -31.43 4.14 0.49
N GLN A 49 -31.69 5.39 0.78
CA GLN A 49 -31.20 6.50 -0.11
C GLN A 49 -29.68 6.56 -0.13
N ASP A 50 -29.03 6.28 0.97
CA ASP A 50 -27.54 6.33 0.98
C ASP A 50 -26.98 5.10 0.28
N MET A 51 -27.32 3.96 0.80
CA MET A 51 -26.86 2.68 0.23
C MET A 51 -27.17 2.61 -1.28
N ILE A 52 -28.27 3.19 -1.69
CA ILE A 52 -28.61 3.16 -3.15
C ILE A 52 -27.80 4.20 -3.93
N ASN A 53 -27.65 5.38 -3.38
CA ASN A 53 -26.87 6.43 -4.12
C ASN A 53 -25.37 6.13 -4.04
N GLU A 54 -24.98 5.10 -3.33
CA GLU A 54 -23.53 4.74 -3.23
C GLU A 54 -23.03 4.00 -4.51
N VAL A 55 -23.74 2.99 -4.98
CA VAL A 55 -23.24 2.20 -6.14
C VAL A 55 -23.62 2.80 -7.49
N ASP A 56 -24.00 4.05 -7.52
CA ASP A 56 -24.36 4.68 -8.82
C ASP A 56 -23.25 5.63 -9.26
N ALA A 57 -23.23 6.02 -10.50
CA ALA A 57 -22.16 6.95 -10.98
C ALA A 57 -22.66 8.40 -10.96
N ASP A 58 -23.63 8.72 -11.78
CA ASP A 58 -24.16 10.12 -11.79
C ASP A 58 -24.83 10.44 -10.45
N GLY A 59 -25.15 9.44 -9.67
CA GLY A 59 -25.76 9.68 -8.33
C GLY A 59 -27.26 9.96 -8.41
N ASN A 60 -27.97 9.30 -9.28
CA ASN A 60 -29.44 9.49 -9.32
C ASN A 60 -30.06 8.67 -8.18
N GLY A 61 -29.25 7.96 -7.44
CA GLY A 61 -29.78 7.11 -6.33
C GLY A 61 -30.27 5.80 -6.95
N THR A 62 -29.67 5.38 -8.04
CA THR A 62 -30.11 4.12 -8.71
C THR A 62 -29.00 3.68 -9.68
N ILE A 63 -28.90 2.41 -9.95
CA ILE A 63 -27.80 1.96 -10.88
C ILE A 63 -28.33 1.44 -12.22
N ASP A 64 -28.17 2.21 -13.25
CA ASP A 64 -28.63 1.77 -14.61
C ASP A 64 -27.64 0.76 -15.18
N PHE A 65 -28.07 -0.05 -16.13
CA PHE A 65 -27.15 -1.09 -16.72
C PHE A 65 -25.76 -0.50 -17.05
N PRO A 66 -25.73 0.62 -17.77
CA PRO A 66 -24.42 1.22 -18.13
C PRO A 66 -23.70 1.73 -16.88
N GLU A 67 -24.42 2.26 -15.93
CA GLU A 67 -23.76 2.77 -14.68
C GLU A 67 -23.14 1.61 -13.90
N PHE A 68 -23.88 0.56 -13.73
CA PHE A 68 -23.35 -0.62 -12.97
C PHE A 68 -22.18 -1.25 -13.72
N LEU A 69 -22.32 -1.47 -15.00
CA LEU A 69 -21.21 -2.09 -15.80
C LEU A 69 -19.96 -1.21 -15.78
N THR A 70 -20.14 0.08 -15.94
CA THR A 70 -18.95 0.99 -15.93
C THR A 70 -18.28 0.98 -14.55
N MET A 71 -19.06 1.12 -13.50
CA MET A 71 -18.46 1.12 -12.14
C MET A 71 -17.85 -0.25 -11.81
N MET A 72 -18.51 -1.30 -12.18
CA MET A 72 -17.96 -2.66 -11.90
C MET A 72 -16.69 -2.90 -12.71
N ALA A 73 -16.64 -2.38 -13.91
CA ALA A 73 -15.43 -2.58 -14.77
C ALA A 73 -14.24 -1.77 -14.26
N ARG A 74 -14.43 -0.51 -13.93
CA ARG A 74 -13.28 0.31 -13.46
C ARG A 74 -12.77 -0.17 -12.08
N LYS A 75 -13.66 -0.50 -11.19
CA LYS A 75 -13.23 -0.96 -9.83
C LYS A 75 -12.38 -2.22 -9.92
N MET A 76 -12.63 -3.05 -10.91
CA MET A 76 -11.82 -4.31 -11.04
C MET A 76 -10.43 -4.00 -11.60
N LYS A 77 -9.41 -4.43 -10.92
CA LYS A 77 -8.02 -4.17 -11.39
C LYS A 77 -7.25 -5.49 -11.55
N ASP A 78 -5.97 -5.43 -11.79
CA ASP A 78 -5.18 -6.69 -11.95
C ASP A 78 -5.24 -7.53 -10.67
N THR A 79 -5.45 -8.81 -10.80
CA THR A 79 -5.54 -9.69 -9.60
C THR A 79 -4.22 -9.68 -8.82
N ASP A 80 -3.10 -9.69 -9.51
CA ASP A 80 -1.78 -9.70 -8.79
C ASP A 80 -1.64 -8.47 -7.90
N SER A 81 -1.99 -7.31 -8.42
CA SER A 81 -1.88 -6.05 -7.61
C SER A 81 -0.52 -5.95 -6.89
N GLU A 82 -0.37 -4.97 -6.04
CA GLU A 82 0.93 -4.82 -5.32
C GLU A 82 0.71 -5.04 -3.81
N GLU A 83 1.71 -5.47 -3.10
CA GLU A 83 1.54 -5.71 -1.63
C GLU A 83 2.30 -4.66 -0.82
N GLU A 84 1.61 -3.95 0.02
CA GLU A 84 2.28 -2.90 0.85
C GLU A 84 3.39 -3.52 1.72
N ILE A 85 3.23 -4.76 2.09
CA ILE A 85 4.29 -5.43 2.92
C ILE A 85 5.61 -5.46 2.14
N ARG A 86 5.52 -5.51 0.83
CA ARG A 86 6.76 -5.51 0.01
C ARG A 86 7.50 -4.19 0.25
N GLU A 87 6.78 -3.10 0.30
CA GLU A 87 7.44 -1.79 0.55
C GLU A 87 8.13 -1.83 1.91
N ALA A 88 7.54 -2.49 2.88
CA ALA A 88 8.20 -2.60 4.21
C ALA A 88 9.54 -3.28 3.98
N PHE A 89 9.54 -4.33 3.19
CA PHE A 89 10.82 -5.03 2.89
C PHE A 89 11.78 -4.08 2.17
N ARG A 90 11.28 -3.28 1.27
CA ARG A 90 12.17 -2.32 0.55
C ARG A 90 12.80 -1.35 1.54
N VAL A 91 12.10 -0.98 2.59
CA VAL A 91 12.69 -0.02 3.56
C VAL A 91 13.62 -0.73 4.56
N PHE A 92 13.31 -1.95 4.96
CA PHE A 92 14.21 -2.67 5.91
C PHE A 92 15.62 -2.72 5.35
N ASP A 93 15.72 -2.84 4.06
CA ASP A 93 17.07 -2.86 3.42
C ASP A 93 16.98 -2.36 1.99
N LYS A 94 17.06 -1.06 1.83
CA LYS A 94 16.95 -0.41 0.47
C LYS A 94 17.69 -1.26 -0.57
N ASP A 95 18.71 -1.97 -0.15
CA ASP A 95 19.51 -2.83 -1.07
C ASP A 95 18.63 -3.54 -2.13
N GLY A 96 17.44 -3.97 -1.79
CA GLY A 96 16.58 -4.65 -2.80
C GLY A 96 16.78 -6.16 -2.67
N ASN A 97 16.09 -6.80 -1.75
CA ASN A 97 16.25 -8.27 -1.58
C ASN A 97 14.97 -8.93 -1.02
N GLY A 98 14.17 -8.21 -0.27
CA GLY A 98 12.91 -8.81 0.27
C GLY A 98 13.17 -9.55 1.60
N TYR A 99 14.30 -9.35 2.23
CA TYR A 99 14.58 -10.08 3.51
C TYR A 99 15.10 -9.13 4.58
N ILE A 100 14.60 -9.26 5.80
CA ILE A 100 15.06 -8.36 6.89
C ILE A 100 16.11 -9.07 7.74
N SER A 101 17.26 -8.46 7.91
CA SER A 101 18.34 -9.07 8.73
C SER A 101 18.32 -8.46 10.13
N ALA A 102 18.99 -9.07 11.07
CA ALA A 102 18.99 -8.51 12.46
C ALA A 102 19.47 -7.06 12.43
N ALA A 103 20.47 -6.77 11.64
CA ALA A 103 20.98 -5.37 11.54
C ALA A 103 19.89 -4.48 10.93
N GLU A 104 19.37 -4.87 9.79
CA GLU A 104 18.31 -4.05 9.12
C GLU A 104 17.14 -3.87 10.10
N LEU A 105 16.78 -4.93 10.77
CA LEU A 105 15.68 -4.86 11.76
C LEU A 105 16.02 -3.78 12.80
N ARG A 106 17.22 -3.80 13.31
CA ARG A 106 17.63 -2.74 14.29
C ARG A 106 17.42 -1.37 13.63
N HIS A 107 17.65 -1.30 12.34
CA HIS A 107 17.46 0.00 11.62
C HIS A 107 15.99 0.42 11.72
N VAL A 108 15.08 -0.50 11.49
CA VAL A 108 13.65 -0.14 11.63
C VAL A 108 13.43 0.30 13.08
N MET A 109 14.11 -0.31 14.04
CA MET A 109 13.95 0.15 15.45
C MET A 109 14.42 1.58 15.55
N THR A 110 15.53 1.89 14.91
CA THR A 110 16.04 3.28 14.95
C THR A 110 14.90 4.22 14.62
N ASN A 111 14.05 3.84 13.68
CA ASN A 111 12.89 4.72 13.35
C ASN A 111 11.94 4.92 14.56
N LEU A 112 11.71 3.92 15.39
CA LEU A 112 10.78 4.10 16.56
C LEU A 112 11.53 4.33 17.89
N GLY A 113 12.73 3.82 17.98
CA GLY A 113 13.53 3.96 19.23
C GLY A 113 14.32 2.67 19.40
N GLU A 114 14.23 2.02 20.54
CA GLU A 114 14.90 0.70 20.77
C GLU A 114 16.21 0.49 20.03
N LYS A 115 17.28 0.52 20.78
CA LYS A 115 18.61 0.24 20.20
C LYS A 115 18.93 -1.21 20.58
N LEU A 116 19.34 -2.03 19.64
CA LEU A 116 19.58 -3.46 19.98
C LEU A 116 20.98 -3.91 19.57
N THR A 117 21.38 -5.07 20.02
CA THR A 117 22.73 -5.61 19.66
C THR A 117 22.53 -6.98 18.99
N ASP A 118 23.58 -7.74 18.82
CA ASP A 118 23.44 -9.09 18.19
C ASP A 118 22.54 -9.97 19.06
N GLU A 119 22.58 -9.76 20.34
CA GLU A 119 21.73 -10.57 21.27
C GLU A 119 20.25 -10.23 21.11
N GLU A 120 19.90 -8.98 21.27
CA GLU A 120 18.46 -8.57 21.16
C GLU A 120 17.90 -8.87 19.76
N VAL A 121 18.72 -8.85 18.75
CA VAL A 121 18.20 -9.18 17.39
C VAL A 121 18.10 -10.70 17.25
N ASP A 122 19.12 -11.41 17.67
CA ASP A 122 19.05 -12.92 17.60
C ASP A 122 17.79 -13.40 18.32
N GLU A 123 17.45 -12.76 19.41
CA GLU A 123 16.21 -13.14 20.14
C GLU A 123 15.00 -12.69 19.32
N MET A 124 15.08 -11.51 18.77
CA MET A 124 13.97 -10.97 17.94
C MET A 124 13.70 -11.89 16.74
N ILE A 125 14.74 -12.32 16.06
CA ILE A 125 14.54 -13.25 14.90
C ILE A 125 14.15 -14.62 15.45
N ARG A 126 14.70 -14.99 16.59
CA ARG A 126 14.36 -16.32 17.18
C ARG A 126 12.83 -16.44 17.32
N GLU A 127 12.19 -15.39 17.74
CA GLU A 127 10.69 -15.44 17.88
C GLU A 127 10.02 -15.64 16.51
N ALA A 128 10.65 -15.19 15.46
CA ALA A 128 10.04 -15.36 14.09
C ALA A 128 10.76 -16.42 13.27
N ASP A 129 11.85 -16.95 13.75
CA ASP A 129 12.60 -17.97 12.94
C ASP A 129 11.76 -19.23 12.71
N ILE A 130 10.75 -19.12 11.90
CA ILE A 130 9.92 -20.31 11.58
C ILE A 130 10.71 -21.16 10.58
N ASP A 131 11.32 -20.52 9.60
CA ASP A 131 12.15 -21.26 8.62
C ASP A 131 13.51 -21.60 9.27
N GLY A 132 13.92 -20.82 10.25
CA GLY A 132 15.19 -21.10 10.98
C GLY A 132 16.43 -20.63 10.20
N ASP A 133 16.35 -19.57 9.45
CA ASP A 133 17.55 -19.12 8.68
C ASP A 133 18.34 -18.02 9.43
N GLY A 134 17.96 -17.69 10.63
CA GLY A 134 18.71 -16.63 11.40
C GLY A 134 18.37 -15.23 10.85
N GLN A 135 17.35 -15.12 10.05
CA GLN A 135 16.95 -13.81 9.48
C GLN A 135 15.45 -13.86 9.32
N VAL A 136 14.81 -12.79 8.97
CA VAL A 136 13.33 -12.87 8.86
C VAL A 136 12.85 -12.67 7.43
N ASN A 137 12.08 -13.61 6.97
CA ASN A 137 11.53 -13.54 5.61
C ASN A 137 10.15 -12.86 5.63
N TYR A 138 9.46 -12.95 4.55
CA TYR A 138 8.10 -12.34 4.44
C TYR A 138 7.08 -13.06 5.32
N GLU A 139 7.11 -14.37 5.31
CA GLU A 139 6.13 -15.15 6.14
C GLU A 139 6.29 -14.82 7.62
N GLU A 140 7.49 -14.55 8.06
CA GLU A 140 7.70 -14.22 9.50
C GLU A 140 7.10 -12.85 9.83
N PHE A 141 7.45 -11.85 9.08
CA PHE A 141 6.90 -10.47 9.32
C PHE A 141 5.36 -10.52 9.31
N VAL A 142 4.81 -11.04 8.25
CA VAL A 142 3.33 -11.13 8.16
C VAL A 142 2.82 -12.05 9.26
N GLN A 143 3.59 -13.01 9.70
CA GLN A 143 3.12 -13.89 10.80
C GLN A 143 3.00 -13.07 12.07
N MET A 144 3.84 -12.07 12.26
CA MET A 144 3.70 -11.25 13.50
C MET A 144 2.51 -10.31 13.36
N MET A 145 2.59 -9.39 12.43
CA MET A 145 1.50 -8.40 12.25
C MET A 145 0.19 -9.07 11.81
N THR A 146 0.26 -10.18 11.13
CA THR A 146 -0.99 -10.89 10.70
C THR A 146 -0.98 -12.32 11.22
N ALA A 147 -2.05 -12.73 11.85
CA ALA A 147 -2.10 -14.12 12.39
C ALA A 147 -3.53 -14.47 12.83
N LYS A 148 -3.76 -15.70 13.21
CA LYS A 148 -5.13 -16.12 13.66
C LYS A 148 -6.17 -15.78 12.59
N GLY B 1 8.34 -4.49 27.86
CA GLY B 1 9.01 -5.69 27.29
C GLY B 1 10.42 -5.32 26.85
N SER B 2 11.38 -5.42 27.74
CA SER B 2 12.79 -5.07 27.37
C SER B 2 13.26 -5.95 26.21
N ARG B 3 12.79 -7.17 26.14
CA ARG B 3 13.22 -8.08 25.03
C ARG B 3 12.72 -7.55 23.68
N ALA B 4 13.24 -8.11 22.63
CA ALA B 4 12.85 -7.68 21.25
C ALA B 4 11.33 -7.55 21.08
N LYS B 5 10.54 -8.21 21.88
CA LYS B 5 9.05 -8.17 21.71
C LYS B 5 8.51 -6.76 21.40
N ALA B 6 8.67 -5.82 22.29
CA ALA B 6 8.11 -4.45 22.04
C ALA B 6 8.80 -3.76 20.85
N ASN B 7 10.10 -3.85 20.76
CA ASN B 7 10.81 -3.21 19.63
C ASN B 7 10.32 -3.85 18.33
N TRP B 8 10.13 -5.14 18.37
CA TRP B 8 9.63 -5.89 17.17
C TRP B 8 8.29 -5.33 16.74
N LEU B 9 7.40 -5.19 17.69
CA LEU B 9 6.06 -4.63 17.38
C LEU B 9 6.25 -3.35 16.60
N ARG B 10 6.95 -2.43 17.20
CA ARG B 10 7.22 -1.16 16.52
C ARG B 10 8.05 -1.38 15.24
N ALA B 11 8.82 -2.44 15.17
CA ALA B 11 9.66 -2.67 13.94
C ALA B 11 8.80 -3.06 12.73
N PHE B 12 8.28 -4.27 12.70
CA PHE B 12 7.44 -4.68 11.53
C PHE B 12 6.31 -3.66 11.38
N ASN B 13 5.79 -3.17 12.49
CA ASN B 13 4.73 -2.12 12.40
C ASN B 13 5.34 -0.81 11.90
N LYS B 14 6.59 -0.54 12.22
CA LYS B 14 7.23 0.74 11.74
C LYS B 14 7.12 0.79 10.23
N VAL B 15 7.45 -0.28 9.55
CA VAL B 15 7.31 -0.23 8.08
C VAL B 15 5.82 -0.26 7.71
N ARG B 16 5.01 -1.00 8.44
CA ARG B 16 3.54 -1.04 8.11
C ARG B 16 2.98 0.38 8.01
N MET B 17 3.34 1.25 8.91
CA MET B 17 2.85 2.66 8.84
C MET B 17 3.48 3.35 7.63
N GLN B 18 4.71 3.02 7.33
CA GLN B 18 5.41 3.65 6.18
C GLN B 18 4.83 3.15 4.85
N LEU B 19 4.31 1.95 4.81
CA LEU B 19 3.72 1.43 3.52
C LEU B 19 2.56 2.32 3.10
N GLN B 20 1.86 2.87 4.07
CA GLN B 20 0.69 3.76 3.76
C GLN B 20 1.11 4.89 2.82
N GLU B 21 2.35 5.30 2.84
CA GLU B 21 2.79 6.41 1.93
C GLU B 21 2.39 6.08 0.49
N ALA B 22 2.54 4.83 0.11
CA ALA B 22 2.15 4.42 -1.27
C ALA B 22 0.63 4.30 -1.38
N ARG B 23 -0.03 4.09 -0.26
CA ARG B 23 -1.52 3.94 -0.26
C ARG B 23 -1.96 2.82 -1.20
N GLY B 24 -2.32 1.69 -0.66
CA GLY B 24 -2.77 0.55 -1.52
C GLY B 24 -4.25 0.71 -1.84
N GLU B 25 -4.82 -0.24 -2.54
CA GLU B 25 -6.27 -0.15 -2.88
C GLU B 25 -7.01 -1.43 -2.48
N GLY B 26 -8.18 -1.31 -1.93
CA GLY B 26 -8.95 -2.52 -1.51
C GLY B 26 -9.93 -2.92 -2.62
N GLU B 27 -10.58 -4.04 -2.46
CA GLU B 27 -11.56 -4.49 -3.50
C GLU B 27 -12.86 -4.95 -2.84
N MET B 28 -13.94 -4.95 -3.57
CA MET B 28 -15.25 -5.40 -2.99
C MET B 28 -15.76 -6.63 -3.73
N SER B 29 -16.44 -7.52 -3.05
CA SER B 29 -16.96 -8.74 -3.71
C SER B 29 -18.14 -8.40 -4.64
N LYS B 30 -19.31 -8.19 -4.09
CA LYS B 30 -20.48 -7.86 -4.95
C LYS B 30 -20.80 -6.37 -4.86
N SER B 31 -21.14 -5.78 -5.96
CA SER B 31 -21.47 -4.31 -5.96
C SER B 31 -22.80 -4.07 -5.21
N LEU B 32 -23.78 -3.47 -5.86
CA LEU B 32 -25.09 -3.19 -5.22
C LEU B 32 -24.90 -2.26 -4.04
N TRP B 33 -24.79 -2.79 -2.86
CA TRP B 33 -24.64 -1.89 -1.70
C TRP B 33 -23.92 -2.62 -0.56
N PHE B 34 -23.54 -1.90 0.47
CA PHE B 34 -22.82 -2.53 1.63
C PHE B 34 -21.48 -3.09 1.13
N LYS B 35 -21.50 -4.12 0.33
CA LYS B 35 -20.24 -4.70 -0.24
C LYS B 35 -19.27 -5.08 0.89
N GLY B 36 -19.74 -5.82 1.86
CA GLY B 36 -18.85 -6.24 2.98
C GLY B 36 -19.06 -7.73 3.27
N ALA A 1 -20.69 5.65 15.21
CA ALA A 1 -20.27 5.40 13.80
C ALA A 1 -19.88 6.73 13.12
N ASP A 2 -18.75 7.27 13.47
CA ASP A 2 -18.32 8.56 12.84
C ASP A 2 -17.99 8.35 11.37
N GLN A 3 -18.28 9.31 10.54
CA GLN A 3 -17.99 9.18 9.08
C GLN A 3 -16.67 9.88 8.74
N LEU A 4 -15.73 9.15 8.19
CA LEU A 4 -14.41 9.74 7.82
C LEU A 4 -13.72 10.35 9.04
N THR A 5 -12.41 10.23 9.11
CA THR A 5 -11.66 10.81 10.26
C THR A 5 -11.46 12.31 10.05
N GLU A 6 -11.50 13.08 11.10
CA GLU A 6 -11.32 14.56 10.96
C GLU A 6 -9.95 14.86 10.34
N GLU A 7 -8.95 14.08 10.66
CA GLU A 7 -7.60 14.33 10.08
C GLU A 7 -7.65 14.17 8.56
N GLN A 8 -8.32 13.16 8.07
CA GLN A 8 -8.41 12.95 6.60
C GLN A 8 -9.13 14.14 5.96
N ILE A 9 -10.16 14.63 6.59
CA ILE A 9 -10.88 15.81 6.05
C ILE A 9 -9.95 17.02 6.08
N ALA A 10 -9.31 17.24 7.21
CA ALA A 10 -8.38 18.41 7.33
C ALA A 10 -7.35 18.41 6.21
N GLU A 11 -6.77 17.28 5.94
CA GLU A 11 -5.76 17.21 4.85
C GLU A 11 -6.42 17.58 3.52
N PHE A 12 -7.65 17.18 3.34
CA PHE A 12 -8.37 17.51 2.08
C PHE A 12 -8.59 19.01 2.00
N LYS A 13 -8.84 19.65 3.12
CA LYS A 13 -9.06 21.13 3.11
C LYS A 13 -7.83 21.83 2.53
N GLU A 14 -6.65 21.43 2.94
CA GLU A 14 -5.42 22.07 2.41
C GLU A 14 -5.24 21.67 0.94
N ALA A 15 -5.41 20.40 0.64
CA ALA A 15 -5.27 19.95 -0.77
C ALA A 15 -6.32 20.66 -1.62
N PHE A 16 -7.47 20.91 -1.06
CA PHE A 16 -8.53 21.62 -1.81
C PHE A 16 -8.09 23.06 -2.07
N SER A 17 -7.59 23.72 -1.06
CA SER A 17 -7.13 25.14 -1.25
C SER A 17 -6.08 25.21 -2.35
N LEU A 18 -5.17 24.26 -2.39
CA LEU A 18 -4.14 24.26 -3.46
C LEU A 18 -4.82 24.01 -4.83
N PHE A 19 -5.87 23.25 -4.82
CA PHE A 19 -6.61 22.94 -6.08
C PHE A 19 -7.73 23.96 -6.29
N ASP A 20 -8.04 24.32 -7.52
CA ASP A 20 -9.13 25.32 -7.82
C ASP A 20 -8.63 26.77 -7.66
N LYS A 21 -7.81 27.03 -6.67
CA LYS A 21 -7.28 28.42 -6.47
C LYS A 21 -8.43 29.42 -6.30
N ASP A 22 -9.51 29.01 -5.67
CA ASP A 22 -10.66 29.95 -5.49
C ASP A 22 -10.78 30.37 -4.02
N GLY A 23 -10.28 29.57 -3.11
CA GLY A 23 -10.36 29.93 -1.67
C GLY A 23 -11.72 29.51 -1.10
N ASP A 24 -12.35 28.53 -1.69
CA ASP A 24 -13.68 28.07 -1.19
C ASP A 24 -13.73 26.54 -1.13
N GLY A 25 -14.82 25.99 -0.67
CA GLY A 25 -14.93 24.50 -0.58
C GLY A 25 -15.80 23.97 -1.73
N THR A 26 -15.90 24.69 -2.81
CA THR A 26 -16.74 24.23 -3.96
C THR A 26 -15.88 24.11 -5.22
N ILE A 27 -16.13 23.10 -6.02
CA ILE A 27 -15.32 22.93 -7.27
C ILE A 27 -16.20 23.24 -8.50
N THR A 28 -15.81 24.23 -9.27
CA THR A 28 -16.62 24.61 -10.47
C THR A 28 -16.05 24.02 -11.77
N THR A 29 -16.90 23.84 -12.75
CA THR A 29 -16.46 23.25 -14.05
C THR A 29 -15.33 24.08 -14.70
N LYS A 30 -15.44 25.37 -14.66
CA LYS A 30 -14.37 26.23 -15.25
C LYS A 30 -13.10 26.07 -14.44
N GLU A 31 -13.22 26.16 -13.14
CA GLU A 31 -12.03 25.99 -12.24
C GLU A 31 -11.33 24.68 -12.60
N LEU A 32 -12.12 23.68 -12.91
CA LEU A 32 -11.56 22.36 -13.32
C LEU A 32 -10.83 22.54 -14.66
N GLY A 33 -11.47 23.19 -15.59
CA GLY A 33 -10.84 23.41 -16.93
C GLY A 33 -9.42 23.96 -16.72
N THR A 34 -9.30 25.02 -15.98
CA THR A 34 -7.96 25.60 -15.72
C THR A 34 -7.05 24.57 -15.03
N VAL A 35 -7.55 23.85 -14.06
CA VAL A 35 -6.68 22.87 -13.35
C VAL A 35 -6.19 21.78 -14.32
N MET A 36 -7.07 21.01 -14.92
CA MET A 36 -6.58 19.94 -15.83
C MET A 36 -5.72 20.52 -16.95
N ARG A 37 -6.02 21.71 -17.44
CA ARG A 37 -5.13 22.28 -18.49
C ARG A 37 -3.73 22.40 -17.90
N SER A 38 -3.65 22.81 -16.66
CA SER A 38 -2.32 22.94 -15.98
C SER A 38 -1.53 21.62 -16.03
N LEU A 39 -2.21 20.48 -16.00
CA LEU A 39 -1.45 19.18 -16.06
C LEU A 39 -1.95 18.28 -17.20
N GLY A 40 -2.64 18.84 -18.17
CA GLY A 40 -3.15 18.01 -19.30
C GLY A 40 -2.97 18.77 -20.62
N GLN A 41 -3.39 18.18 -21.71
CA GLN A 41 -3.23 18.86 -23.03
C GLN A 41 -4.36 19.87 -23.25
N ASN A 42 -5.58 19.42 -23.38
CA ASN A 42 -6.72 20.35 -23.60
C ASN A 42 -8.06 19.59 -23.56
N PRO A 43 -8.76 19.71 -22.45
CA PRO A 43 -10.07 19.01 -22.32
C PRO A 43 -11.12 19.65 -23.23
N THR A 44 -12.08 18.88 -23.66
CA THR A 44 -13.15 19.45 -24.56
C THR A 44 -14.36 19.88 -23.73
N GLU A 45 -15.22 20.70 -24.28
CA GLU A 45 -16.41 21.17 -23.52
C GLU A 45 -17.27 19.97 -23.09
N ALA A 46 -17.45 19.01 -23.96
CA ALA A 46 -18.26 17.82 -23.60
C ALA A 46 -17.56 17.06 -22.47
N GLU A 47 -16.26 16.98 -22.53
CA GLU A 47 -15.51 16.28 -21.45
C GLU A 47 -15.66 17.06 -20.15
N LEU A 48 -15.58 18.36 -20.22
CA LEU A 48 -15.74 19.20 -18.99
C LEU A 48 -17.10 18.91 -18.34
N GLN A 49 -18.15 19.01 -19.10
CA GLN A 49 -19.51 18.76 -18.54
C GLN A 49 -19.65 17.32 -18.05
N ASP A 50 -19.05 16.38 -18.74
CA ASP A 50 -19.16 14.95 -18.31
C ASP A 50 -18.43 14.71 -16.98
N MET A 51 -17.13 14.89 -16.97
CA MET A 51 -16.34 14.65 -15.73
C MET A 51 -16.90 15.48 -14.57
N ILE A 52 -17.29 16.69 -14.81
CA ILE A 52 -17.82 17.53 -13.70
C ILE A 52 -19.20 17.01 -13.22
N ASN A 53 -20.04 16.62 -14.13
CA ASN A 53 -21.38 16.11 -13.69
C ASN A 53 -21.24 14.66 -13.19
N GLU A 54 -20.09 14.06 -13.35
CA GLU A 54 -19.88 12.67 -12.86
C GLU A 54 -19.63 12.63 -11.34
N VAL A 55 -18.77 13.48 -10.84
CA VAL A 55 -18.43 13.45 -9.38
C VAL A 55 -19.33 14.38 -8.57
N ASP A 56 -20.36 14.92 -9.15
CA ASP A 56 -21.26 15.82 -8.39
C ASP A 56 -22.52 15.07 -7.93
N ALA A 57 -22.64 14.83 -6.63
CA ALA A 57 -23.83 14.09 -6.09
C ALA A 57 -25.13 14.59 -6.71
N ASP A 58 -25.61 15.75 -6.29
CA ASP A 58 -26.88 16.28 -6.88
C ASP A 58 -26.72 16.38 -8.40
N GLY A 59 -25.53 16.70 -8.84
CA GLY A 59 -25.26 16.78 -10.30
C GLY A 59 -25.47 18.19 -10.83
N ASN A 60 -25.22 19.20 -10.04
CA ASN A 60 -25.36 20.59 -10.59
C ASN A 60 -24.09 20.96 -11.37
N GLY A 61 -23.22 19.99 -11.61
CA GLY A 61 -21.98 20.25 -12.39
C GLY A 61 -20.91 20.87 -11.51
N THR A 62 -20.91 20.62 -10.23
CA THR A 62 -19.89 21.23 -9.33
C THR A 62 -19.77 20.34 -8.09
N ILE A 63 -18.60 20.24 -7.50
CA ILE A 63 -18.48 19.32 -6.32
C ILE A 63 -18.19 20.09 -5.02
N ASP A 64 -19.12 20.06 -4.10
CA ASP A 64 -18.93 20.77 -2.80
C ASP A 64 -17.93 20.00 -1.92
N PHE A 65 -17.41 20.63 -0.89
CA PHE A 65 -16.44 19.93 0.00
C PHE A 65 -17.07 18.69 0.64
N PRO A 66 -18.23 18.84 1.25
CA PRO A 66 -18.88 17.68 1.90
C PRO A 66 -19.31 16.66 0.84
N GLU A 67 -19.80 17.14 -0.27
CA GLU A 67 -20.22 16.20 -1.36
C GLU A 67 -18.99 15.52 -1.95
N PHE A 68 -17.94 16.27 -2.13
CA PHE A 68 -16.68 15.70 -2.70
C PHE A 68 -16.11 14.62 -1.79
N LEU A 69 -16.01 14.89 -0.53
CA LEU A 69 -15.44 13.87 0.42
C LEU A 69 -16.41 12.71 0.62
N THR A 70 -17.70 12.96 0.69
CA THR A 70 -18.66 11.84 0.88
C THR A 70 -18.57 10.89 -0.32
N MET A 71 -18.63 11.43 -1.51
CA MET A 71 -18.53 10.56 -2.73
C MET A 71 -17.15 9.90 -2.76
N MET A 72 -16.12 10.64 -2.44
CA MET A 72 -14.75 10.06 -2.44
C MET A 72 -14.66 8.97 -1.38
N ALA A 73 -15.30 9.18 -0.25
CA ALA A 73 -15.26 8.16 0.84
C ALA A 73 -15.94 6.86 0.39
N ARG A 74 -17.11 6.96 -0.21
CA ARG A 74 -17.81 5.73 -0.66
C ARG A 74 -16.95 4.97 -1.68
N LYS A 75 -16.28 5.67 -2.55
CA LYS A 75 -15.42 4.99 -3.57
C LYS A 75 -14.31 4.19 -2.88
N MET A 76 -13.84 4.66 -1.76
CA MET A 76 -12.75 3.93 -1.04
C MET A 76 -13.33 2.76 -0.23
N LYS A 77 -12.68 1.62 -0.25
CA LYS A 77 -13.20 0.45 0.51
C LYS A 77 -12.50 0.34 1.86
N ASP A 78 -13.22 -0.04 2.88
CA ASP A 78 -12.62 -0.17 4.24
C ASP A 78 -11.52 -1.24 4.23
N THR A 79 -11.65 -2.24 3.40
CA THR A 79 -10.63 -3.32 3.35
C THR A 79 -9.31 -2.78 2.80
N ASP A 80 -8.22 -3.45 3.06
CA ASP A 80 -6.89 -2.99 2.57
C ASP A 80 -6.13 -4.15 1.91
N SER A 81 -5.53 -3.90 0.78
CA SER A 81 -4.78 -5.00 0.08
C SER A 81 -3.56 -5.42 0.90
N GLU A 82 -3.15 -6.66 0.78
CA GLU A 82 -1.96 -7.14 1.54
C GLU A 82 -0.65 -6.72 0.85
N GLU A 83 -0.73 -6.10 -0.30
CA GLU A 83 0.51 -5.68 -1.02
C GLU A 83 1.34 -4.71 -0.17
N GLU A 84 0.73 -4.08 0.81
CA GLU A 84 1.50 -3.12 1.67
C GLU A 84 2.66 -3.83 2.35
N ILE A 85 2.51 -5.07 2.70
CA ILE A 85 3.63 -5.81 3.36
C ILE A 85 4.79 -5.96 2.38
N ARG A 86 4.49 -6.10 1.13
CA ARG A 86 5.58 -6.21 0.11
C ARG A 86 6.40 -4.92 0.14
N GLU A 87 5.74 -3.80 0.20
CA GLU A 87 6.46 -2.51 0.26
C GLU A 87 7.29 -2.45 1.55
N ALA A 88 6.76 -3.00 2.62
CA ALA A 88 7.50 -3.01 3.90
C ALA A 88 8.83 -3.73 3.67
N PHE A 89 8.79 -4.85 3.01
CA PHE A 89 10.06 -5.58 2.72
C PHE A 89 10.92 -4.74 1.79
N ARG A 90 10.32 -4.04 0.85
CA ARG A 90 11.12 -3.18 -0.05
C ARG A 90 11.84 -2.12 0.77
N VAL A 91 11.23 -1.63 1.82
CA VAL A 91 11.90 -0.61 2.67
C VAL A 91 12.83 -1.29 3.67
N PHE A 92 12.46 -2.44 4.20
CA PHE A 92 13.37 -3.16 5.15
C PHE A 92 14.67 -3.51 4.43
N ASP A 93 14.54 -3.89 3.19
CA ASP A 93 15.72 -4.32 2.40
C ASP A 93 16.23 -3.23 1.48
N LYS A 94 17.03 -2.32 2.00
CA LYS A 94 17.56 -1.23 1.14
C LYS A 94 18.18 -1.89 -0.09
N ASP A 95 19.06 -2.82 0.13
CA ASP A 95 19.72 -3.53 -0.99
C ASP A 95 18.72 -4.09 -2.01
N GLY A 96 17.59 -4.62 -1.59
CA GLY A 96 16.62 -5.20 -2.57
C GLY A 96 16.78 -6.71 -2.61
N ASN A 97 16.25 -7.42 -1.64
CA ASN A 97 16.37 -8.92 -1.64
C ASN A 97 15.06 -9.62 -1.23
N GLY A 98 14.12 -8.89 -0.66
CA GLY A 98 12.83 -9.54 -0.25
C GLY A 98 12.99 -10.22 1.12
N TYR A 99 14.02 -9.88 1.85
CA TYR A 99 14.23 -10.50 3.19
C TYR A 99 14.72 -9.46 4.20
N ILE A 100 14.20 -9.49 5.40
CA ILE A 100 14.64 -8.51 6.43
C ILE A 100 15.85 -9.07 7.18
N SER A 101 16.92 -8.32 7.24
CA SER A 101 18.12 -8.80 7.96
C SER A 101 18.12 -8.28 9.39
N ALA A 102 18.86 -8.90 10.26
CA ALA A 102 18.89 -8.44 11.68
C ALA A 102 19.36 -6.98 11.71
N ALA A 103 20.29 -6.63 10.85
CA ALA A 103 20.78 -5.22 10.81
C ALA A 103 19.65 -4.29 10.35
N GLU A 104 19.02 -4.60 9.24
CA GLU A 104 17.91 -3.72 8.75
C GLU A 104 16.85 -3.61 9.84
N LEU A 105 16.53 -4.70 10.50
CA LEU A 105 15.52 -4.64 11.58
C LEU A 105 15.99 -3.64 12.64
N ARG A 106 17.24 -3.68 13.01
CA ARG A 106 17.75 -2.69 14.01
C ARG A 106 17.52 -1.28 13.45
N HIS A 107 17.61 -1.14 12.16
CA HIS A 107 17.35 0.20 11.54
C HIS A 107 15.89 0.58 11.81
N VAL A 108 15.00 -0.36 11.61
CA VAL A 108 13.57 -0.07 11.89
C VAL A 108 13.47 0.34 13.36
N MET A 109 14.20 -0.34 14.23
CA MET A 109 14.16 0.04 15.66
C MET A 109 14.68 1.45 15.82
N THR A 110 15.71 1.79 15.08
CA THR A 110 16.26 3.18 15.16
C THR A 110 15.11 4.16 14.95
N ASN A 111 14.23 3.86 14.03
CA ASN A 111 13.07 4.80 13.79
C ASN A 111 12.28 5.08 15.09
N LEU A 112 12.08 4.09 15.94
CA LEU A 112 11.34 4.38 17.22
C LEU A 112 12.36 4.69 18.34
N GLY A 113 12.02 4.44 19.58
CA GLY A 113 13.00 4.74 20.67
C GLY A 113 13.46 3.42 21.30
N GLU A 114 14.74 3.12 21.23
CA GLU A 114 15.25 1.84 21.81
C GLU A 114 16.76 1.73 21.58
N LYS A 115 17.31 0.57 21.79
CA LYS A 115 18.77 0.36 21.57
C LYS A 115 18.99 -1.11 21.21
N LEU A 116 18.55 -2.00 22.04
CA LEU A 116 18.68 -3.47 21.78
C LEU A 116 20.13 -3.90 21.59
N THR A 117 20.45 -5.08 22.06
CA THR A 117 21.83 -5.60 21.90
C THR A 117 21.84 -6.68 20.82
N ASP A 118 23.01 -7.09 20.40
CA ASP A 118 23.09 -8.14 19.33
C ASP A 118 22.21 -9.35 19.66
N GLU A 119 22.01 -9.63 20.93
CA GLU A 119 21.14 -10.78 21.32
C GLU A 119 19.67 -10.43 21.12
N GLU A 120 19.28 -9.20 21.35
CA GLU A 120 17.84 -8.84 21.14
C GLU A 120 17.50 -9.05 19.68
N VAL A 121 18.42 -8.69 18.81
CA VAL A 121 18.17 -8.87 17.36
C VAL A 121 18.15 -10.36 17.03
N ASP A 122 19.26 -11.03 17.21
CA ASP A 122 19.31 -12.49 16.90
C ASP A 122 18.16 -13.24 17.59
N GLU A 123 17.91 -12.90 18.83
CA GLU A 123 16.78 -13.56 19.56
C GLU A 123 15.46 -13.19 18.87
N MET A 124 15.35 -11.95 18.46
CA MET A 124 14.10 -11.52 17.77
C MET A 124 13.94 -12.25 16.44
N ILE A 125 15.01 -12.39 15.70
CA ILE A 125 14.92 -13.13 14.40
C ILE A 125 14.55 -14.59 14.69
N ARG A 126 14.96 -15.10 15.82
CA ARG A 126 14.57 -16.50 16.17
C ARG A 126 13.06 -16.55 16.39
N GLU A 127 12.51 -15.55 17.02
CA GLU A 127 11.02 -15.53 17.27
C GLU A 127 10.24 -15.63 15.95
N ALA A 128 10.76 -15.04 14.89
CA ALA A 128 10.02 -15.10 13.58
C ALA A 128 10.68 -16.09 12.62
N ASP A 129 11.87 -16.54 12.92
CA ASP A 129 12.58 -17.47 11.99
C ASP A 129 11.90 -18.85 11.94
N ILE A 130 10.85 -18.99 11.16
CA ILE A 130 10.19 -20.32 11.04
C ILE A 130 11.19 -21.30 10.42
N ASP A 131 11.76 -20.90 9.31
CA ASP A 131 12.77 -21.77 8.62
C ASP A 131 14.15 -21.60 9.26
N GLY A 132 14.29 -20.76 10.25
CA GLY A 132 15.61 -20.59 10.93
C GLY A 132 16.73 -20.24 9.94
N ASP A 133 16.58 -19.19 9.16
CA ASP A 133 17.66 -18.83 8.20
C ASP A 133 18.55 -17.70 8.75
N GLY A 134 18.27 -17.20 9.94
CA GLY A 134 19.12 -16.11 10.54
C GLY A 134 18.62 -14.72 10.12
N GLN A 135 17.51 -14.65 9.42
CA GLN A 135 16.94 -13.36 8.98
C GLN A 135 15.45 -13.56 8.95
N VAL A 136 14.68 -12.54 8.73
CA VAL A 136 13.22 -12.76 8.73
C VAL A 136 12.64 -12.70 7.34
N ASN A 137 11.99 -13.77 6.94
CA ASN A 137 11.39 -13.84 5.60
C ASN A 137 10.04 -13.13 5.57
N TYR A 138 9.49 -13.00 4.41
CA TYR A 138 8.17 -12.34 4.23
C TYR A 138 7.11 -13.08 5.05
N GLU A 139 7.14 -14.39 5.02
CA GLU A 139 6.14 -15.18 5.80
C GLU A 139 6.39 -14.98 7.30
N GLU A 140 7.62 -14.72 7.66
CA GLU A 140 7.95 -14.51 9.10
C GLU A 140 7.47 -13.11 9.54
N PHE A 141 7.73 -12.08 8.76
CA PHE A 141 7.24 -10.72 9.14
C PHE A 141 5.72 -10.77 9.27
N VAL A 142 5.06 -11.18 8.22
CA VAL A 142 3.57 -11.27 8.26
C VAL A 142 3.17 -12.22 9.38
N GLN A 143 3.98 -13.21 9.68
CA GLN A 143 3.64 -14.12 10.80
C GLN A 143 3.68 -13.35 12.11
N MET A 144 4.51 -12.33 12.21
CA MET A 144 4.55 -11.55 13.47
C MET A 144 3.36 -10.59 13.52
N MET A 145 3.27 -9.69 12.58
CA MET A 145 2.15 -8.71 12.58
C MET A 145 0.81 -9.38 12.26
N THR A 146 0.81 -10.45 11.51
CA THR A 146 -0.48 -11.13 11.15
C THR A 146 -0.41 -12.62 11.49
N ALA A 147 -1.45 -13.14 12.08
CA ALA A 147 -1.46 -14.59 12.43
C ALA A 147 -2.84 -15.02 12.93
N LYS A 148 -3.89 -14.40 12.43
CA LYS A 148 -5.27 -14.75 12.87
C LYS A 148 -5.38 -14.77 14.40
N GLY B 1 11.23 -9.79 27.31
CA GLY B 1 10.08 -8.86 27.45
C GLY B 1 10.35 -7.59 26.64
N SER B 2 10.75 -6.53 27.30
CA SER B 2 11.03 -5.25 26.58
C SER B 2 12.06 -5.49 25.46
N ARG B 3 12.94 -6.44 25.65
CA ARG B 3 13.99 -6.72 24.60
C ARG B 3 13.37 -6.85 23.21
N ALA B 4 12.57 -7.86 23.00
CA ALA B 4 11.97 -8.07 21.65
C ALA B 4 10.52 -7.56 21.54
N LYS B 5 9.67 -7.94 22.45
CA LYS B 5 8.21 -7.56 22.34
C LYS B 5 7.97 -6.09 21.94
N ALA B 6 8.35 -5.15 22.76
CA ALA B 6 8.09 -3.71 22.41
C ALA B 6 8.89 -3.27 21.17
N ASN B 7 10.14 -3.62 21.11
CA ASN B 7 10.97 -3.22 19.94
C ASN B 7 10.45 -3.87 18.65
N TRP B 8 10.25 -5.16 18.64
CA TRP B 8 9.72 -5.82 17.40
C TRP B 8 8.40 -5.20 17.01
N LEU B 9 7.52 -5.02 17.97
CA LEU B 9 6.20 -4.41 17.69
C LEU B 9 6.42 -3.11 16.93
N ARG B 10 7.09 -2.20 17.56
CA ARG B 10 7.40 -0.90 16.88
C ARG B 10 8.22 -1.16 15.62
N ALA B 11 8.98 -2.23 15.57
CA ALA B 11 9.81 -2.48 14.35
C ALA B 11 8.93 -2.77 13.11
N PHE B 12 8.44 -3.98 13.00
CA PHE B 12 7.59 -4.33 11.83
C PHE B 12 6.49 -3.26 11.70
N ASN B 13 5.98 -2.79 12.82
CA ASN B 13 4.95 -1.71 12.77
C ASN B 13 5.56 -0.41 12.23
N LYS B 14 6.81 -0.11 12.54
CA LYS B 14 7.42 1.15 12.00
C LYS B 14 7.33 1.12 10.51
N VAL B 15 7.63 0.00 9.92
CA VAL B 15 7.51 -0.07 8.43
C VAL B 15 6.03 -0.02 8.03
N ARG B 16 5.16 -0.67 8.77
CA ARG B 16 3.71 -0.66 8.40
C ARG B 16 3.21 0.78 8.19
N MET B 17 3.59 1.69 9.03
CA MET B 17 3.14 3.10 8.85
C MET B 17 3.73 3.66 7.54
N GLN B 18 4.92 3.24 7.22
CA GLN B 18 5.58 3.72 5.96
C GLN B 18 4.83 3.18 4.72
N LEU B 19 4.21 2.04 4.84
CA LEU B 19 3.49 1.45 3.67
C LEU B 19 2.44 2.42 3.15
N GLN B 20 1.78 3.12 4.03
CA GLN B 20 0.73 4.09 3.58
C GLN B 20 1.34 5.17 2.69
N GLU B 21 2.53 5.62 3.03
CA GLU B 21 3.19 6.68 2.20
C GLU B 21 3.51 6.13 0.80
N ALA B 22 3.86 4.87 0.71
CA ALA B 22 4.20 4.28 -0.61
C ALA B 22 2.98 4.33 -1.55
N ARG B 23 1.80 4.20 -1.00
CA ARG B 23 0.56 4.24 -1.84
C ARG B 23 0.49 5.54 -2.63
N GLY B 24 0.97 6.62 -2.07
CA GLY B 24 0.93 7.92 -2.79
C GLY B 24 -0.42 8.61 -2.51
N GLU B 25 -0.82 9.51 -3.37
CA GLU B 25 -2.12 10.22 -3.15
C GLU B 25 -3.27 9.20 -3.12
N GLY B 26 -3.16 8.15 -3.88
CA GLY B 26 -4.24 7.12 -3.90
C GLY B 26 -5.30 7.50 -4.93
N GLU B 27 -6.38 6.75 -4.97
CA GLU B 27 -7.48 7.05 -5.95
C GLU B 27 -8.22 8.34 -5.57
N MET B 28 -7.99 8.86 -4.38
CA MET B 28 -8.70 10.10 -3.95
C MET B 28 -8.47 11.23 -4.97
N SER B 29 -7.30 11.28 -5.56
CA SER B 29 -7.01 12.35 -6.56
C SER B 29 -7.98 12.25 -7.75
N LYS B 30 -8.43 11.07 -8.06
CA LYS B 30 -9.37 10.90 -9.21
C LYS B 30 -10.83 11.14 -8.82
N SER B 31 -11.09 11.56 -7.61
CA SER B 31 -12.50 11.82 -7.17
C SER B 31 -13.22 12.70 -8.18
N LEU B 32 -12.69 13.87 -8.35
CA LEU B 32 -13.32 14.86 -9.27
C LEU B 32 -13.47 14.31 -10.67
N TRP B 33 -12.46 13.73 -11.25
CA TRP B 33 -12.60 13.18 -12.63
C TRP B 33 -11.27 12.57 -13.11
N PHE B 34 -11.13 12.36 -14.40
CA PHE B 34 -9.87 11.74 -14.93
C PHE B 34 -9.68 10.36 -14.28
N LYS B 35 -10.74 9.78 -13.80
CA LYS B 35 -10.67 8.44 -13.14
C LYS B 35 -10.20 7.38 -14.14
N GLY B 36 -10.56 7.54 -15.39
CA GLY B 36 -10.14 6.54 -16.42
C GLY B 36 -11.32 5.62 -16.75
N ALA A 1 -10.29 6.03 -21.04
CA ALA A 1 -9.52 6.79 -20.01
C ALA A 1 -10.36 6.99 -18.76
N ASP A 2 -11.29 6.11 -18.50
CA ASP A 2 -12.16 6.25 -17.29
C ASP A 2 -11.45 5.66 -16.06
N GLN A 3 -11.21 6.46 -15.06
CA GLN A 3 -10.51 5.96 -13.83
C GLN A 3 -11.30 4.78 -13.23
N LEU A 4 -12.60 4.84 -13.28
CA LEU A 4 -13.42 3.73 -12.72
C LEU A 4 -13.70 2.67 -13.77
N THR A 5 -13.72 1.42 -13.38
CA THR A 5 -14.00 0.34 -14.35
C THR A 5 -15.44 -0.13 -14.19
N GLU A 6 -15.92 -0.92 -15.12
CA GLU A 6 -17.34 -1.41 -15.04
C GLU A 6 -17.61 -2.06 -13.68
N GLU A 7 -16.67 -2.79 -13.14
CA GLU A 7 -16.89 -3.44 -11.82
C GLU A 7 -16.91 -2.41 -10.69
N GLN A 8 -15.97 -1.49 -10.68
CA GLN A 8 -15.94 -0.46 -9.59
C GLN A 8 -17.24 0.36 -9.61
N ILE A 9 -17.68 0.77 -10.76
CA ILE A 9 -18.96 1.53 -10.82
C ILE A 9 -20.10 0.60 -10.41
N ALA A 10 -20.10 -0.60 -10.93
CA ALA A 10 -21.19 -1.58 -10.60
C ALA A 10 -21.39 -1.69 -9.08
N GLU A 11 -20.33 -1.89 -8.34
CA GLU A 11 -20.47 -2.02 -6.85
C GLU A 11 -21.05 -0.73 -6.26
N PHE A 12 -20.50 0.40 -6.61
CA PHE A 12 -21.04 1.68 -6.06
C PHE A 12 -22.48 1.87 -6.51
N LYS A 13 -22.75 1.63 -7.76
CA LYS A 13 -24.13 1.79 -8.31
C LYS A 13 -25.12 0.95 -7.50
N GLU A 14 -24.77 -0.28 -7.21
CA GLU A 14 -25.70 -1.14 -6.41
C GLU A 14 -25.84 -0.54 -5.01
N ALA A 15 -24.75 -0.09 -4.45
CA ALA A 15 -24.82 0.53 -3.10
C ALA A 15 -25.63 1.83 -3.18
N PHE A 16 -25.53 2.50 -4.31
CA PHE A 16 -26.30 3.76 -4.49
C PHE A 16 -27.80 3.46 -4.45
N SER A 17 -28.25 2.57 -5.30
CA SER A 17 -29.70 2.22 -5.32
C SER A 17 -30.14 1.69 -3.95
N LEU A 18 -29.30 0.92 -3.31
CA LEU A 18 -29.66 0.38 -1.96
C LEU A 18 -29.94 1.55 -1.00
N PHE A 19 -29.13 2.57 -1.06
CA PHE A 19 -29.33 3.76 -0.19
C PHE A 19 -30.61 4.50 -0.59
N ASP A 20 -30.85 4.60 -1.87
CA ASP A 20 -32.07 5.32 -2.35
C ASP A 20 -33.30 4.41 -2.31
N LYS A 21 -34.05 4.47 -1.23
CA LYS A 21 -35.27 3.63 -1.14
C LYS A 21 -36.24 4.00 -2.27
N ASP A 22 -36.22 5.24 -2.67
CA ASP A 22 -37.13 5.69 -3.77
C ASP A 22 -36.72 5.06 -5.11
N GLY A 23 -35.52 4.57 -5.22
CA GLY A 23 -35.07 3.93 -6.50
C GLY A 23 -34.71 5.00 -7.53
N ASP A 24 -34.23 6.14 -7.08
CA ASP A 24 -33.87 7.22 -8.04
C ASP A 24 -32.34 7.27 -8.24
N GLY A 25 -31.88 8.03 -9.19
CA GLY A 25 -30.41 8.12 -9.43
C GLY A 25 -29.84 9.34 -8.68
N THR A 26 -30.57 9.85 -7.71
CA THR A 26 -30.08 11.04 -6.95
C THR A 26 -30.06 10.76 -5.45
N ILE A 27 -29.22 11.45 -4.71
CA ILE A 27 -29.16 11.23 -3.24
C ILE A 27 -29.67 12.49 -2.52
N THR A 28 -30.52 12.33 -1.55
CA THR A 28 -31.06 13.52 -0.83
C THR A 28 -30.66 13.54 0.65
N THR A 29 -30.56 14.72 1.20
CA THR A 29 -30.15 14.91 2.62
C THR A 29 -31.05 14.11 3.57
N LYS A 30 -32.28 13.93 3.22
CA LYS A 30 -33.21 13.17 4.12
C LYS A 30 -32.73 11.72 4.22
N GLU A 31 -32.48 11.10 3.09
CA GLU A 31 -31.98 9.69 3.12
C GLU A 31 -30.72 9.61 4.00
N LEU A 32 -29.91 10.63 3.98
CA LEU A 32 -28.70 10.64 4.86
C LEU A 32 -29.14 10.63 6.32
N GLY A 33 -29.99 11.55 6.68
CA GLY A 33 -30.48 11.63 8.10
C GLY A 33 -30.95 10.23 8.53
N THR A 34 -31.78 9.62 7.74
CA THR A 34 -32.29 8.26 8.09
C THR A 34 -31.15 7.22 8.11
N VAL A 35 -30.23 7.29 7.17
CA VAL A 35 -29.12 6.28 7.15
C VAL A 35 -28.29 6.38 8.42
N MET A 36 -27.66 7.49 8.68
CA MET A 36 -26.81 7.57 9.89
C MET A 36 -27.68 7.45 11.14
N ARG A 37 -28.89 7.97 11.15
CA ARG A 37 -29.73 7.82 12.38
C ARG A 37 -29.83 6.33 12.72
N SER A 38 -30.12 5.50 11.75
CA SER A 38 -30.18 4.04 12.02
C SER A 38 -28.78 3.57 12.45
N LEU A 39 -27.77 4.18 11.88
CA LEU A 39 -26.35 3.82 12.21
C LEU A 39 -25.86 4.58 13.46
N GLY A 40 -26.75 5.31 14.13
CA GLY A 40 -26.31 6.06 15.34
C GLY A 40 -27.05 7.40 15.40
N GLN A 41 -26.55 8.33 16.17
CA GLN A 41 -27.24 9.66 16.26
C GLN A 41 -26.56 10.66 15.32
N ASN A 42 -27.31 11.29 14.45
CA ASN A 42 -26.72 12.27 13.50
C ASN A 42 -26.86 13.71 14.05
N PRO A 43 -26.10 14.62 13.49
CA PRO A 43 -26.15 16.03 13.95
C PRO A 43 -27.47 16.69 13.54
N THR A 44 -27.64 17.94 13.90
CA THR A 44 -28.90 18.68 13.55
C THR A 44 -29.08 18.76 12.03
N GLU A 45 -30.30 18.90 11.58
CA GLU A 45 -30.57 18.99 10.11
C GLU A 45 -29.65 20.02 9.44
N ALA A 46 -29.29 21.07 10.14
CA ALA A 46 -28.40 22.10 9.54
C ALA A 46 -27.08 21.44 9.13
N GLU A 47 -26.50 20.67 10.01
CA GLU A 47 -25.23 19.97 9.66
C GLU A 47 -25.49 19.02 8.50
N LEU A 48 -26.65 18.41 8.46
CA LEU A 48 -26.96 17.48 7.33
C LEU A 48 -26.92 18.27 6.02
N GLN A 49 -27.45 19.47 6.03
CA GLN A 49 -27.43 20.31 4.80
C GLN A 49 -25.98 20.67 4.45
N ASP A 50 -25.17 20.91 5.44
CA ASP A 50 -23.75 21.26 5.16
C ASP A 50 -23.02 20.08 4.53
N MET A 51 -23.08 18.94 5.17
CA MET A 51 -22.37 17.73 4.63
C MET A 51 -22.91 17.37 3.25
N ILE A 52 -24.20 17.41 3.06
CA ILE A 52 -24.74 17.08 1.71
C ILE A 52 -24.29 18.18 0.73
N ASN A 53 -24.30 19.40 1.19
CA ASN A 53 -23.88 20.54 0.34
C ASN A 53 -22.46 20.34 -0.20
N GLU A 54 -21.58 19.75 0.57
CA GLU A 54 -20.17 19.57 0.06
C GLU A 54 -19.94 18.27 -0.71
N VAL A 55 -20.69 17.21 -0.47
CA VAL A 55 -20.40 15.93 -1.18
C VAL A 55 -20.51 16.09 -2.69
N ASP A 56 -21.42 16.89 -3.14
CA ASP A 56 -21.63 17.05 -4.60
C ASP A 56 -20.94 18.28 -5.19
N ALA A 57 -20.23 18.09 -6.26
CA ALA A 57 -19.52 19.22 -6.91
C ALA A 57 -20.50 20.36 -7.24
N ASP A 58 -21.77 20.05 -7.39
CA ASP A 58 -22.76 21.14 -7.69
C ASP A 58 -22.89 22.03 -6.46
N GLY A 59 -23.08 21.40 -5.33
CA GLY A 59 -23.22 22.14 -4.05
C GLY A 59 -24.69 22.52 -3.84
N ASN A 60 -25.60 21.85 -4.51
CA ASN A 60 -27.04 22.17 -4.32
C ASN A 60 -27.59 21.45 -3.07
N GLY A 61 -26.71 20.86 -2.28
CA GLY A 61 -27.18 20.15 -1.05
C GLY A 61 -27.74 18.78 -1.44
N THR A 62 -27.19 18.17 -2.46
CA THR A 62 -27.72 16.84 -2.90
C THR A 62 -26.61 16.12 -3.63
N ILE A 63 -26.58 14.82 -3.61
CA ILE A 63 -25.46 14.12 -4.31
C ILE A 63 -25.95 13.31 -5.51
N ASP A 64 -25.09 13.11 -6.47
CA ASP A 64 -25.46 12.30 -7.67
C ASP A 64 -24.35 11.28 -7.95
N PHE A 65 -24.59 10.38 -8.87
CA PHE A 65 -23.56 9.34 -9.17
C PHE A 65 -22.28 9.94 -9.80
N PRO A 66 -22.45 10.75 -10.83
CA PRO A 66 -21.25 11.33 -11.52
C PRO A 66 -20.47 12.30 -10.63
N GLU A 67 -21.12 13.23 -9.98
CA GLU A 67 -20.36 14.20 -9.12
C GLU A 67 -19.81 13.50 -7.87
N PHE A 68 -20.56 12.61 -7.29
CA PHE A 68 -20.06 11.90 -6.07
C PHE A 68 -18.85 11.03 -6.40
N LEU A 69 -19.01 10.15 -7.36
CA LEU A 69 -17.87 9.24 -7.72
C LEU A 69 -16.72 10.02 -8.34
N THR A 70 -16.99 10.99 -9.17
CA THR A 70 -15.87 11.77 -9.78
C THR A 70 -15.12 12.52 -8.68
N MET A 71 -15.82 13.18 -7.79
CA MET A 71 -15.12 13.91 -6.69
C MET A 71 -14.32 12.93 -5.83
N MET A 72 -14.89 11.79 -5.51
CA MET A 72 -14.13 10.79 -4.69
C MET A 72 -12.94 10.24 -5.49
N ALA A 73 -13.11 10.05 -6.77
CA ALA A 73 -12.00 9.52 -7.61
C ALA A 73 -10.85 10.52 -7.67
N ARG A 74 -11.15 11.78 -7.76
CA ARG A 74 -10.05 12.82 -7.83
C ARG A 74 -9.16 12.73 -6.59
N LYS A 75 -9.70 12.32 -5.47
CA LYS A 75 -8.87 12.22 -4.22
C LYS A 75 -7.69 11.28 -4.44
N MET A 76 -7.88 10.22 -5.18
CA MET A 76 -6.76 9.27 -5.43
C MET A 76 -6.26 9.41 -6.86
N LYS A 77 -4.97 9.36 -7.07
CA LYS A 77 -4.43 9.50 -8.45
C LYS A 77 -3.45 8.36 -8.77
N ASP A 78 -2.61 7.99 -7.83
CA ASP A 78 -1.63 6.89 -8.09
C ASP A 78 -2.36 5.56 -8.27
N THR A 79 -3.01 5.08 -7.23
CA THR A 79 -3.75 3.78 -7.31
C THR A 79 -2.88 2.69 -7.95
N ASP A 80 -1.58 2.81 -7.85
CA ASP A 80 -0.69 1.76 -8.45
C ASP A 80 0.08 1.00 -7.36
N SER A 81 -0.27 1.19 -6.10
CA SER A 81 0.45 0.47 -5.01
C SER A 81 0.17 -1.03 -5.08
N GLU A 82 1.12 -1.84 -4.71
CA GLU A 82 0.92 -3.32 -4.74
C GLU A 82 1.54 -3.97 -3.52
N GLU A 83 0.81 -4.83 -2.85
CA GLU A 83 1.35 -5.53 -1.63
C GLU A 83 2.03 -4.53 -0.69
N GLU A 84 1.29 -3.97 0.24
CA GLU A 84 1.88 -2.98 1.18
C GLU A 84 3.03 -3.61 1.99
N ILE A 85 2.87 -4.85 2.37
CA ILE A 85 3.96 -5.53 3.16
C ILE A 85 5.23 -5.62 2.31
N ARG A 86 5.08 -5.67 1.01
CA ARG A 86 6.28 -5.71 0.12
C ARG A 86 7.06 -4.42 0.33
N GLU A 87 6.36 -3.32 0.42
CA GLU A 87 7.04 -2.01 0.64
C GLU A 87 7.81 -2.05 1.96
N ALA A 88 7.27 -2.70 2.97
CA ALA A 88 8.00 -2.79 4.26
C ALA A 88 9.31 -3.51 3.98
N PHE A 89 9.24 -4.57 3.23
CA PHE A 89 10.48 -5.32 2.85
C PHE A 89 11.43 -4.41 2.09
N ARG A 90 10.90 -3.60 1.20
CA ARG A 90 11.78 -2.67 0.42
C ARG A 90 12.46 -1.66 1.34
N VAL A 91 11.81 -1.28 2.43
CA VAL A 91 12.47 -0.29 3.34
C VAL A 91 13.48 -0.98 4.26
N PHE A 92 13.22 -2.21 4.68
CA PHE A 92 14.20 -2.91 5.57
C PHE A 92 15.55 -3.00 4.89
N ASP A 93 15.54 -3.09 3.58
CA ASP A 93 16.83 -3.15 2.84
C ASP A 93 16.62 -2.63 1.42
N LYS A 94 16.76 -1.34 1.26
CA LYS A 94 16.56 -0.69 -0.08
C LYS A 94 17.18 -1.55 -1.17
N ASP A 95 18.22 -2.27 -0.84
CA ASP A 95 18.91 -3.16 -1.83
C ASP A 95 17.91 -3.82 -2.78
N GLY A 96 16.71 -4.10 -2.32
CA GLY A 96 15.71 -4.76 -3.21
C GLY A 96 15.90 -6.28 -3.14
N ASN A 97 15.23 -6.93 -2.23
CA ASN A 97 15.39 -8.41 -2.10
C ASN A 97 14.16 -9.07 -1.44
N GLY A 98 13.48 -8.37 -0.56
CA GLY A 98 12.27 -8.97 0.09
C GLY A 98 12.63 -9.73 1.38
N TYR A 99 13.84 -9.58 1.88
CA TYR A 99 14.22 -10.35 3.12
C TYR A 99 14.83 -9.41 4.16
N ILE A 100 14.43 -9.52 5.41
CA ILE A 100 14.98 -8.62 6.46
C ILE A 100 16.08 -9.35 7.25
N SER A 101 17.24 -8.78 7.33
CA SER A 101 18.35 -9.41 8.09
C SER A 101 18.42 -8.80 9.49
N ALA A 102 19.18 -9.38 10.38
CA ALA A 102 19.27 -8.81 11.76
C ALA A 102 19.74 -7.35 11.68
N ALA A 103 20.68 -7.07 10.82
CA ALA A 103 21.16 -5.67 10.68
C ALA A 103 20.04 -4.79 10.14
N GLU A 104 19.45 -5.18 9.02
CA GLU A 104 18.33 -4.37 8.43
C GLU A 104 17.24 -4.18 9.49
N LEU A 105 16.90 -5.24 10.16
CA LEU A 105 15.86 -5.15 11.23
C LEU A 105 16.27 -4.08 12.24
N ARG A 106 17.50 -4.12 12.67
CA ARG A 106 17.99 -3.06 13.60
C ARG A 106 17.79 -1.69 12.94
N HIS A 107 17.92 -1.66 11.63
CA HIS A 107 17.72 -0.37 10.91
C HIS A 107 16.28 0.10 11.14
N VAL A 108 15.31 -0.78 11.00
CA VAL A 108 13.91 -0.34 11.25
C VAL A 108 13.84 0.12 12.71
N MET A 109 14.56 -0.52 13.62
CA MET A 109 14.53 -0.03 15.03
C MET A 109 15.01 1.41 15.04
N THR A 110 16.02 1.70 14.27
CA THR A 110 16.53 3.10 14.19
C THR A 110 15.31 3.99 13.91
N ASN A 111 14.45 3.55 13.02
CA ASN A 111 13.23 4.38 12.73
C ASN A 111 12.44 4.68 14.02
N LEU A 112 12.27 3.70 14.90
CA LEU A 112 11.54 3.99 16.19
C LEU A 112 12.56 4.32 17.29
N GLY A 113 12.20 4.20 18.54
CA GLY A 113 13.17 4.51 19.62
C GLY A 113 12.99 3.52 20.76
N GLU A 114 13.94 2.64 20.94
CA GLU A 114 13.81 1.63 22.02
C GLU A 114 15.15 1.34 22.68
N LYS A 115 16.24 1.32 21.95
CA LYS A 115 17.58 1.06 22.56
C LYS A 115 17.69 -0.41 23.01
N LEU A 116 17.89 -1.30 22.08
CA LEU A 116 18.01 -2.76 22.42
C LEU A 116 19.45 -3.23 22.19
N THR A 117 19.82 -4.35 22.78
CA THR A 117 21.21 -4.88 22.59
C THR A 117 21.24 -5.96 21.51
N ASP A 118 22.41 -6.40 21.14
CA ASP A 118 22.53 -7.46 20.08
C ASP A 118 21.72 -8.71 20.43
N GLU A 119 21.60 -9.02 21.69
CA GLU A 119 20.81 -10.24 22.09
C GLU A 119 19.35 -10.07 21.69
N GLU A 120 18.86 -8.85 21.67
CA GLU A 120 17.45 -8.62 21.26
C GLU A 120 17.30 -8.86 19.76
N VAL A 121 18.30 -8.49 19.00
CA VAL A 121 18.24 -8.71 17.52
C VAL A 121 18.33 -10.20 17.22
N ASP A 122 19.26 -10.89 17.82
CA ASP A 122 19.39 -12.35 17.57
C ASP A 122 18.12 -13.08 18.00
N GLU A 123 17.65 -12.84 19.19
CA GLU A 123 16.39 -13.50 19.64
C GLU A 123 15.21 -12.98 18.84
N MET A 124 15.32 -11.79 18.30
CA MET A 124 14.20 -11.25 17.48
C MET A 124 14.08 -12.07 16.21
N ILE A 125 15.17 -12.36 15.55
CA ILE A 125 15.11 -13.21 14.34
C ILE A 125 14.69 -14.62 14.75
N ARG A 126 15.07 -15.02 15.95
CA ARG A 126 14.67 -16.38 16.43
C ARG A 126 13.14 -16.45 16.57
N GLU A 127 12.52 -15.39 17.03
CA GLU A 127 11.03 -15.40 17.18
C GLU A 127 10.36 -15.60 15.80
N ALA A 128 10.87 -14.94 14.80
CA ALA A 128 10.28 -15.08 13.44
C ALA A 128 10.84 -16.32 12.74
N ASP A 129 12.09 -16.62 12.98
CA ASP A 129 12.74 -17.79 12.31
C ASP A 129 11.97 -19.10 12.49
N ILE A 130 10.89 -19.27 11.78
CA ILE A 130 10.13 -20.56 11.87
C ILE A 130 11.04 -21.65 11.29
N ASP A 131 11.72 -21.32 10.23
CA ASP A 131 12.65 -22.29 9.58
C ASP A 131 14.06 -22.22 10.23
N GLY A 132 14.26 -21.32 11.16
CA GLY A 132 15.59 -21.23 11.85
C GLY A 132 16.73 -20.92 10.88
N ASP A 133 16.58 -19.94 10.00
CA ASP A 133 17.70 -19.64 9.05
C ASP A 133 18.54 -18.43 9.52
N GLY A 134 18.20 -17.84 10.64
CA GLY A 134 19.00 -16.68 11.15
C GLY A 134 18.61 -15.38 10.42
N GLN A 135 17.55 -15.39 9.67
CA GLN A 135 17.11 -14.18 8.94
C GLN A 135 15.59 -14.20 8.90
N VAL A 136 14.96 -13.12 8.57
CA VAL A 136 13.48 -13.15 8.57
C VAL A 136 12.90 -12.99 7.17
N ASN A 137 12.10 -13.94 6.80
CA ASN A 137 11.47 -13.93 5.46
C ASN A 137 10.10 -13.25 5.53
N TYR A 138 9.35 -13.37 4.48
CA TYR A 138 7.98 -12.76 4.41
C TYR A 138 7.02 -13.47 5.36
N GLU A 139 6.99 -14.78 5.33
CA GLU A 139 6.06 -15.54 6.23
C GLU A 139 6.33 -15.17 7.68
N GLU A 140 7.55 -14.90 8.02
CA GLU A 140 7.89 -14.55 9.43
C GLU A 140 7.35 -13.15 9.75
N PHE A 141 7.68 -12.16 8.94
CA PHE A 141 7.17 -10.79 9.19
C PHE A 141 5.63 -10.82 9.27
N VAL A 142 5.00 -11.35 8.26
CA VAL A 142 3.53 -11.42 8.28
C VAL A 142 3.08 -12.31 9.44
N GLN A 143 3.87 -13.27 9.86
CA GLN A 143 3.46 -14.09 11.04
C GLN A 143 3.40 -13.18 12.26
N MET A 144 4.22 -12.14 12.28
CA MET A 144 4.19 -11.21 13.44
C MET A 144 3.01 -10.24 13.32
N MET A 145 2.98 -9.45 12.27
CA MET A 145 1.89 -8.43 12.12
C MET A 145 0.62 -9.00 11.46
N THR A 146 0.73 -9.94 10.57
CA THR A 146 -0.50 -10.49 9.92
C THR A 146 -1.11 -11.59 10.78
N ALA A 147 -0.29 -12.30 11.52
CA ALA A 147 -0.81 -13.39 12.39
C ALA A 147 -0.69 -13.00 13.87
N LYS A 148 -1.56 -13.52 14.71
CA LYS A 148 -1.50 -13.18 16.16
C LYS A 148 -1.53 -11.66 16.36
N GLY B 1 11.73 -7.52 30.89
CA GLY B 1 12.64 -8.18 29.90
C GLY B 1 11.93 -8.31 28.56
N SER B 2 11.43 -7.21 28.04
CA SER B 2 10.73 -7.27 26.73
C SER B 2 11.69 -7.74 25.63
N ARG B 3 12.95 -7.44 25.79
CA ARG B 3 13.97 -7.86 24.77
C ARG B 3 13.52 -7.46 23.34
N ALA B 4 12.91 -8.37 22.61
CA ALA B 4 12.46 -8.04 21.22
C ALA B 4 10.99 -7.61 21.18
N LYS B 5 10.23 -7.90 22.21
CA LYS B 5 8.76 -7.54 22.17
C LYS B 5 8.51 -6.09 21.71
N ALA B 6 8.98 -5.11 22.44
CA ALA B 6 8.72 -3.69 22.03
C ALA B 6 9.50 -3.32 20.75
N ASN B 7 10.75 -3.68 20.68
CA ASN B 7 11.55 -3.33 19.47
C ASN B 7 10.95 -3.97 18.22
N TRP B 8 10.69 -5.25 18.28
CA TRP B 8 10.13 -5.95 17.10
C TRP B 8 8.76 -5.42 16.75
N LEU B 9 7.93 -5.23 17.75
CA LEU B 9 6.57 -4.67 17.49
C LEU B 9 6.73 -3.40 16.66
N ARG B 10 7.47 -2.47 17.20
CA ARG B 10 7.72 -1.21 16.46
C ARG B 10 8.48 -1.48 15.17
N ALA B 11 9.26 -2.53 15.11
CA ALA B 11 10.04 -2.80 13.84
C ALA B 11 9.09 -3.14 12.67
N PHE B 12 8.53 -4.33 12.67
CA PHE B 12 7.61 -4.69 11.54
C PHE B 12 6.47 -3.67 11.48
N ASN B 13 6.03 -3.18 12.62
CA ASN B 13 4.95 -2.15 12.59
C ASN B 13 5.50 -0.84 11.99
N LYS B 14 6.74 -0.51 12.26
CA LYS B 14 7.31 0.76 11.68
C LYS B 14 7.19 0.72 10.17
N VAL B 15 7.55 -0.39 9.55
CA VAL B 15 7.39 -0.42 8.07
C VAL B 15 5.92 -0.50 7.72
N ARG B 16 5.14 -1.21 8.50
CA ARG B 16 3.68 -1.32 8.19
C ARG B 16 3.05 0.06 8.06
N MET B 17 3.35 0.95 8.98
CA MET B 17 2.78 2.33 8.89
C MET B 17 3.40 3.05 7.69
N GLN B 18 4.66 2.77 7.43
CA GLN B 18 5.36 3.42 6.28
C GLN B 18 4.78 2.96 4.93
N LEU B 19 4.22 1.78 4.88
CA LEU B 19 3.65 1.28 3.58
C LEU B 19 2.58 2.24 3.08
N GLN B 20 1.75 2.72 3.96
CA GLN B 20 0.67 3.68 3.56
C GLN B 20 1.26 5.04 3.17
N GLU B 21 2.48 5.31 3.59
CA GLU B 21 3.10 6.63 3.27
C GLU B 21 2.97 6.97 1.78
N ALA B 22 3.04 5.98 0.91
CA ALA B 22 2.91 6.27 -0.54
C ALA B 22 1.53 6.85 -0.86
N ARG B 23 0.49 6.19 -0.43
CA ARG B 23 -0.88 6.70 -0.69
C ARG B 23 -1.13 8.01 0.08
N GLY B 24 -0.60 8.10 1.28
CA GLY B 24 -0.81 9.34 2.08
C GLY B 24 -2.12 9.24 2.85
N GLU B 25 -2.45 10.25 3.62
CA GLU B 25 -3.72 10.21 4.40
C GLU B 25 -4.92 10.12 3.45
N GLY B 26 -5.94 9.38 3.83
CA GLY B 26 -7.14 9.25 2.95
C GLY B 26 -8.18 8.36 3.62
N GLU B 27 -8.36 7.16 3.14
CA GLU B 27 -9.36 6.23 3.74
C GLU B 27 -10.76 6.88 3.72
N MET B 28 -10.99 7.79 2.81
CA MET B 28 -12.32 8.46 2.74
C MET B 28 -13.20 7.79 1.69
N SER B 29 -12.87 6.59 1.28
CA SER B 29 -13.68 5.89 0.25
C SER B 29 -15.12 5.70 0.74
N LYS B 30 -15.32 5.65 2.03
CA LYS B 30 -16.70 5.47 2.57
C LYS B 30 -17.37 6.82 2.84
N SER B 31 -16.92 7.86 2.19
CA SER B 31 -17.55 9.18 2.41
C SER B 31 -18.94 9.21 1.83
N LEU B 32 -19.61 10.30 2.01
CA LEU B 32 -20.99 10.46 1.47
C LEU B 32 -21.60 11.77 1.95
N TRP B 33 -21.13 12.32 3.05
CA TRP B 33 -21.71 13.60 3.56
C TRP B 33 -20.58 14.57 3.92
N PHE B 34 -19.77 14.21 4.90
CA PHE B 34 -18.65 15.10 5.30
C PHE B 34 -17.31 14.54 4.81
N LYS B 35 -16.60 15.28 4.00
CA LYS B 35 -15.29 14.78 3.49
C LYS B 35 -14.12 15.55 4.13
N GLY B 36 -14.36 16.20 5.24
CA GLY B 36 -13.26 16.97 5.90
C GLY B 36 -12.92 18.20 5.07
N ALA A 1 -17.57 14.51 0.62
CA ALA A 1 -18.52 13.42 0.21
C ALA A 1 -18.18 12.12 0.95
N ASP A 2 -19.16 11.29 1.18
CA ASP A 2 -18.91 10.00 1.90
C ASP A 2 -17.93 9.14 1.10
N GLN A 3 -17.97 9.22 -0.20
CA GLN A 3 -17.05 8.40 -1.04
C GLN A 3 -15.90 9.25 -1.56
N LEU A 4 -14.78 8.64 -1.85
CA LEU A 4 -13.58 9.40 -2.37
C LEU A 4 -13.13 10.45 -1.35
N THR A 5 -11.86 10.77 -1.34
CA THR A 5 -11.33 11.79 -0.39
C THR A 5 -11.45 13.19 -0.99
N GLU A 6 -11.76 14.17 -0.18
CA GLU A 6 -11.89 15.57 -0.69
C GLU A 6 -10.54 16.07 -1.23
N GLU A 7 -9.46 15.67 -0.62
CA GLU A 7 -8.12 16.12 -1.10
C GLU A 7 -7.92 15.74 -2.57
N GLN A 8 -8.27 14.54 -2.94
CA GLN A 8 -8.12 14.12 -4.36
C GLN A 8 -8.97 15.03 -5.25
N ILE A 9 -10.15 15.36 -4.78
CA ILE A 9 -11.03 16.27 -5.57
C ILE A 9 -10.37 17.64 -5.70
N ALA A 10 -9.93 18.19 -4.59
CA ALA A 10 -9.26 19.53 -4.62
C ALA A 10 -8.11 19.54 -5.63
N GLU A 11 -7.32 18.52 -5.64
CA GLU A 11 -6.19 18.45 -6.61
C GLU A 11 -6.74 18.50 -8.03
N PHE A 12 -7.85 17.85 -8.26
CA PHE A 12 -8.46 17.87 -9.62
C PHE A 12 -8.95 19.28 -9.93
N LYS A 13 -9.43 19.98 -8.93
CA LYS A 13 -9.91 21.37 -9.18
C LYS A 13 -8.76 22.24 -9.71
N GLU A 14 -7.59 22.09 -9.14
CA GLU A 14 -6.42 22.89 -9.61
C GLU A 14 -5.99 22.40 -11.00
N ALA A 15 -5.91 21.11 -11.19
CA ALA A 15 -5.52 20.58 -12.53
C ALA A 15 -6.58 20.97 -13.56
N PHE A 16 -7.83 20.96 -13.14
CA PHE A 16 -8.93 21.35 -14.07
C PHE A 16 -8.80 22.82 -14.44
N SER A 17 -8.59 23.67 -13.47
CA SER A 17 -8.44 25.13 -13.77
C SER A 17 -7.27 25.34 -14.72
N LEU A 18 -6.20 24.60 -14.52
CA LEU A 18 -5.02 24.74 -15.42
C LEU A 18 -5.43 24.38 -16.86
N PHE A 19 -6.33 23.44 -16.98
CA PHE A 19 -6.81 23.02 -18.32
C PHE A 19 -8.35 23.16 -18.39
N ASP A 20 -8.83 24.36 -18.64
CA ASP A 20 -10.30 24.57 -18.71
C ASP A 20 -10.66 25.51 -19.87
N LYS A 21 -9.90 26.57 -20.04
CA LYS A 21 -10.16 27.55 -21.15
C LYS A 21 -11.55 28.19 -21.04
N ASP A 22 -12.60 27.45 -21.27
CA ASP A 22 -13.97 28.04 -21.20
C ASP A 22 -14.32 28.48 -19.77
N GLY A 23 -13.73 27.86 -18.77
CA GLY A 23 -14.02 28.27 -17.37
C GLY A 23 -15.19 27.46 -16.79
N ASP A 24 -15.76 26.54 -17.55
CA ASP A 24 -16.90 25.73 -17.01
C ASP A 24 -16.37 24.46 -16.34
N GLY A 25 -17.23 23.73 -15.69
CA GLY A 25 -16.79 22.47 -15.00
C GLY A 25 -16.95 21.27 -15.94
N THR A 26 -16.99 21.50 -17.23
CA THR A 26 -17.15 20.34 -18.18
C THR A 26 -15.95 20.28 -19.14
N ILE A 27 -15.48 19.10 -19.43
CA ILE A 27 -14.32 18.97 -20.36
C ILE A 27 -14.76 18.34 -21.69
N THR A 28 -14.75 19.11 -22.75
CA THR A 28 -15.19 18.61 -24.08
C THR A 28 -14.02 18.01 -24.86
N THR A 29 -14.33 17.32 -25.92
CA THR A 29 -13.28 16.68 -26.77
C THR A 29 -12.34 17.73 -27.38
N LYS A 30 -12.82 18.91 -27.62
CA LYS A 30 -11.95 19.97 -28.20
C LYS A 30 -10.85 20.32 -27.20
N GLU A 31 -11.22 20.63 -25.98
CA GLU A 31 -10.20 20.96 -24.94
C GLU A 31 -9.22 19.79 -24.82
N LEU A 32 -9.71 18.58 -24.92
CA LEU A 32 -8.81 17.40 -24.86
C LEU A 32 -7.81 17.49 -26.00
N GLY A 33 -8.30 17.66 -27.20
CA GLY A 33 -7.39 17.74 -28.38
C GLY A 33 -6.29 18.76 -28.10
N THR A 34 -6.65 19.91 -27.59
CA THR A 34 -5.61 20.94 -27.28
C THR A 34 -4.64 20.42 -26.20
N VAL A 35 -5.15 19.83 -25.15
CA VAL A 35 -4.24 19.34 -24.07
C VAL A 35 -3.32 18.23 -24.59
N MET A 36 -3.85 17.14 -25.09
CA MET A 36 -2.96 16.05 -25.58
C MET A 36 -2.09 16.55 -26.74
N ARG A 37 -2.58 17.47 -27.53
CA ARG A 37 -1.73 18.01 -28.63
C ARG A 37 -0.50 18.70 -28.03
N SER A 38 -0.69 19.45 -26.97
CA SER A 38 0.47 20.16 -26.33
C SER A 38 1.53 19.16 -25.83
N LEU A 39 1.22 17.88 -25.77
CA LEU A 39 2.24 16.89 -25.32
C LEU A 39 3.39 16.86 -26.33
N GLY A 40 3.07 16.83 -27.59
CA GLY A 40 4.13 16.81 -28.64
C GLY A 40 3.72 15.91 -29.81
N GLN A 41 2.44 15.77 -30.07
CA GLN A 41 1.99 14.91 -31.20
C GLN A 41 0.69 15.44 -31.79
N ASN A 42 0.39 15.10 -33.03
CA ASN A 42 -0.86 15.61 -33.66
C ASN A 42 -1.79 14.43 -34.00
N PRO A 43 -2.64 14.08 -33.05
CA PRO A 43 -3.59 12.96 -33.27
C PRO A 43 -4.66 13.34 -34.29
N THR A 44 -5.56 12.44 -34.58
CA THR A 44 -6.65 12.75 -35.57
C THR A 44 -7.95 13.04 -34.83
N GLU A 45 -8.78 13.88 -35.39
CA GLU A 45 -10.08 14.22 -34.72
C GLU A 45 -10.89 12.95 -34.46
N ALA A 46 -10.77 11.96 -35.31
CA ALA A 46 -11.54 10.69 -35.09
C ALA A 46 -10.90 9.90 -33.94
N GLU A 47 -9.59 9.79 -33.96
CA GLU A 47 -8.89 9.06 -32.86
C GLU A 47 -9.14 9.79 -31.55
N LEU A 48 -9.12 11.10 -31.59
CA LEU A 48 -9.39 11.87 -30.35
C LEU A 48 -10.82 11.63 -29.89
N GLN A 49 -11.75 11.66 -30.80
CA GLN A 49 -13.19 11.44 -30.44
C GLN A 49 -13.36 10.06 -29.78
N ASP A 50 -12.67 9.07 -30.25
CA ASP A 50 -12.81 7.72 -29.64
C ASP A 50 -12.11 7.67 -28.27
N MET A 51 -10.83 7.91 -28.26
CA MET A 51 -10.07 7.89 -26.98
C MET A 51 -10.70 8.85 -25.97
N ILE A 52 -11.20 9.98 -26.41
CA ILE A 52 -11.86 10.91 -25.45
C ILE A 52 -13.22 10.33 -25.04
N ASN A 53 -13.93 9.77 -26.00
CA ASN A 53 -15.27 9.18 -25.69
C ASN A 53 -15.15 8.08 -24.62
N GLU A 54 -13.99 7.48 -24.48
CA GLU A 54 -13.84 6.40 -23.46
C GLU A 54 -14.16 6.86 -22.02
N VAL A 55 -13.80 8.06 -21.63
CA VAL A 55 -14.05 8.48 -20.23
C VAL A 55 -15.43 9.15 -20.09
N ASP A 56 -16.29 8.95 -21.06
CA ASP A 56 -17.64 9.53 -20.99
C ASP A 56 -18.67 8.38 -20.94
N ALA A 57 -18.73 7.67 -19.84
CA ALA A 57 -19.66 6.52 -19.72
C ALA A 57 -21.12 6.91 -19.92
N ASP A 58 -21.54 8.06 -19.45
CA ASP A 58 -22.98 8.45 -19.64
C ASP A 58 -23.25 8.78 -21.10
N GLY A 59 -22.31 9.41 -21.77
CA GLY A 59 -22.51 9.77 -23.20
C GLY A 59 -22.33 11.26 -23.39
N ASN A 60 -22.54 11.74 -24.60
CA ASN A 60 -22.33 13.18 -24.94
C ASN A 60 -20.81 13.40 -25.10
N GLY A 61 -20.08 12.32 -25.31
CA GLY A 61 -18.59 12.38 -25.54
C GLY A 61 -17.94 13.52 -24.77
N THR A 62 -18.24 13.68 -23.51
CA THR A 62 -17.63 14.79 -22.72
C THR A 62 -17.59 14.37 -21.25
N ILE A 63 -16.70 14.89 -20.47
CA ILE A 63 -16.65 14.46 -19.04
C ILE A 63 -16.95 15.66 -18.11
N ASP A 64 -17.46 15.38 -16.93
CA ASP A 64 -17.78 16.47 -15.97
C ASP A 64 -17.09 16.20 -14.63
N PHE A 65 -16.86 17.22 -13.83
CA PHE A 65 -16.16 17.02 -12.53
C PHE A 65 -16.76 15.85 -11.71
N PRO A 66 -18.06 15.88 -11.48
CA PRO A 66 -18.70 14.80 -10.70
C PRO A 66 -18.67 13.49 -11.48
N GLU A 67 -18.87 13.55 -12.77
CA GLU A 67 -18.83 12.31 -13.61
C GLU A 67 -17.40 11.76 -13.65
N PHE A 68 -16.46 12.61 -13.91
CA PHE A 68 -15.03 12.17 -13.95
C PHE A 68 -14.60 11.64 -12.58
N LEU A 69 -14.92 12.35 -11.52
CA LEU A 69 -14.54 11.88 -10.16
C LEU A 69 -15.17 10.51 -9.89
N THR A 70 -16.42 10.34 -10.24
CA THR A 70 -17.09 9.03 -10.00
C THR A 70 -16.37 7.93 -10.78
N MET A 71 -16.02 8.19 -12.01
CA MET A 71 -15.30 7.15 -12.81
C MET A 71 -13.94 6.84 -12.18
N MET A 72 -13.26 7.84 -11.68
CA MET A 72 -11.93 7.59 -11.04
C MET A 72 -12.12 6.71 -9.80
N ALA A 73 -13.14 6.97 -9.03
CA ALA A 73 -13.39 6.15 -7.81
C ALA A 73 -13.76 4.72 -8.23
N ARG A 74 -14.52 4.58 -9.28
CA ARG A 74 -14.92 3.22 -9.76
C ARG A 74 -13.68 2.37 -10.07
N LYS A 75 -12.64 2.99 -10.56
CA LYS A 75 -11.41 2.22 -10.92
C LYS A 75 -10.85 1.51 -9.68
N MET A 76 -10.95 2.12 -8.53
CA MET A 76 -10.42 1.46 -7.29
C MET A 76 -11.46 0.51 -6.70
N LYS A 77 -11.06 -0.71 -6.42
CA LYS A 77 -12.01 -1.70 -5.84
C LYS A 77 -11.66 -1.97 -4.38
N ASP A 78 -12.59 -2.52 -3.62
CA ASP A 78 -12.31 -2.81 -2.18
C ASP A 78 -11.06 -3.68 -2.04
N THR A 79 -10.85 -4.60 -2.95
CA THR A 79 -9.65 -5.49 -2.87
C THR A 79 -8.40 -4.71 -3.30
N ASP A 80 -7.31 -4.90 -2.60
CA ASP A 80 -6.05 -4.18 -2.96
C ASP A 80 -5.32 -4.93 -4.06
N SER A 81 -5.14 -4.31 -5.20
CA SER A 81 -4.43 -4.99 -6.33
C SER A 81 -2.99 -5.36 -5.93
N GLU A 82 -2.35 -4.54 -5.14
CA GLU A 82 -0.94 -4.86 -4.73
C GLU A 82 -0.87 -5.11 -3.22
N GLU A 83 0.17 -5.77 -2.78
CA GLU A 83 0.30 -6.05 -1.31
C GLU A 83 1.27 -5.06 -0.67
N GLU A 84 0.79 -4.25 0.24
CA GLU A 84 1.66 -3.25 0.92
C GLU A 84 2.81 -3.94 1.67
N ILE A 85 2.61 -5.16 2.09
CA ILE A 85 3.71 -5.87 2.81
C ILE A 85 4.96 -5.93 1.92
N ARG A 86 4.77 -6.05 0.63
CA ARG A 86 5.94 -6.07 -0.30
C ARG A 86 6.68 -4.73 -0.20
N GLU A 87 5.95 -3.65 -0.19
CA GLU A 87 6.61 -2.32 -0.08
C GLU A 87 7.33 -2.21 1.26
N ALA A 88 6.75 -2.76 2.30
CA ALA A 88 7.40 -2.72 3.63
C ALA A 88 8.75 -3.42 3.51
N PHE A 89 8.78 -4.55 2.85
CA PHE A 89 10.07 -5.26 2.66
C PHE A 89 10.98 -4.41 1.78
N ARG A 90 10.42 -3.69 0.85
CA ARG A 90 11.25 -2.80 -0.01
C ARG A 90 11.94 -1.77 0.90
N VAL A 91 11.29 -1.40 1.97
CA VAL A 91 11.88 -0.38 2.90
C VAL A 91 12.48 -1.05 4.15
N PHE A 92 12.34 -2.34 4.30
CA PHE A 92 12.93 -3.04 5.49
C PHE A 92 14.43 -3.22 5.26
N ASP A 93 14.84 -3.24 4.01
CA ASP A 93 16.28 -3.47 3.71
C ASP A 93 16.74 -2.60 2.53
N LYS A 94 15.91 -2.46 1.53
CA LYS A 94 16.32 -1.68 0.33
C LYS A 94 17.58 -2.35 -0.22
N ASP A 95 17.42 -3.49 -0.80
CA ASP A 95 18.57 -4.24 -1.35
C ASP A 95 18.21 -4.84 -2.70
N GLY A 96 17.02 -5.35 -2.82
CA GLY A 96 16.58 -5.96 -4.08
C GLY A 96 16.42 -7.47 -3.90
N ASN A 97 16.27 -7.96 -2.68
CA ASN A 97 16.07 -9.42 -2.49
C ASN A 97 14.65 -9.69 -2.00
N GLY A 98 14.32 -9.28 -0.80
CA GLY A 98 12.93 -9.49 -0.29
C GLY A 98 12.96 -10.10 1.12
N TYR A 99 13.93 -9.74 1.92
CA TYR A 99 13.96 -10.32 3.30
C TYR A 99 14.59 -9.35 4.30
N ILE A 100 14.32 -9.56 5.55
CA ILE A 100 14.85 -8.65 6.61
C ILE A 100 16.02 -9.32 7.34
N SER A 101 17.13 -8.64 7.43
CA SER A 101 18.29 -9.21 8.15
C SER A 101 18.34 -8.62 9.56
N ALA A 102 18.99 -9.29 10.48
CA ALA A 102 19.07 -8.76 11.87
C ALA A 102 19.56 -7.30 11.85
N ALA A 103 20.50 -7.01 10.99
CA ALA A 103 21.00 -5.61 10.89
C ALA A 103 19.89 -4.72 10.33
N GLU A 104 19.32 -5.09 9.21
CA GLU A 104 18.24 -4.26 8.61
C GLU A 104 17.12 -4.05 9.63
N LEU A 105 16.70 -5.08 10.31
CA LEU A 105 15.63 -4.91 11.32
C LEU A 105 16.10 -3.90 12.37
N ARG A 106 17.35 -3.98 12.77
CA ARG A 106 17.87 -2.98 13.75
C ARG A 106 17.66 -1.58 13.15
N HIS A 107 17.84 -1.48 11.86
CA HIS A 107 17.62 -0.16 11.19
C HIS A 107 16.16 0.25 11.42
N VAL A 108 15.27 -0.69 11.27
CA VAL A 108 13.84 -0.41 11.54
C VAL A 108 13.73 0.08 12.99
N MET A 109 14.47 -0.52 13.90
CA MET A 109 14.43 -0.05 15.31
C MET A 109 14.92 1.38 15.37
N THR A 110 15.93 1.69 14.59
CA THR A 110 16.46 3.09 14.57
C THR A 110 15.29 4.02 14.31
N ASN A 111 14.40 3.65 13.42
CA ASN A 111 13.21 4.52 13.15
C ASN A 111 12.45 4.82 14.46
N LEU A 112 12.34 3.85 15.35
CA LEU A 112 11.64 4.14 16.65
C LEU A 112 12.70 4.25 17.76
N GLY A 113 12.41 3.87 18.98
CA GLY A 113 13.44 4.02 20.05
C GLY A 113 13.33 2.88 21.07
N GLU A 114 14.36 2.09 21.21
CA GLU A 114 14.30 0.95 22.19
C GLU A 114 15.60 0.80 22.98
N LYS A 115 16.74 1.07 22.38
CA LYS A 115 18.04 0.88 23.11
C LYS A 115 18.18 -0.60 23.50
N LEU A 116 18.37 -1.45 22.52
CA LEU A 116 18.52 -2.90 22.79
C LEU A 116 19.92 -3.36 22.39
N THR A 117 20.27 -4.58 22.71
CA THR A 117 21.62 -5.09 22.36
C THR A 117 21.51 -6.05 21.16
N ASP A 118 22.63 -6.37 20.55
CA ASP A 118 22.59 -7.29 19.37
C ASP A 118 21.97 -8.64 19.76
N GLU A 119 21.94 -8.95 21.04
CA GLU A 119 21.31 -10.23 21.47
C GLU A 119 19.80 -10.10 21.33
N GLU A 120 19.27 -8.93 21.59
CA GLU A 120 17.80 -8.72 21.45
C GLU A 120 17.42 -8.91 19.98
N VAL A 121 18.31 -8.57 19.08
CA VAL A 121 18.02 -8.76 17.64
C VAL A 121 18.06 -10.26 17.33
N ASP A 122 19.16 -10.91 17.59
CA ASP A 122 19.26 -12.38 17.32
C ASP A 122 18.06 -13.11 17.96
N GLU A 123 17.67 -12.68 19.13
CA GLU A 123 16.49 -13.31 19.79
C GLU A 123 15.22 -12.89 19.05
N MET A 124 15.19 -11.68 18.57
CA MET A 124 13.99 -11.20 17.80
C MET A 124 13.88 -12.01 16.51
N ILE A 125 14.97 -12.22 15.84
CA ILE A 125 14.95 -13.03 14.60
C ILE A 125 14.69 -14.49 14.97
N ARG A 126 15.09 -14.89 16.15
CA ARG A 126 14.82 -16.28 16.60
C ARG A 126 13.31 -16.49 16.69
N GLU A 127 12.60 -15.50 17.19
CA GLU A 127 11.12 -15.63 17.30
C GLU A 127 10.47 -15.75 15.91
N ALA A 128 10.99 -15.04 14.93
CA ALA A 128 10.41 -15.14 13.56
C ALA A 128 11.12 -16.23 12.76
N ASP A 129 12.29 -16.63 13.19
CA ASP A 129 13.06 -17.67 12.45
C ASP A 129 12.33 -19.02 12.50
N ILE A 130 11.22 -19.12 11.83
CA ILE A 130 10.49 -20.42 11.79
C ILE A 130 11.32 -21.38 10.94
N ASP A 131 11.82 -20.92 9.82
CA ASP A 131 12.67 -21.81 8.97
C ASP A 131 14.10 -21.88 9.55
N GLY A 132 14.39 -21.05 10.53
CA GLY A 132 15.73 -21.10 11.20
C GLY A 132 16.86 -20.64 10.26
N ASP A 133 16.67 -19.60 9.49
CA ASP A 133 17.78 -19.14 8.59
C ASP A 133 18.63 -18.03 9.23
N GLY A 134 18.29 -17.59 10.43
CA GLY A 134 19.09 -16.54 11.11
C GLY A 134 18.65 -15.12 10.69
N GLN A 135 17.56 -15.00 9.98
CA GLN A 135 17.07 -13.68 9.53
C GLN A 135 15.56 -13.81 9.35
N VAL A 136 14.86 -12.75 9.09
CA VAL A 136 13.40 -12.91 8.94
C VAL A 136 12.95 -12.61 7.52
N ASN A 137 12.29 -13.55 6.92
CA ASN A 137 11.81 -13.37 5.52
C ASN A 137 10.40 -12.75 5.50
N TYR A 138 9.81 -12.74 4.35
CA TYR A 138 8.45 -12.15 4.15
C TYR A 138 7.36 -12.91 4.93
N GLU A 139 7.33 -14.20 4.84
CA GLU A 139 6.27 -14.97 5.56
C GLU A 139 6.41 -14.82 7.08
N GLU A 140 7.60 -14.58 7.55
CA GLU A 140 7.80 -14.44 9.02
C GLU A 140 7.36 -13.05 9.50
N PHE A 141 7.66 -12.00 8.77
CA PHE A 141 7.19 -10.64 9.17
C PHE A 141 5.68 -10.70 9.15
N VAL A 142 5.16 -11.13 8.04
CA VAL A 142 3.70 -11.27 7.89
C VAL A 142 3.17 -12.13 9.03
N GLN A 143 3.90 -13.16 9.39
CA GLN A 143 3.47 -14.03 10.52
C GLN A 143 3.50 -13.24 11.83
N MET A 144 4.34 -12.23 11.95
CA MET A 144 4.38 -11.47 13.22
C MET A 144 3.23 -10.45 13.28
N MET A 145 3.22 -9.50 12.39
CA MET A 145 2.15 -8.46 12.41
C MET A 145 0.81 -8.97 11.87
N THR A 146 0.81 -9.93 10.98
CA THR A 146 -0.49 -10.46 10.46
C THR A 146 -0.86 -11.78 11.16
N ALA A 147 -0.06 -12.80 10.98
CA ALA A 147 -0.36 -14.12 11.62
C ALA A 147 -1.77 -14.60 11.24
N LYS A 148 -2.31 -14.12 10.15
CA LYS A 148 -3.67 -14.55 9.74
C LYS A 148 -3.78 -14.54 8.21
N GLY B 1 13.09 -8.37 30.19
CA GLY B 1 11.75 -9.00 30.07
C GLY B 1 11.29 -8.94 28.61
N SER B 2 10.67 -7.87 28.21
CA SER B 2 10.19 -7.74 26.81
C SER B 2 11.37 -7.90 25.83
N ARG B 3 12.52 -7.39 26.18
CA ARG B 3 13.72 -7.50 25.29
C ARG B 3 13.37 -7.07 23.85
N ALA B 4 13.05 -8.01 22.99
CA ALA B 4 12.71 -7.65 21.58
C ALA B 4 11.21 -7.46 21.39
N LYS B 5 10.40 -7.95 22.31
CA LYS B 5 8.90 -7.85 22.15
C LYS B 5 8.45 -6.44 21.69
N ALA B 6 8.67 -5.44 22.49
CA ALA B 6 8.22 -4.06 22.11
C ALA B 6 8.98 -3.54 20.89
N ASN B 7 10.27 -3.74 20.86
CA ASN B 7 11.08 -3.26 19.70
C ASN B 7 10.57 -3.92 18.42
N TRP B 8 10.25 -5.19 18.50
CA TRP B 8 9.76 -5.93 17.29
C TRP B 8 8.42 -5.36 16.86
N LEU B 9 7.54 -5.20 17.81
CA LEU B 9 6.21 -4.62 17.51
C LEU B 9 6.39 -3.34 16.71
N ARG B 10 7.05 -2.40 17.30
CA ARG B 10 7.32 -1.12 16.60
C ARG B 10 8.21 -1.37 15.39
N ALA B 11 8.97 -2.44 15.38
CA ALA B 11 9.87 -2.68 14.20
C ALA B 11 9.06 -2.98 12.94
N PHE B 12 8.51 -4.18 12.83
CA PHE B 12 7.72 -4.50 11.60
C PHE B 12 6.62 -3.43 11.46
N ASN B 13 6.05 -3.01 12.57
CA ASN B 13 5.01 -1.94 12.51
C ASN B 13 5.63 -0.64 12.00
N LYS B 14 6.89 -0.37 12.33
CA LYS B 14 7.53 0.89 11.83
C LYS B 14 7.49 0.86 10.32
N VAL B 15 7.81 -0.26 9.74
CA VAL B 15 7.74 -0.32 8.25
C VAL B 15 6.29 -0.19 7.79
N ARG B 16 5.34 -0.74 8.52
CA ARG B 16 3.91 -0.62 8.06
C ARG B 16 3.58 0.86 7.81
N MET B 17 4.16 1.74 8.57
CA MET B 17 3.91 3.20 8.37
C MET B 17 4.42 3.66 7.00
N GLN B 18 5.50 3.09 6.53
CA GLN B 18 6.06 3.50 5.20
C GLN B 18 5.01 3.24 4.12
N LEU B 19 4.30 2.16 4.29
CA LEU B 19 3.28 1.76 3.28
C LEU B 19 2.09 2.72 3.32
N GLN B 20 1.71 3.17 4.49
CA GLN B 20 0.56 4.12 4.60
C GLN B 20 0.90 5.43 3.88
N GLU B 21 2.12 5.89 4.04
CA GLU B 21 2.53 7.16 3.37
C GLU B 21 2.57 6.97 1.84
N ALA B 22 2.83 5.76 1.41
CA ALA B 22 2.91 5.49 -0.05
C ALA B 22 1.58 5.81 -0.74
N ARG B 23 0.49 5.74 -0.02
CA ARG B 23 -0.84 6.03 -0.65
C ARG B 23 -0.83 7.40 -1.33
N GLY B 24 -1.50 7.51 -2.46
CA GLY B 24 -1.53 8.82 -3.18
C GLY B 24 -2.13 8.62 -4.56
N GLU B 25 -2.04 9.60 -5.43
CA GLU B 25 -2.60 9.46 -6.79
C GLU B 25 -1.52 9.03 -7.78
N GLY B 26 -1.86 8.20 -8.73
CA GLY B 26 -0.85 7.73 -9.72
C GLY B 26 -1.44 7.78 -11.13
N GLU B 27 -1.77 6.65 -11.69
CA GLU B 27 -2.35 6.62 -13.06
C GLU B 27 -3.76 7.23 -13.09
N MET B 28 -4.34 7.48 -11.94
CA MET B 28 -5.72 8.07 -11.91
C MET B 28 -5.77 9.37 -12.72
N SER B 29 -4.71 10.14 -12.70
CA SER B 29 -4.70 11.42 -13.49
C SER B 29 -4.76 11.13 -15.00
N LYS B 30 -4.42 9.93 -15.39
CA LYS B 30 -4.44 9.57 -16.84
C LYS B 30 -5.80 8.96 -17.23
N SER B 31 -6.80 9.17 -16.41
CA SER B 31 -8.16 8.60 -16.69
C SER B 31 -8.71 9.07 -18.05
N LEU B 32 -9.05 10.33 -18.09
CA LEU B 32 -9.65 10.98 -19.29
C LEU B 32 -9.30 10.29 -20.62
N TRP B 33 -8.07 9.98 -20.85
CA TRP B 33 -7.73 9.29 -22.15
C TRP B 33 -6.25 8.93 -22.21
N PHE B 34 -5.77 8.29 -21.19
CA PHE B 34 -4.34 7.85 -21.15
C PHE B 34 -4.18 6.77 -20.09
N LYS B 35 -5.23 6.04 -19.84
CA LYS B 35 -5.17 4.95 -18.81
C LYS B 35 -4.14 3.89 -19.20
N GLY B 36 -3.97 3.66 -20.48
CA GLY B 36 -2.98 2.64 -20.93
C GLY B 36 -3.69 1.32 -21.21
N ALA A 1 -13.70 -18.36 -10.82
CA ALA A 1 -12.94 -17.78 -9.66
C ALA A 1 -11.84 -16.85 -10.17
N ASP A 2 -11.28 -17.14 -11.32
CA ASP A 2 -10.21 -16.27 -11.87
C ASP A 2 -10.77 -14.92 -12.31
N GLN A 3 -10.08 -13.85 -12.02
CA GLN A 3 -10.58 -12.50 -12.41
C GLN A 3 -10.68 -12.38 -13.94
N LEU A 4 -9.89 -13.14 -14.65
CA LEU A 4 -9.92 -13.07 -16.15
C LEU A 4 -11.08 -13.92 -16.70
N THR A 5 -11.72 -13.44 -17.73
CA THR A 5 -12.83 -14.20 -18.35
C THR A 5 -12.26 -15.23 -19.34
N GLU A 6 -12.91 -16.35 -19.50
CA GLU A 6 -12.39 -17.39 -20.44
C GLU A 6 -12.20 -16.80 -21.84
N GLU A 7 -13.07 -15.90 -22.23
CA GLU A 7 -12.93 -15.28 -23.59
C GLU A 7 -11.68 -14.39 -23.64
N GLN A 8 -11.43 -13.63 -22.61
CA GLN A 8 -10.22 -12.75 -22.60
C GLN A 8 -8.94 -13.59 -22.66
N ILE A 9 -8.86 -14.61 -21.83
CA ILE A 9 -7.66 -15.48 -21.86
C ILE A 9 -7.64 -16.25 -23.19
N ALA A 10 -8.77 -16.80 -23.56
CA ALA A 10 -8.86 -17.56 -24.84
C ALA A 10 -8.32 -16.73 -26.00
N GLU A 11 -8.69 -15.47 -26.05
CA GLU A 11 -8.20 -14.60 -27.15
C GLU A 11 -6.68 -14.48 -27.06
N PHE A 12 -6.16 -14.41 -25.86
CA PHE A 12 -4.67 -14.32 -25.71
C PHE A 12 -4.03 -15.59 -26.25
N LYS A 13 -4.67 -16.71 -26.07
CA LYS A 13 -4.09 -17.99 -26.58
C LYS A 13 -3.90 -17.92 -28.10
N GLU A 14 -4.87 -17.40 -28.81
CA GLU A 14 -4.74 -17.30 -30.29
C GLU A 14 -3.72 -16.21 -30.66
N ALA A 15 -3.83 -15.06 -30.04
CA ALA A 15 -2.87 -13.97 -30.34
C ALA A 15 -1.45 -14.41 -29.94
N PHE A 16 -1.36 -15.12 -28.85
CA PHE A 16 -0.02 -15.60 -28.39
C PHE A 16 0.53 -16.59 -29.43
N SER A 17 -0.29 -17.52 -29.87
CA SER A 17 0.18 -18.50 -30.89
C SER A 17 0.66 -17.76 -32.15
N LEU A 18 -0.06 -16.75 -32.56
CA LEU A 18 0.37 -15.98 -33.77
C LEU A 18 1.72 -15.30 -33.48
N PHE A 19 1.85 -14.74 -32.30
CA PHE A 19 3.13 -14.06 -31.93
C PHE A 19 4.24 -15.10 -31.71
N ASP A 20 3.92 -16.16 -31.02
CA ASP A 20 4.92 -17.23 -30.76
C ASP A 20 4.90 -18.28 -31.88
N LYS A 21 5.98 -18.40 -32.61
CA LYS A 21 6.01 -19.41 -33.72
C LYS A 21 6.43 -20.79 -33.19
N ASP A 22 6.88 -20.88 -31.96
CA ASP A 22 7.30 -22.20 -31.42
C ASP A 22 6.10 -23.13 -31.26
N GLY A 23 4.93 -22.57 -31.05
CA GLY A 23 3.71 -23.41 -30.89
C GLY A 23 3.41 -23.62 -29.41
N ASP A 24 4.28 -23.16 -28.53
CA ASP A 24 4.03 -23.35 -27.06
C ASP A 24 3.49 -22.05 -26.45
N GLY A 25 3.07 -22.08 -25.21
CA GLY A 25 2.53 -20.86 -24.56
C GLY A 25 3.63 -20.14 -23.78
N THR A 26 4.83 -20.13 -24.29
CA THR A 26 5.95 -19.44 -23.55
C THR A 26 6.63 -18.40 -24.45
N ILE A 27 7.11 -17.33 -23.87
CA ILE A 27 7.81 -16.30 -24.70
C ILE A 27 9.31 -16.35 -24.38
N THR A 28 10.08 -16.80 -25.35
CA THR A 28 11.56 -16.96 -25.15
C THR A 28 12.36 -15.71 -25.55
N THR A 29 13.53 -15.59 -24.99
CA THR A 29 14.41 -14.41 -25.27
C THR A 29 14.69 -14.24 -26.78
N LYS A 30 14.95 -15.31 -27.48
CA LYS A 30 15.23 -15.19 -28.94
C LYS A 30 13.97 -14.69 -29.65
N GLU A 31 12.85 -15.30 -29.38
CA GLU A 31 11.57 -14.83 -29.99
C GLU A 31 11.43 -13.34 -29.66
N LEU A 32 11.91 -12.98 -28.51
CA LEU A 32 11.89 -11.55 -28.08
C LEU A 32 12.81 -10.74 -28.96
N GLY A 33 13.93 -11.32 -29.31
CA GLY A 33 14.90 -10.62 -30.18
C GLY A 33 14.17 -10.27 -31.47
N THR A 34 13.54 -11.22 -32.08
CA THR A 34 12.81 -10.93 -33.36
C THR A 34 11.67 -9.91 -33.17
N VAL A 35 10.78 -10.10 -32.22
CA VAL A 35 9.65 -9.12 -32.08
C VAL A 35 10.17 -7.73 -31.77
N MET A 36 10.84 -7.53 -30.65
CA MET A 36 11.28 -6.15 -30.35
C MET A 36 12.21 -5.62 -31.45
N ARG A 37 13.04 -6.45 -32.06
CA ARG A 37 13.88 -5.92 -33.18
C ARG A 37 12.94 -5.32 -34.23
N SER A 38 11.83 -5.98 -34.49
CA SER A 38 10.85 -5.46 -35.48
C SER A 38 10.52 -3.99 -35.15
N LEU A 39 10.59 -3.63 -33.88
CA LEU A 39 10.33 -2.21 -33.47
C LEU A 39 11.26 -1.28 -34.28
N GLY A 40 12.37 -1.81 -34.71
CA GLY A 40 13.35 -1.00 -35.49
C GLY A 40 14.59 -0.70 -34.65
N GLN A 41 14.74 -1.37 -33.52
CA GLN A 41 15.92 -1.13 -32.65
C GLN A 41 16.86 -2.35 -32.69
N ASN A 42 18.13 -2.14 -32.44
CA ASN A 42 19.08 -3.29 -32.45
C ASN A 42 19.80 -3.41 -31.09
N PRO A 43 19.07 -3.87 -30.11
CA PRO A 43 19.65 -4.03 -28.75
C PRO A 43 20.68 -5.17 -28.73
N THR A 44 21.73 -5.01 -27.98
CA THR A 44 22.78 -6.06 -27.92
C THR A 44 22.30 -7.26 -27.09
N GLU A 45 22.92 -8.40 -27.30
CA GLU A 45 22.50 -9.64 -26.56
C GLU A 45 22.38 -9.38 -25.05
N ALA A 46 23.24 -8.57 -24.50
CA ALA A 46 23.15 -8.28 -23.04
C ALA A 46 21.83 -7.55 -22.74
N GLU A 47 21.51 -6.56 -23.55
CA GLU A 47 20.24 -5.82 -23.33
C GLU A 47 19.06 -6.77 -23.51
N LEU A 48 19.13 -7.67 -24.47
CA LEU A 48 18.01 -8.63 -24.66
C LEU A 48 17.85 -9.49 -23.40
N GLN A 49 18.95 -9.93 -22.84
CA GLN A 49 18.87 -10.75 -21.59
C GLN A 49 18.29 -9.89 -20.45
N ASP A 50 18.56 -8.61 -20.48
CA ASP A 50 18.02 -7.71 -19.42
C ASP A 50 16.51 -7.55 -19.55
N MET A 51 16.08 -6.99 -20.65
CA MET A 51 14.61 -6.80 -20.87
C MET A 51 13.85 -8.12 -20.69
N ILE A 52 14.38 -9.20 -21.19
CA ILE A 52 13.65 -10.51 -21.03
C ILE A 52 13.65 -10.96 -19.56
N ASN A 53 14.74 -10.80 -18.88
CA ASN A 53 14.76 -11.23 -17.45
C ASN A 53 13.97 -10.23 -16.58
N GLU A 54 13.55 -9.13 -17.17
CA GLU A 54 12.74 -8.13 -16.39
C GLU A 54 11.31 -8.64 -16.09
N VAL A 55 10.60 -9.20 -17.05
CA VAL A 55 9.20 -9.65 -16.78
C VAL A 55 9.08 -11.17 -16.82
N ASP A 56 8.72 -11.77 -15.72
CA ASP A 56 8.56 -13.25 -15.66
C ASP A 56 8.38 -13.70 -14.19
N ALA A 57 7.33 -14.39 -13.87
CA ALA A 57 7.09 -14.84 -12.46
C ALA A 57 8.37 -15.41 -11.83
N ASP A 58 8.82 -16.57 -12.25
CA ASP A 58 10.07 -17.13 -11.67
C ASP A 58 11.25 -16.22 -12.04
N GLY A 59 11.19 -15.64 -13.20
CA GLY A 59 12.28 -14.71 -13.64
C GLY A 59 13.40 -15.50 -14.32
N ASN A 60 13.09 -16.57 -14.99
CA ASN A 60 14.15 -17.37 -15.66
C ASN A 60 14.53 -16.72 -17.00
N GLY A 61 14.00 -15.57 -17.33
CA GLY A 61 14.36 -14.91 -18.62
C GLY A 61 13.35 -15.30 -19.72
N THR A 62 12.12 -15.57 -19.37
CA THR A 62 11.11 -15.96 -20.40
C THR A 62 9.73 -15.79 -19.76
N ILE A 63 8.74 -15.29 -20.49
CA ILE A 63 7.40 -15.12 -19.83
C ILE A 63 6.41 -16.18 -20.33
N ASP A 64 6.00 -17.06 -19.45
CA ASP A 64 5.02 -18.12 -19.85
C ASP A 64 3.61 -17.54 -19.95
N PHE A 65 2.65 -18.37 -20.32
CA PHE A 65 1.24 -17.89 -20.41
C PHE A 65 0.74 -17.45 -19.03
N PRO A 66 0.87 -18.32 -18.05
CA PRO A 66 0.42 -17.98 -16.68
C PRO A 66 1.28 -16.84 -16.11
N GLU A 67 2.58 -16.93 -16.24
CA GLU A 67 3.47 -15.86 -15.68
C GLU A 67 3.03 -14.48 -16.18
N PHE A 68 2.85 -14.34 -17.47
CA PHE A 68 2.44 -13.01 -18.03
C PHE A 68 1.02 -12.66 -17.59
N LEU A 69 0.08 -13.56 -17.79
CA LEU A 69 -1.34 -13.29 -17.38
C LEU A 69 -1.41 -13.00 -15.88
N THR A 70 -0.78 -13.81 -15.08
CA THR A 70 -0.80 -13.60 -13.60
C THR A 70 -0.18 -12.25 -13.26
N MET A 71 0.92 -11.90 -13.89
CA MET A 71 1.57 -10.59 -13.59
C MET A 71 0.60 -9.45 -13.92
N MET A 72 -0.07 -9.54 -15.04
CA MET A 72 -1.04 -8.46 -15.41
C MET A 72 -2.18 -8.39 -14.39
N ALA A 73 -2.69 -9.52 -13.98
CA ALA A 73 -3.80 -9.54 -12.98
C ALA A 73 -3.27 -9.16 -11.59
N ARG A 74 -2.05 -9.51 -11.30
CA ARG A 74 -1.47 -9.21 -9.96
C ARG A 74 -1.52 -7.70 -9.68
N LYS A 75 -1.49 -6.88 -10.70
CA LYS A 75 -1.55 -5.41 -10.49
C LYS A 75 -2.81 -5.02 -9.72
N MET A 76 -3.91 -5.69 -9.97
CA MET A 76 -5.17 -5.36 -9.24
C MET A 76 -5.42 -6.40 -8.14
N LYS A 77 -5.22 -6.03 -6.90
CA LYS A 77 -5.46 -6.98 -5.78
C LYS A 77 -5.96 -6.23 -4.55
N ASP A 78 -7.18 -6.47 -4.13
CA ASP A 78 -7.71 -5.76 -2.93
C ASP A 78 -7.95 -6.74 -1.77
N THR A 79 -7.40 -7.93 -1.83
CA THR A 79 -7.61 -8.90 -0.73
C THR A 79 -6.79 -8.53 0.50
N ASP A 80 -7.38 -7.83 1.43
CA ASP A 80 -6.65 -7.43 2.68
C ASP A 80 -5.33 -6.72 2.35
N SER A 81 -5.35 -5.82 1.39
CA SER A 81 -4.10 -5.08 1.00
C SER A 81 -2.96 -6.04 0.66
N GLU A 82 -2.25 -6.55 1.64
CA GLU A 82 -1.11 -7.50 1.41
C GLU A 82 0.05 -6.82 0.67
N GLU A 83 -0.19 -6.26 -0.49
CA GLU A 83 0.91 -5.59 -1.25
C GLU A 83 1.60 -4.53 -0.39
N GLU A 84 0.88 -3.86 0.46
CA GLU A 84 1.50 -2.81 1.33
C GLU A 84 2.65 -3.41 2.16
N ILE A 85 2.60 -4.69 2.41
CA ILE A 85 3.70 -5.34 3.19
C ILE A 85 4.97 -5.41 2.33
N ARG A 86 4.80 -5.45 1.03
CA ARG A 86 5.99 -5.47 0.12
C ARG A 86 6.77 -4.18 0.31
N GLU A 87 6.09 -3.07 0.40
CA GLU A 87 6.79 -1.78 0.61
C GLU A 87 7.54 -1.84 1.94
N ALA A 88 6.96 -2.48 2.93
CA ALA A 88 7.66 -2.62 4.24
C ALA A 88 8.98 -3.33 3.95
N PHE A 89 8.94 -4.35 3.14
CA PHE A 89 10.18 -5.08 2.78
C PHE A 89 11.14 -4.14 2.05
N ARG A 90 10.64 -3.34 1.14
CA ARG A 90 11.54 -2.40 0.40
C ARG A 90 12.22 -1.45 1.39
N VAL A 91 11.55 -1.07 2.45
CA VAL A 91 12.20 -0.14 3.42
C VAL A 91 13.10 -0.91 4.40
N PHE A 92 12.74 -2.12 4.77
CA PHE A 92 13.61 -2.90 5.71
C PHE A 92 15.00 -3.04 5.13
N ASP A 93 15.07 -3.20 3.84
CA ASP A 93 16.39 -3.37 3.19
C ASP A 93 16.53 -2.44 1.99
N LYS A 94 16.91 -1.21 2.25
CA LYS A 94 17.06 -0.19 1.17
C LYS A 94 17.71 -0.83 -0.05
N ASP A 95 18.61 -1.74 0.18
CA ASP A 95 19.32 -2.43 -0.92
C ASP A 95 18.36 -2.74 -2.08
N GLY A 96 17.09 -2.96 -1.79
CA GLY A 96 16.12 -3.26 -2.88
C GLY A 96 15.90 -4.77 -2.91
N ASN A 97 15.61 -5.34 -1.76
CA ASN A 97 15.40 -6.81 -1.68
C ASN A 97 14.09 -7.10 -0.94
N GLY A 98 13.65 -8.33 -0.98
CA GLY A 98 12.37 -8.70 -0.31
C GLY A 98 12.62 -9.57 0.93
N TYR A 99 13.77 -9.46 1.55
CA TYR A 99 14.06 -10.28 2.76
C TYR A 99 14.60 -9.39 3.88
N ILE A 100 14.15 -9.59 5.11
CA ILE A 100 14.66 -8.76 6.23
C ILE A 100 15.79 -9.47 6.95
N SER A 101 16.93 -8.85 7.04
CA SER A 101 18.07 -9.46 7.75
C SER A 101 18.10 -8.94 9.19
N ALA A 102 18.82 -9.58 10.07
CA ALA A 102 18.87 -9.08 11.48
C ALA A 102 19.41 -7.64 11.45
N ALA A 103 20.32 -7.37 10.54
CA ALA A 103 20.85 -5.99 10.43
C ALA A 103 19.76 -5.08 9.86
N GLU A 104 19.23 -5.40 8.70
CA GLU A 104 18.17 -4.54 8.10
C GLU A 104 17.06 -4.31 9.12
N LEU A 105 16.58 -5.35 9.76
CA LEU A 105 15.53 -5.15 10.79
C LEU A 105 16.05 -4.16 11.82
N ARG A 106 17.31 -4.28 12.21
CA ARG A 106 17.89 -3.29 13.17
C ARG A 106 17.68 -1.88 12.61
N HIS A 107 17.79 -1.76 11.30
CA HIS A 107 17.56 -0.42 10.67
C HIS A 107 16.09 0.00 10.89
N VAL A 108 15.16 -0.91 10.68
CA VAL A 108 13.73 -0.52 10.94
C VAL A 108 13.63 -0.16 12.42
N MET A 109 14.34 -0.87 13.26
CA MET A 109 14.30 -0.55 14.72
C MET A 109 14.87 0.84 14.91
N THR A 110 15.95 1.13 14.20
CA THR A 110 16.58 2.47 14.32
C THR A 110 15.51 3.55 14.09
N ASN A 111 14.59 3.32 13.18
CA ASN A 111 13.52 4.33 12.95
C ASN A 111 12.84 4.73 14.27
N LEU A 112 12.66 3.80 15.19
CA LEU A 112 12.03 4.15 16.49
C LEU A 112 13.12 4.20 17.58
N GLY A 113 12.80 3.96 18.82
CA GLY A 113 13.85 3.99 19.89
C GLY A 113 13.85 2.65 20.61
N GLU A 114 14.98 1.97 20.69
CA GLU A 114 14.97 0.62 21.34
C GLU A 114 16.23 0.34 22.15
N LYS A 115 17.40 0.59 21.61
CA LYS A 115 18.67 0.26 22.33
C LYS A 115 18.73 -1.27 22.50
N LEU A 116 18.94 -1.97 21.42
CA LEU A 116 19.00 -3.46 21.46
C LEU A 116 20.41 -3.93 21.84
N THR A 117 20.52 -4.90 22.71
CA THR A 117 21.87 -5.38 23.12
C THR A 117 22.22 -6.71 22.42
N ASP A 118 22.41 -6.70 21.13
CA ASP A 118 22.81 -7.95 20.38
C ASP A 118 21.83 -9.11 20.55
N GLU A 119 21.51 -9.52 21.76
CA GLU A 119 20.56 -10.65 21.95
C GLU A 119 19.14 -10.22 21.59
N GLU A 120 18.82 -8.97 21.75
CA GLU A 120 17.44 -8.53 21.39
C GLU A 120 17.22 -8.74 19.90
N VAL A 121 18.23 -8.47 19.10
CA VAL A 121 18.09 -8.69 17.63
C VAL A 121 18.14 -10.19 17.33
N ASP A 122 19.16 -10.86 17.77
CA ASP A 122 19.26 -12.34 17.50
C ASP A 122 18.00 -13.05 18.03
N GLU A 123 17.57 -12.70 19.21
CA GLU A 123 16.34 -13.33 19.76
C GLU A 123 15.11 -12.88 18.96
N MET A 124 15.11 -11.64 18.51
CA MET A 124 13.96 -11.14 17.71
C MET A 124 13.79 -11.97 16.44
N ILE A 125 14.87 -12.31 15.77
CA ILE A 125 14.74 -13.15 14.55
C ILE A 125 14.41 -14.57 15.01
N ARG A 126 15.04 -15.01 16.06
CA ARG A 126 14.78 -16.38 16.60
C ARG A 126 13.27 -16.61 16.76
N GLU A 127 12.55 -15.59 17.16
CA GLU A 127 11.07 -15.75 17.33
C GLU A 127 10.37 -16.07 16.00
N ALA A 128 10.39 -15.16 15.06
CA ALA A 128 9.71 -15.40 13.74
C ALA A 128 10.53 -16.31 12.85
N ASP A 129 11.83 -16.37 13.03
CA ASP A 129 12.64 -17.26 12.17
C ASP A 129 12.27 -18.71 12.49
N ILE A 130 11.29 -19.23 11.79
CA ILE A 130 10.89 -20.64 12.03
C ILE A 130 11.87 -21.57 11.29
N ASP A 131 12.52 -21.07 10.27
CA ASP A 131 13.52 -21.90 9.54
C ASP A 131 14.91 -21.76 10.18
N GLY A 132 15.04 -20.88 11.15
CA GLY A 132 16.35 -20.68 11.85
C GLY A 132 17.45 -20.26 10.88
N ASP A 133 17.19 -19.36 9.97
CA ASP A 133 18.27 -18.92 9.03
C ASP A 133 18.99 -17.66 9.54
N GLY A 134 18.50 -17.05 10.59
CA GLY A 134 19.17 -15.82 11.13
C GLY A 134 18.62 -14.56 10.41
N GLN A 135 17.58 -14.71 9.63
CA GLN A 135 16.99 -13.57 8.91
C GLN A 135 15.48 -13.79 8.90
N VAL A 136 14.71 -12.81 8.59
CA VAL A 136 13.24 -13.03 8.61
C VAL A 136 12.61 -12.85 7.23
N ASN A 137 11.85 -13.82 6.84
CA ASN A 137 11.17 -13.79 5.52
C ASN A 137 9.82 -13.07 5.62
N TYR A 138 9.13 -13.03 4.53
CA TYR A 138 7.79 -12.36 4.47
C TYR A 138 6.76 -13.08 5.36
N GLU A 139 6.73 -14.38 5.30
CA GLU A 139 5.75 -15.13 6.14
C GLU A 139 5.99 -14.84 7.62
N GLU A 140 7.21 -14.58 7.99
CA GLU A 140 7.50 -14.29 9.42
C GLU A 140 7.01 -12.89 9.82
N PHE A 141 7.35 -11.86 9.07
CA PHE A 141 6.84 -10.50 9.41
C PHE A 141 5.30 -10.53 9.48
N VAL A 142 4.69 -10.98 8.41
CA VAL A 142 3.20 -11.06 8.40
C VAL A 142 2.74 -12.00 9.50
N GLN A 143 3.53 -12.99 9.85
CA GLN A 143 3.12 -13.90 10.96
C GLN A 143 3.08 -13.11 12.26
N MET A 144 3.91 -12.09 12.42
CA MET A 144 3.85 -11.30 13.68
C MET A 144 2.64 -10.38 13.63
N MET A 145 2.66 -9.42 12.73
CA MET A 145 1.53 -8.45 12.65
C MET A 145 0.23 -9.13 12.22
N THR A 146 0.30 -10.19 11.47
CA THR A 146 -0.94 -10.88 11.01
C THR A 146 -0.84 -12.37 11.34
N ALA A 147 -1.92 -13.09 11.21
CA ALA A 147 -1.89 -14.56 11.52
C ALA A 147 -1.54 -14.78 12.99
N LYS A 148 -1.97 -13.90 13.85
CA LYS A 148 -1.65 -14.06 15.31
C LYS A 148 -2.23 -15.37 15.83
N GLY B 1 11.99 -1.61 27.43
CA GLY B 1 11.92 -2.80 26.53
C GLY B 1 12.78 -3.93 27.11
N SER B 2 12.17 -4.81 27.85
CA SER B 2 12.93 -5.95 28.45
C SER B 2 13.60 -6.78 27.35
N ARG B 3 12.95 -6.94 26.23
CA ARG B 3 13.53 -7.73 25.12
C ARG B 3 13.01 -7.23 23.78
N ALA B 4 13.55 -7.74 22.70
CA ALA B 4 13.13 -7.33 21.33
C ALA B 4 11.60 -7.31 21.17
N LYS B 5 10.85 -7.99 22.00
CA LYS B 5 9.35 -8.03 21.83
C LYS B 5 8.74 -6.65 21.49
N ALA B 6 8.85 -5.69 22.37
CA ALA B 6 8.25 -4.35 22.09
C ALA B 6 8.94 -3.67 20.90
N ASN B 7 10.23 -3.74 20.84
CA ASN B 7 10.99 -3.12 19.70
C ASN B 7 10.53 -3.75 18.39
N TRP B 8 10.35 -5.04 18.41
CA TRP B 8 9.90 -5.79 17.20
C TRP B 8 8.54 -5.30 16.79
N LEU B 9 7.67 -5.15 17.76
CA LEU B 9 6.31 -4.62 17.47
C LEU B 9 6.47 -3.34 16.68
N ARG B 10 7.19 -2.42 17.26
CA ARG B 10 7.44 -1.12 16.58
C ARG B 10 8.24 -1.34 15.28
N ALA B 11 8.98 -2.41 15.15
CA ALA B 11 9.78 -2.62 13.89
C ALA B 11 8.86 -3.01 12.72
N PHE B 12 8.33 -4.22 12.74
CA PHE B 12 7.43 -4.62 11.62
C PHE B 12 6.29 -3.59 11.53
N ASN B 13 5.86 -3.09 12.66
CA ASN B 13 4.82 -2.03 12.63
C ASN B 13 5.44 -0.73 12.09
N LYS B 14 6.72 -0.51 12.33
CA LYS B 14 7.37 0.74 11.80
C LYS B 14 7.13 0.80 10.31
N VAL B 15 7.30 -0.31 9.62
CA VAL B 15 7.03 -0.25 8.15
C VAL B 15 5.53 -0.25 7.90
N ARG B 16 4.75 -0.95 8.69
CA ARG B 16 3.26 -0.95 8.44
C ARG B 16 2.72 0.48 8.33
N MET B 17 3.16 1.36 9.18
CA MET B 17 2.69 2.78 9.10
C MET B 17 3.24 3.42 7.82
N GLN B 18 4.44 3.03 7.43
CA GLN B 18 5.09 3.61 6.22
C GLN B 18 4.49 3.05 4.91
N LEU B 19 3.93 1.86 4.95
CA LEU B 19 3.37 1.26 3.68
C LEU B 19 2.38 2.22 3.01
N GLN B 20 1.61 2.94 3.78
CA GLN B 20 0.61 3.88 3.19
C GLN B 20 1.27 4.90 2.25
N GLU B 21 2.41 5.42 2.62
CA GLU B 21 3.10 6.41 1.76
C GLU B 21 3.61 5.73 0.48
N ALA B 22 4.02 4.50 0.58
CA ALA B 22 4.55 3.77 -0.63
C ALA B 22 3.44 3.54 -1.67
N ARG B 23 2.21 3.51 -1.25
CA ARG B 23 1.09 3.27 -2.22
C ARG B 23 1.16 4.24 -3.40
N GLY B 24 0.76 3.79 -4.57
CA GLY B 24 0.79 4.68 -5.77
C GLY B 24 -0.09 4.08 -6.87
N GLU B 25 -0.04 2.77 -7.05
CA GLU B 25 -0.87 2.09 -8.10
C GLU B 25 -0.53 2.61 -9.50
N GLY B 26 -0.58 1.75 -10.48
CA GLY B 26 -0.28 2.16 -11.89
C GLY B 26 -0.07 0.93 -12.75
N GLU B 27 -0.95 0.67 -13.68
CA GLU B 27 -0.80 -0.54 -14.56
C GLU B 27 -1.09 -0.21 -16.02
N MET B 28 -0.53 -0.96 -16.93
CA MET B 28 -0.77 -0.69 -18.38
C MET B 28 -1.27 -1.97 -19.07
N SER B 29 -2.12 -1.85 -20.05
CA SER B 29 -2.65 -3.05 -20.75
C SER B 29 -1.52 -3.85 -21.41
N LYS B 30 -0.55 -3.17 -21.97
CA LYS B 30 0.57 -3.90 -22.64
C LYS B 30 1.81 -3.87 -21.74
N SER B 31 2.31 -5.02 -21.38
CA SER B 31 3.52 -5.08 -20.52
C SER B 31 4.51 -6.11 -21.00
N LEU B 32 5.74 -5.95 -20.59
CA LEU B 32 6.79 -6.93 -20.94
C LEU B 32 8.17 -6.43 -20.47
N TRP B 33 8.96 -5.86 -21.33
CA TRP B 33 10.31 -5.40 -20.95
C TRP B 33 10.40 -3.88 -21.04
N PHE B 34 10.24 -3.33 -22.22
CA PHE B 34 10.31 -1.84 -22.35
C PHE B 34 8.89 -1.27 -22.38
N LYS B 35 8.57 -0.42 -21.43
CA LYS B 35 7.20 0.17 -21.38
C LYS B 35 7.25 1.67 -21.66
N GLY B 36 8.30 2.14 -22.29
CA GLY B 36 8.40 3.59 -22.60
C GLY B 36 9.53 3.82 -23.63
N ALA A 1 -19.38 4.08 5.72
CA ALA A 1 -18.70 5.24 6.36
C ALA A 1 -17.18 5.19 6.06
N ASP A 2 -16.52 6.32 6.14
CA ASP A 2 -15.04 6.36 5.87
C ASP A 2 -14.75 5.75 4.50
N GLN A 3 -15.49 6.13 3.49
CA GLN A 3 -15.26 5.58 2.12
C GLN A 3 -14.40 6.54 1.30
N LEU A 4 -13.36 6.03 0.68
CA LEU A 4 -12.45 6.90 -0.15
C LEU A 4 -11.82 8.00 0.70
N THR A 5 -10.55 8.26 0.50
CA THR A 5 -9.85 9.31 1.31
C THR A 5 -9.85 10.65 0.56
N GLU A 6 -9.94 11.74 1.28
CA GLU A 6 -9.94 13.08 0.62
C GLU A 6 -8.65 13.28 -0.19
N GLU A 7 -7.58 12.65 0.23
CA GLU A 7 -6.30 12.80 -0.52
C GLU A 7 -6.47 12.33 -1.97
N GLN A 8 -7.17 11.23 -2.16
CA GLN A 8 -7.40 10.72 -3.54
C GLN A 8 -8.15 11.78 -4.36
N ILE A 9 -9.10 12.44 -3.74
CA ILE A 9 -9.84 13.51 -4.47
C ILE A 9 -8.88 14.65 -4.78
N ALA A 10 -8.10 15.03 -3.80
CA ALA A 10 -7.12 16.14 -3.99
C ALA A 10 -6.24 15.89 -5.22
N GLU A 11 -5.67 14.72 -5.31
CA GLU A 11 -4.81 14.41 -6.50
C GLU A 11 -5.63 14.54 -7.79
N PHE A 12 -6.88 14.15 -7.74
CA PHE A 12 -7.74 14.28 -8.95
C PHE A 12 -7.91 15.75 -9.30
N LYS A 13 -8.01 16.60 -8.31
CA LYS A 13 -8.19 18.06 -8.60
C LYS A 13 -7.04 18.56 -9.48
N GLU A 14 -5.83 18.14 -9.18
CA GLU A 14 -4.67 18.57 -10.02
C GLU A 14 -4.73 17.86 -11.37
N ALA A 15 -5.03 16.58 -11.37
CA ALA A 15 -5.13 15.83 -12.65
C ALA A 15 -6.22 16.47 -13.52
N PHE A 16 -7.29 16.87 -12.89
CA PHE A 16 -8.39 17.53 -13.65
C PHE A 16 -7.87 18.89 -14.14
N SER A 17 -7.23 19.63 -13.27
CA SER A 17 -6.69 20.96 -13.69
C SER A 17 -5.85 20.82 -14.96
N LEU A 18 -5.14 19.72 -15.08
CA LEU A 18 -4.32 19.49 -16.31
C LEU A 18 -5.25 19.56 -17.53
N PHE A 19 -6.48 19.14 -17.37
CA PHE A 19 -7.48 19.18 -18.48
C PHE A 19 -8.50 20.28 -18.20
N ASP A 20 -9.35 20.58 -19.16
CA ASP A 20 -10.38 21.65 -18.95
C ASP A 20 -9.71 22.98 -18.54
N LYS A 21 -8.78 23.44 -19.32
CA LYS A 21 -8.08 24.73 -18.98
C LYS A 21 -9.09 25.86 -18.79
N ASP A 22 -10.28 25.71 -19.30
CA ASP A 22 -11.32 26.79 -19.14
C ASP A 22 -11.71 26.97 -17.67
N GLY A 23 -11.46 25.98 -16.84
CA GLY A 23 -11.80 26.12 -15.39
C GLY A 23 -13.14 25.46 -15.06
N ASP A 24 -13.83 24.92 -16.03
CA ASP A 24 -15.15 24.27 -15.73
C ASP A 24 -14.92 22.87 -15.15
N GLY A 25 -15.96 22.23 -14.69
CA GLY A 25 -15.81 20.86 -14.11
C GLY A 25 -16.30 19.82 -15.12
N THR A 26 -16.22 20.11 -16.39
CA THR A 26 -16.70 19.13 -17.41
C THR A 26 -15.63 18.89 -18.50
N ILE A 27 -15.41 17.65 -18.86
CA ILE A 27 -14.40 17.36 -19.93
C ILE A 27 -15.03 16.56 -21.09
N THR A 28 -15.15 17.19 -22.23
CA THR A 28 -15.77 16.50 -23.41
C THR A 28 -14.71 15.79 -24.26
N THR A 29 -15.12 15.07 -25.27
CA THR A 29 -14.15 14.36 -26.15
C THR A 29 -13.30 15.36 -26.93
N LYS A 30 -13.84 16.51 -27.25
CA LYS A 30 -13.04 17.53 -28.01
C LYS A 30 -11.87 18.00 -27.14
N GLU A 31 -12.18 18.50 -25.97
CA GLU A 31 -11.10 18.96 -25.04
C GLU A 31 -10.12 17.81 -24.80
N LEU A 32 -10.65 16.64 -24.62
CA LEU A 32 -9.78 15.46 -24.40
C LEU A 32 -8.93 15.24 -25.64
N GLY A 33 -9.57 15.29 -26.79
CA GLY A 33 -8.84 15.10 -28.08
C GLY A 33 -7.61 15.98 -28.05
N THR A 34 -7.77 17.20 -27.62
CA THR A 34 -6.59 18.11 -27.51
C THR A 34 -5.61 17.54 -26.47
N VAL A 35 -6.12 17.03 -25.36
CA VAL A 35 -5.21 16.48 -24.32
C VAL A 35 -4.43 15.29 -24.85
N MET A 36 -5.13 14.24 -25.19
CA MET A 36 -4.44 13.02 -25.67
C MET A 36 -3.65 13.34 -26.95
N ARG A 37 -4.15 14.25 -27.75
CA ARG A 37 -3.40 14.61 -28.99
C ARG A 37 -2.01 15.12 -28.58
N SER A 38 -1.95 15.90 -27.54
CA SER A 38 -0.63 16.41 -27.05
C SER A 38 0.30 15.23 -26.68
N LEU A 39 -0.25 14.06 -26.44
CA LEU A 39 0.62 12.88 -26.09
C LEU A 39 1.39 12.44 -27.33
N GLY A 40 0.70 12.36 -28.45
CA GLY A 40 1.35 11.92 -29.71
C GLY A 40 0.54 10.76 -30.31
N GLN A 41 -0.75 10.92 -30.41
CA GLN A 41 -1.60 9.83 -30.97
C GLN A 41 -2.26 10.29 -32.27
N ASN A 42 -2.98 9.41 -32.93
CA ASN A 42 -3.67 9.79 -34.20
C ASN A 42 -5.06 9.12 -34.25
N PRO A 43 -5.85 9.37 -33.24
CA PRO A 43 -7.21 8.78 -33.18
C PRO A 43 -8.16 9.48 -34.17
N THR A 44 -9.15 8.76 -34.64
CA THR A 44 -10.13 9.37 -35.59
C THR A 44 -11.39 9.80 -34.83
N GLU A 45 -12.30 10.47 -35.47
CA GLU A 45 -13.55 10.91 -34.76
C GLU A 45 -14.26 9.72 -34.11
N ALA A 46 -14.33 8.61 -34.79
CA ALA A 46 -15.00 7.42 -34.18
C ALA A 46 -14.20 6.96 -32.96
N GLU A 47 -12.90 7.01 -33.04
CA GLU A 47 -12.06 6.62 -31.88
C GLU A 47 -12.33 7.59 -30.73
N LEU A 48 -12.47 8.85 -31.04
CA LEU A 48 -12.75 9.85 -29.95
C LEU A 48 -14.08 9.51 -29.28
N GLN A 49 -15.08 9.16 -30.07
CA GLN A 49 -16.40 8.80 -29.49
C GLN A 49 -16.23 7.55 -28.61
N ASP A 50 -15.34 6.68 -28.98
CA ASP A 50 -15.12 5.44 -28.18
C ASP A 50 -14.44 5.77 -26.84
N MET A 51 -13.24 6.26 -26.91
CA MET A 51 -12.49 6.59 -25.65
C MET A 51 -13.33 7.50 -24.75
N ILE A 52 -14.04 8.44 -25.30
CA ILE A 52 -14.86 9.33 -24.44
C ILE A 52 -16.06 8.57 -23.85
N ASN A 53 -16.74 7.77 -24.64
CA ASN A 53 -17.91 7.04 -24.08
C ASN A 53 -17.45 5.92 -23.14
N GLU A 54 -16.15 5.66 -23.10
CA GLU A 54 -15.65 4.62 -22.14
C GLU A 54 -15.79 5.12 -20.69
N VAL A 55 -15.36 6.34 -20.44
CA VAL A 55 -15.45 6.91 -19.06
C VAL A 55 -16.42 8.08 -19.10
N ASP A 56 -17.45 8.05 -18.29
CA ASP A 56 -18.46 9.17 -18.29
C ASP A 56 -19.63 8.81 -17.35
N ALA A 57 -19.87 7.53 -17.14
CA ALA A 57 -20.97 7.08 -16.22
C ALA A 57 -22.36 7.49 -16.75
N ASP A 58 -22.84 8.66 -16.40
CA ASP A 58 -24.20 9.06 -16.87
C ASP A 58 -24.26 9.10 -18.40
N GLY A 59 -23.17 9.41 -19.03
CA GLY A 59 -23.16 9.47 -20.52
C GLY A 59 -22.88 10.91 -20.94
N ASN A 60 -23.27 11.28 -22.13
CA ASN A 60 -23.01 12.67 -22.67
C ASN A 60 -21.57 12.73 -23.21
N GLY A 61 -20.98 11.59 -23.49
CA GLY A 61 -19.58 11.55 -24.04
C GLY A 61 -18.70 12.60 -23.35
N THR A 62 -18.76 12.72 -22.05
CA THR A 62 -17.95 13.75 -21.34
C THR A 62 -17.91 13.34 -19.86
N ILE A 63 -16.78 13.46 -19.23
CA ILE A 63 -16.70 13.03 -17.79
C ILE A 63 -16.77 14.25 -16.86
N ASP A 64 -17.21 14.02 -15.66
CA ASP A 64 -17.29 15.11 -14.66
C ASP A 64 -16.62 14.66 -13.36
N PHE A 65 -16.30 15.55 -12.47
CA PHE A 65 -15.63 15.13 -11.19
C PHE A 65 -16.45 14.03 -10.49
N PRO A 66 -17.75 14.24 -10.36
CA PRO A 66 -18.59 13.21 -9.68
C PRO A 66 -18.67 11.93 -10.52
N GLU A 67 -18.90 12.04 -11.80
CA GLU A 67 -18.98 10.81 -12.66
C GLU A 67 -17.63 10.09 -12.63
N PHE A 68 -16.58 10.83 -12.82
CA PHE A 68 -15.21 10.23 -12.82
C PHE A 68 -14.92 9.60 -11.45
N LEU A 69 -15.24 10.28 -10.39
CA LEU A 69 -15.00 9.73 -9.03
C LEU A 69 -15.90 8.52 -8.75
N THR A 70 -17.14 8.61 -9.13
CA THR A 70 -18.08 7.46 -8.87
C THR A 70 -17.58 6.20 -9.59
N MET A 71 -17.23 6.31 -10.85
CA MET A 71 -16.74 5.10 -11.58
C MET A 71 -15.37 4.67 -11.04
N MET A 72 -14.50 5.61 -10.77
CA MET A 72 -13.15 5.25 -10.26
C MET A 72 -13.24 4.60 -8.88
N ALA A 73 -14.12 5.10 -8.04
CA ALA A 73 -14.25 4.52 -6.66
C ALA A 73 -15.09 3.24 -6.68
N ARG A 74 -16.24 3.27 -7.30
CA ARG A 74 -17.11 2.05 -7.34
C ARG A 74 -16.37 0.85 -7.95
N LYS A 75 -15.68 1.07 -9.04
CA LYS A 75 -14.95 -0.07 -9.70
C LYS A 75 -13.86 -0.61 -8.76
N MET A 76 -13.29 0.23 -7.94
CA MET A 76 -12.22 -0.24 -7.02
C MET A 76 -12.82 -0.77 -5.71
N LYS A 77 -12.36 -1.91 -5.27
CA LYS A 77 -12.89 -2.49 -4.00
C LYS A 77 -11.76 -2.64 -2.97
N ASP A 78 -12.07 -2.62 -1.70
CA ASP A 78 -11.01 -2.76 -0.66
C ASP A 78 -10.38 -4.16 -0.73
N THR A 79 -9.08 -4.24 -0.63
CA THR A 79 -8.40 -5.56 -0.69
C THR A 79 -7.47 -5.73 0.53
N ASP A 80 -6.99 -6.92 0.75
CA ASP A 80 -6.09 -7.15 1.92
C ASP A 80 -4.75 -6.43 1.70
N SER A 81 -3.93 -6.35 2.71
CA SER A 81 -2.62 -5.64 2.55
C SER A 81 -1.78 -6.30 1.45
N GLU A 82 -1.59 -7.60 1.54
CA GLU A 82 -0.80 -8.36 0.50
C GLU A 82 0.40 -7.55 -0.04
N GLU A 83 0.23 -6.84 -1.13
CA GLU A 83 1.36 -6.04 -1.70
C GLU A 83 1.80 -4.93 -0.75
N GLU A 84 0.91 -4.48 0.10
CA GLU A 84 1.27 -3.39 1.05
C GLU A 84 2.51 -3.77 1.87
N ILE A 85 2.66 -5.03 2.19
CA ILE A 85 3.86 -5.47 2.96
C ILE A 85 5.05 -5.66 2.02
N ARG A 86 4.81 -5.83 0.75
CA ARG A 86 5.93 -5.96 -0.21
C ARG A 86 6.73 -4.66 -0.17
N GLU A 87 6.03 -3.55 -0.14
CA GLU A 87 6.73 -2.24 -0.06
C GLU A 87 7.50 -2.17 1.25
N ALA A 88 6.97 -2.77 2.30
CA ALA A 88 7.69 -2.78 3.59
C ALA A 88 9.04 -3.45 3.36
N PHE A 89 9.03 -4.52 2.62
CA PHE A 89 10.31 -5.21 2.30
C PHE A 89 11.18 -4.29 1.47
N ARG A 90 10.61 -3.57 0.54
CA ARG A 90 11.43 -2.63 -0.28
C ARG A 90 12.11 -1.60 0.63
N VAL A 91 11.47 -1.28 1.74
CA VAL A 91 12.08 -0.29 2.68
C VAL A 91 12.77 -1.00 3.85
N PHE A 92 12.56 -2.28 3.98
CA PHE A 92 13.22 -3.06 5.08
C PHE A 92 14.67 -3.31 4.69
N ASP A 93 14.91 -3.44 3.42
CA ASP A 93 16.29 -3.70 2.95
C ASP A 93 16.54 -3.05 1.60
N LYS A 94 17.23 -1.93 1.63
CA LYS A 94 17.52 -1.17 0.38
C LYS A 94 17.89 -2.15 -0.73
N ASP A 95 18.67 -3.16 -0.40
CA ASP A 95 19.09 -4.21 -1.37
C ASP A 95 18.11 -4.39 -2.55
N GLY A 96 16.83 -4.38 -2.26
CA GLY A 96 15.84 -4.56 -3.35
C GLY A 96 15.37 -6.01 -3.33
N ASN A 97 15.31 -6.62 -2.17
CA ASN A 97 14.85 -8.02 -2.07
C ASN A 97 13.79 -8.13 -0.97
N GLY A 98 13.27 -9.31 -0.74
CA GLY A 98 12.20 -9.45 0.29
C GLY A 98 12.72 -10.17 1.54
N TYR A 99 13.93 -9.92 1.95
CA TYR A 99 14.46 -10.60 3.17
C TYR A 99 14.99 -9.58 4.16
N ILE A 100 14.56 -9.63 5.40
CA ILE A 100 15.05 -8.65 6.41
C ILE A 100 16.17 -9.28 7.22
N SER A 101 17.28 -8.62 7.34
CA SER A 101 18.41 -9.17 8.12
C SER A 101 18.51 -8.46 9.45
N ALA A 102 18.88 -9.16 10.50
CA ALA A 102 18.99 -8.53 11.86
C ALA A 102 19.67 -7.15 11.74
N ALA A 103 20.55 -7.00 10.78
CA ALA A 103 21.20 -5.68 10.58
C ALA A 103 20.15 -4.71 10.03
N GLU A 104 19.57 -5.02 8.88
CA GLU A 104 18.53 -4.12 8.30
C GLU A 104 17.44 -3.87 9.34
N LEU A 105 17.00 -4.93 9.99
CA LEU A 105 15.95 -4.75 11.03
C LEU A 105 16.45 -3.76 12.09
N ARG A 106 17.69 -3.87 12.48
CA ARG A 106 18.26 -2.90 13.47
C ARG A 106 18.03 -1.49 12.91
N HIS A 107 18.18 -1.35 11.62
CA HIS A 107 17.94 -0.01 10.99
C HIS A 107 16.48 0.38 11.24
N VAL A 108 15.57 -0.55 11.03
CA VAL A 108 14.14 -0.25 11.29
C VAL A 108 14.02 0.11 12.77
N MET A 109 14.71 -0.59 13.65
CA MET A 109 14.64 -0.25 15.10
C MET A 109 15.15 1.17 15.27
N THR A 110 16.21 1.52 14.58
CA THR A 110 16.76 2.90 14.69
C THR A 110 15.64 3.90 14.44
N ASN A 111 14.76 3.60 13.50
CA ASN A 111 13.62 4.54 13.22
C ASN A 111 12.84 4.86 14.51
N LEU A 112 12.61 3.88 15.38
CA LEU A 112 11.88 4.18 16.66
C LEU A 112 12.90 4.44 17.76
N GLY A 113 12.63 4.08 19.00
CA GLY A 113 13.63 4.35 20.07
C GLY A 113 13.50 3.30 21.19
N GLU A 114 14.45 2.39 21.28
CA GLU A 114 14.38 1.34 22.33
C GLU A 114 15.75 1.05 22.94
N LYS A 115 16.80 1.01 22.15
CA LYS A 115 18.16 0.73 22.73
C LYS A 115 18.18 -0.63 23.42
N LEU A 116 18.14 -1.70 22.64
CA LEU A 116 18.17 -3.06 23.24
C LEU A 116 19.52 -3.73 23.02
N THR A 117 19.73 -4.90 23.58
CA THR A 117 21.04 -5.60 23.40
C THR A 117 21.02 -6.44 22.11
N ASP A 118 22.16 -6.63 21.50
CA ASP A 118 22.22 -7.42 20.23
C ASP A 118 21.60 -8.81 20.42
N GLU A 119 21.68 -9.35 21.62
CA GLU A 119 21.07 -10.69 21.86
C GLU A 119 19.55 -10.60 21.77
N GLU A 120 19.00 -9.44 22.05
CA GLU A 120 17.53 -9.27 21.96
C GLU A 120 17.12 -9.25 20.48
N VAL A 121 17.94 -8.64 19.66
CA VAL A 121 17.64 -8.59 18.20
C VAL A 121 17.75 -10.01 17.64
N ASP A 122 18.77 -10.71 18.05
CA ASP A 122 18.95 -12.11 17.57
C ASP A 122 17.74 -12.95 17.98
N GLU A 123 17.29 -12.80 19.21
CA GLU A 123 16.10 -13.56 19.67
C GLU A 123 14.83 -13.04 19.00
N MET A 124 14.81 -11.80 18.58
CA MET A 124 13.59 -11.29 17.90
C MET A 124 13.49 -11.97 16.53
N ILE A 125 14.58 -12.10 15.83
CA ILE A 125 14.54 -12.81 14.52
C ILE A 125 14.20 -14.28 14.80
N ARG A 126 14.70 -14.80 15.89
CA ARG A 126 14.39 -16.22 16.25
C ARG A 126 12.87 -16.39 16.42
N GLU A 127 12.22 -15.40 16.97
CA GLU A 127 10.74 -15.49 17.18
C GLU A 127 10.00 -15.58 15.83
N ALA A 128 10.49 -14.92 14.80
CA ALA A 128 9.77 -14.97 13.50
C ALA A 128 10.37 -16.02 12.57
N ASP A 129 11.61 -16.40 12.78
CA ASP A 129 12.25 -17.40 11.86
C ASP A 129 11.62 -18.78 11.97
N ILE A 130 10.58 -19.03 11.22
CA ILE A 130 9.95 -20.39 11.24
C ILE A 130 10.99 -21.38 10.71
N ASP A 131 11.69 -20.98 9.68
CA ASP A 131 12.74 -21.85 9.07
C ASP A 131 14.10 -21.65 9.76
N GLY A 132 14.18 -20.79 10.75
CA GLY A 132 15.47 -20.58 11.47
C GLY A 132 16.62 -20.25 10.51
N ASP A 133 16.49 -19.23 9.71
CA ASP A 133 17.60 -18.87 8.76
C ASP A 133 18.43 -17.68 9.30
N GLY A 134 18.14 -17.19 10.48
CA GLY A 134 18.92 -16.04 11.05
C GLY A 134 18.49 -14.70 10.43
N GLN A 135 17.39 -14.69 9.73
CA GLN A 135 16.88 -13.45 9.10
C GLN A 135 15.37 -13.59 9.03
N VAL A 136 14.66 -12.56 8.70
CA VAL A 136 13.18 -12.72 8.64
C VAL A 136 12.67 -12.56 7.22
N ASN A 137 11.97 -13.54 6.76
CA ASN A 137 11.42 -13.51 5.39
C ASN A 137 10.01 -12.90 5.40
N TYR A 138 9.35 -12.99 4.30
CA TYR A 138 7.96 -12.45 4.17
C TYR A 138 7.00 -13.20 5.09
N GLU A 139 6.97 -14.50 5.02
CA GLU A 139 6.05 -15.27 5.91
C GLU A 139 6.43 -15.02 7.37
N GLU A 140 7.70 -14.87 7.63
CA GLU A 140 8.16 -14.61 9.02
C GLU A 140 7.78 -13.19 9.44
N PHE A 141 7.91 -12.22 8.56
CA PHE A 141 7.49 -10.84 8.91
C PHE A 141 5.98 -10.86 9.09
N VAL A 142 5.32 -11.36 8.09
CA VAL A 142 3.85 -11.50 8.15
C VAL A 142 3.45 -12.27 9.41
N GLN A 143 4.21 -13.27 9.77
CA GLN A 143 3.89 -14.04 11.02
C GLN A 143 4.10 -13.17 12.25
N MET A 144 5.02 -12.22 12.20
CA MET A 144 5.26 -11.37 13.39
C MET A 144 4.14 -10.34 13.53
N MET A 145 3.91 -9.56 12.51
CA MET A 145 2.84 -8.52 12.57
C MET A 145 1.45 -9.15 12.44
N THR A 146 1.35 -10.31 11.82
CA THR A 146 0.02 -10.97 11.68
C THR A 146 0.11 -12.43 12.15
N ALA A 147 -0.80 -12.85 12.98
CA ALA A 147 -0.79 -14.26 13.47
C ALA A 147 -2.04 -14.54 14.31
N LYS A 148 -2.41 -13.62 15.16
CA LYS A 148 -3.62 -13.82 16.02
C LYS A 148 -3.53 -15.15 16.77
N GLY B 1 9.34 -4.12 28.25
CA GLY B 1 9.83 -4.78 27.00
C GLY B 1 11.24 -5.34 27.22
N SER B 2 11.39 -6.22 28.17
CA SER B 2 12.74 -6.80 28.45
C SER B 2 13.30 -7.49 27.20
N ARG B 3 12.44 -8.07 26.40
CA ARG B 3 12.92 -8.77 25.17
C ARG B 3 12.68 -7.88 23.94
N ALA B 4 13.31 -8.23 22.85
CA ALA B 4 13.15 -7.44 21.60
C ALA B 4 11.67 -7.36 21.17
N LYS B 5 10.82 -8.19 21.71
CA LYS B 5 9.37 -8.20 21.32
C LYS B 5 8.80 -6.78 21.12
N ALA B 6 8.92 -5.93 22.09
CA ALA B 6 8.36 -4.55 21.95
C ALA B 6 9.09 -3.75 20.86
N ASN B 7 10.40 -3.80 20.85
CA ASN B 7 11.15 -3.05 19.80
C ASN B 7 10.79 -3.63 18.43
N TRP B 8 10.67 -4.93 18.39
CA TRP B 8 10.31 -5.64 17.15
C TRP B 8 8.95 -5.16 16.68
N LEU B 9 8.03 -5.04 17.61
CA LEU B 9 6.67 -4.54 17.27
C LEU B 9 6.82 -3.22 16.55
N ARG B 10 7.47 -2.30 17.20
CA ARG B 10 7.72 -0.97 16.58
C ARG B 10 8.52 -1.14 15.29
N ALA B 11 9.31 -2.17 15.18
CA ALA B 11 10.14 -2.36 13.95
C ALA B 11 9.25 -2.70 12.73
N PHE B 12 8.74 -3.92 12.67
CA PHE B 12 7.87 -4.28 11.50
C PHE B 12 6.75 -3.23 11.39
N ASN B 13 6.29 -2.73 12.52
CA ASN B 13 5.25 -1.67 12.49
C ASN B 13 5.83 -0.37 11.95
N LYS B 14 7.08 -0.07 12.25
CA LYS B 14 7.68 1.20 11.71
C LYS B 14 7.55 1.18 10.20
N VAL B 15 7.85 0.06 9.61
CA VAL B 15 7.71 -0.01 8.13
C VAL B 15 6.23 -0.01 7.74
N ARG B 16 5.40 -0.79 8.40
CA ARG B 16 3.95 -0.80 8.04
C ARG B 16 3.38 0.62 8.05
N MET B 17 3.83 1.45 8.95
CA MET B 17 3.34 2.85 8.97
C MET B 17 3.78 3.56 7.68
N GLN B 18 4.95 3.24 7.19
CA GLN B 18 5.45 3.89 5.94
C GLN B 18 4.66 3.40 4.70
N LEU B 19 4.16 2.19 4.75
CA LEU B 19 3.42 1.64 3.58
C LEU B 19 2.13 2.43 3.36
N GLN B 20 1.49 2.88 4.41
CA GLN B 20 0.23 3.64 4.26
C GLN B 20 0.45 4.87 3.38
N GLU B 21 1.55 5.56 3.57
CA GLU B 21 1.83 6.76 2.74
C GLU B 21 2.09 6.34 1.29
N ALA B 22 2.69 5.21 1.09
CA ALA B 22 2.98 4.73 -0.30
C ALA B 22 1.68 4.44 -1.05
N ARG B 23 0.62 4.14 -0.34
CA ARG B 23 -0.67 3.84 -1.02
C ARG B 23 -1.09 4.98 -1.96
N GLY B 24 -1.68 4.65 -3.07
CA GLY B 24 -2.11 5.70 -4.03
C GLY B 24 -2.37 5.06 -5.40
N GLU B 25 -2.63 5.87 -6.40
CA GLU B 25 -2.90 5.33 -7.78
C GLU B 25 -4.05 4.30 -7.76
N GLY B 26 -3.79 3.07 -7.41
CA GLY B 26 -4.87 2.05 -7.37
C GLY B 26 -4.65 1.04 -8.50
N GLU B 27 -5.24 -0.12 -8.40
CA GLU B 27 -5.07 -1.15 -9.46
C GLU B 27 -5.54 -0.61 -10.82
N MET B 28 -6.58 0.18 -10.83
CA MET B 28 -7.09 0.74 -12.12
C MET B 28 -6.54 2.15 -12.33
N SER B 29 -5.38 2.27 -12.92
CA SER B 29 -4.78 3.61 -13.15
C SER B 29 -5.28 4.20 -14.48
N LYS B 30 -6.22 3.56 -15.13
CA LYS B 30 -6.72 4.08 -16.44
C LYS B 30 -8.20 4.50 -16.32
N SER B 31 -8.50 5.44 -15.45
CA SER B 31 -9.91 5.90 -15.32
C SER B 31 -10.42 6.40 -16.65
N LEU B 32 -9.72 7.34 -17.21
CA LEU B 32 -10.16 7.90 -18.49
C LEU B 32 -9.53 7.18 -19.67
N TRP B 33 -10.27 7.15 -20.74
CA TRP B 33 -9.87 6.48 -22.03
C TRP B 33 -8.41 5.96 -22.05
N PHE B 34 -7.55 6.48 -22.88
CA PHE B 34 -6.15 5.95 -22.93
C PHE B 34 -5.18 6.96 -22.31
N LYS B 35 -4.43 6.53 -21.32
CA LYS B 35 -3.46 7.46 -20.66
C LYS B 35 -2.04 7.28 -21.23
N GLY B 36 -1.88 6.44 -22.23
CA GLY B 36 -0.53 6.23 -22.81
C GLY B 36 -0.18 4.74 -22.78
N ALA A 1 -15.17 18.37 2.90
CA ALA A 1 -16.22 17.80 2.02
C ALA A 1 -16.46 16.32 2.34
N ASP A 2 -17.63 15.82 2.06
CA ASP A 2 -17.93 14.39 2.35
C ASP A 2 -16.93 13.47 1.64
N GLN A 3 -16.54 13.83 0.45
CA GLN A 3 -15.56 12.99 -0.31
C GLN A 3 -14.54 13.87 -1.03
N LEU A 4 -13.43 13.30 -1.44
CA LEU A 4 -12.37 14.09 -2.15
C LEU A 4 -11.85 15.23 -1.27
N THR A 5 -10.60 15.59 -1.41
CA THR A 5 -10.03 16.69 -0.59
C THR A 5 -10.24 18.03 -1.29
N GLU A 6 -10.48 19.08 -0.55
CA GLU A 6 -10.69 20.42 -1.18
C GLU A 6 -9.46 20.83 -1.99
N GLU A 7 -8.29 20.48 -1.51
CA GLU A 7 -7.05 20.84 -2.25
C GLU A 7 -7.06 20.20 -3.65
N GLN A 8 -7.45 18.96 -3.72
CA GLN A 8 -7.51 18.27 -5.05
C GLN A 8 -8.51 19.00 -5.96
N ILE A 9 -9.63 19.39 -5.40
CA ILE A 9 -10.65 20.13 -6.20
C ILE A 9 -10.06 21.48 -6.63
N ALA A 10 -9.50 22.20 -5.69
CA ALA A 10 -8.91 23.55 -6.01
C ALA A 10 -7.93 23.43 -7.17
N GLU A 11 -7.09 22.43 -7.14
CA GLU A 11 -6.10 22.23 -8.24
C GLU A 11 -6.85 22.05 -9.56
N PHE A 12 -7.94 21.33 -9.53
CA PHE A 12 -8.74 21.13 -10.77
C PHE A 12 -9.34 22.47 -11.19
N LYS A 13 -9.76 23.25 -10.23
CA LYS A 13 -10.36 24.59 -10.57
C LYS A 13 -9.33 25.44 -11.30
N GLU A 14 -8.10 25.42 -10.84
CA GLU A 14 -7.04 26.24 -11.53
C GLU A 14 -6.80 25.67 -12.93
N ALA A 15 -6.70 24.36 -13.03
CA ALA A 15 -6.49 23.75 -14.37
C ALA A 15 -7.73 24.01 -15.23
N PHE A 16 -8.88 24.03 -14.61
CA PHE A 16 -10.14 24.29 -15.36
C PHE A 16 -10.13 25.71 -15.92
N SER A 17 -9.85 26.69 -15.09
CA SER A 17 -9.80 28.10 -15.58
C SER A 17 -8.76 28.21 -16.69
N LEU A 18 -7.65 27.54 -16.52
CA LEU A 18 -6.58 27.58 -17.57
C LEU A 18 -7.15 27.02 -18.88
N PHE A 19 -8.01 26.05 -18.78
CA PHE A 19 -8.61 25.42 -20.00
C PHE A 19 -10.14 25.60 -20.00
N ASP A 20 -10.61 26.77 -20.36
CA ASP A 20 -12.08 27.00 -20.41
C ASP A 20 -12.39 28.29 -21.17
N LYS A 21 -12.33 28.24 -22.47
CA LYS A 21 -12.62 29.47 -23.28
C LYS A 21 -14.04 29.97 -23.05
N ASP A 22 -14.97 29.08 -22.82
CA ASP A 22 -16.39 29.51 -22.61
C ASP A 22 -16.52 30.29 -21.30
N GLY A 23 -15.67 30.02 -20.34
CA GLY A 23 -15.75 30.73 -19.04
C GLY A 23 -16.89 30.12 -18.20
N ASP A 24 -17.28 28.91 -18.50
CA ASP A 24 -18.38 28.25 -17.74
C ASP A 24 -17.85 27.05 -16.96
N GLY A 25 -18.69 26.40 -16.20
CA GLY A 25 -18.23 25.21 -15.42
C GLY A 25 -18.46 23.92 -16.21
N THR A 26 -18.52 24.01 -17.52
CA THR A 26 -18.75 22.78 -18.35
C THR A 26 -17.63 22.59 -19.37
N ILE A 27 -17.22 21.37 -19.59
CA ILE A 27 -16.13 21.11 -20.59
C ILE A 27 -16.73 20.48 -21.85
N THR A 28 -16.77 21.24 -22.93
CA THR A 28 -17.38 20.73 -24.19
C THR A 28 -16.34 19.99 -25.05
N THR A 29 -16.83 19.22 -25.98
CA THR A 29 -15.93 18.44 -26.89
C THR A 29 -15.06 19.36 -27.75
N LYS A 30 -15.56 20.52 -28.07
CA LYS A 30 -14.77 21.47 -28.91
C LYS A 30 -13.52 21.90 -28.13
N GLU A 31 -13.69 22.41 -26.94
CA GLU A 31 -12.50 22.80 -26.12
C GLU A 31 -11.59 21.57 -26.02
N LEU A 32 -12.20 20.41 -26.00
CA LEU A 32 -11.42 19.14 -25.95
C LEU A 32 -10.47 19.08 -27.14
N GLY A 33 -11.04 19.07 -28.33
CA GLY A 33 -10.20 19.01 -29.56
C GLY A 33 -9.08 20.03 -29.44
N THR A 34 -9.37 21.20 -28.94
CA THR A 34 -8.29 22.21 -28.76
C THR A 34 -7.23 21.68 -27.79
N VAL A 35 -7.64 21.05 -26.71
CA VAL A 35 -6.64 20.52 -25.74
C VAL A 35 -5.80 19.41 -26.39
N MET A 36 -6.42 18.37 -26.86
CA MET A 36 -5.62 17.26 -27.46
C MET A 36 -4.87 17.75 -28.71
N ARG A 37 -5.42 18.69 -29.43
CA ARG A 37 -4.68 19.21 -30.62
C ARG A 37 -3.39 19.88 -30.14
N SER A 38 -3.48 20.63 -29.07
CA SER A 38 -2.26 21.29 -28.51
C SER A 38 -1.20 20.24 -28.12
N LEU A 39 -1.61 19.01 -27.94
CA LEU A 39 -0.61 17.95 -27.57
C LEU A 39 -0.52 16.89 -28.67
N GLY A 40 -0.72 17.29 -29.90
CA GLY A 40 -0.61 16.35 -31.06
C GLY A 40 -1.57 15.16 -30.91
N GLN A 41 -2.48 15.01 -31.85
CA GLN A 41 -3.44 13.86 -31.80
C GLN A 41 -4.29 13.83 -33.07
N ASN A 42 -4.74 14.97 -33.53
CA ASN A 42 -5.59 15.02 -34.77
C ASN A 42 -6.79 14.05 -34.67
N PRO A 43 -7.62 14.28 -33.69
CA PRO A 43 -8.80 13.42 -33.47
C PRO A 43 -9.90 13.74 -34.50
N THR A 44 -10.78 12.81 -34.76
CA THR A 44 -11.89 13.05 -35.73
C THR A 44 -13.18 13.36 -34.95
N GLU A 45 -14.19 13.86 -35.62
CA GLU A 45 -15.46 14.19 -34.90
C GLU A 45 -16.04 12.95 -34.21
N ALA A 46 -16.02 11.82 -34.87
CA ALA A 46 -16.57 10.58 -34.24
C ALA A 46 -15.69 10.17 -33.06
N GLU A 47 -14.40 10.25 -33.22
CA GLU A 47 -13.49 9.88 -32.09
C GLU A 47 -13.71 10.85 -30.94
N LEU A 48 -13.82 12.12 -31.24
CA LEU A 48 -14.04 13.13 -30.15
C LEU A 48 -15.33 12.81 -29.40
N GLN A 49 -16.38 12.49 -30.11
CA GLN A 49 -17.66 12.15 -29.43
C GLN A 49 -17.50 10.88 -28.59
N ASP A 50 -16.74 9.94 -29.06
CA ASP A 50 -16.54 8.68 -28.27
C ASP A 50 -15.76 8.98 -26.98
N MET A 51 -14.57 9.50 -27.13
CA MET A 51 -13.73 9.80 -25.94
C MET A 51 -14.46 10.73 -24.97
N ILE A 52 -15.17 11.71 -25.47
CA ILE A 52 -15.89 12.65 -24.56
C ILE A 52 -17.06 11.92 -23.89
N ASN A 53 -17.79 11.12 -24.63
CA ASN A 53 -18.93 10.40 -23.99
C ASN A 53 -18.41 9.22 -23.16
N GLU A 54 -17.13 8.95 -23.22
CA GLU A 54 -16.54 7.85 -22.38
C GLU A 54 -16.38 8.36 -20.94
N VAL A 55 -15.81 9.53 -20.78
CA VAL A 55 -15.60 10.10 -19.42
C VAL A 55 -16.81 10.93 -18.97
N ASP A 56 -17.88 10.86 -19.71
CA ASP A 56 -19.11 11.60 -19.35
C ASP A 56 -20.01 10.72 -18.47
N ALA A 57 -20.69 11.31 -17.51
CA ALA A 57 -21.59 10.51 -16.63
C ALA A 57 -22.98 10.41 -17.26
N ASP A 58 -23.62 11.53 -17.49
CA ASP A 58 -24.98 11.49 -18.13
C ASP A 58 -24.87 11.03 -19.59
N GLY A 59 -23.67 10.98 -20.11
CA GLY A 59 -23.48 10.50 -21.51
C GLY A 59 -24.05 11.48 -22.53
N ASN A 60 -23.98 12.75 -22.27
CA ASN A 60 -24.47 13.73 -23.30
C ASN A 60 -23.30 14.08 -24.23
N GLY A 61 -22.19 13.39 -24.10
CA GLY A 61 -21.01 13.64 -24.97
C GLY A 61 -20.18 14.80 -24.44
N THR A 62 -20.14 15.04 -23.15
CA THR A 62 -19.34 16.18 -22.64
C THR A 62 -19.06 15.97 -21.15
N ILE A 63 -18.14 16.71 -20.59
CA ILE A 63 -17.81 16.49 -19.15
C ILE A 63 -17.90 17.79 -18.36
N ASP A 64 -18.16 17.70 -17.07
CA ASP A 64 -18.27 18.94 -16.23
C ASP A 64 -17.43 18.80 -14.96
N PHE A 65 -17.10 19.89 -14.31
CA PHE A 65 -16.26 19.80 -13.07
C PHE A 65 -16.83 18.76 -12.08
N PRO A 66 -18.11 18.87 -11.75
CA PRO A 66 -18.71 17.92 -10.79
C PRO A 66 -18.85 16.52 -11.42
N GLU A 67 -19.28 16.46 -12.65
CA GLU A 67 -19.43 15.14 -13.32
C GLU A 67 -18.07 14.49 -13.57
N PHE A 68 -17.15 15.25 -14.11
CA PHE A 68 -15.78 14.73 -14.39
C PHE A 68 -15.09 14.30 -13.11
N LEU A 69 -15.06 15.14 -12.13
CA LEU A 69 -14.37 14.78 -10.85
C LEU A 69 -15.10 13.66 -10.11
N THR A 70 -16.42 13.66 -10.13
CA THR A 70 -17.15 12.56 -9.44
C THR A 70 -16.82 11.22 -10.10
N MET A 71 -16.85 11.17 -11.41
CA MET A 71 -16.51 9.89 -12.11
C MET A 71 -15.06 9.51 -11.81
N MET A 72 -14.16 10.47 -11.83
CA MET A 72 -12.73 10.15 -11.52
C MET A 72 -12.58 9.73 -10.06
N ALA A 73 -13.32 10.36 -9.18
CA ALA A 73 -13.22 9.98 -7.74
C ALA A 73 -13.74 8.56 -7.52
N ARG A 74 -14.77 8.18 -8.23
CA ARG A 74 -15.32 6.80 -8.06
C ARG A 74 -14.72 5.85 -9.10
N LYS A 75 -13.80 6.32 -9.91
CA LYS A 75 -13.19 5.43 -10.94
C LYS A 75 -12.51 4.22 -10.30
N MET A 76 -11.81 4.43 -9.21
CA MET A 76 -11.12 3.29 -8.54
C MET A 76 -11.31 3.38 -7.02
N LYS A 77 -11.10 2.28 -6.33
CA LYS A 77 -11.25 2.29 -4.84
C LYS A 77 -10.00 1.71 -4.18
N ASP A 78 -9.53 2.32 -3.14
CA ASP A 78 -8.30 1.80 -2.44
C ASP A 78 -8.66 0.67 -1.49
N THR A 79 -8.12 -0.51 -1.71
CA THR A 79 -8.42 -1.66 -0.82
C THR A 79 -7.12 -2.22 -0.24
N ASP A 80 -7.14 -2.63 1.00
CA ASP A 80 -5.91 -3.19 1.63
C ASP A 80 -5.56 -4.53 1.00
N SER A 81 -4.29 -4.78 0.76
CA SER A 81 -3.88 -6.07 0.14
C SER A 81 -2.52 -6.53 0.68
N GLU A 82 -2.23 -7.79 0.56
CA GLU A 82 -0.92 -8.32 1.05
C GLU A 82 0.24 -7.66 0.30
N GLU A 83 -0.01 -7.16 -0.88
CA GLU A 83 1.08 -6.50 -1.68
C GLU A 83 1.78 -5.41 -0.87
N GLU A 84 1.08 -4.80 0.07
CA GLU A 84 1.71 -3.73 0.89
C GLU A 84 2.94 -4.27 1.63
N ILE A 85 2.92 -5.50 2.02
CA ILE A 85 4.10 -6.09 2.73
C ILE A 85 5.33 -6.07 1.80
N ARG A 86 5.11 -6.17 0.52
CA ARG A 86 6.25 -6.10 -0.43
C ARG A 86 6.91 -4.73 -0.34
N GLU A 87 6.11 -3.70 -0.28
CA GLU A 87 6.68 -2.33 -0.18
C GLU A 87 7.47 -2.20 1.12
N ALA A 88 7.00 -2.82 2.18
CA ALA A 88 7.75 -2.78 3.46
C ALA A 88 9.12 -3.37 3.20
N PHE A 89 9.15 -4.43 2.46
CA PHE A 89 10.46 -5.07 2.11
C PHE A 89 11.27 -4.08 1.27
N ARG A 90 10.61 -3.36 0.40
CA ARG A 90 11.34 -2.36 -0.44
C ARG A 90 11.99 -1.32 0.46
N VAL A 91 11.40 -1.07 1.60
CA VAL A 91 11.97 -0.08 2.55
C VAL A 91 12.72 -0.77 3.71
N PHE A 92 12.58 -2.06 3.84
CA PHE A 92 13.31 -2.79 4.92
C PHE A 92 14.79 -2.85 4.56
N ASP A 93 15.08 -2.80 3.29
CA ASP A 93 16.49 -2.82 2.85
C ASP A 93 16.62 -2.17 1.48
N LYS A 94 17.25 -1.04 1.44
CA LYS A 94 17.39 -0.26 0.17
C LYS A 94 17.82 -1.20 -0.94
N ASP A 95 18.69 -2.12 -0.63
CA ASP A 95 19.20 -3.09 -1.65
C ASP A 95 18.12 -3.44 -2.70
N GLY A 96 16.88 -3.50 -2.29
CA GLY A 96 15.80 -3.82 -3.27
C GLY A 96 15.49 -5.32 -3.21
N ASN A 97 15.49 -5.89 -2.04
CA ASN A 97 15.18 -7.34 -1.93
C ASN A 97 14.02 -7.54 -0.93
N GLY A 98 13.60 -8.76 -0.76
CA GLY A 98 12.46 -9.03 0.16
C GLY A 98 12.90 -9.77 1.43
N TYR A 99 14.11 -9.55 1.89
CA TYR A 99 14.56 -10.27 3.12
C TYR A 99 15.07 -9.28 4.17
N ILE A 100 14.61 -9.39 5.40
CA ILE A 100 15.09 -8.46 6.46
C ILE A 100 16.17 -9.15 7.30
N SER A 101 17.26 -8.49 7.53
CA SER A 101 18.35 -9.08 8.34
C SER A 101 18.38 -8.43 9.71
N ALA A 102 18.83 -9.16 10.72
CA ALA A 102 18.88 -8.59 12.10
C ALA A 102 19.49 -7.18 12.07
N ALA A 103 20.43 -6.97 11.19
CA ALA A 103 21.04 -5.60 11.09
C ALA A 103 20.01 -4.65 10.48
N GLU A 104 19.47 -4.98 9.34
CA GLU A 104 18.45 -4.09 8.70
C GLU A 104 17.29 -3.84 9.67
N LEU A 105 16.79 -4.87 10.29
CA LEU A 105 15.67 -4.68 11.24
C LEU A 105 16.13 -3.75 12.36
N ARG A 106 17.35 -3.89 12.81
CA ARG A 106 17.88 -2.95 13.84
C ARG A 106 17.74 -1.52 13.29
N HIS A 107 17.98 -1.38 12.01
CA HIS A 107 17.84 -0.04 11.37
C HIS A 107 16.38 0.42 11.56
N VAL A 108 15.45 -0.49 11.37
CA VAL A 108 14.03 -0.13 11.61
C VAL A 108 13.92 0.33 13.06
N MET A 109 14.66 -0.28 13.96
CA MET A 109 14.62 0.16 15.39
C MET A 109 15.21 1.57 15.46
N THR A 110 16.25 1.82 14.68
CA THR A 110 16.85 3.18 14.69
C THR A 110 15.73 4.19 14.51
N ASN A 111 14.78 3.87 13.68
CA ASN A 111 13.63 4.81 13.47
C ASN A 111 12.96 5.14 14.83
N LEU A 112 12.89 4.19 15.75
CA LEU A 112 12.28 4.50 17.09
C LEU A 112 13.41 4.64 18.12
N GLY A 113 13.22 4.25 19.36
CA GLY A 113 14.33 4.40 20.36
C GLY A 113 14.17 3.39 21.50
N GLU A 114 14.89 2.30 21.44
CA GLU A 114 14.76 1.27 22.51
C GLU A 114 16.14 0.87 23.09
N LYS A 115 17.19 0.86 22.30
CA LYS A 115 18.54 0.48 22.84
C LYS A 115 18.55 -0.95 23.39
N LEU A 116 18.48 -1.93 22.52
CA LEU A 116 18.48 -3.36 22.98
C LEU A 116 19.84 -4.00 22.77
N THR A 117 20.06 -5.13 23.40
CA THR A 117 21.36 -5.85 23.25
C THR A 117 21.28 -6.75 22.00
N ASP A 118 22.39 -6.98 21.34
CA ASP A 118 22.38 -7.83 20.12
C ASP A 118 21.71 -9.18 20.39
N GLU A 119 21.75 -9.66 21.61
CA GLU A 119 21.11 -10.96 21.95
C GLU A 119 19.58 -10.82 21.84
N GLU A 120 19.07 -9.65 22.07
CA GLU A 120 17.59 -9.45 21.96
C GLU A 120 17.18 -9.47 20.50
N VAL A 121 17.96 -8.82 19.67
CA VAL A 121 17.66 -8.82 18.21
C VAL A 121 17.77 -10.24 17.68
N ASP A 122 18.76 -10.95 18.14
CA ASP A 122 18.91 -12.37 17.69
C ASP A 122 17.69 -13.18 18.11
N GLU A 123 17.26 -13.04 19.34
CA GLU A 123 16.06 -13.79 19.80
C GLU A 123 14.79 -13.28 19.11
N MET A 124 14.79 -12.04 18.66
CA MET A 124 13.58 -11.54 17.96
C MET A 124 13.50 -12.24 16.60
N ILE A 125 14.62 -12.33 15.90
CA ILE A 125 14.60 -13.05 14.59
C ILE A 125 14.24 -14.51 14.82
N ARG A 126 14.64 -15.06 15.94
CA ARG A 126 14.28 -16.48 16.24
C ARG A 126 12.77 -16.60 16.45
N GLU A 127 12.16 -15.58 17.03
CA GLU A 127 10.68 -15.64 17.28
C GLU A 127 9.87 -15.69 15.97
N ALA A 128 10.31 -15.00 14.93
CA ALA A 128 9.52 -15.03 13.65
C ALA A 128 10.15 -16.01 12.66
N ASP A 129 11.42 -16.31 12.81
CA ASP A 129 12.09 -17.23 11.85
C ASP A 129 11.62 -18.67 12.02
N ILE A 130 10.60 -19.07 11.31
CA ILE A 130 10.14 -20.49 11.40
C ILE A 130 11.00 -21.33 10.45
N ASP A 131 11.61 -20.69 9.46
CA ASP A 131 12.47 -21.43 8.48
C ASP A 131 13.52 -22.26 9.21
N GLY A 132 14.16 -21.71 10.21
CA GLY A 132 15.20 -22.47 10.95
C GLY A 132 16.54 -21.77 10.84
N ASP A 133 16.65 -20.79 9.98
CA ASP A 133 17.93 -20.05 9.84
C ASP A 133 18.03 -18.93 10.89
N GLY A 134 18.24 -17.69 10.50
CA GLY A 134 18.34 -16.59 11.50
C GLY A 134 18.10 -15.24 10.82
N GLN A 135 17.08 -15.16 10.02
CA GLN A 135 16.75 -13.88 9.32
C GLN A 135 15.25 -13.85 9.17
N VAL A 136 14.67 -12.72 8.88
CA VAL A 136 13.18 -12.72 8.78
C VAL A 136 12.70 -12.42 7.37
N ASN A 137 11.99 -13.37 6.81
CA ASN A 137 11.42 -13.20 5.46
C ASN A 137 10.08 -12.49 5.58
N TYR A 138 9.31 -12.50 4.53
CA TYR A 138 7.96 -11.86 4.57
C TYR A 138 6.98 -12.72 5.34
N GLU A 139 7.01 -14.02 5.11
CA GLU A 139 6.09 -14.92 5.87
C GLU A 139 6.40 -14.79 7.36
N GLU A 140 7.66 -14.63 7.68
CA GLU A 140 8.07 -14.48 9.12
C GLU A 140 7.68 -13.08 9.63
N PHE A 141 7.83 -12.07 8.79
CA PHE A 141 7.41 -10.70 9.20
C PHE A 141 5.91 -10.73 9.33
N VAL A 142 5.26 -11.20 8.30
CA VAL A 142 3.79 -11.32 8.33
C VAL A 142 3.37 -12.19 9.52
N GLN A 143 4.15 -13.20 9.83
CA GLN A 143 3.82 -14.07 10.99
C GLN A 143 4.01 -13.29 12.30
N MET A 144 4.89 -12.31 12.32
CA MET A 144 5.08 -11.54 13.58
C MET A 144 3.95 -10.50 13.73
N MET A 145 3.85 -9.58 12.82
CA MET A 145 2.77 -8.54 12.92
C MET A 145 1.39 -9.16 12.74
N THR A 146 1.28 -10.27 12.04
CA THR A 146 -0.04 -10.91 11.86
C THR A 146 0.03 -12.39 12.25
N ALA A 147 -0.85 -12.84 13.10
CA ALA A 147 -0.84 -14.27 13.52
C ALA A 147 -2.11 -14.58 14.32
N LYS A 148 -2.56 -15.81 14.27
CA LYS A 148 -3.79 -16.20 15.02
C LYS A 148 -3.68 -17.64 15.52
N GLY B 1 8.66 -5.13 28.28
CA GLY B 1 9.31 -5.22 26.95
C GLY B 1 10.81 -5.46 27.12
N SER B 2 11.18 -6.24 28.10
CA SER B 2 12.63 -6.52 28.32
C SER B 2 13.23 -7.23 27.11
N ARG B 3 12.42 -7.95 26.38
CA ARG B 3 12.94 -8.68 25.18
C ARG B 3 12.72 -7.83 23.92
N ALA B 4 13.34 -8.23 22.85
CA ALA B 4 13.21 -7.47 21.57
C ALA B 4 11.74 -7.32 21.14
N LYS B 5 10.84 -8.09 21.72
CA LYS B 5 9.40 -8.01 21.32
C LYS B 5 8.91 -6.57 21.11
N ALA B 6 9.13 -5.71 22.06
CA ALA B 6 8.65 -4.30 21.91
C ALA B 6 9.37 -3.58 20.76
N ASN B 7 10.67 -3.70 20.70
CA ASN B 7 11.43 -3.05 19.58
C ASN B 7 10.96 -3.64 18.26
N TRP B 8 10.79 -4.93 18.26
CA TRP B 8 10.32 -5.66 17.05
C TRP B 8 8.95 -5.15 16.64
N LEU B 9 8.08 -4.97 17.61
CA LEU B 9 6.73 -4.42 17.33
C LEU B 9 6.90 -3.12 16.57
N ARG B 10 7.59 -2.20 17.17
CA ARG B 10 7.86 -0.91 16.50
C ARG B 10 8.63 -1.15 15.20
N ALA B 11 9.40 -2.22 15.13
CA ALA B 11 10.19 -2.47 13.88
C ALA B 11 9.26 -2.74 12.69
N PHE B 12 8.72 -3.93 12.59
CA PHE B 12 7.82 -4.23 11.42
C PHE B 12 6.76 -3.12 11.35
N ASN B 13 6.30 -2.67 12.50
CA ASN B 13 5.29 -1.57 12.50
C ASN B 13 5.89 -0.29 11.89
N LYS B 14 7.16 -0.02 12.14
CA LYS B 14 7.77 1.22 11.55
C LYS B 14 7.66 1.14 10.04
N VAL B 15 7.95 -0.01 9.50
CA VAL B 15 7.85 -0.13 8.02
C VAL B 15 6.37 -0.07 7.56
N ARG B 16 5.44 -0.59 8.32
CA ARG B 16 4.01 -0.53 7.86
C ARG B 16 3.64 0.93 7.53
N MET B 17 4.25 1.86 8.23
CA MET B 17 3.96 3.31 7.95
C MET B 17 4.39 3.67 6.53
N GLN B 18 5.48 3.11 6.07
CA GLN B 18 5.95 3.44 4.67
C GLN B 18 4.88 2.98 3.68
N LEU B 19 4.23 1.90 4.01
CA LEU B 19 3.19 1.31 3.13
C LEU B 19 1.95 2.19 3.09
N GLN B 20 1.64 2.86 4.17
CA GLN B 20 0.44 3.73 4.21
C GLN B 20 0.46 4.74 3.06
N GLU B 21 1.62 5.25 2.74
CA GLU B 21 1.71 6.24 1.62
C GLU B 21 1.30 5.58 0.29
N ALA B 22 1.56 4.31 0.15
CA ALA B 22 1.20 3.60 -1.12
C ALA B 22 -0.32 3.64 -1.33
N ARG B 23 -1.08 3.73 -0.27
CA ARG B 23 -2.57 3.78 -0.41
C ARG B 23 -2.97 4.95 -1.32
N GLY B 24 -2.24 6.03 -1.27
CA GLY B 24 -2.57 7.20 -2.13
C GLY B 24 -1.94 7.01 -3.51
N GLU B 25 -2.03 8.00 -4.36
CA GLU B 25 -1.44 7.88 -5.73
C GLU B 25 -1.92 6.61 -6.43
N GLY B 26 -3.09 6.12 -6.05
CA GLY B 26 -3.62 4.89 -6.69
C GLY B 26 -4.39 5.27 -7.95
N GLU B 27 -5.57 5.81 -7.80
CA GLU B 27 -6.38 6.20 -8.99
C GLU B 27 -5.65 7.31 -9.77
N MET B 28 -5.74 7.29 -11.07
CA MET B 28 -5.06 8.34 -11.88
C MET B 28 -6.02 9.48 -12.18
N SER B 29 -5.64 10.69 -11.87
CA SER B 29 -6.53 11.86 -12.13
C SER B 29 -6.32 12.41 -13.54
N LYS B 30 -5.56 11.71 -14.36
CA LYS B 30 -5.32 12.22 -15.75
C LYS B 30 -6.36 11.68 -16.73
N SER B 31 -7.41 11.08 -16.23
CA SER B 31 -8.45 10.56 -17.15
C SER B 31 -9.13 11.69 -17.89
N LEU B 32 -9.83 11.37 -18.95
CA LEU B 32 -10.55 12.41 -19.73
C LEU B 32 -11.13 11.78 -21.03
N TRP B 33 -10.72 12.25 -22.18
CA TRP B 33 -11.23 11.67 -23.45
C TRP B 33 -10.13 10.80 -24.07
N PHE B 34 -9.03 11.38 -24.45
CA PHE B 34 -7.93 10.57 -25.05
C PHE B 34 -6.84 10.35 -24.00
N LYS B 35 -6.58 9.12 -23.64
CA LYS B 35 -5.54 8.83 -22.61
C LYS B 35 -4.28 8.25 -23.25
N GLY B 36 -4.11 8.44 -24.54
CA GLY B 36 -2.90 7.89 -25.22
C GLY B 36 -3.34 6.92 -26.33
#